data_2KRG
#
_entry.id   2KRG
#
_entity_poly.entity_id   1
_entity_poly.type   'polypeptide(L)'
_entity_poly.pdbx_seq_one_letter_code
;GIDPFTMLRPRLCTMKKGPSGYGFNLHSDKSKPGQFIRSVDPDSPAEASGLRAQDRIVEVNGVCMEGKQHGDVVSAIRAG
GDETKLLVVDRETDEFFKKCRVIPSQEHLNGPLPVPFTNGEIQKENSREALAEAALESPRPALVRSASSDTSEELNSQDS
PPKQDSTAPSSTSSSDPILDFNISLAMAKERAHQKRSSKRAPQMDWSKKNELFSNL
;
_entity_poly.pdbx_strand_id   A
#
# COMPACT_ATOMS: atom_id res chain seq x y z
N GLY A 1 -27.07 -15.55 -9.10
CA GLY A 1 -25.98 -16.40 -9.67
C GLY A 1 -24.66 -15.65 -9.61
N ILE A 2 -24.29 -15.17 -8.42
CA ILE A 2 -23.05 -14.43 -8.22
C ILE A 2 -22.07 -15.25 -7.38
N ASP A 3 -20.85 -15.42 -7.88
CA ASP A 3 -19.83 -16.19 -7.16
C ASP A 3 -19.09 -15.28 -6.18
N PRO A 4 -18.64 -15.80 -5.07
CA PRO A 4 -17.89 -15.00 -4.05
C PRO A 4 -16.49 -14.64 -4.53
N PHE A 5 -16.07 -15.27 -5.63
CA PHE A 5 -14.74 -15.04 -6.19
C PHE A 5 -14.70 -13.77 -7.06
N THR A 6 -15.79 -13.51 -7.79
CA THR A 6 -15.84 -12.35 -8.67
C THR A 6 -15.90 -11.04 -7.89
N MET A 7 -16.42 -11.09 -6.66
CA MET A 7 -16.53 -9.87 -5.85
C MET A 7 -15.19 -9.49 -5.26
N LEU A 8 -14.18 -10.34 -5.45
CA LEU A 8 -12.85 -10.07 -4.93
C LEU A 8 -12.11 -9.12 -5.88
N ARG A 9 -12.31 -7.81 -5.68
CA ARG A 9 -11.67 -6.82 -6.54
C ARG A 9 -11.39 -5.49 -5.82
N PRO A 10 -10.34 -4.77 -6.17
CA PRO A 10 -10.02 -3.42 -5.59
C PRO A 10 -11.20 -2.42 -5.65
N ARG A 11 -11.03 -1.31 -4.94
CA ARG A 11 -11.99 -0.22 -4.91
C ARG A 11 -11.21 1.07 -4.77
N LEU A 12 -11.49 2.03 -5.65
CA LEU A 12 -10.79 3.31 -5.60
C LEU A 12 -11.54 4.30 -4.73
N CYS A 13 -10.97 4.61 -3.57
CA CYS A 13 -11.58 5.54 -2.63
C CYS A 13 -11.15 6.97 -2.94
N THR A 14 -12.12 7.82 -3.30
CA THR A 14 -11.86 9.21 -3.62
C THR A 14 -12.42 10.11 -2.52
N MET A 15 -11.55 10.89 -1.89
CA MET A 15 -11.96 11.79 -0.81
C MET A 15 -11.32 13.17 -0.99
N LYS A 16 -12.13 14.21 -0.86
CA LYS A 16 -11.66 15.59 -0.98
C LYS A 16 -11.38 16.19 0.39
N LYS A 17 -10.27 16.92 0.51
CA LYS A 17 -9.90 17.53 1.78
C LYS A 17 -10.64 18.85 1.99
N GLY A 18 -11.05 19.11 3.23
CA GLY A 18 -11.77 20.34 3.55
C GLY A 18 -11.62 20.69 5.02
N PRO A 19 -12.18 19.89 5.90
CA PRO A 19 -12.11 20.12 7.37
C PRO A 19 -10.75 19.71 7.95
N SER A 20 -9.81 20.64 7.93
CA SER A 20 -8.47 20.37 8.46
C SER A 20 -7.93 19.06 7.91
N GLY A 21 -7.71 19.01 6.60
CA GLY A 21 -7.18 17.81 5.95
C GLY A 21 -8.29 16.82 5.64
N TYR A 22 -7.92 15.68 5.07
CA TYR A 22 -8.88 14.65 4.71
C TYR A 22 -9.61 14.11 5.95
N GLY A 23 -8.85 13.87 7.01
CA GLY A 23 -9.43 13.37 8.27
C GLY A 23 -9.22 11.86 8.40
N PHE A 24 -7.97 11.41 8.22
CA PHE A 24 -7.64 9.99 8.35
C PHE A 24 -6.23 9.84 8.91
N ASN A 25 -5.96 8.70 9.55
CA ASN A 25 -4.64 8.45 10.16
C ASN A 25 -3.89 7.35 9.41
N LEU A 26 -2.70 7.70 8.91
CA LEU A 26 -1.86 6.75 8.18
C LEU A 26 -0.46 6.72 8.79
N HIS A 27 0.02 5.51 9.11
CA HIS A 27 1.35 5.38 9.70
C HIS A 27 1.74 3.90 9.80
N SER A 28 2.89 3.56 9.23
CA SER A 28 3.37 2.18 9.26
C SER A 28 3.90 1.82 10.65
N ASP A 29 3.87 0.53 10.98
CA ASP A 29 4.34 0.07 12.28
C ASP A 29 5.72 0.68 12.58
N LYS A 30 6.76 -0.04 12.19
CA LYS A 30 8.12 0.43 12.41
C LYS A 30 9.10 -0.34 11.54
N SER A 31 9.39 -1.59 11.91
CA SER A 31 10.31 -2.43 11.16
C SER A 31 9.55 -3.23 10.09
N LYS A 32 8.22 -3.26 10.21
CA LYS A 32 7.40 -4.01 9.27
C LYS A 32 7.09 -3.14 8.02
N PRO A 33 7.39 -3.60 6.82
CA PRO A 33 7.12 -2.80 5.58
C PRO A 33 5.63 -2.76 5.22
N GLY A 34 5.25 -1.73 4.46
CA GLY A 34 3.86 -1.58 4.02
C GLY A 34 3.15 -0.44 4.76
N GLN A 35 2.04 0.03 4.19
CA GLN A 35 1.25 1.11 4.79
C GLN A 35 -0.19 0.66 4.99
N PHE A 36 -0.73 0.91 6.18
CA PHE A 36 -2.11 0.51 6.50
C PHE A 36 -2.84 1.66 7.20
N ILE A 37 -4.16 1.64 7.14
CA ILE A 37 -4.95 2.70 7.79
C ILE A 37 -5.12 2.39 9.27
N ARG A 38 -4.60 3.27 10.11
CA ARG A 38 -4.70 3.08 11.56
C ARG A 38 -6.14 3.32 12.01
N SER A 39 -6.72 4.43 11.56
CA SER A 39 -8.09 4.77 11.91
C SER A 39 -8.56 6.00 11.13
N VAL A 40 -9.87 6.21 11.10
CA VAL A 40 -10.46 7.36 10.40
C VAL A 40 -11.61 7.91 11.22
N ASP A 41 -11.68 9.24 11.34
CA ASP A 41 -12.74 9.87 12.10
C ASP A 41 -14.10 9.61 11.45
N PRO A 42 -15.15 9.50 12.22
CA PRO A 42 -16.53 9.23 11.67
C PRO A 42 -17.12 10.46 10.96
N ASP A 43 -18.10 10.22 10.10
CA ASP A 43 -18.74 11.31 9.36
C ASP A 43 -17.70 12.12 8.59
N SER A 44 -16.67 11.45 8.12
CA SER A 44 -15.60 12.09 7.34
C SER A 44 -15.63 11.59 5.91
N PRO A 45 -15.15 12.36 4.96
CA PRO A 45 -15.15 11.95 3.52
C PRO A 45 -14.36 10.67 3.30
N ALA A 46 -13.33 10.46 4.12
CA ALA A 46 -12.51 9.26 4.01
C ALA A 46 -13.36 8.03 4.33
N GLU A 47 -14.22 8.16 5.33
CA GLU A 47 -15.08 7.05 5.73
C GLU A 47 -16.13 6.78 4.65
N ALA A 48 -16.73 7.85 4.14
CA ALA A 48 -17.75 7.73 3.11
C ALA A 48 -17.15 7.17 1.83
N SER A 49 -15.90 7.54 1.55
CA SER A 49 -15.23 7.08 0.34
C SER A 49 -15.17 5.55 0.29
N GLY A 50 -15.07 4.93 1.47
CA GLY A 50 -15.00 3.47 1.56
C GLY A 50 -13.73 3.03 2.27
N LEU A 51 -13.02 3.99 2.83
CA LEU A 51 -11.78 3.69 3.55
C LEU A 51 -12.10 3.12 4.92
N ARG A 52 -11.39 2.05 5.31
CA ARG A 52 -11.62 1.40 6.61
C ARG A 52 -10.30 1.24 7.37
N ALA A 53 -10.41 1.07 8.68
CA ALA A 53 -9.23 0.91 9.54
C ALA A 53 -8.53 -0.42 9.29
N GLN A 54 -8.92 -1.12 8.22
CA GLN A 54 -8.33 -2.41 7.89
C GLN A 54 -8.07 -2.50 6.39
N ASP A 55 -7.77 -1.37 5.77
CA ASP A 55 -7.51 -1.31 4.33
C ASP A 55 -6.02 -1.09 4.06
N ARG A 56 -5.56 -1.58 2.91
CA ARG A 56 -4.15 -1.45 2.53
C ARG A 56 -4.04 -0.62 1.25
N ILE A 57 -3.09 0.32 1.24
CA ILE A 57 -2.89 1.17 0.07
C ILE A 57 -2.04 0.46 -0.98
N VAL A 58 -2.59 0.32 -2.19
CA VAL A 58 -1.87 -0.34 -3.29
C VAL A 58 -1.38 0.71 -4.29
N GLU A 59 -2.22 1.72 -4.55
CA GLU A 59 -1.86 2.79 -5.49
C GLU A 59 -2.55 4.09 -5.12
N VAL A 60 -1.91 5.21 -5.46
CA VAL A 60 -2.46 6.54 -5.17
C VAL A 60 -2.56 7.37 -6.45
N ASN A 61 -3.72 7.97 -6.68
CA ASN A 61 -3.90 8.79 -7.88
C ASN A 61 -3.48 8.01 -9.12
N GLY A 62 -3.32 6.70 -8.97
CA GLY A 62 -2.92 5.85 -10.10
C GLY A 62 -1.41 5.67 -10.20
N VAL A 63 -0.70 5.87 -9.08
CA VAL A 63 0.77 5.72 -9.06
C VAL A 63 1.15 4.41 -8.37
N CYS A 64 2.30 3.87 -8.72
CA CYS A 64 2.76 2.62 -8.13
C CYS A 64 3.42 2.85 -6.77
N MET A 65 2.85 2.21 -5.74
CA MET A 65 3.38 2.33 -4.37
C MET A 65 4.32 1.15 -4.07
N GLU A 66 4.33 0.17 -4.96
CA GLU A 66 5.18 -1.00 -4.79
C GLU A 66 6.65 -0.64 -4.98
N GLY A 67 7.47 -0.94 -3.99
CA GLY A 67 8.89 -0.65 -4.06
C GLY A 67 9.18 0.79 -3.66
N LYS A 68 8.15 1.49 -3.17
CA LYS A 68 8.29 2.89 -2.75
C LYS A 68 8.41 2.98 -1.23
N GLN A 69 9.05 4.05 -0.77
CA GLN A 69 9.23 4.26 0.67
C GLN A 69 7.89 4.62 1.32
N HIS A 70 7.88 4.67 2.64
CA HIS A 70 6.65 5.00 3.37
C HIS A 70 6.33 6.48 3.22
N GLY A 71 7.34 7.28 2.90
CA GLY A 71 7.12 8.72 2.72
C GLY A 71 6.52 9.01 1.36
N ASP A 72 6.59 8.02 0.46
CA ASP A 72 6.05 8.19 -0.88
C ASP A 72 4.53 8.30 -0.87
N VAL A 73 3.89 7.59 0.07
CA VAL A 73 2.42 7.62 0.16
C VAL A 73 1.90 9.02 0.41
N VAL A 74 2.51 9.74 1.35
CA VAL A 74 2.07 11.09 1.65
C VAL A 74 2.45 12.03 0.51
N SER A 75 3.59 11.75 -0.08
CA SER A 75 4.08 12.56 -1.20
C SER A 75 3.09 12.51 -2.37
N ALA A 76 2.56 11.32 -2.63
CA ALA A 76 1.61 11.16 -3.72
C ALA A 76 0.34 11.98 -3.46
N ILE A 77 -0.09 12.00 -2.21
CA ILE A 77 -1.30 12.75 -1.85
C ILE A 77 -1.07 14.25 -2.07
N ARG A 78 0.10 14.74 -1.66
CA ARG A 78 0.41 16.15 -1.83
C ARG A 78 0.47 16.52 -3.31
N ALA A 79 1.05 15.62 -4.10
CA ALA A 79 1.17 15.84 -5.53
C ALA A 79 -0.21 15.90 -6.18
N GLY A 80 -1.13 15.09 -5.67
CA GLY A 80 -2.49 15.05 -6.21
C GLY A 80 -3.18 16.41 -6.13
N GLY A 81 -3.02 17.08 -4.98
CA GLY A 81 -3.63 18.40 -4.79
C GLY A 81 -4.57 18.41 -3.58
N ASP A 82 -5.66 19.17 -3.71
CA ASP A 82 -6.64 19.28 -2.62
C ASP A 82 -7.47 18.01 -2.50
N GLU A 83 -7.34 17.12 -3.47
CA GLU A 83 -8.08 15.86 -3.48
C GLU A 83 -7.12 14.68 -3.58
N THR A 84 -7.60 13.49 -3.27
CA THR A 84 -6.76 12.28 -3.35
C THR A 84 -7.61 11.06 -3.68
N LYS A 85 -6.96 10.05 -4.26
CA LYS A 85 -7.64 8.80 -4.63
C LYS A 85 -6.77 7.62 -4.22
N LEU A 86 -7.24 6.88 -3.20
CA LEU A 86 -6.50 5.73 -2.69
C LEU A 86 -7.14 4.42 -3.15
N LEU A 87 -6.32 3.48 -3.59
CA LEU A 87 -6.80 2.17 -4.05
C LEU A 87 -6.57 1.13 -2.95
N VAL A 88 -7.66 0.44 -2.56
CA VAL A 88 -7.58 -0.57 -1.51
C VAL A 88 -8.26 -1.86 -1.95
N VAL A 89 -7.99 -2.96 -1.23
CA VAL A 89 -8.59 -4.25 -1.55
C VAL A 89 -9.23 -4.86 -0.30
N ASP A 90 -10.13 -5.83 -0.52
CA ASP A 90 -10.81 -6.50 0.58
C ASP A 90 -9.83 -7.45 1.27
N ARG A 91 -10.18 -7.87 2.47
CA ARG A 91 -9.30 -8.78 3.22
C ARG A 91 -9.07 -10.06 2.43
N GLU A 92 -10.12 -10.64 1.87
CA GLU A 92 -9.97 -11.86 1.09
C GLU A 92 -9.28 -11.54 -0.23
N THR A 93 -9.63 -10.41 -0.81
CA THR A 93 -9.04 -9.97 -2.08
C THR A 93 -7.54 -9.76 -1.95
N ASP A 94 -7.12 -9.12 -0.87
CA ASP A 94 -5.70 -8.83 -0.66
C ASP A 94 -4.88 -10.13 -0.71
N GLU A 95 -5.30 -11.13 0.05
CA GLU A 95 -4.59 -12.40 0.07
C GLU A 95 -4.83 -13.17 -1.23
N PHE A 96 -5.98 -12.93 -1.87
CA PHE A 96 -6.31 -13.63 -3.10
C PHE A 96 -5.26 -13.36 -4.19
N PHE A 97 -4.92 -12.09 -4.36
CA PHE A 97 -3.93 -11.72 -5.37
C PHE A 97 -2.52 -12.18 -5.00
N LYS A 98 -2.17 -12.13 -3.70
CA LYS A 98 -0.84 -12.55 -3.26
C LYS A 98 -0.57 -14.03 -3.57
N LYS A 99 -1.56 -14.89 -3.34
CA LYS A 99 -1.37 -16.31 -3.61
C LYS A 99 -1.47 -16.58 -5.11
N CYS A 100 -2.10 -15.66 -5.84
CA CYS A 100 -2.25 -15.80 -7.29
C CYS A 100 -1.04 -15.20 -7.98
N ARG A 101 -0.18 -14.55 -7.21
CA ARG A 101 1.02 -13.92 -7.75
C ARG A 101 0.66 -12.88 -8.81
N VAL A 102 -0.23 -11.95 -8.45
CA VAL A 102 -0.68 -10.89 -9.37
C VAL A 102 -0.54 -9.50 -8.72
N ILE A 103 -0.57 -8.43 -9.53
CA ILE A 103 -0.39 -7.06 -9.03
C ILE A 103 -1.66 -6.20 -9.19
N PRO A 104 -2.47 -6.04 -8.16
CA PRO A 104 -3.70 -5.16 -8.22
C PRO A 104 -3.39 -3.70 -8.56
N SER A 105 -4.36 -3.05 -9.23
CA SER A 105 -4.23 -1.65 -9.60
C SER A 105 -5.55 -1.14 -10.16
N GLN A 106 -5.55 0.07 -10.68
CA GLN A 106 -6.76 0.66 -11.21
C GLN A 106 -7.24 -0.05 -12.47
N GLU A 107 -6.33 -0.75 -13.14
CA GLU A 107 -6.68 -1.47 -14.35
C GLU A 107 -7.67 -2.59 -14.04
N HIS A 108 -7.54 -3.18 -12.85
CA HIS A 108 -8.42 -4.27 -12.45
C HIS A 108 -9.84 -3.77 -12.18
N LEU A 109 -9.99 -2.47 -11.98
CA LEU A 109 -11.31 -1.90 -11.72
C LEU A 109 -12.21 -2.14 -12.92
N ASN A 110 -11.65 -1.95 -14.12
CA ASN A 110 -12.39 -2.15 -15.36
C ASN A 110 -12.02 -3.49 -15.99
N GLY A 111 -13.02 -4.34 -16.22
CA GLY A 111 -12.79 -5.65 -16.83
C GLY A 111 -12.83 -6.76 -15.78
N PRO A 112 -12.91 -7.99 -16.21
CA PRO A 112 -12.97 -9.17 -15.28
C PRO A 112 -11.63 -9.48 -14.59
N LEU A 113 -11.72 -10.21 -13.49
CA LEU A 113 -10.55 -10.60 -12.70
C LEU A 113 -9.49 -11.28 -13.57
N PRO A 114 -8.30 -11.53 -13.04
CA PRO A 114 -7.21 -12.23 -13.79
C PRO A 114 -7.35 -13.75 -13.68
N VAL A 115 -8.35 -14.17 -12.95
CA VAL A 115 -8.60 -15.61 -12.74
C VAL A 115 -8.93 -16.39 -14.03
N PRO A 116 -9.58 -15.79 -14.98
CA PRO A 116 -9.93 -16.48 -16.26
C PRO A 116 -8.68 -16.92 -17.01
N PHE A 117 -8.76 -18.09 -17.65
CA PHE A 117 -7.63 -18.64 -18.40
C PHE A 117 -7.91 -18.56 -19.90
N THR A 118 -7.14 -17.74 -20.60
CA THR A 118 -7.30 -17.58 -22.05
C THR A 118 -5.94 -17.46 -22.73
N ASN A 119 -5.91 -17.74 -24.03
CA ASN A 119 -4.67 -17.65 -24.79
C ASN A 119 -4.96 -17.42 -26.27
N GLY A 120 -3.92 -17.12 -27.03
CA GLY A 120 -4.07 -16.88 -28.46
C GLY A 120 -2.77 -16.37 -29.07
N GLU A 121 -2.76 -16.18 -30.38
CA GLU A 121 -1.57 -15.70 -31.07
C GLU A 121 -1.26 -14.27 -30.64
N ILE A 122 -2.31 -13.46 -30.49
CA ILE A 122 -2.15 -12.06 -30.08
C ILE A 122 -3.08 -11.73 -28.91
N GLN A 123 -2.65 -10.83 -28.04
CA GLN A 123 -3.45 -10.43 -26.90
C GLN A 123 -4.46 -9.35 -27.30
N LYS A 124 -5.71 -9.55 -26.90
CA LYS A 124 -6.77 -8.60 -27.24
C LYS A 124 -6.64 -7.34 -26.39
N GLU A 125 -6.78 -6.19 -27.04
CA GLU A 125 -6.68 -4.92 -26.34
C GLU A 125 -7.30 -3.80 -27.17
N ASN A 126 -8.13 -2.97 -26.53
CA ASN A 126 -8.79 -1.86 -27.23
C ASN A 126 -7.99 -0.57 -27.05
N SER A 127 -6.80 -0.55 -27.63
CA SER A 127 -5.94 0.62 -27.54
C SER A 127 -6.45 1.75 -28.43
N ARG A 128 -6.15 2.99 -28.05
CA ARG A 128 -6.59 4.14 -28.82
C ARG A 128 -5.79 4.28 -30.11
N GLU A 129 -6.44 4.74 -31.17
CA GLU A 129 -5.78 4.92 -32.47
C GLU A 129 -5.45 6.39 -32.71
N ALA A 130 -4.18 6.66 -32.98
CA ALA A 130 -3.73 8.03 -33.24
C ALA A 130 -2.49 8.03 -34.14
N LEU A 131 -2.37 9.05 -34.98
CA LEU A 131 -1.23 9.17 -35.90
C LEU A 131 -0.49 10.48 -35.65
N ALA A 132 0.84 10.42 -35.74
CA ALA A 132 1.65 11.61 -35.53
C ALA A 132 3.04 11.44 -36.14
N GLU A 133 3.66 12.54 -36.51
CA GLU A 133 4.99 12.51 -37.11
C GLU A 133 6.07 12.45 -36.03
N ALA A 134 6.87 11.39 -36.04
CA ALA A 134 7.92 11.24 -35.06
C ALA A 134 9.01 12.29 -35.25
N ALA A 135 9.51 12.84 -34.14
CA ALA A 135 10.55 13.85 -34.21
C ALA A 135 11.89 13.22 -34.61
N LEU A 136 12.65 13.96 -35.41
CA LEU A 136 13.95 13.47 -35.86
C LEU A 136 14.89 13.27 -34.67
N GLU A 137 14.84 14.23 -33.75
CA GLU A 137 15.69 14.17 -32.56
C GLU A 137 15.09 15.02 -31.45
N SER A 138 14.93 14.43 -30.27
CA SER A 138 14.38 15.16 -29.13
C SER A 138 14.49 14.32 -27.85
N PRO A 139 14.02 14.83 -26.73
CA PRO A 139 14.08 14.10 -25.43
C PRO A 139 13.28 12.79 -25.48
N ARG A 140 13.76 11.78 -24.76
CA ARG A 140 13.09 10.48 -24.74
C ARG A 140 13.71 9.57 -23.68
N PRO A 141 13.34 9.72 -22.43
CA PRO A 141 13.88 8.89 -21.30
C PRO A 141 13.58 7.40 -21.51
N ALA A 142 14.53 6.55 -21.06
CA ALA A 142 14.38 5.11 -21.18
C ALA A 142 14.18 4.46 -19.82
N LEU A 143 13.79 3.19 -19.81
CA LEU A 143 13.56 2.47 -18.57
C LEU A 143 14.89 2.10 -17.91
N VAL A 144 14.94 2.23 -16.58
CA VAL A 144 16.16 1.90 -15.83
C VAL A 144 15.81 1.10 -14.58
N ARG A 145 14.52 0.81 -14.39
CA ARG A 145 14.06 0.05 -13.23
C ARG A 145 13.26 -1.18 -13.68
N SER A 146 13.13 -1.37 -14.99
CA SER A 146 12.39 -2.51 -15.52
C SER A 146 13.34 -3.67 -15.83
N ALA A 147 13.08 -4.82 -15.21
CA ALA A 147 13.92 -5.98 -15.41
C ALA A 147 15.40 -5.60 -15.36
N SER A 148 15.72 -4.65 -14.50
CA SER A 148 17.11 -4.19 -14.36
C SER A 148 17.99 -5.34 -13.93
N SER A 149 17.51 -6.14 -12.97
CA SER A 149 18.28 -7.28 -12.47
C SER A 149 19.76 -6.91 -12.32
N ASP A 150 20.55 -7.21 -13.34
CA ASP A 150 21.98 -6.91 -13.30
C ASP A 150 22.22 -5.45 -13.66
N THR A 151 23.44 -4.98 -13.39
CA THR A 151 23.80 -3.59 -13.69
C THR A 151 24.38 -3.49 -15.11
N SER A 152 23.90 -2.48 -15.85
CA SER A 152 24.38 -2.27 -17.22
C SER A 152 24.15 -0.83 -17.65
N GLU A 153 24.85 -0.40 -18.69
CA GLU A 153 24.72 0.96 -19.20
C GLU A 153 25.08 1.00 -20.67
N GLU A 154 24.45 1.92 -21.42
CA GLU A 154 24.71 2.07 -22.84
C GLU A 154 25.06 3.53 -23.17
N LEU A 155 26.06 3.70 -24.03
CA LEU A 155 26.49 5.05 -24.43
C LEU A 155 25.77 5.48 -25.71
N ASN A 156 24.85 4.63 -26.17
CA ASN A 156 24.09 4.93 -27.37
C ASN A 156 23.20 6.15 -27.16
N SER A 157 23.09 6.57 -25.89
CA SER A 157 22.26 7.72 -25.56
C SER A 157 22.75 8.97 -26.31
N GLN A 158 24.07 9.14 -26.37
CA GLN A 158 24.65 10.29 -27.05
C GLN A 158 24.78 10.04 -28.56
N ASP A 159 24.18 10.93 -29.34
CA ASP A 159 24.20 10.82 -30.81
C ASP A 159 25.57 11.21 -31.36
N SER A 160 26.04 10.46 -32.38
CA SER A 160 27.34 10.74 -33.00
C SER A 160 28.50 10.50 -32.01
N PRO A 161 28.97 9.27 -31.89
CA PRO A 161 30.08 8.91 -30.94
C PRO A 161 31.43 9.62 -31.24
N PRO A 162 32.43 9.41 -30.40
CA PRO A 162 33.80 10.07 -30.54
C PRO A 162 34.49 9.85 -31.89
N LYS A 163 34.33 8.67 -32.48
CA LYS A 163 34.99 8.38 -33.76
C LYS A 163 34.04 7.66 -34.71
N GLN A 164 34.21 7.93 -35.99
CA GLN A 164 33.38 7.31 -37.03
C GLN A 164 34.09 6.09 -37.60
N ASP A 165 33.38 5.32 -38.41
CA ASP A 165 33.97 4.12 -39.02
C ASP A 165 34.74 4.49 -40.28
N SER A 166 36.07 4.47 -40.18
CA SER A 166 36.92 4.79 -41.32
C SER A 166 36.88 3.68 -42.38
N THR A 167 36.89 4.06 -43.66
CA THR A 167 36.87 3.09 -44.75
C THR A 167 37.92 3.46 -45.80
N ALA A 168 38.30 2.47 -46.62
CA ALA A 168 39.32 2.69 -47.64
C ALA A 168 38.93 3.84 -48.59
N PRO A 169 39.86 4.69 -49.01
CA PRO A 169 39.55 5.83 -49.94
C PRO A 169 39.07 5.39 -51.34
N SER A 170 39.29 4.13 -51.70
CA SER A 170 38.84 3.65 -53.00
C SER A 170 39.37 4.53 -54.15
N SER A 171 38.57 4.64 -55.22
CA SER A 171 38.95 5.45 -56.37
C SER A 171 38.89 6.93 -56.02
N THR A 172 39.60 7.75 -56.78
CA THR A 172 39.63 9.19 -56.53
C THR A 172 38.23 9.79 -56.59
N SER A 173 37.45 9.38 -57.59
CA SER A 173 36.09 9.86 -57.76
C SER A 173 35.15 8.73 -58.14
N SER A 174 33.94 8.77 -57.62
CA SER A 174 32.94 7.74 -57.90
C SER A 174 31.53 8.27 -57.64
N SER A 175 30.54 7.57 -58.17
CA SER A 175 29.14 7.98 -57.99
C SER A 175 28.68 7.76 -56.54
N ASP A 176 27.87 8.68 -56.05
CA ASP A 176 27.33 8.59 -54.69
C ASP A 176 28.44 8.56 -53.64
N PRO A 177 29.30 9.54 -53.63
CA PRO A 177 30.42 9.62 -52.65
C PRO A 177 29.93 9.83 -51.21
N ILE A 178 30.65 9.24 -50.25
CA ILE A 178 30.32 9.40 -48.84
C ILE A 178 31.20 10.52 -48.27
N LEU A 179 31.81 11.27 -49.18
CA LEU A 179 32.69 12.38 -48.81
C LEU A 179 31.88 13.65 -48.63
N ASP A 180 32.05 14.29 -47.46
CA ASP A 180 31.33 15.53 -47.15
C ASP A 180 32.29 16.71 -47.19
N PHE A 181 33.48 16.50 -47.73
CA PHE A 181 34.49 17.55 -47.81
C PHE A 181 33.86 18.86 -48.30
N ASN A 182 33.30 18.82 -49.49
CA ASN A 182 32.67 20.01 -50.07
C ASN A 182 31.44 20.40 -49.26
N ILE A 183 30.67 19.40 -48.83
CA ILE A 183 29.46 19.63 -48.05
C ILE A 183 29.81 20.14 -46.65
N SER A 184 31.09 20.04 -46.31
CA SER A 184 31.55 20.47 -44.99
C SER A 184 31.22 21.94 -44.78
N LEU A 185 31.42 22.74 -45.82
CA LEU A 185 31.14 24.17 -45.75
C LEU A 185 29.66 24.40 -45.47
N ALA A 186 28.82 23.61 -46.14
CA ALA A 186 27.37 23.73 -45.97
C ALA A 186 26.96 23.41 -44.53
N MET A 187 27.64 22.43 -43.93
CA MET A 187 27.33 22.05 -42.56
C MET A 187 27.59 23.21 -41.61
N ALA A 188 28.26 24.25 -42.11
CA ALA A 188 28.57 25.42 -41.30
C ALA A 188 27.29 26.15 -40.90
N LYS A 189 26.32 26.18 -41.81
CA LYS A 189 25.06 26.85 -41.55
C LYS A 189 24.31 26.19 -40.38
N GLU A 190 24.45 24.87 -40.27
CA GLU A 190 23.78 24.13 -39.21
C GLU A 190 24.15 24.70 -37.84
N ARG A 191 25.27 25.41 -37.77
CA ARG A 191 25.72 25.98 -36.51
C ARG A 191 24.69 26.98 -35.99
N ALA A 192 24.19 27.82 -36.89
CA ALA A 192 23.20 28.83 -36.52
C ALA A 192 21.87 28.18 -36.13
N HIS A 193 21.51 27.11 -36.83
CA HIS A 193 20.25 26.41 -36.56
C HIS A 193 20.42 25.39 -35.45
N GLN A 194 21.58 25.41 -34.79
CA GLN A 194 21.84 24.47 -33.71
C GLN A 194 20.64 24.38 -32.77
N LYS A 195 20.51 23.26 -32.08
CA LYS A 195 19.39 23.05 -31.16
C LYS A 195 19.76 22.04 -30.08
N ARG A 196 20.86 22.30 -29.39
CA ARG A 196 21.31 21.41 -28.32
C ARG A 196 20.34 21.44 -27.16
N SER A 197 19.16 20.86 -27.36
CA SER A 197 18.14 20.82 -26.31
C SER A 197 18.39 19.67 -25.36
N SER A 198 19.32 18.79 -25.72
CA SER A 198 19.64 17.64 -24.88
C SER A 198 20.37 18.09 -23.62
N LYS A 199 20.26 17.27 -22.56
CA LYS A 199 20.91 17.59 -21.30
C LYS A 199 21.37 16.31 -20.61
N ARG A 200 22.58 16.34 -20.03
CA ARG A 200 23.13 15.17 -19.35
C ARG A 200 23.83 15.59 -18.06
N ALA A 201 23.15 15.43 -16.93
CA ALA A 201 23.72 15.78 -15.64
C ALA A 201 24.45 14.57 -15.03
N PRO A 202 25.52 14.78 -14.31
CA PRO A 202 26.31 13.65 -13.69
C PRO A 202 25.53 12.93 -12.59
N GLN A 203 24.53 13.59 -12.02
CA GLN A 203 23.73 12.98 -10.96
C GLN A 203 22.64 12.08 -11.53
N MET A 204 23.02 10.85 -11.89
CA MET A 204 22.07 9.90 -12.46
C MET A 204 20.98 9.57 -11.45
N ASP A 205 21.37 9.31 -10.21
CA ASP A 205 20.41 8.98 -9.15
C ASP A 205 21.05 9.15 -7.78
N TRP A 206 20.22 9.15 -6.74
CA TRP A 206 20.72 9.30 -5.36
C TRP A 206 20.69 7.95 -4.65
N SER A 207 21.76 7.67 -3.89
CA SER A 207 21.86 6.41 -3.16
C SER A 207 20.74 6.30 -2.13
N LYS A 208 20.48 7.41 -1.43
CA LYS A 208 19.44 7.43 -0.42
C LYS A 208 19.21 8.86 0.08
N LYS A 209 17.94 9.24 0.19
CA LYS A 209 17.58 10.59 0.65
C LYS A 209 16.40 10.52 1.62
N ASN A 210 16.51 11.26 2.73
CA ASN A 210 15.45 11.29 3.74
C ASN A 210 15.21 12.72 4.21
N GLU A 211 14.80 13.57 3.28
CA GLU A 211 14.54 14.98 3.61
C GLU A 211 13.34 15.08 4.55
N LEU A 212 12.39 14.16 4.39
CA LEU A 212 11.19 14.16 5.21
C LEU A 212 10.62 15.56 5.33
N PHE A 213 9.85 15.97 4.32
CA PHE A 213 9.24 17.29 4.32
C PHE A 213 8.31 17.45 5.51
N SER A 214 7.50 16.44 5.76
CA SER A 214 6.56 16.45 6.87
C SER A 214 6.29 15.03 7.36
N ASN A 215 6.02 14.89 8.66
CA ASN A 215 5.75 13.58 9.26
C ASN A 215 4.47 13.64 10.08
N LEU A 216 3.42 12.98 9.59
CA LEU A 216 2.14 12.96 10.29
C LEU A 216 2.26 12.17 11.59
N GLY A 1 -25.43 -19.68 -9.71
CA GLY A 1 -25.86 -18.39 -10.32
C GLY A 1 -24.70 -17.40 -10.24
N ILE A 2 -24.40 -16.93 -9.03
CA ILE A 2 -23.31 -15.98 -8.84
C ILE A 2 -22.17 -16.63 -8.06
N ASP A 3 -20.96 -16.56 -8.61
CA ASP A 3 -19.79 -17.16 -7.97
C ASP A 3 -19.15 -16.18 -6.95
N PRO A 4 -18.76 -16.63 -5.77
CA PRO A 4 -18.12 -15.73 -4.75
C PRO A 4 -16.88 -15.02 -5.31
N PHE A 5 -16.20 -15.70 -6.22
CA PHE A 5 -14.96 -15.20 -6.80
C PHE A 5 -15.15 -13.85 -7.48
N THR A 6 -16.25 -13.67 -8.22
CA THR A 6 -16.46 -12.41 -8.91
C THR A 6 -16.65 -11.26 -7.93
N MET A 7 -16.65 -11.55 -6.64
CA MET A 7 -16.82 -10.51 -5.62
C MET A 7 -15.47 -9.97 -5.17
N LEU A 8 -14.39 -10.55 -5.68
CA LEU A 8 -13.04 -10.12 -5.33
C LEU A 8 -12.53 -9.10 -6.34
N ARG A 9 -12.43 -7.83 -5.91
CA ARG A 9 -11.97 -6.78 -6.81
C ARG A 9 -11.62 -5.48 -6.04
N PRO A 10 -10.66 -4.72 -6.50
CA PRO A 10 -10.26 -3.42 -5.84
C PRO A 10 -11.37 -2.35 -5.91
N ARG A 11 -11.18 -1.27 -5.15
CA ARG A 11 -12.13 -0.16 -5.12
C ARG A 11 -11.37 1.16 -4.96
N LEU A 12 -11.79 2.20 -5.66
CA LEU A 12 -11.13 3.51 -5.54
C LEU A 12 -11.81 4.37 -4.49
N CYS A 13 -11.00 4.86 -3.55
CA CYS A 13 -11.50 5.71 -2.47
C CYS A 13 -11.06 7.15 -2.70
N THR A 14 -12.02 8.00 -3.04
CA THR A 14 -11.74 9.42 -3.30
C THR A 14 -12.19 10.27 -2.12
N MET A 15 -11.24 11.00 -1.53
CA MET A 15 -11.53 11.85 -0.37
C MET A 15 -10.93 13.25 -0.58
N LYS A 16 -11.76 14.27 -0.39
CA LYS A 16 -11.32 15.66 -0.53
C LYS A 16 -10.84 16.17 0.83
N LYS A 17 -9.74 16.90 0.84
CA LYS A 17 -9.18 17.42 2.09
C LYS A 17 -9.86 18.72 2.52
N GLY A 18 -10.15 18.81 3.81
CA GLY A 18 -10.79 20.00 4.37
C GLY A 18 -10.75 19.95 5.90
N PRO A 19 -11.65 19.21 6.53
CA PRO A 19 -11.71 19.07 8.01
C PRO A 19 -10.32 19.11 8.64
N SER A 20 -9.45 18.20 8.24
CA SER A 20 -8.09 18.17 8.78
C SER A 20 -7.21 17.15 8.03
N GLY A 21 -6.97 17.40 6.74
CA GLY A 21 -6.13 16.51 5.94
C GLY A 21 -6.80 15.15 5.75
N TYR A 22 -7.92 15.16 5.04
CA TYR A 22 -8.67 13.94 4.76
C TYR A 22 -9.24 13.32 6.05
N GLY A 23 -8.72 13.74 7.20
CA GLY A 23 -9.18 13.21 8.48
C GLY A 23 -9.03 11.69 8.54
N PHE A 24 -7.79 11.22 8.42
CA PHE A 24 -7.51 9.79 8.48
C PHE A 24 -6.09 9.54 8.99
N ASN A 25 -5.88 8.38 9.61
CA ASN A 25 -4.57 8.04 10.16
C ASN A 25 -3.84 7.03 9.28
N LEU A 26 -2.53 7.25 9.09
CA LEU A 26 -1.70 6.36 8.28
C LEU A 26 -0.43 6.00 9.03
N HIS A 27 -0.11 4.70 9.09
CA HIS A 27 1.09 4.25 9.78
C HIS A 27 1.07 4.71 11.24
N SER A 28 1.87 4.04 12.07
CA SER A 28 1.93 4.39 13.50
C SER A 28 3.30 4.05 14.06
N ASP A 29 3.73 2.81 13.87
CA ASP A 29 5.02 2.36 14.37
C ASP A 29 6.14 2.86 13.47
N LYS A 30 7.17 2.03 13.28
CA LYS A 30 8.30 2.40 12.43
C LYS A 30 8.88 1.15 11.76
N SER A 31 9.22 0.16 12.57
CA SER A 31 9.78 -1.09 12.05
C SER A 31 8.77 -1.78 11.14
N LYS A 32 7.51 -1.81 11.58
CA LYS A 32 6.45 -2.45 10.80
C LYS A 32 6.51 -1.98 9.34
N PRO A 33 6.82 -2.85 8.39
CA PRO A 33 6.90 -2.44 6.95
C PRO A 33 5.51 -2.32 6.31
N GLY A 34 5.44 -1.57 5.22
CA GLY A 34 4.17 -1.38 4.50
C GLY A 34 3.36 -0.23 5.10
N GLN A 35 2.18 0.00 4.53
CA GLN A 35 1.28 1.06 5.00
C GLN A 35 -0.14 0.54 5.13
N PHE A 36 -0.82 0.95 6.21
CA PHE A 36 -2.19 0.52 6.46
C PHE A 36 -2.97 1.61 7.18
N ILE A 37 -4.30 1.54 7.12
CA ILE A 37 -5.13 2.54 7.78
C ILE A 37 -5.33 2.17 9.25
N ARG A 38 -4.81 3.00 10.14
CA ARG A 38 -4.94 2.74 11.57
C ARG A 38 -6.38 2.95 12.01
N SER A 39 -7.01 4.01 11.50
CA SER A 39 -8.39 4.31 11.85
C SER A 39 -8.98 5.32 10.88
N VAL A 40 -10.30 5.49 10.93
CA VAL A 40 -11.00 6.44 10.06
C VAL A 40 -11.83 7.42 10.89
N ASP A 41 -11.69 8.70 10.60
CA ASP A 41 -12.44 9.72 11.31
C ASP A 41 -13.94 9.55 11.03
N PRO A 42 -14.78 9.25 12.01
CA PRO A 42 -16.24 9.09 11.77
C PRO A 42 -16.85 10.32 11.07
N ASP A 43 -17.79 10.09 10.16
CA ASP A 43 -18.44 11.19 9.46
C ASP A 43 -17.39 12.12 8.84
N SER A 44 -16.52 11.55 7.99
CA SER A 44 -15.45 12.33 7.35
C SER A 44 -15.26 11.84 5.90
N PRO A 45 -14.67 12.66 5.03
CA PRO A 45 -14.47 12.27 3.60
C PRO A 45 -13.82 10.89 3.45
N ALA A 46 -12.89 10.57 4.32
CA ALA A 46 -12.22 9.28 4.24
C ALA A 46 -13.23 8.14 4.36
N GLU A 47 -14.17 8.28 5.29
CA GLU A 47 -15.19 7.27 5.50
C GLU A 47 -16.13 7.20 4.30
N ALA A 48 -16.47 8.37 3.77
CA ALA A 48 -17.37 8.44 2.61
C ALA A 48 -16.73 7.79 1.39
N SER A 49 -15.42 7.95 1.26
CA SER A 49 -14.70 7.40 0.13
C SER A 49 -14.73 5.86 0.16
N GLY A 50 -15.12 5.30 1.30
CA GLY A 50 -15.19 3.85 1.45
C GLY A 50 -13.90 3.29 2.05
N LEU A 51 -13.11 4.18 2.66
CA LEU A 51 -11.86 3.76 3.28
C LEU A 51 -12.16 3.02 4.59
N ARG A 52 -11.41 1.95 4.85
CA ARG A 52 -11.61 1.16 6.07
C ARG A 52 -10.31 1.06 6.88
N ALA A 53 -10.45 0.79 8.17
CA ALA A 53 -9.30 0.68 9.05
C ALA A 53 -8.48 -0.56 8.75
N GLN A 54 -9.05 -1.49 7.99
CA GLN A 54 -8.36 -2.74 7.64
C GLN A 54 -7.91 -2.71 6.19
N ASP A 55 -8.09 -1.56 5.54
CA ASP A 55 -7.71 -1.41 4.14
C ASP A 55 -6.21 -1.12 4.01
N ARG A 56 -5.66 -1.40 2.83
CA ARG A 56 -4.23 -1.17 2.56
C ARG A 56 -4.06 -0.35 1.28
N ILE A 57 -3.09 0.55 1.28
CA ILE A 57 -2.85 1.40 0.11
C ILE A 57 -2.08 0.63 -0.97
N VAL A 58 -2.66 0.55 -2.17
CA VAL A 58 -2.01 -0.14 -3.29
C VAL A 58 -1.50 0.87 -4.30
N GLU A 59 -2.35 1.83 -4.67
CA GLU A 59 -1.98 2.87 -5.64
C GLU A 59 -2.56 4.22 -5.24
N VAL A 60 -1.84 5.29 -5.57
CA VAL A 60 -2.30 6.65 -5.26
C VAL A 60 -2.40 7.47 -6.54
N ASN A 61 -3.60 7.96 -6.83
CA ASN A 61 -3.81 8.76 -8.04
C ASN A 61 -3.25 8.05 -9.27
N GLY A 62 -3.30 6.73 -9.25
CA GLY A 62 -2.79 5.94 -10.39
C GLY A 62 -1.28 5.78 -10.34
N VAL A 63 -0.70 5.91 -9.15
CA VAL A 63 0.76 5.78 -8.99
C VAL A 63 1.09 4.50 -8.20
N CYS A 64 2.05 3.74 -8.70
CA CYS A 64 2.45 2.49 -8.05
C CYS A 64 3.19 2.77 -6.75
N MET A 65 2.70 2.16 -5.66
CA MET A 65 3.31 2.32 -4.34
C MET A 65 4.13 1.10 -3.99
N GLU A 66 4.05 0.08 -4.82
CA GLU A 66 4.79 -1.16 -4.59
C GLU A 66 6.29 -0.93 -4.79
N GLY A 67 7.07 -1.23 -3.76
CA GLY A 67 8.52 -1.05 -3.84
C GLY A 67 8.92 0.40 -3.57
N LYS A 68 7.93 1.22 -3.21
CA LYS A 68 8.20 2.64 -2.93
C LYS A 68 8.35 2.87 -1.43
N GLN A 69 9.09 3.91 -1.07
CA GLN A 69 9.31 4.24 0.33
C GLN A 69 8.01 4.67 1.00
N HIS A 70 8.03 4.76 2.32
CA HIS A 70 6.84 5.18 3.06
C HIS A 70 6.53 6.64 2.76
N GLY A 71 7.56 7.45 2.60
CA GLY A 71 7.40 8.86 2.33
C GLY A 71 6.86 9.10 0.91
N ASP A 72 6.91 8.08 0.07
CA ASP A 72 6.43 8.22 -1.30
C ASP A 72 4.91 8.32 -1.35
N VAL A 73 4.23 7.75 -0.36
CA VAL A 73 2.77 7.79 -0.34
C VAL A 73 2.26 9.23 -0.17
N VAL A 74 2.87 9.97 0.73
CA VAL A 74 2.46 11.36 0.97
C VAL A 74 2.81 12.22 -0.24
N SER A 75 3.91 11.87 -0.89
CA SER A 75 4.35 12.60 -2.06
C SER A 75 3.29 12.55 -3.16
N ALA A 76 2.73 11.35 -3.37
CA ALA A 76 1.71 11.18 -4.39
C ALA A 76 0.45 11.98 -4.05
N ILE A 77 0.11 12.00 -2.76
CA ILE A 77 -1.06 12.74 -2.31
C ILE A 77 -0.89 14.24 -2.55
N ARG A 78 0.30 14.75 -2.24
CA ARG A 78 0.57 16.17 -2.44
C ARG A 78 0.45 16.54 -3.91
N ALA A 79 0.97 15.68 -4.77
CA ALA A 79 0.92 15.91 -6.21
C ALA A 79 -0.52 15.94 -6.71
N GLY A 80 -1.36 15.11 -6.10
CA GLY A 80 -2.77 15.04 -6.50
C GLY A 80 -3.45 16.40 -6.38
N GLY A 81 -3.16 17.12 -5.30
CA GLY A 81 -3.74 18.44 -5.07
C GLY A 81 -4.59 18.48 -3.81
N ASP A 82 -5.74 19.14 -3.90
CA ASP A 82 -6.64 19.25 -2.76
C ASP A 82 -7.45 17.98 -2.55
N GLU A 83 -7.31 17.03 -3.48
CA GLU A 83 -8.05 15.77 -3.40
C GLU A 83 -7.10 14.60 -3.68
N THR A 84 -7.50 13.39 -3.29
CA THR A 84 -6.66 12.21 -3.51
C THR A 84 -7.51 10.97 -3.74
N LYS A 85 -6.90 9.95 -4.34
CA LYS A 85 -7.58 8.68 -4.60
C LYS A 85 -6.72 7.51 -4.15
N LEU A 86 -7.24 6.74 -3.21
CA LEU A 86 -6.52 5.58 -2.69
C LEU A 86 -7.16 4.27 -3.15
N LEU A 87 -6.34 3.35 -3.63
CA LEU A 87 -6.82 2.05 -4.11
C LEU A 87 -6.63 1.01 -3.01
N VAL A 88 -7.72 0.32 -2.64
CA VAL A 88 -7.65 -0.70 -1.59
C VAL A 88 -8.33 -1.99 -2.05
N VAL A 89 -8.07 -3.07 -1.33
CA VAL A 89 -8.64 -4.38 -1.66
C VAL A 89 -9.25 -5.03 -0.42
N ASP A 90 -10.15 -5.99 -0.64
CA ASP A 90 -10.79 -6.70 0.46
C ASP A 90 -9.85 -7.75 1.03
N ARG A 91 -10.18 -8.31 2.19
CA ARG A 91 -9.33 -9.32 2.79
C ARG A 91 -9.25 -10.55 1.88
N GLU A 92 -10.37 -10.95 1.30
CA GLU A 92 -10.38 -12.10 0.41
C GLU A 92 -9.62 -11.77 -0.86
N THR A 93 -9.83 -10.55 -1.37
CA THR A 93 -9.18 -10.10 -2.58
C THR A 93 -7.67 -10.01 -2.39
N ASP A 94 -7.25 -9.47 -1.25
CA ASP A 94 -5.83 -9.31 -0.97
C ASP A 94 -5.10 -10.65 -1.08
N GLU A 95 -5.62 -11.67 -0.42
CA GLU A 95 -5.00 -12.99 -0.48
C GLU A 95 -5.17 -13.61 -1.86
N PHE A 96 -6.26 -13.28 -2.53
CA PHE A 96 -6.52 -13.81 -3.86
C PHE A 96 -5.43 -13.37 -4.83
N PHE A 97 -5.10 -12.08 -4.82
CA PHE A 97 -4.09 -11.53 -5.71
C PHE A 97 -2.67 -11.96 -5.32
N LYS A 98 -2.38 -12.02 -4.02
CA LYS A 98 -1.03 -12.38 -3.57
C LYS A 98 -0.65 -13.78 -4.04
N LYS A 99 -1.56 -14.75 -3.91
CA LYS A 99 -1.25 -16.10 -4.34
C LYS A 99 -1.08 -16.15 -5.86
N CYS A 100 -1.65 -15.16 -6.53
CA CYS A 100 -1.56 -15.06 -7.99
C CYS A 100 -0.39 -14.18 -8.39
N ARG A 101 0.11 -13.38 -7.45
CA ARG A 101 1.22 -12.48 -7.71
C ARG A 101 0.92 -11.58 -8.91
N VAL A 102 -0.38 -11.41 -9.19
CA VAL A 102 -0.79 -10.58 -10.31
C VAL A 102 -0.71 -9.09 -9.95
N ILE A 103 -0.66 -8.82 -8.65
CA ILE A 103 -0.59 -7.45 -8.17
C ILE A 103 -1.84 -6.66 -8.58
N PRO A 104 -2.64 -6.17 -7.65
CA PRO A 104 -3.87 -5.40 -7.99
C PRO A 104 -3.55 -4.00 -8.51
N SER A 105 -4.41 -3.48 -9.39
CA SER A 105 -4.23 -2.15 -9.96
C SER A 105 -5.57 -1.56 -10.38
N GLN A 106 -5.56 -0.32 -10.86
CA GLN A 106 -6.79 0.32 -11.28
C GLN A 106 -7.41 -0.37 -12.49
N GLU A 107 -6.57 -0.83 -13.41
CA GLU A 107 -7.07 -1.51 -14.60
C GLU A 107 -7.94 -2.70 -14.22
N HIS A 108 -7.76 -3.19 -12.99
CA HIS A 108 -8.55 -4.33 -12.52
C HIS A 108 -9.93 -3.88 -12.05
N LEU A 109 -10.11 -2.57 -11.90
CA LEU A 109 -11.40 -2.05 -11.46
C LEU A 109 -12.47 -2.38 -12.49
N ASN A 110 -13.54 -3.02 -12.03
CA ASN A 110 -14.64 -3.40 -12.93
C ASN A 110 -14.12 -4.32 -14.04
N GLY A 111 -14.95 -5.28 -14.42
CA GLY A 111 -14.62 -6.23 -15.48
C GLY A 111 -14.18 -7.59 -14.90
N PRO A 112 -14.01 -8.60 -15.73
CA PRO A 112 -13.61 -9.97 -15.26
C PRO A 112 -12.27 -9.98 -14.52
N LEU A 113 -12.12 -10.95 -13.61
CA LEU A 113 -10.91 -11.09 -12.80
C LEU A 113 -9.89 -12.01 -13.49
N PRO A 114 -8.60 -11.88 -13.20
CA PRO A 114 -7.54 -12.72 -13.82
C PRO A 114 -7.48 -14.12 -13.21
N VAL A 115 -6.35 -14.79 -13.44
CA VAL A 115 -6.15 -16.15 -12.92
C VAL A 115 -4.65 -16.51 -12.92
N PRO A 116 -4.21 -17.35 -11.98
CA PRO A 116 -2.77 -17.79 -11.89
C PRO A 116 -2.31 -18.62 -13.10
N PHE A 117 -1.00 -18.78 -13.20
CA PHE A 117 -0.39 -19.54 -14.28
C PHE A 117 1.05 -19.89 -13.95
N THR A 118 1.27 -20.41 -12.75
CA THR A 118 2.62 -20.76 -12.32
C THR A 118 3.19 -21.89 -13.17
N ASN A 119 2.30 -22.79 -13.60
CA ASN A 119 2.71 -23.93 -14.41
C ASN A 119 2.75 -23.55 -15.89
N GLY A 120 3.69 -24.16 -16.62
CA GLY A 120 3.84 -23.88 -18.05
C GLY A 120 5.25 -24.19 -18.50
N GLU A 121 6.21 -24.08 -17.58
CA GLU A 121 7.62 -24.35 -17.91
C GLU A 121 7.91 -25.84 -17.81
N ILE A 122 9.00 -26.26 -18.43
CA ILE A 122 9.39 -27.66 -18.41
C ILE A 122 9.96 -28.05 -17.05
N GLN A 123 9.59 -29.24 -16.58
CA GLN A 123 10.06 -29.72 -15.29
C GLN A 123 9.73 -28.73 -14.19
N LYS A 124 9.74 -29.20 -12.94
CA LYS A 124 9.43 -28.35 -11.81
C LYS A 124 10.55 -27.33 -11.59
N GLU A 125 10.17 -26.07 -11.39
CA GLU A 125 11.15 -25.02 -11.16
C GLU A 125 11.75 -25.12 -9.76
N ASN A 126 13.04 -24.87 -9.64
CA ASN A 126 13.72 -24.93 -8.36
C ASN A 126 13.50 -26.30 -7.72
N SER A 127 13.45 -27.34 -8.55
CA SER A 127 13.24 -28.69 -8.06
C SER A 127 14.40 -29.11 -7.15
N ARG A 128 15.62 -28.78 -7.57
CA ARG A 128 16.81 -29.13 -6.80
C ARG A 128 16.70 -30.52 -6.19
N GLU A 129 16.83 -31.54 -7.03
CA GLU A 129 16.73 -32.93 -6.56
C GLU A 129 18.10 -33.60 -6.60
N ALA A 130 19.09 -32.89 -7.14
CA ALA A 130 20.45 -33.41 -7.24
C ALA A 130 20.43 -34.90 -7.62
N LEU A 131 21.53 -35.59 -7.38
CA LEU A 131 21.63 -37.01 -7.71
C LEU A 131 20.84 -37.83 -6.68
N ALA A 132 20.24 -38.92 -7.15
CA ALA A 132 19.46 -39.77 -6.26
C ALA A 132 20.33 -40.36 -5.16
N GLU A 133 19.76 -40.44 -3.95
CA GLU A 133 20.49 -40.98 -2.80
C GLU A 133 20.11 -42.45 -2.57
N ALA A 134 21.10 -43.33 -2.64
CA ALA A 134 20.86 -44.75 -2.44
C ALA A 134 21.03 -45.12 -0.97
N ALA A 135 21.57 -46.31 -0.72
CA ALA A 135 21.77 -46.78 0.64
C ALA A 135 20.50 -46.62 1.47
N LEU A 136 19.60 -47.60 1.36
CA LEU A 136 18.36 -47.56 2.11
C LEU A 136 18.59 -47.94 3.57
N GLU A 137 17.90 -47.26 4.47
CA GLU A 137 18.05 -47.53 5.89
C GLU A 137 17.60 -48.95 6.21
N SER A 138 18.52 -49.75 6.74
CA SER A 138 18.20 -51.12 7.10
C SER A 138 19.38 -51.75 7.87
N PRO A 139 19.19 -52.89 8.48
CA PRO A 139 20.29 -53.58 9.24
C PRO A 139 21.48 -53.90 8.34
N ARG A 140 22.65 -53.83 8.95
CA ARG A 140 23.90 -54.13 8.24
C ARG A 140 24.08 -55.63 8.00
N PRO A 141 23.90 -56.48 9.01
CA PRO A 141 24.06 -57.98 8.86
C PRO A 141 23.29 -58.50 7.65
N ALA A 142 23.96 -59.39 6.91
CA ALA A 142 23.39 -59.94 5.70
C ALA A 142 24.15 -61.19 5.28
N LEU A 143 23.46 -62.10 4.61
CA LEU A 143 24.07 -63.33 4.14
C LEU A 143 24.94 -63.07 2.90
N VAL A 144 26.04 -63.83 2.77
CA VAL A 144 26.93 -63.67 1.62
C VAL A 144 26.17 -63.89 0.31
N ARG A 145 25.60 -62.80 -0.22
CA ARG A 145 24.84 -62.87 -1.47
C ARG A 145 25.12 -61.63 -2.32
N SER A 146 25.02 -61.78 -3.63
CA SER A 146 25.27 -60.67 -4.54
C SER A 146 24.19 -59.60 -4.39
N ALA A 147 24.60 -58.33 -4.48
CA ALA A 147 23.65 -57.23 -4.34
C ALA A 147 24.32 -55.91 -4.71
N SER A 148 25.22 -55.45 -3.87
CA SER A 148 25.93 -54.20 -4.11
C SER A 148 24.95 -53.10 -4.55
N SER A 149 23.67 -53.31 -4.24
CA SER A 149 22.65 -52.35 -4.61
C SER A 149 22.91 -51.00 -3.93
N ASP A 150 23.27 -51.04 -2.65
CA ASP A 150 23.55 -49.82 -1.92
C ASP A 150 24.84 -49.19 -2.41
N THR A 151 24.88 -47.86 -2.47
CA THR A 151 26.07 -47.13 -2.92
C THR A 151 26.54 -46.16 -1.84
N SER A 152 27.82 -46.24 -1.49
CA SER A 152 28.39 -45.37 -0.47
C SER A 152 28.64 -43.98 -1.04
N GLU A 153 28.80 -43.00 -0.15
CA GLU A 153 29.06 -41.63 -0.59
C GLU A 153 29.71 -40.84 0.54
N GLU A 154 31.04 -40.79 0.53
CA GLU A 154 31.79 -40.06 1.56
C GLU A 154 32.35 -38.75 1.00
N LEU A 155 32.18 -38.55 -0.30
CA LEU A 155 32.67 -37.33 -0.95
C LEU A 155 31.51 -36.36 -1.17
N ASN A 156 31.57 -35.20 -0.52
CA ASN A 156 30.53 -34.19 -0.65
C ASN A 156 31.11 -32.81 -0.39
N SER A 157 30.32 -31.78 -0.69
CA SER A 157 30.74 -30.39 -0.48
C SER A 157 29.65 -29.59 0.22
N GLN A 158 30.05 -28.61 1.01
CA GLN A 158 29.10 -27.78 1.74
C GLN A 158 28.07 -28.65 2.46
N ASP A 159 28.33 -29.97 2.51
CA ASP A 159 27.41 -30.90 3.17
C ASP A 159 28.19 -31.93 3.98
N SER A 160 29.26 -31.47 4.64
CA SER A 160 30.09 -32.37 5.45
C SER A 160 29.25 -33.08 6.52
N PRO A 161 28.72 -32.36 7.47
CA PRO A 161 27.89 -32.97 8.57
C PRO A 161 26.65 -33.71 8.04
N PRO A 162 25.92 -34.40 8.90
CA PRO A 162 24.68 -35.15 8.46
C PRO A 162 23.64 -34.21 7.87
N LYS A 163 22.84 -34.74 6.95
CA LYS A 163 21.80 -33.93 6.31
C LYS A 163 20.91 -33.25 7.35
N GLN A 164 21.17 -31.96 7.58
CA GLN A 164 20.39 -31.19 8.54
C GLN A 164 20.28 -29.74 8.07
N ASP A 165 19.84 -28.86 8.96
CA ASP A 165 19.70 -27.44 8.60
C ASP A 165 18.76 -27.28 7.42
N SER A 166 17.68 -28.06 7.42
CA SER A 166 16.69 -28.00 6.34
C SER A 166 15.28 -28.01 6.92
N THR A 167 14.40 -27.22 6.31
CA THR A 167 13.01 -27.15 6.76
C THR A 167 12.93 -27.05 8.28
N ALA A 168 13.16 -25.87 8.83
CA ALA A 168 13.08 -25.71 10.29
C ALA A 168 13.22 -24.23 10.69
N PRO A 169 12.51 -23.80 11.71
CA PRO A 169 12.58 -22.38 12.19
C PRO A 169 13.95 -22.05 12.77
N SER A 170 14.54 -20.97 12.27
CA SER A 170 15.85 -20.52 12.73
C SER A 170 15.93 -19.01 12.61
N SER A 171 16.57 -18.37 13.58
CA SER A 171 16.71 -16.92 13.57
C SER A 171 18.07 -16.51 14.11
N THR A 172 18.06 -15.71 15.17
CA THR A 172 19.30 -15.23 15.79
C THR A 172 19.26 -15.46 17.30
N SER A 173 20.34 -16.04 17.81
CA SER A 173 20.44 -16.33 19.23
C SER A 173 20.40 -15.05 20.07
N SER A 174 21.12 -14.03 19.62
CA SER A 174 21.16 -12.76 20.33
C SER A 174 19.77 -12.13 20.38
N SER A 175 19.47 -11.45 21.49
CA SER A 175 18.17 -10.79 21.67
C SER A 175 18.29 -9.29 21.42
N ASP A 176 19.36 -8.90 20.69
CA ASP A 176 19.59 -7.47 20.39
C ASP A 176 19.96 -7.22 18.92
N PRO A 177 19.40 -7.97 17.99
CA PRO A 177 19.68 -7.80 16.53
C PRO A 177 19.18 -6.47 15.99
N ILE A 178 19.66 -6.12 14.79
CA ILE A 178 19.23 -4.90 14.14
C ILE A 178 17.90 -5.17 13.46
N LEU A 179 17.63 -6.46 13.28
CA LEU A 179 16.40 -6.93 12.66
C LEU A 179 15.65 -7.81 13.64
N ASP A 180 14.42 -7.42 13.93
CA ASP A 180 13.57 -8.17 14.86
C ASP A 180 12.84 -9.30 14.13
N PHE A 181 12.76 -10.46 14.77
CA PHE A 181 12.09 -11.62 14.18
C PHE A 181 11.31 -12.37 15.24
N ASN A 182 12.01 -12.83 16.26
CA ASN A 182 11.38 -13.57 17.35
C ASN A 182 10.39 -12.69 18.10
N ILE A 183 10.75 -11.43 18.29
CA ILE A 183 9.89 -10.49 18.99
C ILE A 183 8.57 -10.31 18.24
N SER A 184 8.67 -10.18 16.92
CA SER A 184 7.48 -10.00 16.10
C SER A 184 6.54 -11.20 16.26
N LEU A 185 7.12 -12.39 16.21
CA LEU A 185 6.32 -13.61 16.36
C LEU A 185 5.72 -13.69 17.76
N ALA A 186 6.55 -13.39 18.78
CA ALA A 186 6.10 -13.44 20.17
C ALA A 186 5.04 -12.37 20.46
N MET A 187 5.34 -11.14 20.09
CA MET A 187 4.40 -10.04 20.34
C MET A 187 3.14 -10.21 19.48
N ALA A 188 3.19 -11.15 18.55
CA ALA A 188 2.07 -11.41 17.66
C ALA A 188 0.82 -11.76 18.47
N LYS A 189 1.02 -12.50 19.56
CA LYS A 189 -0.10 -12.90 20.40
C LYS A 189 -0.76 -11.69 21.04
N GLU A 190 0.04 -10.73 21.48
CA GLU A 190 -0.47 -9.51 22.11
C GLU A 190 -1.37 -8.75 21.15
N ARG A 191 -1.24 -9.03 19.85
CA ARG A 191 -2.05 -8.36 18.85
C ARG A 191 -3.54 -8.61 19.10
N ALA A 192 -3.88 -9.86 19.40
CA ALA A 192 -5.27 -10.23 19.66
C ALA A 192 -5.80 -9.52 20.90
N HIS A 193 -4.93 -9.39 21.91
CA HIS A 193 -5.30 -8.74 23.16
C HIS A 193 -5.59 -7.26 22.96
N GLN A 194 -4.86 -6.65 22.02
CA GLN A 194 -5.03 -5.23 21.73
C GLN A 194 -4.77 -4.40 23.00
N LYS A 195 -3.64 -4.65 23.64
CA LYS A 195 -3.26 -3.93 24.86
C LYS A 195 -1.92 -3.24 24.67
N ARG A 196 -1.76 -2.10 25.34
CA ARG A 196 -0.53 -1.34 25.24
C ARG A 196 0.62 -2.05 25.94
N SER A 197 1.84 -1.79 25.49
CA SER A 197 3.01 -2.41 26.08
C SER A 197 3.19 -1.98 27.53
N SER A 198 4.05 -2.68 28.25
CA SER A 198 4.30 -2.36 29.65
C SER A 198 4.89 -0.96 29.79
N LYS A 199 4.90 -0.46 31.02
CA LYS A 199 5.45 0.87 31.30
C LYS A 199 4.69 1.93 30.49
N ARG A 200 4.07 2.87 31.21
CA ARG A 200 3.31 3.93 30.55
C ARG A 200 4.24 4.97 29.95
N ALA A 201 3.85 5.50 28.80
CA ALA A 201 4.66 6.52 28.14
C ALA A 201 4.71 7.80 28.98
N PRO A 202 5.78 8.54 28.94
CA PRO A 202 5.91 9.80 29.74
C PRO A 202 4.86 10.85 29.35
N GLN A 203 4.40 11.62 30.34
CA GLN A 203 3.39 12.65 30.11
C GLN A 203 3.71 13.89 30.96
N MET A 204 4.98 14.29 30.97
CA MET A 204 5.39 15.46 31.74
C MET A 204 4.74 16.72 31.20
N ASP A 205 4.65 16.82 29.87
CA ASP A 205 4.06 18.00 29.23
C ASP A 205 4.96 19.22 29.41
N TRP A 206 5.58 19.34 30.58
CA TRP A 206 6.47 20.47 30.85
C TRP A 206 7.83 20.24 30.21
N SER A 207 8.05 19.04 29.70
CA SER A 207 9.32 18.71 29.05
C SER A 207 9.52 19.56 27.80
N LYS A 208 10.77 19.96 27.56
CA LYS A 208 11.08 20.77 26.39
C LYS A 208 10.80 20.01 25.10
N LYS A 209 11.18 18.73 25.08
CA LYS A 209 10.97 17.91 23.90
C LYS A 209 9.50 17.49 23.79
N ASN A 210 8.93 17.63 22.60
CA ASN A 210 7.53 17.27 22.36
C ASN A 210 7.43 15.89 21.72
N GLU A 211 6.85 14.94 22.46
CA GLU A 211 6.71 13.58 21.96
C GLU A 211 5.74 13.55 20.77
N LEU A 212 4.69 14.35 20.86
CA LEU A 212 3.69 14.42 19.79
C LEU A 212 3.98 15.58 18.84
N PHE A 213 3.97 15.30 17.55
CA PHE A 213 4.24 16.33 16.54
C PHE A 213 3.44 16.05 15.26
N SER A 214 3.22 17.10 14.48
CA SER A 214 2.47 16.96 13.22
C SER A 214 1.25 16.06 13.43
N ASN A 215 0.16 16.66 13.91
CA ASN A 215 -1.08 15.90 14.14
C ASN A 215 -1.92 15.85 12.87
N LEU A 216 -2.01 14.66 12.28
CA LEU A 216 -2.79 14.49 11.06
C LEU A 216 -4.28 14.53 11.38
N GLY A 1 -24.79 -15.77 -16.82
CA GLY A 1 -24.92 -15.38 -15.38
C GLY A 1 -23.68 -14.60 -14.96
N ILE A 2 -23.60 -14.25 -13.67
CA ILE A 2 -22.46 -13.52 -13.13
C ILE A 2 -21.59 -14.43 -12.27
N ASP A 3 -20.30 -14.47 -12.56
CA ASP A 3 -19.39 -15.32 -11.81
C ASP A 3 -19.11 -14.70 -10.44
N PRO A 4 -18.95 -15.51 -9.41
CA PRO A 4 -18.67 -14.99 -8.03
C PRO A 4 -17.26 -14.42 -7.91
N PHE A 5 -16.38 -14.84 -8.81
CA PHE A 5 -15.00 -14.39 -8.79
C PHE A 5 -14.88 -12.90 -9.14
N THR A 6 -15.70 -12.46 -10.08
CA THR A 6 -15.67 -11.07 -10.50
C THR A 6 -15.93 -10.13 -9.34
N MET A 7 -16.59 -10.62 -8.29
CA MET A 7 -16.89 -9.79 -7.14
C MET A 7 -15.61 -9.37 -6.42
N LEU A 8 -14.67 -10.29 -6.37
CA LEU A 8 -13.40 -10.02 -5.71
C LEU A 8 -12.55 -9.09 -6.57
N ARG A 9 -12.83 -7.79 -6.50
CA ARG A 9 -12.08 -6.79 -7.28
C ARG A 9 -11.70 -5.60 -6.40
N PRO A 10 -10.65 -4.89 -6.74
CA PRO A 10 -10.20 -3.69 -5.96
C PRO A 10 -11.17 -2.53 -6.09
N ARG A 11 -11.13 -1.62 -5.12
CA ARG A 11 -11.99 -0.44 -5.13
C ARG A 11 -11.15 0.82 -4.93
N LEU A 12 -11.47 1.86 -5.68
CA LEU A 12 -10.73 3.13 -5.60
C LEU A 12 -11.49 4.13 -4.73
N CYS A 13 -10.93 4.40 -3.55
CA CYS A 13 -11.54 5.35 -2.62
C CYS A 13 -11.10 6.76 -2.93
N THR A 14 -12.07 7.62 -3.28
CA THR A 14 -11.78 9.01 -3.60
C THR A 14 -12.35 9.92 -2.52
N MET A 15 -11.48 10.70 -1.88
CA MET A 15 -11.91 11.61 -0.82
C MET A 15 -11.29 12.99 -1.01
N LYS A 16 -12.06 14.03 -0.69
CA LYS A 16 -11.61 15.41 -0.81
C LYS A 16 -11.27 16.00 0.55
N LYS A 17 -10.17 16.75 0.61
CA LYS A 17 -9.74 17.37 1.87
C LYS A 17 -10.53 18.66 2.14
N GLY A 18 -10.88 18.86 3.40
CA GLY A 18 -11.62 20.05 3.79
C GLY A 18 -11.42 20.34 5.28
N PRO A 19 -11.82 19.42 6.15
CA PRO A 19 -11.66 19.59 7.62
C PRO A 19 -10.18 19.63 8.02
N SER A 20 -9.45 20.62 7.50
CA SER A 20 -8.03 20.74 7.81
C SER A 20 -7.28 19.45 7.52
N GLY A 21 -7.80 18.66 6.57
CA GLY A 21 -7.17 17.40 6.20
C GLY A 21 -8.21 16.36 5.80
N TYR A 22 -7.74 15.25 5.21
CA TYR A 22 -8.63 14.19 4.79
C TYR A 22 -9.33 13.55 5.98
N GLY A 23 -8.59 13.37 7.07
CA GLY A 23 -9.15 12.77 8.29
C GLY A 23 -9.00 11.25 8.28
N PHE A 24 -7.77 10.79 8.12
CA PHE A 24 -7.48 9.35 8.10
C PHE A 24 -6.06 9.10 8.62
N ASN A 25 -5.88 7.98 9.34
CA ASN A 25 -4.57 7.63 9.91
C ASN A 25 -3.99 6.37 9.28
N LEU A 26 -2.68 6.37 9.07
CA LEU A 26 -1.99 5.23 8.50
C LEU A 26 -0.52 5.23 8.90
N HIS A 27 0.14 4.08 8.79
CA HIS A 27 1.54 3.96 9.14
C HIS A 27 1.76 4.33 10.61
N SER A 28 2.47 3.47 11.33
CA SER A 28 2.74 3.71 12.74
C SER A 28 3.79 2.74 13.26
N ASP A 29 3.90 1.58 12.60
CA ASP A 29 4.86 0.57 13.01
C ASP A 29 6.19 0.76 12.28
N LYS A 30 7.18 1.24 13.02
CA LYS A 30 8.51 1.46 12.45
C LYS A 30 9.11 0.13 11.98
N SER A 31 8.89 -0.90 12.78
CA SER A 31 9.42 -2.23 12.48
C SER A 31 8.85 -2.77 11.16
N LYS A 32 7.61 -2.39 10.84
CA LYS A 32 6.94 -2.85 9.61
C LYS A 32 7.10 -1.79 8.50
N PRO A 33 7.93 -2.01 7.50
CA PRO A 33 8.13 -1.01 6.39
C PRO A 33 6.81 -0.61 5.74
N GLY A 34 5.97 -1.61 5.48
CA GLY A 34 4.68 -1.37 4.84
C GLY A 34 3.81 -0.43 5.66
N GLN A 35 2.78 0.14 5.01
CA GLN A 35 1.87 1.06 5.69
C GLN A 35 0.41 0.74 5.36
N PHE A 36 -0.44 0.80 6.38
CA PHE A 36 -1.87 0.51 6.23
C PHE A 36 -2.70 1.44 7.09
N ILE A 37 -4.01 1.51 6.83
CA ILE A 37 -4.90 2.37 7.59
C ILE A 37 -5.09 1.82 9.01
N ARG A 38 -4.59 2.54 10.00
CA ARG A 38 -4.73 2.12 11.39
C ARG A 38 -6.14 2.35 11.88
N SER A 39 -6.68 3.52 11.57
CA SER A 39 -8.04 3.88 11.98
C SER A 39 -8.56 5.00 11.09
N VAL A 40 -9.90 5.09 11.01
CA VAL A 40 -10.54 6.13 10.20
C VAL A 40 -11.49 6.94 11.08
N ASP A 41 -11.37 8.26 11.01
CA ASP A 41 -12.22 9.13 11.80
C ASP A 41 -13.70 8.92 11.38
N PRO A 42 -14.56 8.45 12.27
CA PRO A 42 -15.99 8.22 11.91
C PRO A 42 -16.60 9.41 11.17
N ASP A 43 -16.17 10.62 11.51
CA ASP A 43 -16.69 11.83 10.87
C ASP A 43 -15.68 12.36 9.84
N SER A 44 -15.44 11.59 8.78
CA SER A 44 -14.50 12.02 7.74
C SER A 44 -14.92 11.47 6.37
N PRO A 45 -14.65 12.18 5.29
CA PRO A 45 -15.02 11.73 3.93
C PRO A 45 -14.28 10.46 3.53
N ALA A 46 -13.14 10.21 4.18
CA ALA A 46 -12.36 9.01 3.90
C ALA A 46 -13.20 7.79 4.19
N GLU A 47 -14.04 7.88 5.21
CA GLU A 47 -14.91 6.77 5.60
C GLU A 47 -15.96 6.53 4.52
N ALA A 48 -16.57 7.60 4.04
CA ALA A 48 -17.60 7.51 3.01
C ALA A 48 -17.02 7.00 1.70
N SER A 49 -15.79 7.40 1.40
CA SER A 49 -15.14 6.99 0.16
C SER A 49 -15.07 5.47 0.06
N GLY A 50 -14.93 4.80 1.19
CA GLY A 50 -14.84 3.33 1.23
C GLY A 50 -13.53 2.88 1.85
N LEU A 51 -12.93 3.76 2.65
CA LEU A 51 -11.66 3.44 3.31
C LEU A 51 -11.92 2.94 4.73
N ARG A 52 -11.36 1.78 5.06
CA ARG A 52 -11.54 1.20 6.40
C ARG A 52 -10.23 1.14 7.15
N ALA A 53 -10.28 0.46 8.28
CA ALA A 53 -9.12 0.30 9.17
C ALA A 53 -8.30 -0.94 8.82
N GLN A 54 -8.78 -1.74 7.85
CA GLN A 54 -8.08 -2.96 7.45
C GLN A 54 -7.69 -2.89 5.96
N ASP A 55 -7.76 -1.69 5.39
CA ASP A 55 -7.41 -1.50 3.98
C ASP A 55 -5.91 -1.29 3.80
N ARG A 56 -5.42 -1.56 2.60
CA ARG A 56 -3.99 -1.40 2.29
C ARG A 56 -3.81 -0.53 1.05
N ILE A 57 -2.85 0.38 1.09
CA ILE A 57 -2.61 1.27 -0.05
C ILE A 57 -1.76 0.57 -1.09
N VAL A 58 -2.31 0.42 -2.31
CA VAL A 58 -1.58 -0.23 -3.40
C VAL A 58 -1.11 0.81 -4.41
N GLU A 59 -2.01 1.71 -4.78
CA GLU A 59 -1.68 2.77 -5.74
C GLU A 59 -2.39 4.07 -5.36
N VAL A 60 -1.75 5.20 -5.67
CA VAL A 60 -2.32 6.52 -5.38
C VAL A 60 -2.44 7.33 -6.65
N ASN A 61 -3.61 7.90 -6.89
CA ASN A 61 -3.83 8.69 -8.08
C ASN A 61 -3.38 7.94 -9.32
N GLY A 62 -3.16 6.63 -9.19
CA GLY A 62 -2.74 5.80 -10.32
C GLY A 62 -1.22 5.63 -10.38
N VAL A 63 -0.54 5.78 -9.24
CA VAL A 63 0.93 5.63 -9.19
C VAL A 63 1.31 4.40 -8.37
N CYS A 64 2.47 3.83 -8.67
CA CYS A 64 2.93 2.63 -7.97
C CYS A 64 3.55 2.96 -6.62
N MET A 65 3.12 2.24 -5.58
CA MET A 65 3.62 2.44 -4.22
C MET A 65 4.57 1.30 -3.83
N GLU A 66 4.65 0.28 -4.67
CA GLU A 66 5.52 -0.86 -4.40
C GLU A 66 6.99 -0.47 -4.48
N GLY A 67 7.76 -0.83 -3.46
CA GLY A 67 9.18 -0.51 -3.43
C GLY A 67 9.40 0.98 -3.22
N LYS A 68 8.38 1.66 -2.69
CA LYS A 68 8.47 3.10 -2.43
C LYS A 68 8.53 3.37 -0.93
N GLN A 69 9.20 4.45 -0.56
CA GLN A 69 9.32 4.83 0.84
C GLN A 69 8.00 5.42 1.34
N HIS A 70 7.77 5.32 2.65
CA HIS A 70 6.54 5.85 3.23
C HIS A 70 6.35 7.31 2.85
N GLY A 71 7.44 8.01 2.56
CA GLY A 71 7.37 9.42 2.19
C GLY A 71 6.74 9.60 0.81
N ASP A 72 6.65 8.51 0.06
CA ASP A 72 6.08 8.56 -1.28
C ASP A 72 4.56 8.68 -1.24
N VAL A 73 3.93 8.08 -0.22
CA VAL A 73 2.46 8.13 -0.12
C VAL A 73 1.96 9.57 0.06
N VAL A 74 2.63 10.33 0.92
CA VAL A 74 2.24 11.71 1.16
C VAL A 74 2.54 12.54 -0.08
N SER A 75 3.67 12.25 -0.70
CA SER A 75 4.08 12.96 -1.91
C SER A 75 3.07 12.75 -3.04
N ALA A 76 2.61 11.51 -3.17
CA ALA A 76 1.64 11.18 -4.22
C ALA A 76 0.34 11.95 -4.01
N ILE A 77 -0.05 12.10 -2.75
CA ILE A 77 -1.28 12.82 -2.42
C ILE A 77 -1.17 14.29 -2.83
N ARG A 78 -0.01 14.88 -2.57
CA ARG A 78 0.21 16.28 -2.92
C ARG A 78 0.08 16.47 -4.43
N ALA A 79 0.51 15.48 -5.18
CA ALA A 79 0.44 15.56 -6.65
C ALA A 79 -1.01 15.67 -7.10
N GLY A 80 -1.91 14.96 -6.41
CA GLY A 80 -3.33 14.99 -6.76
C GLY A 80 -3.89 16.39 -6.58
N GLY A 81 -3.49 17.06 -5.50
CA GLY A 81 -3.96 18.42 -5.22
C GLY A 81 -4.79 18.46 -3.94
N ASP A 82 -6.00 19.03 -4.05
CA ASP A 82 -6.89 19.15 -2.90
C ASP A 82 -7.67 17.87 -2.69
N GLU A 83 -7.47 16.89 -3.57
CA GLU A 83 -8.18 15.61 -3.49
C GLU A 83 -7.19 14.46 -3.62
N THR A 84 -7.64 13.25 -3.26
CA THR A 84 -6.76 12.07 -3.35
C THR A 84 -7.57 10.82 -3.71
N LYS A 85 -6.89 9.82 -4.25
CA LYS A 85 -7.53 8.56 -4.63
C LYS A 85 -6.66 7.38 -4.24
N LEU A 86 -7.09 6.64 -3.22
CA LEU A 86 -6.35 5.48 -2.73
C LEU A 86 -6.97 4.18 -3.23
N LEU A 87 -6.12 3.29 -3.75
CA LEU A 87 -6.60 2.01 -4.26
C LEU A 87 -6.41 0.95 -3.18
N VAL A 88 -7.52 0.34 -2.75
CA VAL A 88 -7.49 -0.69 -1.70
C VAL A 88 -8.29 -1.92 -2.13
N VAL A 89 -8.13 -3.01 -1.39
CA VAL A 89 -8.84 -4.25 -1.70
C VAL A 89 -9.62 -4.74 -0.49
N ASP A 90 -10.60 -5.61 -0.73
CA ASP A 90 -11.41 -6.16 0.34
C ASP A 90 -10.66 -7.30 1.01
N ARG A 91 -11.18 -7.79 2.14
CA ARG A 91 -10.52 -8.87 2.85
C ARG A 91 -10.48 -10.14 1.99
N GLU A 92 -11.58 -10.43 1.29
CA GLU A 92 -11.62 -11.61 0.43
C GLU A 92 -10.71 -11.38 -0.78
N THR A 93 -10.78 -10.17 -1.33
CA THR A 93 -9.98 -9.82 -2.48
C THR A 93 -8.49 -9.82 -2.15
N ASP A 94 -8.15 -9.27 -0.99
CA ASP A 94 -6.76 -9.19 -0.57
C ASP A 94 -6.10 -10.55 -0.59
N GLU A 95 -6.73 -11.53 0.04
CA GLU A 95 -6.16 -12.88 0.08
C GLU A 95 -6.17 -13.53 -1.31
N PHE A 96 -7.20 -13.22 -2.09
CA PHE A 96 -7.31 -13.79 -3.43
C PHE A 96 -6.13 -13.38 -4.30
N PHE A 97 -5.79 -12.10 -4.28
CA PHE A 97 -4.68 -11.58 -5.07
C PHE A 97 -3.32 -11.98 -4.48
N LYS A 98 -3.21 -12.00 -3.15
CA LYS A 98 -1.94 -12.33 -2.50
C LYS A 98 -1.46 -13.74 -2.89
N LYS A 99 -2.37 -14.71 -2.91
CA LYS A 99 -1.96 -16.07 -3.28
C LYS A 99 -1.63 -16.12 -4.77
N CYS A 100 -2.15 -15.14 -5.52
CA CYS A 100 -1.89 -15.06 -6.95
C CYS A 100 -0.63 -14.26 -7.23
N ARG A 101 -0.09 -13.63 -6.19
CA ARG A 101 1.12 -12.82 -6.32
C ARG A 101 0.95 -11.75 -7.40
N VAL A 102 -0.20 -11.06 -7.36
CA VAL A 102 -0.50 -10.00 -8.32
C VAL A 102 -0.66 -8.67 -7.60
N ILE A 103 -0.13 -7.60 -8.19
CA ILE A 103 -0.24 -6.29 -7.56
C ILE A 103 -1.43 -5.50 -8.13
N PRO A 104 -2.57 -5.47 -7.45
CA PRO A 104 -3.77 -4.75 -7.93
C PRO A 104 -3.43 -3.38 -8.58
N SER A 105 -4.26 -2.98 -9.54
CA SER A 105 -4.06 -1.70 -10.24
C SER A 105 -5.41 -1.15 -10.70
N GLN A 106 -5.45 0.12 -11.08
CA GLN A 106 -6.70 0.75 -11.51
C GLN A 106 -7.26 0.10 -12.78
N GLU A 107 -6.42 -0.54 -13.57
CA GLU A 107 -6.88 -1.17 -14.79
C GLU A 107 -7.90 -2.26 -14.47
N HIS A 108 -7.72 -2.91 -13.32
CA HIS A 108 -8.63 -3.97 -12.89
C HIS A 108 -10.02 -3.42 -12.61
N LEU A 109 -10.09 -2.13 -12.28
CA LEU A 109 -11.38 -1.52 -11.97
C LEU A 109 -12.30 -1.59 -13.20
N ASN A 110 -11.73 -1.34 -14.36
CA ASN A 110 -12.50 -1.39 -15.61
C ASN A 110 -12.31 -2.74 -16.30
N GLY A 111 -11.06 -3.22 -16.33
CA GLY A 111 -10.76 -4.49 -16.97
C GLY A 111 -11.09 -5.67 -16.03
N PRO A 112 -11.25 -6.84 -16.57
CA PRO A 112 -11.58 -8.06 -15.76
C PRO A 112 -10.40 -8.54 -14.90
N LEU A 113 -10.74 -9.24 -13.81
CA LEU A 113 -9.74 -9.76 -12.89
C LEU A 113 -8.51 -10.30 -13.64
N PRO A 114 -7.38 -10.37 -12.98
CA PRO A 114 -6.11 -10.89 -13.61
C PRO A 114 -6.17 -12.40 -13.82
N VAL A 115 -7.07 -13.05 -13.07
CA VAL A 115 -7.24 -14.50 -13.12
C VAL A 115 -6.90 -15.06 -14.52
N PRO A 116 -6.37 -16.27 -14.59
CA PRO A 116 -6.00 -16.90 -15.89
C PRO A 116 -7.24 -17.27 -16.70
N PHE A 117 -8.15 -18.01 -16.06
CA PHE A 117 -9.38 -18.43 -16.72
C PHE A 117 -10.31 -19.10 -15.72
N THR A 118 -10.74 -18.34 -14.70
CA THR A 118 -11.63 -18.86 -13.67
C THR A 118 -13.06 -18.41 -13.92
N ASN A 119 -13.27 -17.72 -15.04
CA ASN A 119 -14.59 -17.23 -15.39
C ASN A 119 -15.55 -18.39 -15.65
N GLY A 120 -15.00 -19.61 -15.70
CA GLY A 120 -15.81 -20.80 -15.95
C GLY A 120 -16.03 -21.00 -17.45
N GLU A 121 -16.79 -22.04 -17.79
CA GLU A 121 -17.07 -22.34 -19.20
C GLU A 121 -18.52 -22.82 -19.36
N ILE A 122 -19.05 -22.64 -20.57
CA ILE A 122 -20.43 -23.04 -20.86
C ILE A 122 -20.47 -24.48 -21.37
N GLN A 123 -19.39 -25.21 -21.13
CA GLN A 123 -19.31 -26.60 -21.55
C GLN A 123 -19.55 -26.71 -23.06
N LYS A 124 -18.48 -26.76 -23.84
CA LYS A 124 -18.58 -26.87 -25.29
C LYS A 124 -17.60 -27.92 -25.81
N GLU A 125 -18.13 -28.99 -26.39
CA GLU A 125 -17.29 -30.06 -26.93
C GLU A 125 -16.16 -30.39 -25.97
N ASN A 126 -16.37 -30.13 -24.68
CA ASN A 126 -15.35 -30.41 -23.68
C ASN A 126 -14.04 -29.72 -24.04
N SER A 127 -14.05 -28.40 -23.98
CA SER A 127 -12.86 -27.62 -24.31
C SER A 127 -11.71 -27.97 -23.37
N ARG A 128 -10.49 -27.99 -23.93
CA ARG A 128 -9.30 -28.33 -23.13
C ARG A 128 -8.12 -27.44 -23.53
N GLU A 129 -7.19 -27.27 -22.61
CA GLU A 129 -6.01 -26.44 -22.85
C GLU A 129 -5.22 -27.00 -24.04
N ALA A 130 -4.73 -26.12 -24.89
CA ALA A 130 -3.96 -26.53 -26.06
C ALA A 130 -2.70 -27.27 -25.63
N LEU A 131 -2.79 -28.60 -25.56
CA LEU A 131 -1.65 -29.43 -25.18
C LEU A 131 -1.35 -30.46 -26.26
N ALA A 132 -0.11 -30.49 -26.71
CA ALA A 132 0.30 -31.44 -27.75
C ALA A 132 1.81 -31.69 -27.67
N GLU A 133 2.22 -32.88 -28.11
CA GLU A 133 3.65 -33.25 -28.09
C GLU A 133 4.13 -33.51 -29.52
N ALA A 134 3.47 -32.89 -30.49
CA ALA A 134 3.84 -33.05 -31.89
C ALA A 134 4.99 -32.14 -32.26
N ALA A 135 5.36 -31.27 -31.33
CA ALA A 135 6.46 -30.34 -31.55
C ALA A 135 7.79 -30.96 -31.12
N LEU A 136 8.83 -30.77 -31.93
CA LEU A 136 10.15 -31.33 -31.63
C LEU A 136 10.97 -30.32 -30.82
N GLU A 137 11.61 -30.81 -29.77
CA GLU A 137 12.43 -29.95 -28.92
C GLU A 137 11.61 -28.77 -28.42
N SER A 138 11.22 -28.81 -27.15
CA SER A 138 10.44 -27.72 -26.57
C SER A 138 10.48 -27.69 -25.04
N PRO A 139 11.64 -27.90 -24.42
CA PRO A 139 11.81 -27.86 -22.94
C PRO A 139 10.80 -26.93 -22.26
N ARG A 140 10.21 -27.42 -21.15
CA ARG A 140 9.23 -26.63 -20.40
C ARG A 140 9.39 -26.92 -18.90
N PRO A 141 9.38 -25.91 -18.03
CA PRO A 141 9.54 -26.13 -16.55
C PRO A 141 8.67 -27.28 -16.04
N ALA A 142 9.07 -27.84 -14.90
CA ALA A 142 8.33 -28.95 -14.29
C ALA A 142 8.59 -30.25 -15.05
N LEU A 143 8.33 -31.37 -14.38
CA LEU A 143 8.55 -32.68 -15.00
C LEU A 143 7.37 -33.04 -15.90
N VAL A 144 7.55 -34.04 -16.76
CA VAL A 144 6.50 -34.46 -17.66
C VAL A 144 5.99 -33.28 -18.48
N ARG A 145 6.60 -33.07 -19.64
CA ARG A 145 6.20 -31.97 -20.52
C ARG A 145 4.76 -32.17 -20.99
N SER A 146 4.43 -33.41 -21.34
CA SER A 146 3.08 -33.74 -21.82
C SER A 146 2.50 -34.89 -21.01
N ALA A 147 1.17 -34.92 -20.93
CA ALA A 147 0.48 -35.98 -20.18
C ALA A 147 0.72 -37.34 -20.81
N SER A 148 1.62 -38.12 -20.20
CA SER A 148 1.93 -39.46 -20.71
C SER A 148 2.48 -40.33 -19.58
N SER A 149 2.41 -41.64 -19.78
CA SER A 149 2.91 -42.58 -18.78
C SER A 149 2.23 -42.34 -17.43
N ASP A 150 1.54 -43.36 -16.92
CA ASP A 150 0.86 -43.25 -15.64
C ASP A 150 1.83 -43.48 -14.49
N THR A 151 1.41 -43.14 -13.28
CA THR A 151 2.25 -43.32 -12.10
C THR A 151 2.46 -44.80 -11.83
N SER A 152 1.47 -45.61 -12.15
CA SER A 152 1.56 -47.05 -11.94
C SER A 152 2.50 -47.68 -12.96
N GLU A 153 2.74 -48.98 -12.80
CA GLU A 153 3.63 -49.71 -13.71
C GLU A 153 5.01 -49.07 -13.73
N GLU A 154 5.79 -49.33 -12.68
CA GLU A 154 7.14 -48.79 -12.58
C GLU A 154 8.06 -49.44 -13.61
N LEU A 155 9.37 -49.22 -13.44
CA LEU A 155 10.35 -49.78 -14.36
C LEU A 155 10.30 -51.31 -14.31
N ASN A 156 10.16 -51.85 -13.10
CA ASN A 156 10.11 -53.29 -12.93
C ASN A 156 8.82 -53.85 -13.54
N SER A 157 8.93 -55.01 -14.18
CA SER A 157 7.79 -55.65 -14.81
C SER A 157 8.00 -57.16 -14.91
N GLN A 158 6.89 -57.90 -14.95
CA GLN A 158 6.97 -59.35 -15.05
C GLN A 158 7.52 -59.95 -13.74
N ASP A 159 7.24 -59.27 -12.64
CA ASP A 159 7.71 -59.73 -11.34
C ASP A 159 6.90 -60.94 -10.89
N SER A 160 7.58 -61.90 -10.25
CA SER A 160 6.92 -63.09 -9.75
C SER A 160 6.18 -63.82 -10.90
N PRO A 161 5.87 -65.08 -10.71
CA PRO A 161 5.16 -65.90 -11.73
C PRO A 161 3.87 -65.22 -12.23
N PRO A 162 3.31 -65.71 -13.32
CA PRO A 162 2.07 -65.13 -13.94
C PRO A 162 0.86 -65.10 -12.99
N LYS A 163 0.79 -66.05 -12.05
CA LYS A 163 -0.35 -66.09 -11.13
C LYS A 163 -0.22 -65.02 -10.04
N GLN A 164 -0.01 -63.78 -10.46
CA GLN A 164 0.11 -62.68 -9.51
C GLN A 164 -1.22 -62.45 -8.79
N ASP A 165 -1.16 -62.32 -7.47
CA ASP A 165 -2.37 -62.09 -6.69
C ASP A 165 -3.01 -60.75 -7.05
N SER A 166 -2.18 -59.76 -7.35
CA SER A 166 -2.69 -58.43 -7.70
C SER A 166 -1.69 -57.69 -8.56
N THR A 167 -2.18 -56.78 -9.40
CA THR A 167 -1.31 -55.99 -10.28
C THR A 167 -1.14 -54.57 -9.74
N ALA A 168 0.11 -54.25 -9.38
CA ALA A 168 0.48 -52.94 -8.86
C ALA A 168 -0.21 -52.68 -7.50
N PRO A 169 0.48 -52.04 -6.56
CA PRO A 169 -0.06 -51.74 -5.20
C PRO A 169 -1.27 -50.79 -5.21
N SER A 170 -1.61 -50.28 -4.03
CA SER A 170 -2.72 -49.37 -3.87
C SER A 170 -2.38 -48.03 -4.54
N SER A 171 -3.39 -47.39 -5.13
CA SER A 171 -3.17 -46.11 -5.81
C SER A 171 -2.79 -45.03 -4.79
N THR A 172 -1.84 -44.18 -5.18
CA THR A 172 -1.39 -43.10 -4.31
C THR A 172 -0.73 -42.00 -5.13
N SER A 173 -1.55 -41.26 -5.88
CA SER A 173 -1.04 -40.18 -6.71
C SER A 173 -0.58 -39.01 -5.84
N SER A 174 0.54 -38.41 -6.21
CA SER A 174 1.07 -37.27 -5.45
C SER A 174 2.02 -36.45 -6.32
N SER A 175 2.25 -35.20 -5.91
CA SER A 175 3.12 -34.31 -6.66
C SER A 175 3.01 -32.89 -6.13
N ASP A 176 2.30 -32.73 -5.02
CA ASP A 176 2.11 -31.41 -4.42
C ASP A 176 1.81 -31.53 -2.92
N PRO A 177 0.69 -32.11 -2.56
CA PRO A 177 0.30 -32.26 -1.12
C PRO A 177 1.29 -33.11 -0.31
N ILE A 178 1.51 -32.67 0.93
CA ILE A 178 2.40 -33.37 1.86
C ILE A 178 2.06 -32.93 3.28
N LEU A 179 0.77 -32.68 3.49
CA LEU A 179 0.27 -32.24 4.79
C LEU A 179 1.17 -31.15 5.37
N ASP A 180 0.88 -30.75 6.60
CA ASP A 180 1.66 -29.71 7.27
C ASP A 180 1.97 -28.57 6.30
N PHE A 181 1.12 -28.42 5.29
CA PHE A 181 1.32 -27.37 4.29
C PHE A 181 1.27 -26.00 4.95
N ASN A 182 0.29 -25.81 5.84
CA ASN A 182 0.15 -24.54 6.54
C ASN A 182 1.37 -24.26 7.40
N ILE A 183 1.87 -25.29 8.07
CA ILE A 183 3.04 -25.13 8.93
C ILE A 183 4.26 -24.74 8.10
N SER A 184 4.44 -25.41 6.96
CA SER A 184 5.57 -25.10 6.09
C SER A 184 5.45 -23.69 5.55
N LEU A 185 4.24 -23.31 5.15
CA LEU A 185 3.99 -21.98 4.62
C LEU A 185 4.11 -20.93 5.73
N ALA A 186 3.54 -21.24 6.89
CA ALA A 186 3.57 -20.33 8.03
C ALA A 186 4.98 -20.18 8.61
N MET A 187 5.65 -21.31 8.81
CA MET A 187 7.00 -21.30 9.36
C MET A 187 7.99 -20.70 8.37
N ALA A 188 7.65 -20.77 7.08
CA ALA A 188 8.52 -20.23 6.05
C ALA A 188 8.71 -18.72 6.24
N LYS A 189 7.65 -18.05 6.68
CA LYS A 189 7.72 -16.61 6.91
C LYS A 189 8.71 -16.28 8.03
N GLU A 190 8.71 -17.11 9.07
CA GLU A 190 9.60 -16.87 10.21
C GLU A 190 11.06 -16.80 9.75
N ARG A 191 11.50 -17.81 9.01
CA ARG A 191 12.87 -17.85 8.52
C ARG A 191 13.09 -16.78 7.46
N ALA A 192 12.06 -16.51 6.67
CA ALA A 192 12.15 -15.50 5.62
C ALA A 192 12.43 -14.13 6.20
N HIS A 193 11.81 -13.81 7.33
CA HIS A 193 12.00 -12.52 7.98
C HIS A 193 13.44 -12.37 8.47
N GLN A 194 13.99 -13.45 9.03
CA GLN A 194 15.35 -13.44 9.54
C GLN A 194 15.50 -12.33 10.60
N LYS A 195 15.91 -11.15 10.17
CA LYS A 195 16.09 -10.02 11.09
C LYS A 195 15.75 -8.70 10.39
N ARG A 196 16.72 -8.16 9.65
CA ARG A 196 16.51 -6.91 8.93
C ARG A 196 16.14 -5.78 9.89
N SER A 197 16.61 -4.58 9.59
CA SER A 197 16.32 -3.43 10.43
C SER A 197 16.74 -3.68 11.88
N SER A 198 17.72 -4.57 12.05
CA SER A 198 18.20 -4.92 13.38
C SER A 198 19.04 -3.77 13.95
N LYS A 199 19.43 -2.83 13.09
CA LYS A 199 20.25 -1.71 13.53
C LYS A 199 19.47 -0.84 14.52
N ARG A 200 19.96 -0.80 15.75
CA ARG A 200 19.31 0.00 16.79
C ARG A 200 19.42 1.48 16.46
N ALA A 201 20.57 1.88 15.93
CA ALA A 201 20.80 3.28 15.58
C ALA A 201 19.74 3.74 14.56
N PRO A 202 19.34 4.99 14.61
CA PRO A 202 18.30 5.52 13.66
C PRO A 202 18.85 5.63 12.23
N GLN A 203 17.94 5.51 11.26
CA GLN A 203 18.31 5.59 9.85
C GLN A 203 18.83 6.98 9.50
N MET A 204 18.18 8.01 10.04
CA MET A 204 18.56 9.40 9.77
C MET A 204 19.13 10.06 11.03
N ASP A 205 19.72 11.23 10.86
CA ASP A 205 20.30 11.96 11.99
C ASP A 205 19.21 12.35 12.99
N TRP A 206 19.56 12.30 14.27
CA TRP A 206 18.61 12.63 15.32
C TRP A 206 18.35 14.14 15.34
N SER A 207 17.06 14.51 15.29
CA SER A 207 16.68 15.92 15.30
C SER A 207 15.41 16.12 16.13
N LYS A 208 15.43 17.14 16.99
CA LYS A 208 14.28 17.44 17.85
C LYS A 208 14.25 18.93 18.19
N LYS A 209 13.04 19.45 18.42
CA LYS A 209 12.89 20.86 18.77
C LYS A 209 11.56 21.08 19.49
N ASN A 210 11.56 20.86 20.80
CA ASN A 210 10.36 21.03 21.60
C ASN A 210 9.23 20.13 21.09
N GLU A 211 9.60 18.95 20.59
CA GLU A 211 8.64 17.99 20.07
C GLU A 211 7.44 18.67 19.40
N LEU A 212 7.62 19.12 18.16
CA LEU A 212 6.55 19.79 17.44
C LEU A 212 5.51 18.77 16.97
N PHE A 213 4.24 19.19 16.97
CA PHE A 213 3.15 18.31 16.53
C PHE A 213 2.48 18.89 15.29
N SER A 214 2.86 18.38 14.12
CA SER A 214 2.29 18.83 12.85
C SER A 214 1.56 17.69 12.15
N ASN A 215 1.60 16.52 12.76
CA ASN A 215 0.94 15.35 12.18
C ASN A 215 -0.54 15.32 12.59
N LEU A 216 -1.39 14.91 11.65
CA LEU A 216 -2.83 14.84 11.92
C LEU A 216 -3.08 14.18 13.28
N GLY A 1 -26.19 -16.44 -13.61
CA GLY A 1 -26.72 -15.08 -13.92
C GLY A 1 -25.75 -14.01 -13.42
N ILE A 2 -25.43 -14.08 -12.14
CA ILE A 2 -24.50 -13.12 -11.52
C ILE A 2 -23.17 -13.80 -11.22
N ASP A 3 -22.08 -13.19 -11.67
CA ASP A 3 -20.73 -13.74 -11.44
C ASP A 3 -20.13 -13.16 -10.15
N PRO A 4 -19.98 -13.96 -9.10
CA PRO A 4 -19.40 -13.47 -7.81
C PRO A 4 -17.87 -13.40 -7.84
N PHE A 5 -17.28 -14.09 -8.80
CA PHE A 5 -15.83 -14.13 -8.93
C PHE A 5 -15.27 -12.76 -9.36
N THR A 6 -15.89 -12.17 -10.36
CA THR A 6 -15.42 -10.88 -10.88
C THR A 6 -15.57 -9.78 -9.84
N MET A 7 -16.37 -10.02 -8.80
CA MET A 7 -16.58 -9.02 -7.75
C MET A 7 -15.27 -8.75 -7.03
N LEU A 8 -14.47 -9.79 -6.90
CA LEU A 8 -13.19 -9.67 -6.21
C LEU A 8 -12.25 -8.76 -6.99
N ARG A 9 -12.37 -7.45 -6.78
CA ARG A 9 -11.53 -6.47 -7.47
C ARG A 9 -11.25 -5.26 -6.56
N PRO A 10 -10.18 -4.55 -6.81
CA PRO A 10 -9.82 -3.34 -5.99
C PRO A 10 -10.87 -2.23 -6.11
N ARG A 11 -10.87 -1.32 -5.15
CA ARG A 11 -11.81 -0.20 -5.13
C ARG A 11 -11.07 1.11 -4.89
N LEU A 12 -11.45 2.16 -5.63
CA LEU A 12 -10.82 3.48 -5.47
C LEU A 12 -11.57 4.31 -4.43
N CYS A 13 -10.80 4.87 -3.51
CA CYS A 13 -11.35 5.73 -2.46
C CYS A 13 -10.92 7.17 -2.70
N THR A 14 -11.87 8.00 -3.14
CA THR A 14 -11.58 9.40 -3.41
C THR A 14 -12.08 10.27 -2.27
N MET A 15 -11.16 11.00 -1.65
CA MET A 15 -11.51 11.87 -0.52
C MET A 15 -10.87 13.25 -0.69
N LYS A 16 -11.68 14.29 -0.51
CA LYS A 16 -11.20 15.67 -0.64
C LYS A 16 -10.82 16.24 0.71
N LYS A 17 -9.70 16.94 0.77
CA LYS A 17 -9.23 17.54 2.02
C LYS A 17 -9.84 18.92 2.23
N GLY A 18 -10.07 19.28 3.49
CA GLY A 18 -10.66 20.57 3.82
C GLY A 18 -10.86 20.71 5.32
N PRO A 19 -11.66 19.86 5.91
CA PRO A 19 -11.92 19.89 7.39
C PRO A 19 -10.63 19.86 8.20
N SER A 20 -9.71 18.97 7.81
CA SER A 20 -8.43 18.84 8.51
C SER A 20 -7.68 17.60 8.01
N GLY A 21 -7.08 17.69 6.83
CA GLY A 21 -6.33 16.57 6.28
C GLY A 21 -7.24 15.38 6.02
N TYR A 22 -8.16 15.54 5.08
CA TYR A 22 -9.10 14.47 4.75
C TYR A 22 -9.86 14.01 5.98
N GLY A 23 -9.26 13.12 6.76
CA GLY A 23 -9.90 12.61 7.98
C GLY A 23 -9.74 11.10 8.10
N PHE A 24 -8.49 10.64 8.12
CA PHE A 24 -8.21 9.20 8.24
C PHE A 24 -6.87 8.99 8.95
N ASN A 25 -6.71 7.83 9.56
CA ASN A 25 -5.47 7.52 10.30
C ASN A 25 -4.63 6.49 9.55
N LEU A 26 -3.37 6.84 9.27
CA LEU A 26 -2.46 5.94 8.57
C LEU A 26 -1.32 5.54 9.51
N HIS A 27 -1.10 4.24 9.66
CA HIS A 27 -0.04 3.74 10.54
C HIS A 27 1.27 3.63 9.78
N SER A 28 2.16 4.60 9.99
CA SER A 28 3.47 4.61 9.33
C SER A 28 4.59 4.41 10.35
N ASP A 29 5.35 3.33 10.19
CA ASP A 29 6.46 3.03 11.09
C ASP A 29 7.73 3.73 10.63
N LYS A 30 8.75 3.71 11.47
CA LYS A 30 10.02 4.34 11.14
C LYS A 30 10.64 3.63 9.93
N SER A 31 10.58 2.30 9.95
CA SER A 31 11.13 1.50 8.85
C SER A 31 10.40 0.17 8.76
N LYS A 32 9.44 0.09 7.83
CA LYS A 32 8.67 -1.14 7.66
C LYS A 32 7.80 -1.06 6.37
N PRO A 33 8.11 -1.82 5.34
CA PRO A 33 7.31 -1.79 4.08
C PRO A 33 5.83 -2.07 4.32
N GLY A 34 4.98 -1.40 3.54
CA GLY A 34 3.53 -1.58 3.64
C GLY A 34 2.89 -0.59 4.60
N GLN A 35 1.61 -0.31 4.36
CA GLN A 35 0.84 0.62 5.21
C GLN A 35 -0.58 0.09 5.39
N PHE A 36 -1.19 0.45 6.52
CA PHE A 36 -2.55 -0.01 6.81
C PHE A 36 -3.33 1.12 7.49
N ILE A 37 -4.66 1.05 7.44
CA ILE A 37 -5.50 2.08 8.06
C ILE A 37 -5.79 1.72 9.51
N ARG A 38 -5.30 2.54 10.44
CA ARG A 38 -5.52 2.29 11.86
C ARG A 38 -7.00 2.44 12.20
N SER A 39 -7.62 3.50 11.68
CA SER A 39 -9.02 3.75 11.93
C SER A 39 -9.51 4.93 11.10
N VAL A 40 -10.82 5.16 11.10
CA VAL A 40 -11.41 6.28 10.34
C VAL A 40 -12.26 7.14 11.29
N ASP A 41 -12.05 8.45 11.24
CA ASP A 41 -12.80 9.37 12.09
C ASP A 41 -14.25 9.48 11.58
N PRO A 42 -15.28 9.28 12.41
CA PRO A 42 -16.70 9.37 11.95
C PRO A 42 -17.03 10.71 11.27
N ASP A 43 -17.93 10.65 10.27
CA ASP A 43 -18.33 11.84 9.50
C ASP A 43 -17.13 12.45 8.81
N SER A 44 -16.27 11.59 8.27
CA SER A 44 -15.06 12.02 7.56
C SER A 44 -15.19 11.69 6.08
N PRO A 45 -14.55 12.46 5.22
CA PRO A 45 -14.60 12.21 3.75
C PRO A 45 -14.03 10.84 3.37
N ALA A 46 -13.04 10.38 4.13
CA ALA A 46 -12.43 9.08 3.88
C ALA A 46 -13.45 7.97 4.11
N GLU A 47 -14.29 8.17 5.13
CA GLU A 47 -15.32 7.18 5.45
C GLU A 47 -16.31 7.07 4.29
N ALA A 48 -16.68 8.22 3.73
CA ALA A 48 -17.62 8.26 2.62
C ALA A 48 -17.00 7.66 1.35
N SER A 49 -15.70 7.90 1.17
CA SER A 49 -15.01 7.39 -0.02
C SER A 49 -15.09 5.87 -0.09
N GLY A 50 -15.08 5.22 1.07
CA GLY A 50 -15.15 3.76 1.14
C GLY A 50 -13.94 3.18 1.86
N LEU A 51 -13.22 4.04 2.58
CA LEU A 51 -12.04 3.61 3.32
C LEU A 51 -12.46 3.12 4.70
N ARG A 52 -12.03 1.90 5.07
CA ARG A 52 -12.37 1.34 6.37
C ARG A 52 -11.19 1.39 7.31
N ALA A 53 -10.91 0.27 7.95
CA ALA A 53 -9.80 0.17 8.90
C ALA A 53 -8.89 -1.03 8.59
N GLN A 54 -9.40 -1.97 7.79
CA GLN A 54 -8.61 -3.15 7.43
C GLN A 54 -8.12 -3.04 5.99
N ASP A 55 -8.35 -1.88 5.39
CA ASP A 55 -7.94 -1.63 4.02
C ASP A 55 -6.44 -1.39 3.93
N ARG A 56 -5.85 -1.68 2.77
CA ARG A 56 -4.41 -1.51 2.55
C ARG A 56 -4.18 -0.62 1.32
N ILE A 57 -3.19 0.26 1.40
CA ILE A 57 -2.88 1.16 0.29
C ILE A 57 -1.92 0.47 -0.68
N VAL A 58 -2.39 0.26 -1.91
CA VAL A 58 -1.56 -0.37 -2.94
C VAL A 58 -1.05 0.67 -3.93
N GLU A 59 -1.95 1.57 -4.35
CA GLU A 59 -1.57 2.62 -5.29
C GLU A 59 -2.27 3.94 -4.94
N VAL A 60 -1.58 5.05 -5.20
CA VAL A 60 -2.15 6.38 -4.92
C VAL A 60 -2.08 7.22 -6.19
N ASN A 61 -3.21 7.81 -6.56
CA ASN A 61 -3.27 8.65 -7.75
C ASN A 61 -2.68 7.93 -8.97
N GLY A 62 -2.78 6.60 -8.96
CA GLY A 62 -2.27 5.80 -10.07
C GLY A 62 -0.75 5.66 -10.04
N VAL A 63 -0.16 5.81 -8.85
CA VAL A 63 1.30 5.68 -8.70
C VAL A 63 1.63 4.48 -7.80
N CYS A 64 2.58 3.67 -8.26
CA CYS A 64 2.97 2.48 -7.51
C CYS A 64 3.65 2.84 -6.19
N MET A 65 3.07 2.34 -5.09
CA MET A 65 3.61 2.61 -3.76
C MET A 65 4.52 1.45 -3.33
N GLU A 66 4.23 0.25 -3.83
CA GLU A 66 5.02 -0.92 -3.49
C GLU A 66 6.45 -0.78 -3.97
N GLY A 67 6.62 -0.24 -5.18
CA GLY A 67 7.95 -0.06 -5.74
C GLY A 67 8.61 1.20 -5.20
N LYS A 68 7.92 1.88 -4.27
CA LYS A 68 8.44 3.11 -3.68
C LYS A 68 8.59 2.95 -2.16
N GLN A 69 9.18 3.95 -1.52
CA GLN A 69 9.38 3.92 -0.08
C GLN A 69 8.07 4.21 0.64
N HIS A 70 8.08 4.06 1.97
CA HIS A 70 6.88 4.30 2.76
C HIS A 70 6.50 5.79 2.71
N GLY A 71 7.49 6.65 2.78
CA GLY A 71 7.24 8.10 2.74
C GLY A 71 6.59 8.49 1.41
N ASP A 72 6.64 7.59 0.45
CA ASP A 72 6.08 7.84 -0.86
C ASP A 72 4.55 7.98 -0.80
N VAL A 73 3.90 7.22 0.08
CA VAL A 73 2.45 7.29 0.19
C VAL A 73 1.98 8.68 0.60
N VAL A 74 2.63 9.26 1.60
CA VAL A 74 2.26 10.60 2.04
C VAL A 74 2.59 11.61 0.94
N SER A 75 3.71 11.38 0.28
CA SER A 75 4.16 12.24 -0.80
C SER A 75 3.14 12.23 -1.94
N ALA A 76 2.65 11.04 -2.27
CA ALA A 76 1.68 10.91 -3.37
C ALA A 76 0.38 11.63 -3.02
N ILE A 77 -0.04 11.53 -1.75
CA ILE A 77 -1.27 12.19 -1.32
C ILE A 77 -1.14 13.70 -1.43
N ARG A 78 0.00 14.24 -1.00
CA ARG A 78 0.24 15.67 -1.07
C ARG A 78 0.32 16.13 -2.52
N ALA A 79 0.96 15.31 -3.35
CA ALA A 79 1.10 15.63 -4.76
C ALA A 79 -0.26 15.69 -5.44
N GLY A 80 -1.19 14.84 -4.98
CA GLY A 80 -2.52 14.80 -5.55
C GLY A 80 -3.19 16.18 -5.50
N GLY A 81 -2.77 17.00 -4.54
CA GLY A 81 -3.32 18.34 -4.37
C GLY A 81 -4.37 18.39 -3.25
N ASP A 82 -5.44 19.14 -3.50
CA ASP A 82 -6.50 19.28 -2.51
C ASP A 82 -7.31 18.00 -2.40
N GLU A 83 -7.08 17.07 -3.31
CA GLU A 83 -7.80 15.80 -3.32
C GLU A 83 -6.82 14.64 -3.49
N THR A 84 -7.28 13.42 -3.20
CA THR A 84 -6.42 12.24 -3.33
C THR A 84 -7.24 10.99 -3.61
N LYS A 85 -6.57 9.95 -4.11
CA LYS A 85 -7.24 8.67 -4.40
C LYS A 85 -6.39 7.51 -3.89
N LEU A 86 -7.00 6.66 -3.06
CA LEU A 86 -6.31 5.51 -2.48
C LEU A 86 -6.91 4.22 -3.05
N LEU A 87 -6.05 3.32 -3.48
CA LEU A 87 -6.49 2.04 -4.03
C LEU A 87 -6.41 0.96 -2.95
N VAL A 88 -7.55 0.35 -2.63
CA VAL A 88 -7.62 -0.68 -1.61
C VAL A 88 -8.34 -1.93 -2.13
N VAL A 89 -8.21 -3.03 -1.40
CA VAL A 89 -8.85 -4.29 -1.80
C VAL A 89 -9.68 -4.87 -0.66
N ASP A 90 -10.62 -5.74 -1.01
CA ASP A 90 -11.47 -6.38 -0.01
C ASP A 90 -10.71 -7.51 0.67
N ARG A 91 -11.27 -8.05 1.74
CA ARG A 91 -10.62 -9.14 2.45
C ARG A 91 -10.52 -10.38 1.56
N GLU A 92 -11.60 -10.67 0.82
CA GLU A 92 -11.58 -11.82 -0.09
C GLU A 92 -10.64 -11.56 -1.25
N THR A 93 -10.69 -10.34 -1.76
CA THR A 93 -9.85 -9.95 -2.89
C THR A 93 -8.38 -9.97 -2.49
N ASP A 94 -8.07 -9.43 -1.31
CA ASP A 94 -6.69 -9.38 -0.85
C ASP A 94 -6.05 -10.77 -0.83
N GLU A 95 -6.73 -11.75 -0.25
CA GLU A 95 -6.19 -13.10 -0.18
C GLU A 95 -6.07 -13.72 -1.57
N PHE A 96 -6.96 -13.32 -2.47
CA PHE A 96 -6.95 -13.85 -3.84
C PHE A 96 -5.69 -13.42 -4.61
N PHE A 97 -5.36 -12.14 -4.57
CA PHE A 97 -4.20 -11.64 -5.32
C PHE A 97 -2.86 -12.04 -4.66
N LYS A 98 -2.77 -11.93 -3.33
CA LYS A 98 -1.52 -12.24 -2.64
C LYS A 98 -1.14 -13.72 -2.78
N LYS A 99 -2.11 -14.61 -2.62
CA LYS A 99 -1.83 -16.04 -2.74
C LYS A 99 -1.32 -16.34 -4.13
N CYS A 100 -1.86 -15.63 -5.11
CA CYS A 100 -1.46 -15.80 -6.50
C CYS A 100 -0.24 -14.95 -6.81
N ARG A 101 0.25 -14.24 -5.80
CA ARG A 101 1.42 -13.39 -5.98
C ARG A 101 1.21 -12.38 -7.11
N VAL A 102 0.02 -11.77 -7.14
CA VAL A 102 -0.32 -10.78 -8.17
C VAL A 102 -0.29 -9.37 -7.59
N ILE A 103 -0.27 -8.35 -8.46
CA ILE A 103 -0.20 -6.96 -8.00
C ILE A 103 -1.41 -6.10 -8.44
N PRO A 104 -2.41 -5.92 -7.60
CA PRO A 104 -3.60 -5.06 -7.95
C PRO A 104 -3.21 -3.62 -8.33
N SER A 105 -3.99 -3.04 -9.25
CA SER A 105 -3.80 -1.67 -9.70
C SER A 105 -5.13 -1.08 -10.17
N GLN A 106 -5.07 -0.03 -10.98
CA GLN A 106 -6.30 0.60 -11.46
C GLN A 106 -6.89 -0.13 -12.66
N GLU A 107 -6.05 -0.87 -13.39
CA GLU A 107 -6.52 -1.61 -14.56
C GLU A 107 -7.41 -2.77 -14.12
N HIS A 108 -7.20 -3.24 -12.89
CA HIS A 108 -7.99 -4.35 -12.37
C HIS A 108 -9.36 -3.87 -11.90
N LEU A 109 -9.53 -2.56 -11.75
CA LEU A 109 -10.81 -2.01 -11.31
C LEU A 109 -11.92 -2.42 -12.28
N ASN A 110 -12.25 -1.52 -13.19
CA ASN A 110 -13.29 -1.78 -14.17
C ASN A 110 -12.89 -2.93 -15.09
N GLY A 111 -11.62 -2.97 -15.47
CA GLY A 111 -11.13 -4.02 -16.36
C GLY A 111 -11.25 -5.41 -15.72
N PRO A 112 -10.99 -6.47 -16.46
CA PRO A 112 -11.09 -7.87 -15.93
C PRO A 112 -9.99 -8.23 -14.92
N LEU A 113 -10.29 -9.23 -14.10
CA LEU A 113 -9.36 -9.72 -13.09
C LEU A 113 -8.10 -10.29 -13.76
N PRO A 114 -7.03 -10.48 -13.02
CA PRO A 114 -5.76 -11.02 -13.59
C PRO A 114 -5.89 -12.48 -14.01
N VAL A 115 -6.93 -13.13 -13.50
CA VAL A 115 -7.12 -14.55 -13.77
C VAL A 115 -7.77 -14.84 -15.14
N PRO A 116 -7.27 -15.81 -15.90
CA PRO A 116 -7.90 -16.21 -17.21
C PRO A 116 -9.38 -16.52 -17.08
N PHE A 117 -10.22 -15.71 -17.71
CA PHE A 117 -11.66 -15.93 -17.69
C PHE A 117 -12.18 -16.13 -16.27
N THR A 118 -11.95 -17.32 -15.71
CA THR A 118 -12.40 -17.65 -14.36
C THR A 118 -11.28 -18.32 -13.56
N ASN A 119 -10.59 -19.28 -14.17
CA ASN A 119 -9.51 -19.99 -13.50
C ASN A 119 -8.57 -20.64 -14.52
N GLY A 120 -7.34 -20.95 -14.07
CA GLY A 120 -6.36 -21.57 -14.95
C GLY A 120 -5.04 -21.80 -14.22
N GLU A 121 -3.95 -21.84 -14.98
CA GLU A 121 -2.63 -22.05 -14.39
C GLU A 121 -2.68 -23.15 -13.34
N ILE A 122 -1.60 -23.27 -12.56
CA ILE A 122 -1.51 -24.28 -11.51
C ILE A 122 -1.16 -23.65 -10.17
N GLN A 123 -1.48 -24.35 -9.08
CA GLN A 123 -1.21 -23.86 -7.73
C GLN A 123 -0.42 -24.88 -6.93
N LYS A 124 0.67 -24.44 -6.33
CA LYS A 124 1.52 -25.33 -5.54
C LYS A 124 0.76 -25.89 -4.35
N GLU A 125 -0.03 -25.02 -3.71
CA GLU A 125 -0.81 -25.43 -2.55
C GLU A 125 -1.80 -26.53 -2.93
N ASN A 126 -2.14 -26.60 -4.21
CA ASN A 126 -3.08 -27.62 -4.70
C ASN A 126 -4.31 -27.68 -3.80
N SER A 127 -5.15 -28.68 -4.04
CA SER A 127 -6.36 -28.85 -3.25
C SER A 127 -6.02 -29.34 -1.84
N ARG A 128 -6.95 -29.12 -0.91
CA ARG A 128 -6.74 -29.54 0.48
C ARG A 128 -7.49 -30.85 0.76
N GLU A 129 -6.77 -31.86 1.23
CA GLU A 129 -7.37 -33.16 1.54
C GLU A 129 -7.65 -33.27 3.03
N ALA A 130 -6.99 -32.44 3.81
CA ALA A 130 -7.18 -32.45 5.26
C ALA A 130 -8.61 -32.07 5.62
N LEU A 131 -8.82 -31.74 6.89
CA LEU A 131 -10.15 -31.36 7.36
C LEU A 131 -10.54 -29.99 6.82
N ALA A 132 -11.83 -29.78 6.58
CA ALA A 132 -12.31 -28.51 6.06
C ALA A 132 -11.76 -27.34 6.88
N GLU A 133 -12.09 -26.13 6.44
CA GLU A 133 -11.63 -24.93 7.13
C GLU A 133 -12.48 -24.66 8.37
N ALA A 134 -13.09 -25.71 8.91
CA ALA A 134 -13.93 -25.57 10.09
C ALA A 134 -13.91 -26.85 10.92
N ALA A 135 -13.50 -27.94 10.29
CA ALA A 135 -13.43 -29.23 10.97
C ALA A 135 -14.67 -29.45 11.84
N LEU A 136 -14.61 -30.46 12.69
CA LEU A 136 -15.73 -30.77 13.59
C LEU A 136 -15.53 -30.10 14.95
N GLU A 137 -15.95 -28.84 15.04
CA GLU A 137 -15.81 -28.10 16.29
C GLU A 137 -16.77 -26.91 16.31
N SER A 138 -17.48 -26.75 17.42
CA SER A 138 -18.43 -25.65 17.56
C SER A 138 -19.40 -25.63 16.38
N PRO A 139 -20.05 -26.73 16.12
CA PRO A 139 -21.03 -26.83 15.00
C PRO A 139 -22.24 -25.94 15.22
N ARG A 140 -22.78 -25.39 14.13
CA ARG A 140 -23.93 -24.51 14.23
C ARG A 140 -24.56 -24.29 12.85
N PRO A 141 -25.00 -25.35 12.21
CA PRO A 141 -25.63 -25.27 10.86
C PRO A 141 -27.05 -24.69 10.93
N ALA A 142 -27.28 -23.64 10.15
CA ALA A 142 -28.59 -22.99 10.11
C ALA A 142 -28.63 -21.92 9.04
N LEU A 143 -29.48 -20.91 9.24
CA LEU A 143 -29.61 -19.81 8.29
C LEU A 143 -28.58 -18.73 8.57
N VAL A 144 -27.42 -18.84 7.92
CA VAL A 144 -26.35 -17.86 8.09
C VAL A 144 -26.10 -17.13 6.78
N ARG A 145 -26.17 -15.80 6.84
CA ARG A 145 -25.96 -14.98 5.65
C ARG A 145 -24.48 -14.95 5.29
N SER A 146 -24.19 -15.08 4.00
CA SER A 146 -22.80 -15.06 3.53
C SER A 146 -22.22 -13.65 3.62
N ALA A 147 -20.91 -13.56 3.82
CA ALA A 147 -20.26 -12.26 3.92
C ALA A 147 -20.40 -11.48 2.61
N SER A 148 -20.30 -12.19 1.49
CA SER A 148 -20.42 -11.55 0.19
C SER A 148 -19.57 -10.29 0.12
N SER A 149 -19.65 -9.59 -1.02
CA SER A 149 -18.88 -8.37 -1.20
C SER A 149 -19.45 -7.25 -0.33
N ASP A 150 -18.56 -6.40 0.18
CA ASP A 150 -18.98 -5.29 1.04
C ASP A 150 -19.50 -4.13 0.20
N THR A 151 -20.22 -4.46 -0.87
CA THR A 151 -20.78 -3.45 -1.77
C THR A 151 -22.22 -3.81 -2.15
N SER A 152 -22.92 -2.84 -2.73
CA SER A 152 -24.31 -3.06 -3.13
C SER A 152 -24.39 -4.14 -4.22
N GLU A 153 -25.49 -4.89 -4.22
CA GLU A 153 -25.69 -5.96 -5.19
C GLU A 153 -26.97 -5.74 -5.99
N GLU A 154 -27.02 -6.33 -7.18
CA GLU A 154 -28.19 -6.20 -8.05
C GLU A 154 -28.32 -4.77 -8.56
N LEU A 155 -27.19 -4.13 -8.80
CA LEU A 155 -27.17 -2.76 -9.30
C LEU A 155 -26.82 -2.76 -10.79
N ASN A 156 -27.70 -2.17 -11.60
CA ASN A 156 -27.49 -2.10 -13.05
C ASN A 156 -27.98 -0.77 -13.61
N SER A 157 -27.15 -0.14 -14.44
CA SER A 157 -27.50 1.14 -15.04
C SER A 157 -28.49 0.95 -16.19
N GLN A 158 -29.14 2.04 -16.58
CA GLN A 158 -30.11 1.99 -17.67
C GLN A 158 -29.40 2.02 -19.03
N ASP A 159 -29.90 1.21 -19.95
CA ASP A 159 -29.33 1.13 -21.30
C ASP A 159 -29.98 2.15 -22.24
N SER A 160 -29.20 3.16 -22.65
CA SER A 160 -29.73 4.17 -23.56
C SER A 160 -28.64 5.12 -24.11
N PRO A 161 -28.80 5.62 -25.34
CA PRO A 161 -27.82 6.58 -26.01
C PRO A 161 -27.42 7.80 -25.16
N PRO A 162 -26.29 8.41 -25.47
CA PRO A 162 -25.80 9.65 -24.77
C PRO A 162 -26.72 10.82 -25.13
N LYS A 163 -26.88 11.77 -24.22
CA LYS A 163 -27.77 12.91 -24.51
C LYS A 163 -27.30 14.16 -23.77
N GLN A 164 -26.03 14.15 -23.34
CA GLN A 164 -25.46 15.30 -22.62
C GLN A 164 -24.17 15.75 -23.30
N ASP A 165 -24.11 17.02 -23.68
CA ASP A 165 -22.94 17.58 -24.33
C ASP A 165 -21.91 18.07 -23.32
N SER A 166 -20.73 17.47 -23.35
CA SER A 166 -19.66 17.86 -22.43
C SER A 166 -19.22 19.29 -22.73
N THR A 167 -18.94 20.04 -21.68
CA THR A 167 -18.50 21.44 -21.80
C THR A 167 -17.39 21.69 -20.82
N ALA A 168 -16.36 20.89 -20.86
CA ALA A 168 -15.28 21.05 -19.90
C ALA A 168 -14.62 22.44 -19.97
N PRO A 169 -14.05 22.91 -18.86
CA PRO A 169 -13.34 24.25 -18.79
C PRO A 169 -12.32 24.46 -19.92
N SER A 170 -12.32 25.70 -20.47
CA SER A 170 -11.39 26.07 -21.52
C SER A 170 -10.06 26.42 -20.89
N SER A 171 -9.01 26.42 -21.69
CA SER A 171 -7.68 26.74 -21.19
C SER A 171 -7.52 28.25 -20.98
N THR A 172 -7.73 28.71 -19.74
CA THR A 172 -7.61 30.13 -19.42
C THR A 172 -6.21 30.45 -18.89
N SER A 173 -5.90 31.75 -18.81
CA SER A 173 -4.59 32.19 -18.32
C SER A 173 -3.50 31.91 -19.34
N SER A 174 -3.91 31.55 -20.55
CA SER A 174 -2.95 31.25 -21.62
C SER A 174 -2.31 32.54 -22.14
N SER A 175 -1.03 32.46 -22.50
CA SER A 175 -0.32 33.64 -23.02
C SER A 175 0.91 33.21 -23.82
N ASP A 176 1.40 34.11 -24.69
CA ASP A 176 2.57 33.82 -25.50
C ASP A 176 3.00 35.04 -26.33
N PRO A 177 3.49 36.08 -25.69
CA PRO A 177 3.93 37.33 -26.38
C PRO A 177 5.13 37.10 -27.32
N ILE A 178 5.18 37.88 -28.40
CA ILE A 178 6.29 37.82 -29.36
C ILE A 178 6.89 39.23 -29.52
N LEU A 179 7.49 39.72 -28.43
CA LEU A 179 8.09 41.05 -28.43
C LEU A 179 9.57 40.98 -28.81
N ASP A 180 10.02 41.96 -29.60
CA ASP A 180 11.41 42.01 -30.02
C ASP A 180 12.29 42.51 -28.88
N PHE A 181 11.65 42.92 -27.79
CA PHE A 181 12.38 43.42 -26.62
C PHE A 181 13.32 42.35 -26.09
N ASN A 182 12.81 41.13 -26.01
CA ASN A 182 13.62 40.01 -25.51
C ASN A 182 14.85 39.80 -26.38
N ILE A 183 14.68 39.93 -27.69
CA ILE A 183 15.80 39.75 -28.61
C ILE A 183 16.87 40.80 -28.36
N SER A 184 16.46 42.05 -28.16
CA SER A 184 17.40 43.12 -27.90
C SER A 184 18.18 42.84 -26.62
N LEU A 185 17.46 42.38 -25.60
CA LEU A 185 18.09 42.06 -24.32
C LEU A 185 19.00 40.84 -24.47
N ALA A 186 18.51 39.83 -25.19
CA ALA A 186 19.27 38.60 -25.39
C ALA A 186 20.53 38.85 -26.23
N MET A 187 20.36 39.49 -27.38
CA MET A 187 21.50 39.77 -28.26
C MET A 187 22.47 40.72 -27.58
N ALA A 188 21.93 41.71 -26.87
CA ALA A 188 22.76 42.68 -26.18
C ALA A 188 23.57 42.01 -25.07
N LYS A 189 22.97 41.01 -24.42
CA LYS A 189 23.64 40.31 -23.34
C LYS A 189 25.00 39.78 -23.78
N GLU A 190 25.31 39.95 -25.06
CA GLU A 190 26.59 39.49 -25.59
C GLU A 190 27.73 39.99 -24.72
N ARG A 191 27.72 41.28 -24.41
CA ARG A 191 28.75 41.88 -23.57
C ARG A 191 28.61 41.40 -22.13
N ALA A 192 27.37 41.24 -21.67
CA ALA A 192 27.10 40.80 -20.31
C ALA A 192 26.81 39.31 -20.27
N HIS A 193 27.44 38.56 -21.16
CA HIS A 193 27.22 37.13 -21.22
C HIS A 193 27.88 36.43 -20.03
N GLN A 194 28.29 37.21 -19.04
CA GLN A 194 28.93 36.66 -17.85
C GLN A 194 27.95 35.78 -17.08
N LYS A 195 28.47 34.92 -16.22
CA LYS A 195 27.63 34.02 -15.43
C LYS A 195 26.74 34.82 -14.50
N ARG A 196 25.45 34.47 -14.48
CA ARG A 196 24.49 35.16 -13.62
C ARG A 196 24.49 34.56 -12.22
N SER A 197 24.13 35.38 -11.22
CA SER A 197 24.09 34.92 -9.84
C SER A 197 25.49 34.50 -9.38
N SER A 198 25.87 34.97 -8.19
CA SER A 198 27.19 34.64 -7.65
C SER A 198 27.19 34.76 -6.13
N LYS A 199 28.13 34.08 -5.49
CA LYS A 199 28.24 34.12 -4.04
C LYS A 199 26.95 33.65 -3.38
N ARG A 200 26.74 32.34 -3.40
CA ARG A 200 25.55 31.76 -2.79
C ARG A 200 25.69 31.72 -1.27
N ALA A 201 24.59 31.93 -0.57
CA ALA A 201 24.59 31.91 0.89
C ALA A 201 23.16 31.63 1.41
N PRO A 202 22.98 30.84 2.47
CA PRO A 202 21.60 30.53 3.00
C PRO A 202 20.79 31.78 3.34
N GLN A 203 19.48 31.69 3.07
CA GLN A 203 18.54 32.77 3.30
C GLN A 203 18.40 33.10 4.80
N MET A 204 18.37 32.06 5.64
CA MET A 204 18.22 32.26 7.08
C MET A 204 18.99 31.18 7.84
N ASP A 205 19.43 31.53 9.05
CA ASP A 205 20.17 30.60 9.88
C ASP A 205 19.29 29.43 10.31
N TRP A 206 19.87 28.24 10.34
CA TRP A 206 19.13 27.03 10.74
C TRP A 206 19.61 26.51 12.08
N SER A 207 18.67 26.30 13.00
CA SER A 207 19.02 25.81 14.32
C SER A 207 17.79 25.19 14.99
N LYS A 208 16.64 25.34 14.35
CA LYS A 208 15.39 24.81 14.89
C LYS A 208 15.31 23.30 14.66
N LYS A 209 14.99 22.56 15.72
CA LYS A 209 14.89 21.11 15.63
C LYS A 209 13.54 20.70 15.03
N ASN A 210 13.57 19.73 14.13
CA ASN A 210 12.35 19.26 13.48
C ASN A 210 11.38 18.71 14.53
N GLU A 211 10.08 18.81 14.22
CA GLU A 211 9.04 18.34 15.13
C GLU A 211 7.98 17.55 14.37
N LEU A 212 7.29 16.65 15.07
CA LEU A 212 6.24 15.84 14.46
C LEU A 212 4.91 16.07 15.17
N PHE A 213 3.89 16.45 14.39
CA PHE A 213 2.56 16.71 14.94
C PHE A 213 1.63 15.54 14.63
N SER A 214 1.18 14.85 15.68
CA SER A 214 0.28 13.72 15.51
C SER A 214 0.77 12.81 14.40
N ASN A 215 -0.04 11.80 14.07
CA ASN A 215 0.31 10.86 13.01
C ASN A 215 0.35 11.57 11.66
N LEU A 216 -0.60 12.47 11.45
CA LEU A 216 -0.66 13.22 10.19
C LEU A 216 0.48 14.23 10.11
N GLY A 1 -26.38 -16.77 -8.05
CA GLY A 1 -25.80 -16.59 -9.42
C GLY A 1 -24.41 -15.99 -9.31
N ILE A 2 -24.28 -14.94 -8.50
CA ILE A 2 -22.98 -14.29 -8.31
C ILE A 2 -22.07 -15.18 -7.48
N ASP A 3 -20.77 -15.15 -7.79
CA ASP A 3 -19.79 -16.01 -7.08
C ASP A 3 -18.99 -15.20 -6.04
N PRO A 4 -18.67 -15.79 -4.88
CA PRO A 4 -17.88 -15.09 -3.83
C PRO A 4 -16.48 -14.69 -4.29
N PHE A 5 -15.96 -15.39 -5.29
CA PHE A 5 -14.61 -15.12 -5.79
C PHE A 5 -14.53 -13.88 -6.69
N THR A 6 -15.56 -13.64 -7.50
CA THR A 6 -15.53 -12.50 -8.41
C THR A 6 -15.68 -11.15 -7.70
N MET A 7 -16.24 -11.16 -6.49
CA MET A 7 -16.41 -9.93 -5.74
C MET A 7 -15.06 -9.45 -5.19
N LEU A 8 -14.04 -10.27 -5.38
CA LEU A 8 -12.70 -9.93 -4.89
C LEU A 8 -12.02 -8.97 -5.85
N ARG A 9 -12.34 -7.68 -5.72
CA ARG A 9 -11.76 -6.65 -6.58
C ARG A 9 -11.44 -5.38 -5.78
N PRO A 10 -10.48 -4.60 -6.22
CA PRO A 10 -10.10 -3.33 -5.52
C PRO A 10 -11.13 -2.22 -5.73
N ARG A 11 -11.08 -1.21 -4.86
CA ARG A 11 -12.01 -0.08 -4.96
C ARG A 11 -11.24 1.24 -4.87
N LEU A 12 -11.67 2.25 -5.62
CA LEU A 12 -11.00 3.56 -5.59
C LEU A 12 -11.73 4.48 -4.61
N CYS A 13 -11.02 4.87 -3.57
CA CYS A 13 -11.55 5.77 -2.55
C CYS A 13 -11.17 7.21 -2.87
N THR A 14 -12.15 7.99 -3.29
CA THR A 14 -11.91 9.38 -3.63
C THR A 14 -12.43 10.28 -2.53
N MET A 15 -11.53 11.03 -1.90
CA MET A 15 -11.91 11.93 -0.81
C MET A 15 -11.35 13.33 -1.06
N LYS A 16 -12.23 14.33 -1.03
CA LYS A 16 -11.82 15.71 -1.24
C LYS A 16 -11.66 16.43 0.09
N LYS A 17 -10.53 17.12 0.25
CA LYS A 17 -10.24 17.81 1.50
C LYS A 17 -10.97 19.16 1.58
N GLY A 18 -11.56 19.42 2.75
CA GLY A 18 -12.26 20.68 2.99
C GLY A 18 -12.36 20.93 4.50
N PRO A 19 -13.41 20.49 5.17
CA PRO A 19 -13.57 20.68 6.64
C PRO A 19 -12.24 20.75 7.38
N SER A 20 -11.49 19.65 7.36
CA SER A 20 -10.20 19.61 8.04
C SER A 20 -9.37 18.41 7.59
N GLY A 21 -8.86 18.46 6.37
CA GLY A 21 -8.05 17.37 5.85
C GLY A 21 -8.92 16.19 5.43
N TYR A 22 -8.28 15.16 4.91
CA TYR A 22 -8.99 13.96 4.47
C TYR A 22 -9.62 13.24 5.65
N GLY A 23 -8.92 13.23 6.78
CA GLY A 23 -9.43 12.56 7.99
C GLY A 23 -9.04 11.09 8.02
N PHE A 24 -7.74 10.83 7.91
CA PHE A 24 -7.22 9.46 7.92
C PHE A 24 -5.80 9.43 8.46
N ASN A 25 -5.33 8.26 8.90
CA ASN A 25 -3.99 8.12 9.47
C ASN A 25 -3.30 6.84 9.01
N LEU A 26 -2.01 6.95 8.70
CA LEU A 26 -1.22 5.79 8.26
C LEU A 26 0.10 5.74 9.03
N HIS A 27 0.34 4.63 9.73
CA HIS A 27 1.57 4.48 10.50
C HIS A 27 1.69 3.04 11.03
N SER A 28 2.69 2.82 11.88
CA SER A 28 2.91 1.50 12.46
C SER A 28 3.21 0.47 11.37
N ASP A 29 4.24 -0.33 11.59
CA ASP A 29 4.62 -1.35 10.62
C ASP A 29 5.88 -2.07 11.10
N LYS A 30 5.91 -2.44 12.36
CA LYS A 30 7.06 -3.15 12.89
C LYS A 30 7.21 -4.47 12.15
N SER A 31 8.40 -4.71 11.63
CA SER A 31 8.65 -5.93 10.89
C SER A 31 7.51 -6.22 9.92
N LYS A 32 6.97 -5.19 9.26
CA LYS A 32 5.86 -5.40 8.34
C LYS A 32 5.87 -4.43 7.13
N PRO A 33 6.14 -4.88 5.90
CA PRO A 33 6.15 -3.97 4.70
C PRO A 33 4.90 -3.09 4.57
N GLY A 34 5.06 -2.03 3.79
CA GLY A 34 3.99 -1.07 3.49
C GLY A 34 3.36 -0.46 4.73
N GLN A 35 2.27 0.29 4.49
CA GLN A 35 1.52 0.94 5.56
C GLN A 35 0.03 0.69 5.38
N PHE A 36 -0.74 0.87 6.45
CA PHE A 36 -2.19 0.65 6.41
C PHE A 36 -2.89 1.66 7.32
N ILE A 37 -4.20 1.79 7.14
CA ILE A 37 -4.96 2.74 7.95
C ILE A 37 -5.16 2.20 9.36
N ARG A 38 -4.78 2.99 10.37
CA ARG A 38 -4.95 2.57 11.75
C ARG A 38 -6.32 3.01 12.28
N SER A 39 -6.78 4.16 11.78
CA SER A 39 -8.08 4.68 12.19
C SER A 39 -8.57 5.73 11.21
N VAL A 40 -9.85 6.05 11.28
CA VAL A 40 -10.45 7.06 10.40
C VAL A 40 -11.24 8.08 11.21
N ASP A 41 -11.01 9.35 10.96
CA ASP A 41 -11.72 10.40 11.69
C ASP A 41 -13.23 10.32 11.42
N PRO A 42 -14.06 10.05 12.41
CA PRO A 42 -15.54 9.96 12.19
C PRO A 42 -16.10 11.21 11.49
N ASP A 43 -17.11 11.01 10.64
CA ASP A 43 -17.72 12.11 9.92
C ASP A 43 -16.69 12.81 9.04
N SER A 44 -15.92 12.03 8.29
CA SER A 44 -14.89 12.56 7.39
C SER A 44 -15.10 12.00 5.98
N PRO A 45 -14.72 12.74 4.96
CA PRO A 45 -14.89 12.27 3.54
C PRO A 45 -14.13 10.96 3.29
N ALA A 46 -13.07 10.75 4.07
CA ALA A 46 -12.28 9.52 3.93
C ALA A 46 -13.12 8.32 4.31
N GLU A 47 -13.92 8.47 5.35
CA GLU A 47 -14.78 7.39 5.81
C GLU A 47 -15.87 7.10 4.77
N ALA A 48 -16.45 8.18 4.23
CA ALA A 48 -17.50 8.05 3.23
C ALA A 48 -16.97 7.41 1.96
N SER A 49 -15.71 7.72 1.63
CA SER A 49 -15.09 7.18 0.42
C SER A 49 -15.05 5.66 0.47
N GLY A 50 -15.15 5.10 1.67
CA GLY A 50 -15.11 3.64 1.84
C GLY A 50 -13.82 3.19 2.48
N LEU A 51 -13.03 4.15 2.99
CA LEU A 51 -11.77 3.83 3.64
C LEU A 51 -12.04 3.26 5.02
N ARG A 52 -11.34 2.18 5.38
CA ARG A 52 -11.53 1.55 6.69
C ARG A 52 -10.19 1.41 7.42
N ALA A 53 -10.26 1.25 8.74
CA ALA A 53 -9.07 1.13 9.57
C ALA A 53 -8.34 -0.19 9.29
N GLN A 54 -8.86 -0.98 8.35
CA GLN A 54 -8.24 -2.26 8.00
C GLN A 54 -7.84 -2.28 6.53
N ASP A 55 -7.90 -1.12 5.88
CA ASP A 55 -7.56 -1.01 4.47
C ASP A 55 -6.06 -0.74 4.29
N ARG A 56 -5.52 -1.14 3.14
CA ARG A 56 -4.10 -0.94 2.83
C ARG A 56 -3.94 -0.15 1.54
N ILE A 57 -3.00 0.79 1.53
CA ILE A 57 -2.78 1.61 0.34
C ILE A 57 -1.98 0.84 -0.71
N VAL A 58 -2.55 0.71 -1.90
CA VAL A 58 -1.88 -0.01 -2.99
C VAL A 58 -1.37 0.98 -4.05
N GLU A 59 -2.23 1.93 -4.43
CA GLU A 59 -1.86 2.93 -5.44
C GLU A 59 -2.48 4.28 -5.09
N VAL A 60 -1.72 5.36 -5.31
CA VAL A 60 -2.22 6.72 -5.04
C VAL A 60 -2.25 7.52 -6.33
N ASN A 61 -3.41 8.07 -6.66
CA ASN A 61 -3.54 8.88 -7.87
C ASN A 61 -3.03 8.11 -9.09
N GLY A 62 -3.17 6.79 -9.07
CA GLY A 62 -2.73 5.97 -10.20
C GLY A 62 -1.21 5.78 -10.22
N VAL A 63 -0.56 5.93 -9.07
CA VAL A 63 0.90 5.77 -8.98
C VAL A 63 1.23 4.51 -8.18
N CYS A 64 2.21 3.75 -8.66
CA CYS A 64 2.59 2.51 -7.99
C CYS A 64 3.37 2.77 -6.70
N MET A 65 2.73 2.50 -5.57
CA MET A 65 3.38 2.66 -4.27
C MET A 65 4.44 1.58 -4.05
N GLU A 66 4.17 0.39 -4.56
CA GLU A 66 5.09 -0.72 -4.41
C GLU A 66 6.49 -0.33 -4.87
N GLY A 67 7.48 -0.69 -4.05
CA GLY A 67 8.88 -0.37 -4.37
C GLY A 67 9.20 1.08 -4.08
N LYS A 68 8.37 1.72 -3.25
CA LYS A 68 8.57 3.13 -2.89
C LYS A 68 8.64 3.29 -1.37
N GLN A 69 9.20 4.41 -0.92
CA GLN A 69 9.32 4.67 0.51
C GLN A 69 7.98 5.13 1.07
N HIS A 70 7.91 5.26 2.40
CA HIS A 70 6.69 5.70 3.05
C HIS A 70 6.41 7.17 2.74
N GLY A 71 7.47 7.93 2.48
CA GLY A 71 7.32 9.35 2.18
C GLY A 71 6.73 9.57 0.79
N ASP A 72 6.72 8.51 -0.01
CA ASP A 72 6.18 8.60 -1.37
C ASP A 72 4.65 8.70 -1.36
N VAL A 73 4.00 8.05 -0.39
CA VAL A 73 2.54 8.08 -0.33
C VAL A 73 2.01 9.49 -0.09
N VAL A 74 2.63 10.22 0.85
CA VAL A 74 2.21 11.58 1.13
C VAL A 74 2.51 12.48 -0.06
N SER A 75 3.64 12.22 -0.69
CA SER A 75 4.06 12.99 -1.85
C SER A 75 3.03 12.86 -2.98
N ALA A 76 2.51 11.65 -3.16
CA ALA A 76 1.53 11.41 -4.21
C ALA A 76 0.25 12.18 -3.94
N ILE A 77 -0.14 12.26 -2.67
CA ILE A 77 -1.34 12.99 -2.28
C ILE A 77 -1.21 14.48 -2.60
N ARG A 78 -0.05 15.05 -2.30
CA ARG A 78 0.17 16.46 -2.57
C ARG A 78 0.10 16.74 -4.07
N ALA A 79 0.61 15.80 -4.86
CA ALA A 79 0.59 15.95 -6.31
C ALA A 79 -0.84 16.05 -6.83
N GLY A 80 -1.74 15.29 -6.22
CA GLY A 80 -3.14 15.30 -6.63
C GLY A 80 -3.76 16.68 -6.45
N GLY A 81 -3.44 17.33 -5.33
CA GLY A 81 -3.96 18.66 -5.03
C GLY A 81 -4.87 18.65 -3.80
N ASP A 82 -6.05 19.21 -3.95
CA ASP A 82 -7.02 19.28 -2.85
C ASP A 82 -7.81 17.98 -2.75
N GLU A 83 -7.54 17.06 -3.65
CA GLU A 83 -8.25 15.77 -3.67
C GLU A 83 -7.25 14.64 -3.86
N THR A 84 -7.65 13.42 -3.48
CA THR A 84 -6.78 12.26 -3.61
C THR A 84 -7.58 11.00 -3.87
N LYS A 85 -6.92 9.99 -4.43
CA LYS A 85 -7.55 8.70 -4.72
C LYS A 85 -6.70 7.55 -4.21
N LEU A 86 -7.20 6.84 -3.21
CA LEU A 86 -6.47 5.73 -2.60
C LEU A 86 -7.08 4.40 -3.04
N LEU A 87 -6.23 3.48 -3.50
CA LEU A 87 -6.69 2.16 -3.94
C LEU A 87 -6.48 1.15 -2.81
N VAL A 88 -7.55 0.48 -2.40
CA VAL A 88 -7.48 -0.50 -1.31
C VAL A 88 -8.15 -1.81 -1.73
N VAL A 89 -7.90 -2.87 -0.97
CA VAL A 89 -8.48 -4.18 -1.25
C VAL A 89 -9.10 -4.80 0.00
N ASP A 90 -9.97 -5.78 -0.21
CA ASP A 90 -10.62 -6.46 0.90
C ASP A 90 -9.67 -7.46 1.52
N ARG A 91 -10.02 -7.97 2.70
CA ARG A 91 -9.16 -8.94 3.37
C ARG A 91 -9.03 -10.21 2.53
N GLU A 92 -10.14 -10.68 1.96
CA GLU A 92 -10.10 -11.87 1.12
C GLU A 92 -9.35 -11.58 -0.17
N THR A 93 -9.63 -10.42 -0.75
CA THR A 93 -8.99 -10.01 -1.99
C THR A 93 -7.48 -9.83 -1.80
N ASP A 94 -7.10 -9.20 -0.69
CA ASP A 94 -5.70 -8.95 -0.41
C ASP A 94 -4.89 -10.25 -0.47
N GLU A 95 -5.35 -11.27 0.26
CA GLU A 95 -4.64 -12.54 0.28
C GLU A 95 -4.74 -13.23 -1.08
N PHE A 96 -5.87 -13.05 -1.75
CA PHE A 96 -6.08 -13.67 -3.05
C PHE A 96 -5.03 -13.18 -4.05
N PHE A 97 -4.82 -11.87 -4.09
CA PHE A 97 -3.84 -11.30 -5.02
C PHE A 97 -2.39 -11.57 -4.57
N LYS A 98 -2.14 -11.53 -3.27
CA LYS A 98 -0.78 -11.74 -2.76
C LYS A 98 -0.23 -13.12 -3.13
N LYS A 99 -1.03 -14.17 -2.98
CA LYS A 99 -0.54 -15.51 -3.32
C LYS A 99 -0.28 -15.60 -4.81
N CYS A 100 -1.04 -14.83 -5.60
CA CYS A 100 -0.88 -14.81 -7.04
C CYS A 100 0.23 -13.85 -7.46
N ARG A 101 0.62 -12.96 -6.53
CA ARG A 101 1.67 -11.99 -6.82
C ARG A 101 1.35 -11.19 -8.08
N VAL A 102 0.06 -11.05 -8.37
CA VAL A 102 -0.38 -10.32 -9.56
C VAL A 102 -0.29 -8.81 -9.32
N ILE A 103 -0.16 -8.41 -8.07
CA ILE A 103 -0.07 -7.00 -7.71
C ILE A 103 -1.35 -6.26 -8.14
N PRO A 104 -2.28 -6.00 -7.24
CA PRO A 104 -3.54 -5.29 -7.59
C PRO A 104 -3.28 -3.90 -8.16
N SER A 105 -4.13 -3.49 -9.10
CA SER A 105 -4.00 -2.18 -9.73
C SER A 105 -5.37 -1.69 -10.22
N GLN A 106 -5.40 -0.49 -10.78
CA GLN A 106 -6.65 0.08 -11.25
C GLN A 106 -7.24 -0.73 -12.41
N GLU A 107 -6.38 -1.24 -13.28
CA GLU A 107 -6.84 -2.01 -14.42
C GLU A 107 -7.78 -3.14 -13.97
N HIS A 108 -7.65 -3.52 -12.70
CA HIS A 108 -8.48 -4.59 -12.16
C HIS A 108 -9.89 -4.08 -11.85
N LEU A 109 -10.03 -2.77 -11.70
CA LEU A 109 -11.33 -2.19 -11.40
C LEU A 109 -12.30 -2.47 -12.54
N ASN A 110 -11.81 -2.34 -13.77
CA ASN A 110 -12.62 -2.58 -14.97
C ASN A 110 -12.21 -3.89 -15.63
N GLY A 111 -13.18 -4.75 -15.89
CA GLY A 111 -12.92 -6.05 -16.52
C GLY A 111 -12.91 -7.18 -15.48
N PRO A 112 -13.08 -8.40 -15.92
CA PRO A 112 -13.08 -9.59 -15.00
C PRO A 112 -11.72 -9.89 -14.39
N LEU A 113 -11.75 -10.54 -13.23
CA LEU A 113 -10.54 -10.91 -12.49
C LEU A 113 -9.55 -11.67 -13.40
N PRO A 114 -8.29 -11.71 -13.02
CA PRO A 114 -7.24 -12.43 -13.81
C PRO A 114 -7.45 -13.95 -13.78
N VAL A 115 -7.72 -14.46 -12.59
CA VAL A 115 -7.93 -15.89 -12.41
C VAL A 115 -6.70 -16.69 -12.86
N PRO A 116 -6.23 -17.64 -12.06
CA PRO A 116 -5.04 -18.47 -12.43
C PRO A 116 -5.39 -19.58 -13.41
N PHE A 117 -6.01 -19.20 -14.53
CA PHE A 117 -6.41 -20.18 -15.55
C PHE A 117 -6.25 -19.58 -16.95
N THR A 118 -5.28 -20.09 -17.70
CA THR A 118 -5.04 -19.60 -19.06
C THR A 118 -5.11 -18.07 -19.12
N ASN A 119 -3.96 -17.43 -18.96
CA ASN A 119 -3.88 -15.96 -19.00
C ASN A 119 -3.20 -15.49 -20.28
N GLY A 120 -3.95 -14.77 -21.10
CA GLY A 120 -3.41 -14.25 -22.36
C GLY A 120 -4.22 -13.07 -22.86
N GLU A 121 -4.37 -12.06 -22.01
CA GLU A 121 -5.14 -10.87 -22.37
C GLU A 121 -4.47 -10.14 -23.53
N ILE A 122 -5.29 -9.66 -24.47
CA ILE A 122 -4.79 -8.93 -25.64
C ILE A 122 -5.44 -7.55 -25.73
N GLN A 123 -4.66 -6.56 -26.17
CA GLN A 123 -5.15 -5.19 -26.30
C GLN A 123 -4.55 -4.51 -27.53
N LYS A 124 -3.92 -5.32 -28.38
CA LYS A 124 -3.31 -4.80 -29.61
C LYS A 124 -2.34 -3.66 -29.27
N GLU A 125 -1.46 -3.90 -28.31
CA GLU A 125 -0.48 -2.88 -27.92
C GLU A 125 0.52 -2.65 -29.03
N ASN A 126 0.97 -1.40 -29.17
CA ASN A 126 1.93 -1.03 -30.21
C ASN A 126 2.85 0.07 -29.71
N SER A 127 4.16 -0.18 -29.76
CA SER A 127 5.15 0.79 -29.32
C SER A 127 6.29 0.89 -30.33
N ARG A 128 6.94 2.06 -30.38
CA ARG A 128 8.05 2.27 -31.31
C ARG A 128 9.38 1.97 -30.63
N GLU A 129 9.68 0.68 -30.47
CA GLU A 129 10.93 0.25 -29.83
C GLU A 129 11.85 -0.38 -30.86
N ALA A 130 13.03 0.21 -31.06
CA ALA A 130 13.98 -0.32 -32.02
C ALA A 130 15.30 0.46 -31.95
N LEU A 131 15.25 1.73 -32.32
CA LEU A 131 16.44 2.58 -32.30
C LEU A 131 17.67 1.80 -32.78
N ALA A 132 17.45 0.91 -33.73
CA ALA A 132 18.53 0.10 -34.28
C ALA A 132 19.53 0.96 -35.03
N GLU A 133 20.81 0.60 -34.91
CA GLU A 133 21.87 1.34 -35.59
C GLU A 133 21.95 0.95 -37.05
N ALA A 134 22.55 1.83 -37.86
CA ALA A 134 22.68 1.56 -39.29
C ALA A 134 23.57 2.61 -39.95
N ALA A 135 23.01 3.34 -40.90
CA ALA A 135 23.77 4.37 -41.62
C ALA A 135 24.80 3.74 -42.54
N LEU A 136 24.48 3.68 -43.82
CA LEU A 136 25.40 3.10 -44.80
C LEU A 136 26.49 4.11 -45.15
N GLU A 137 27.69 3.60 -45.39
CA GLU A 137 28.82 4.46 -45.73
C GLU A 137 29.02 5.51 -44.65
N SER A 138 29.55 5.10 -43.51
CA SER A 138 29.80 6.03 -42.42
C SER A 138 30.63 5.34 -41.32
N PRO A 139 31.19 6.08 -40.38
CA PRO A 139 32.02 5.47 -39.29
C PRO A 139 31.23 4.44 -38.46
N ARG A 140 31.93 3.40 -38.03
CA ARG A 140 31.32 2.32 -37.25
C ARG A 140 31.07 2.77 -35.81
N PRO A 141 30.07 2.20 -35.14
CA PRO A 141 29.75 2.54 -33.73
C PRO A 141 30.79 1.99 -32.74
N ALA A 142 30.91 2.65 -31.60
CA ALA A 142 31.86 2.22 -30.58
C ALA A 142 31.31 1.02 -29.82
N LEU A 143 30.23 0.44 -30.34
CA LEU A 143 29.60 -0.71 -29.71
C LEU A 143 29.40 -0.46 -28.22
N VAL A 144 28.25 0.12 -27.87
CA VAL A 144 27.93 0.40 -26.47
C VAL A 144 26.80 -0.51 -26.01
N ARG A 145 27.06 -1.27 -24.94
CA ARG A 145 26.06 -2.19 -24.41
C ARG A 145 24.83 -1.41 -23.93
N SER A 146 25.08 -0.32 -23.22
CA SER A 146 23.98 0.51 -22.71
C SER A 146 24.50 1.88 -22.27
N ALA A 147 23.59 2.84 -22.15
CA ALA A 147 23.96 4.19 -21.73
C ALA A 147 23.97 4.29 -20.21
N SER A 148 25.16 4.41 -19.63
CA SER A 148 25.27 4.51 -18.18
C SER A 148 24.70 5.83 -17.68
N SER A 149 23.91 5.76 -16.61
CA SER A 149 23.30 6.96 -16.04
C SER A 149 24.37 7.84 -15.40
N ASP A 150 25.41 7.23 -14.87
CA ASP A 150 26.49 7.97 -14.23
C ASP A 150 27.15 8.91 -15.23
N THR A 151 27.43 10.14 -14.78
CA THR A 151 28.06 11.14 -15.64
C THR A 151 29.39 11.59 -15.04
N SER A 152 30.44 11.55 -15.86
CA SER A 152 31.77 11.95 -15.39
C SER A 152 32.63 12.39 -16.58
N GLU A 153 33.71 13.12 -16.29
CA GLU A 153 34.61 13.61 -17.33
C GLU A 153 36.06 13.47 -16.87
N GLU A 154 36.96 13.28 -17.83
CA GLU A 154 38.39 13.14 -17.54
C GLU A 154 39.04 14.51 -17.45
N LEU A 155 39.94 14.66 -16.49
CA LEU A 155 40.65 15.94 -16.31
C LEU A 155 41.66 16.14 -17.44
N ASN A 156 41.77 17.38 -17.92
CA ASN A 156 42.70 17.70 -19.00
C ASN A 156 43.18 19.13 -18.89
N SER A 157 44.39 19.37 -19.39
CA SER A 157 44.98 20.71 -19.36
C SER A 157 46.03 20.85 -20.46
N GLN A 158 46.36 22.10 -20.79
CA GLN A 158 47.36 22.37 -21.83
C GLN A 158 48.64 22.93 -21.21
N ASP A 159 49.78 22.55 -21.78
CA ASP A 159 51.07 23.00 -21.28
C ASP A 159 51.44 24.36 -21.88
N SER A 160 51.04 25.43 -21.20
CA SER A 160 51.33 26.79 -21.68
C SER A 160 52.71 27.23 -21.14
N PRO A 161 53.42 28.08 -21.86
CA PRO A 161 54.80 28.54 -21.44
C PRO A 161 54.81 29.37 -20.15
N PRO A 162 55.98 29.62 -19.61
CA PRO A 162 56.16 30.40 -18.34
C PRO A 162 55.32 31.69 -18.28
N LYS A 163 55.40 32.53 -19.31
CA LYS A 163 54.67 33.79 -19.31
C LYS A 163 53.17 33.60 -19.51
N GLN A 164 52.39 34.38 -18.74
CA GLN A 164 50.93 34.34 -18.81
C GLN A 164 50.45 34.77 -20.20
N ASP A 165 51.07 35.83 -20.72
CA ASP A 165 50.69 36.34 -22.04
C ASP A 165 49.20 36.62 -22.12
N SER A 166 48.62 37.06 -21.00
CA SER A 166 47.20 37.37 -20.97
C SER A 166 46.86 38.20 -19.74
N THR A 167 46.89 39.53 -19.90
CA THR A 167 46.60 40.43 -18.78
C THR A 167 45.16 40.94 -18.84
N ALA A 168 44.46 40.62 -19.93
CA ALA A 168 43.07 41.06 -20.08
C ALA A 168 42.34 40.26 -21.17
N PRO A 169 41.06 39.93 -21.01
CA PRO A 169 40.31 39.14 -22.05
C PRO A 169 40.29 39.82 -23.42
N SER A 170 40.26 39.00 -24.47
CA SER A 170 40.23 39.51 -25.84
C SER A 170 38.93 40.27 -26.10
N SER A 171 37.82 39.75 -25.56
CA SER A 171 36.53 40.39 -25.75
C SER A 171 36.44 41.66 -24.90
N THR A 172 35.85 42.71 -25.48
CA THR A 172 35.72 43.98 -24.78
C THR A 172 34.41 44.03 -23.98
N SER A 173 33.52 43.10 -24.28
CA SER A 173 32.24 43.03 -23.60
C SER A 173 31.66 41.63 -23.70
N SER A 174 30.72 41.32 -22.82
CA SER A 174 30.09 40.01 -22.83
C SER A 174 28.73 40.07 -22.16
N SER A 175 27.92 39.05 -22.39
CA SER A 175 26.60 38.99 -21.79
C SER A 175 26.16 37.54 -21.64
N ASP A 176 25.15 37.31 -20.81
CA ASP A 176 24.62 35.98 -20.54
C ASP A 176 24.40 35.16 -21.81
N PRO A 177 24.32 33.85 -21.69
CA PRO A 177 24.08 32.95 -22.85
C PRO A 177 22.93 33.44 -23.74
N ILE A 178 21.73 33.31 -23.21
CA ILE A 178 20.53 33.72 -23.91
C ILE A 178 19.46 34.07 -22.89
N LEU A 179 18.53 33.15 -22.67
CA LEU A 179 17.46 33.35 -21.70
C LEU A 179 17.64 32.41 -20.51
N ASP A 180 17.33 32.90 -19.31
CA ASP A 180 17.45 32.09 -18.10
C ASP A 180 16.25 31.16 -17.96
N PHE A 181 15.33 31.26 -18.92
CA PHE A 181 14.13 30.43 -18.90
C PHE A 181 14.49 28.95 -18.94
N ASN A 182 15.47 28.61 -19.77
CA ASN A 182 15.90 27.22 -19.90
C ASN A 182 16.40 26.68 -18.56
N ILE A 183 17.12 27.52 -17.82
CA ILE A 183 17.64 27.09 -16.52
C ILE A 183 16.49 26.78 -15.57
N SER A 184 15.48 27.65 -15.56
CA SER A 184 14.33 27.43 -14.69
C SER A 184 13.59 26.17 -15.08
N LEU A 185 13.54 25.90 -16.37
CA LEU A 185 12.86 24.70 -16.88
C LEU A 185 13.56 23.45 -16.38
N ALA A 186 14.89 23.48 -16.38
CA ALA A 186 15.67 22.32 -15.93
C ALA A 186 15.37 22.00 -14.47
N MET A 187 15.17 23.04 -13.67
CA MET A 187 14.89 22.85 -12.24
C MET A 187 13.56 22.12 -12.07
N ALA A 188 12.58 22.44 -12.91
CA ALA A 188 11.27 21.81 -12.84
C ALA A 188 11.40 20.29 -12.89
N LYS A 189 12.55 19.81 -13.33
CA LYS A 189 12.78 18.37 -13.42
C LYS A 189 12.70 17.73 -12.04
N GLU A 190 12.52 18.54 -11.01
CA GLU A 190 12.41 18.04 -9.64
C GLU A 190 11.36 16.93 -9.55
N ARG A 191 10.64 16.72 -10.64
CA ARG A 191 9.59 15.70 -10.67
C ARG A 191 10.19 14.32 -10.37
N ALA A 192 11.33 14.02 -10.99
CA ALA A 192 11.98 12.72 -10.79
C ALA A 192 13.49 12.89 -10.69
N HIS A 193 13.95 14.14 -10.74
CA HIS A 193 15.38 14.43 -10.65
C HIS A 193 15.92 14.07 -9.27
N GLN A 194 15.12 14.35 -8.24
CA GLN A 194 15.53 14.06 -6.85
C GLN A 194 16.37 12.78 -6.77
N LYS A 195 17.63 12.92 -6.39
CA LYS A 195 18.52 11.77 -6.26
C LYS A 195 18.03 10.82 -5.19
N ARG A 196 17.62 11.37 -4.05
CA ARG A 196 17.13 10.55 -2.95
C ARG A 196 16.42 11.41 -1.91
N SER A 197 16.77 12.69 -1.88
CA SER A 197 16.15 13.61 -0.92
C SER A 197 16.19 13.01 0.47
N SER A 198 17.32 13.17 1.15
CA SER A 198 17.48 12.63 2.50
C SER A 198 16.54 13.34 3.48
N LYS A 199 15.94 12.57 4.37
CA LYS A 199 15.03 13.12 5.36
C LYS A 199 14.00 14.03 4.69
N ARG A 200 13.07 14.56 5.49
CA ARG A 200 12.02 15.44 4.97
C ARG A 200 12.11 16.84 5.57
N ALA A 201 12.37 17.83 4.71
CA ALA A 201 12.45 19.22 5.14
C ALA A 201 12.69 20.14 3.93
N PRO A 202 13.83 20.05 3.27
CA PRO A 202 14.15 20.88 2.08
C PRO A 202 12.92 21.29 1.26
N GLN A 203 12.84 22.58 0.96
CA GLN A 203 11.74 23.13 0.14
C GLN A 203 12.25 24.35 -0.63
N MET A 204 13.39 24.90 -0.18
CA MET A 204 13.97 26.07 -0.82
C MET A 204 13.03 27.26 -0.75
N ASP A 205 11.90 27.17 -1.43
CA ASP A 205 10.93 28.25 -1.44
C ASP A 205 10.43 28.54 -0.03
N TRP A 206 10.27 29.81 0.29
CA TRP A 206 9.81 30.21 1.61
C TRP A 206 8.42 29.64 1.88
N SER A 207 7.59 29.60 0.84
CA SER A 207 6.24 29.07 0.98
C SER A 207 5.56 29.65 2.21
N LYS A 208 4.49 29.00 2.65
CA LYS A 208 3.74 29.45 3.83
C LYS A 208 3.47 28.29 4.76
N LYS A 209 3.67 28.50 6.06
CA LYS A 209 3.45 27.45 7.05
C LYS A 209 1.97 27.12 7.13
N ASN A 210 1.60 25.96 6.60
CA ASN A 210 0.20 25.53 6.62
C ASN A 210 -0.71 26.66 6.17
N GLU A 211 -2.03 26.41 6.22
CA GLU A 211 -3.02 27.41 5.81
C GLU A 211 -4.07 27.60 6.89
N LEU A 212 -4.33 26.52 7.64
CA LEU A 212 -5.32 26.58 8.71
C LEU A 212 -5.28 25.29 9.53
N PHE A 213 -4.27 25.17 10.39
CA PHE A 213 -4.11 23.98 11.23
C PHE A 213 -4.53 22.72 10.49
N SER A 214 -4.39 22.74 9.17
CA SER A 214 -4.77 21.60 8.34
C SER A 214 -3.96 20.38 8.73
N ASN A 215 -4.59 19.21 8.67
CA ASN A 215 -3.92 17.96 9.02
C ASN A 215 -3.17 17.40 7.80
N LEU A 216 -1.85 17.48 7.85
CA LEU A 216 -1.03 16.98 6.75
C LEU A 216 0.34 16.55 7.27
N GLY A 1 -25.02 -15.49 -12.35
CA GLY A 1 -24.97 -14.01 -12.20
C GLY A 1 -23.53 -13.57 -11.91
N ILE A 2 -23.19 -13.54 -10.63
CA ILE A 2 -21.84 -13.14 -10.20
C ILE A 2 -21.08 -14.36 -9.67
N ASP A 3 -19.87 -14.56 -10.17
CA ASP A 3 -19.06 -15.69 -9.74
C ASP A 3 -18.45 -15.44 -8.35
N PRO A 4 -18.33 -16.44 -7.50
CA PRO A 4 -17.72 -16.24 -6.15
C PRO A 4 -16.29 -15.71 -6.27
N PHE A 5 -15.62 -16.04 -7.37
CA PHE A 5 -14.23 -15.62 -7.57
C PHE A 5 -14.14 -14.23 -8.21
N THR A 6 -15.00 -13.94 -9.17
CA THR A 6 -14.96 -12.65 -9.86
C THR A 6 -15.39 -11.51 -8.93
N MET A 7 -15.86 -11.85 -7.74
CA MET A 7 -16.30 -10.83 -6.78
C MET A 7 -15.09 -10.20 -6.09
N LEU A 8 -13.91 -10.77 -6.33
CA LEU A 8 -12.68 -10.27 -5.73
C LEU A 8 -12.03 -9.22 -6.64
N ARG A 9 -12.20 -7.95 -6.28
CA ARG A 9 -11.64 -6.85 -7.07
C ARG A 9 -11.28 -5.67 -6.17
N PRO A 10 -10.29 -4.87 -6.55
CA PRO A 10 -9.87 -3.69 -5.75
C PRO A 10 -10.92 -2.58 -5.76
N ARG A 11 -10.83 -1.67 -4.79
CA ARG A 11 -11.78 -0.56 -4.67
C ARG A 11 -11.01 0.75 -4.57
N LEU A 12 -11.41 1.75 -5.37
CA LEU A 12 -10.74 3.05 -5.36
C LEU A 12 -11.57 4.05 -4.56
N CYS A 13 -11.04 4.43 -3.40
CA CYS A 13 -11.72 5.39 -2.53
C CYS A 13 -11.24 6.81 -2.83
N THR A 14 -12.19 7.73 -2.98
CA THR A 14 -11.86 9.13 -3.27
C THR A 14 -12.29 10.02 -2.10
N MET A 15 -11.35 10.77 -1.56
CA MET A 15 -11.63 11.67 -0.43
C MET A 15 -11.11 13.07 -0.71
N LYS A 16 -11.83 14.06 -0.21
CA LYS A 16 -11.46 15.47 -0.37
C LYS A 16 -11.12 16.07 0.99
N LYS A 17 -9.93 16.65 1.11
CA LYS A 17 -9.51 17.23 2.38
C LYS A 17 -10.33 18.48 2.70
N GLY A 18 -10.69 18.63 3.97
CA GLY A 18 -11.48 19.78 4.41
C GLY A 18 -11.12 20.16 5.85
N PRO A 19 -11.42 19.31 6.79
CA PRO A 19 -11.12 19.56 8.22
C PRO A 19 -9.63 19.42 8.54
N SER A 20 -8.84 20.38 8.06
CA SER A 20 -7.40 20.36 8.30
C SER A 20 -6.79 19.02 7.90
N GLY A 21 -7.44 18.31 6.99
CA GLY A 21 -6.92 17.01 6.54
C GLY A 21 -8.02 16.17 5.92
N TYR A 22 -7.71 14.90 5.67
CA TYR A 22 -8.68 13.98 5.07
C TYR A 22 -9.51 13.28 6.14
N GLY A 23 -9.26 13.63 7.40
CA GLY A 23 -10.02 13.03 8.50
C GLY A 23 -9.72 11.54 8.62
N PHE A 24 -8.46 11.16 8.36
CA PHE A 24 -8.05 9.76 8.43
C PHE A 24 -6.64 9.66 9.02
N ASN A 25 -6.24 8.46 9.44
CA ASN A 25 -4.92 8.26 10.04
C ASN A 25 -3.97 7.52 9.10
N LEU A 26 -2.83 8.16 8.80
CA LEU A 26 -1.82 7.56 7.93
C LEU A 26 -0.45 8.16 8.25
N HIS A 27 0.56 7.31 8.36
CA HIS A 27 1.92 7.77 8.64
C HIS A 27 2.93 6.64 8.46
N SER A 28 4.21 6.98 8.42
CA SER A 28 5.26 5.98 8.25
C SER A 28 5.20 4.95 9.36
N ASP A 29 5.30 3.68 8.99
CA ASP A 29 5.28 2.60 9.97
C ASP A 29 6.59 2.54 10.73
N LYS A 30 6.52 2.23 12.02
CA LYS A 30 7.72 2.14 12.84
C LYS A 30 8.63 1.03 12.30
N SER A 31 8.01 -0.10 11.94
CA SER A 31 8.76 -1.24 11.40
C SER A 31 7.82 -2.34 10.97
N LYS A 32 7.24 -2.21 9.76
CA LYS A 32 6.32 -3.22 9.28
C LYS A 32 5.98 -3.02 7.81
N PRO A 33 6.21 -4.01 6.94
CA PRO A 33 5.88 -3.92 5.49
C PRO A 33 4.56 -3.21 5.20
N GLY A 34 4.55 -2.52 4.06
CA GLY A 34 3.36 -1.79 3.60
C GLY A 34 2.82 -0.85 4.67
N GLN A 35 1.63 -0.32 4.39
CA GLN A 35 0.95 0.59 5.31
C GLN A 35 -0.53 0.21 5.39
N PHE A 36 -1.17 0.58 6.49
CA PHE A 36 -2.57 0.27 6.70
C PHE A 36 -3.24 1.39 7.49
N ILE A 37 -4.55 1.54 7.32
CA ILE A 37 -5.29 2.58 8.02
C ILE A 37 -5.50 2.22 9.48
N ARG A 38 -5.06 3.09 10.37
CA ARG A 38 -5.23 2.83 11.80
C ARG A 38 -6.70 2.95 12.19
N SER A 39 -7.34 4.01 11.70
CA SER A 39 -8.75 4.25 11.99
C SER A 39 -9.30 5.35 11.10
N VAL A 40 -10.63 5.47 11.05
CA VAL A 40 -11.28 6.50 10.25
C VAL A 40 -12.10 7.42 11.14
N ASP A 41 -11.91 8.72 11.00
CA ASP A 41 -12.65 9.69 11.80
C ASP A 41 -14.12 9.72 11.36
N PRO A 42 -15.06 9.39 12.22
CA PRO A 42 -16.50 9.41 11.82
C PRO A 42 -16.91 10.76 11.22
N ASP A 43 -17.80 10.70 10.24
CA ASP A 43 -18.27 11.91 9.57
C ASP A 43 -17.14 12.62 8.83
N SER A 44 -16.52 11.93 7.88
CA SER A 44 -15.43 12.52 7.11
C SER A 44 -15.46 12.01 5.66
N PRO A 45 -14.64 12.56 4.79
CA PRO A 45 -14.61 12.14 3.36
C PRO A 45 -14.08 10.71 3.21
N ALA A 46 -13.13 10.37 4.07
CA ALA A 46 -12.51 9.06 4.05
C ALA A 46 -13.54 7.97 4.31
N GLU A 47 -14.48 8.25 5.19
CA GLU A 47 -15.53 7.29 5.51
C GLU A 47 -16.47 7.13 4.33
N ALA A 48 -16.86 8.25 3.72
CA ALA A 48 -17.76 8.25 2.58
C ALA A 48 -17.09 7.62 1.36
N SER A 49 -15.80 7.87 1.21
CA SER A 49 -15.05 7.33 0.07
C SER A 49 -15.13 5.81 0.03
N GLY A 50 -15.17 5.19 1.21
CA GLY A 50 -15.25 3.73 1.31
C GLY A 50 -13.99 3.16 1.98
N LEU A 51 -13.20 4.04 2.58
CA LEU A 51 -11.99 3.62 3.26
C LEU A 51 -12.32 2.93 4.58
N ARG A 52 -11.50 1.95 4.96
CA ARG A 52 -11.74 1.22 6.21
C ARG A 52 -10.47 1.19 7.06
N ALA A 53 -10.64 0.84 8.34
CA ALA A 53 -9.53 0.79 9.28
C ALA A 53 -8.66 -0.44 9.06
N GLN A 54 -9.11 -1.35 8.21
CA GLN A 54 -8.35 -2.58 7.92
C GLN A 54 -7.95 -2.63 6.45
N ASP A 55 -8.09 -1.50 5.76
CA ASP A 55 -7.74 -1.42 4.35
C ASP A 55 -6.27 -1.10 4.16
N ARG A 56 -5.65 -1.68 3.13
CA ARG A 56 -4.23 -1.46 2.82
C ARG A 56 -4.09 -0.59 1.58
N ILE A 57 -3.13 0.32 1.59
CA ILE A 57 -2.91 1.20 0.44
C ILE A 57 -2.12 0.47 -0.64
N VAL A 58 -2.69 0.40 -1.84
CA VAL A 58 -2.03 -0.26 -2.97
C VAL A 58 -1.48 0.78 -3.94
N GLU A 59 -2.33 1.74 -4.32
CA GLU A 59 -1.94 2.79 -5.26
C GLU A 59 -2.57 4.12 -4.86
N VAL A 60 -1.86 5.22 -5.15
CA VAL A 60 -2.36 6.56 -4.84
C VAL A 60 -2.50 7.37 -6.12
N ASN A 61 -3.69 7.90 -6.36
CA ASN A 61 -3.92 8.70 -7.55
C ASN A 61 -3.37 8.00 -8.79
N GLY A 62 -3.36 6.68 -8.76
CA GLY A 62 -2.87 5.90 -9.91
C GLY A 62 -1.34 5.80 -9.92
N VAL A 63 -0.72 5.94 -8.74
CA VAL A 63 0.74 5.85 -8.64
C VAL A 63 1.13 4.60 -7.85
N CYS A 64 2.10 3.85 -8.39
CA CYS A 64 2.56 2.62 -7.77
C CYS A 64 3.23 2.90 -6.43
N MET A 65 2.82 2.15 -5.40
CA MET A 65 3.38 2.30 -4.05
C MET A 65 4.32 1.13 -3.74
N GLU A 66 4.30 0.11 -4.60
CA GLU A 66 5.14 -1.06 -4.39
C GLU A 66 6.61 -0.74 -4.67
N GLY A 67 7.48 -1.21 -3.80
CA GLY A 67 8.92 -0.98 -3.96
C GLY A 67 9.26 0.49 -3.70
N LYS A 68 8.36 1.18 -3.01
CA LYS A 68 8.56 2.60 -2.69
C LYS A 68 8.59 2.80 -1.18
N GLN A 69 9.38 3.79 -0.74
CA GLN A 69 9.49 4.09 0.68
C GLN A 69 8.15 4.57 1.23
N HIS A 70 7.92 4.35 2.52
CA HIS A 70 6.66 4.75 3.14
C HIS A 70 6.43 6.26 2.94
N GLY A 71 7.50 7.00 2.73
CA GLY A 71 7.39 8.44 2.51
C GLY A 71 6.78 8.73 1.14
N ASP A 72 6.73 7.72 0.29
CA ASP A 72 6.19 7.87 -1.05
C ASP A 72 4.67 8.06 -1.01
N VAL A 73 4.01 7.42 -0.05
CA VAL A 73 2.54 7.52 0.05
C VAL A 73 2.11 8.97 0.28
N VAL A 74 2.77 9.65 1.21
CA VAL A 74 2.43 11.04 1.49
C VAL A 74 2.80 11.93 0.32
N SER A 75 3.91 11.58 -0.32
CA SER A 75 4.38 12.32 -1.47
C SER A 75 3.33 12.32 -2.59
N ALA A 76 2.74 11.16 -2.84
CA ALA A 76 1.72 11.04 -3.88
C ALA A 76 0.47 11.84 -3.51
N ILE A 77 0.11 11.81 -2.24
CA ILE A 77 -1.07 12.53 -1.77
C ILE A 77 -0.88 14.04 -1.97
N ARG A 78 0.30 14.53 -1.62
CA ARG A 78 0.59 15.95 -1.76
C ARG A 78 0.52 16.36 -3.23
N ALA A 79 1.02 15.50 -4.10
CA ALA A 79 1.01 15.77 -5.54
C ALA A 79 -0.42 15.84 -6.07
N GLY A 80 -1.30 15.01 -5.50
CA GLY A 80 -2.69 14.97 -5.94
C GLY A 80 -3.34 16.35 -5.82
N GLY A 81 -3.08 17.03 -4.70
CA GLY A 81 -3.65 18.37 -4.47
C GLY A 81 -4.58 18.39 -3.27
N ASP A 82 -5.70 19.09 -3.41
CA ASP A 82 -6.67 19.19 -2.32
C ASP A 82 -7.50 17.92 -2.19
N GLU A 83 -7.31 16.99 -3.13
CA GLU A 83 -8.05 15.72 -3.12
C GLU A 83 -7.10 14.56 -3.38
N THR A 84 -7.49 13.35 -2.95
CA THR A 84 -6.65 12.17 -3.16
C THR A 84 -7.50 10.93 -3.38
N LYS A 85 -6.90 9.91 -4.01
CA LYS A 85 -7.60 8.65 -4.28
C LYS A 85 -6.72 7.48 -3.87
N LEU A 86 -7.25 6.64 -2.96
CA LEU A 86 -6.51 5.49 -2.46
C LEU A 86 -7.12 4.18 -2.98
N LEU A 87 -6.27 3.26 -3.42
CA LEU A 87 -6.74 1.96 -3.91
C LEU A 87 -6.53 0.90 -2.84
N VAL A 88 -7.61 0.21 -2.47
CA VAL A 88 -7.56 -0.83 -1.44
C VAL A 88 -8.22 -2.11 -1.94
N VAL A 89 -7.99 -3.21 -1.22
CA VAL A 89 -8.56 -4.52 -1.58
C VAL A 89 -9.24 -5.16 -0.38
N ASP A 90 -10.12 -6.11 -0.65
CA ASP A 90 -10.83 -6.81 0.41
C ASP A 90 -9.91 -7.86 1.04
N ARG A 91 -10.29 -8.35 2.21
CA ARG A 91 -9.47 -9.34 2.88
C ARG A 91 -9.34 -10.60 2.02
N GLU A 92 -10.44 -11.02 1.39
CA GLU A 92 -10.40 -12.20 0.53
C GLU A 92 -9.59 -11.89 -0.73
N THR A 93 -9.80 -10.69 -1.28
CA THR A 93 -9.10 -10.27 -2.48
C THR A 93 -7.60 -10.14 -2.22
N ASP A 94 -7.24 -9.55 -1.09
CA ASP A 94 -5.83 -9.37 -0.75
C ASP A 94 -5.09 -10.69 -0.75
N GLU A 95 -5.62 -11.68 -0.05
CA GLU A 95 -4.97 -12.98 0.00
C GLU A 95 -5.03 -13.67 -1.36
N PHE A 96 -6.14 -13.47 -2.08
CA PHE A 96 -6.30 -14.08 -3.38
C PHE A 96 -5.27 -13.57 -4.40
N PHE A 97 -5.07 -12.26 -4.44
CA PHE A 97 -4.13 -11.67 -5.39
C PHE A 97 -2.67 -12.05 -5.09
N LYS A 98 -2.28 -12.03 -3.81
CA LYS A 98 -0.88 -12.34 -3.48
C LYS A 98 -0.53 -13.79 -3.82
N LYS A 99 -1.42 -14.73 -3.54
CA LYS A 99 -1.13 -16.13 -3.84
C LYS A 99 -1.17 -16.36 -5.34
N CYS A 100 -1.94 -15.53 -6.04
CA CYS A 100 -2.07 -15.64 -7.48
C CYS A 100 -0.85 -15.01 -8.16
N ARG A 101 0.02 -14.40 -7.36
CA ARG A 101 1.20 -13.75 -7.89
C ARG A 101 0.83 -12.72 -8.95
N VAL A 102 -0.22 -11.94 -8.67
CA VAL A 102 -0.68 -10.91 -9.60
C VAL A 102 -0.61 -9.53 -8.95
N ILE A 103 -0.06 -8.57 -9.67
CA ILE A 103 0.09 -7.21 -9.17
C ILE A 103 -1.22 -6.43 -9.36
N PRO A 104 -1.92 -6.04 -8.29
CA PRO A 104 -3.20 -5.28 -8.42
C PRO A 104 -2.97 -3.83 -8.87
N SER A 105 -3.94 -3.30 -9.61
CA SER A 105 -3.86 -1.93 -10.11
C SER A 105 -5.24 -1.41 -10.49
N GLN A 106 -5.32 -0.13 -10.84
CA GLN A 106 -6.60 0.49 -11.19
C GLN A 106 -7.22 -0.15 -12.44
N GLU A 107 -6.39 -0.60 -13.37
CA GLU A 107 -6.90 -1.22 -14.59
C GLU A 107 -7.83 -2.38 -14.24
N HIS A 108 -7.70 -2.90 -13.02
CA HIS A 108 -8.52 -4.03 -12.58
C HIS A 108 -9.90 -3.55 -12.15
N LEU A 109 -10.03 -2.26 -11.89
CA LEU A 109 -11.30 -1.71 -11.47
C LEU A 109 -12.35 -1.91 -12.56
N ASN A 110 -11.93 -1.68 -13.81
CA ASN A 110 -12.82 -1.85 -14.96
C ASN A 110 -12.41 -3.05 -15.80
N GLY A 111 -13.40 -3.81 -16.26
CA GLY A 111 -13.15 -4.98 -17.09
C GLY A 111 -13.04 -6.27 -16.25
N PRO A 112 -12.79 -7.40 -16.90
CA PRO A 112 -12.66 -8.72 -16.20
C PRO A 112 -11.39 -8.81 -15.34
N LEU A 113 -11.44 -9.71 -14.36
CA LEU A 113 -10.32 -9.92 -13.45
C LEU A 113 -9.08 -10.42 -14.20
N PRO A 114 -7.91 -10.39 -13.56
CA PRO A 114 -6.65 -10.87 -14.21
C PRO A 114 -6.77 -12.31 -14.70
N VAL A 115 -7.47 -13.14 -13.92
CA VAL A 115 -7.63 -14.55 -14.25
C VAL A 115 -8.10 -14.72 -15.70
N PRO A 116 -7.50 -15.60 -16.49
CA PRO A 116 -7.94 -15.82 -17.90
C PRO A 116 -9.41 -16.12 -18.00
N PHE A 117 -10.01 -15.70 -19.11
CA PHE A 117 -11.42 -15.89 -19.35
C PHE A 117 -11.65 -16.69 -20.64
N THR A 118 -11.82 -15.98 -21.75
CA THR A 118 -12.05 -16.64 -23.05
C THR A 118 -11.18 -16.00 -24.12
N ASN A 119 -10.65 -14.83 -23.83
CA ASN A 119 -9.80 -14.12 -24.78
C ASN A 119 -10.56 -13.87 -26.09
N GLY A 120 -11.82 -13.50 -25.97
CA GLY A 120 -12.63 -13.24 -27.16
C GLY A 120 -11.86 -12.37 -28.15
N GLU A 121 -11.66 -12.89 -29.36
CA GLU A 121 -10.93 -12.15 -30.38
C GLU A 121 -11.70 -10.90 -30.78
N ILE A 122 -13.04 -11.01 -30.78
CA ILE A 122 -13.90 -9.88 -31.14
C ILE A 122 -14.86 -9.56 -30.00
N GLN A 123 -14.35 -9.60 -28.77
CA GLN A 123 -15.18 -9.31 -27.59
C GLN A 123 -16.36 -10.28 -27.51
N LYS A 124 -16.65 -10.75 -26.30
CA LYS A 124 -17.75 -11.68 -26.08
C LYS A 124 -19.08 -10.93 -25.98
N GLU A 125 -20.10 -11.44 -26.67
CA GLU A 125 -21.41 -10.81 -26.65
C GLU A 125 -22.05 -10.93 -25.28
N ASN A 126 -21.90 -12.11 -24.67
CA ASN A 126 -22.46 -12.35 -23.34
C ASN A 126 -23.97 -12.12 -23.35
N SER A 127 -24.63 -12.51 -24.44
CA SER A 127 -26.08 -12.34 -24.56
C SER A 127 -26.81 -13.54 -23.95
N ARG A 128 -26.07 -14.59 -23.65
CA ARG A 128 -26.67 -15.80 -23.07
C ARG A 128 -27.30 -15.51 -21.73
N GLU A 129 -26.61 -14.73 -20.92
CA GLU A 129 -27.10 -14.37 -19.60
C GLU A 129 -28.28 -13.40 -19.72
N ALA A 130 -29.45 -13.84 -19.28
CA ALA A 130 -30.64 -13.00 -19.34
C ALA A 130 -31.76 -13.58 -18.48
N LEU A 131 -32.01 -14.88 -18.63
CA LEU A 131 -33.06 -15.56 -17.87
C LEU A 131 -32.43 -16.42 -16.78
N ALA A 132 -32.75 -16.11 -15.52
CA ALA A 132 -32.21 -16.85 -14.39
C ALA A 132 -33.14 -16.76 -13.19
N GLU A 133 -33.43 -17.89 -12.57
CA GLU A 133 -34.31 -17.92 -11.41
C GLU A 133 -34.33 -19.33 -10.81
N ALA A 134 -33.43 -19.59 -9.87
CA ALA A 134 -33.35 -20.89 -9.22
C ALA A 134 -32.77 -20.77 -7.83
N ALA A 135 -33.13 -21.70 -6.95
CA ALA A 135 -32.63 -21.70 -5.59
C ALA A 135 -32.76 -20.31 -4.97
N LEU A 136 -34.00 -19.84 -4.87
CA LEU A 136 -34.25 -18.53 -4.29
C LEU A 136 -34.12 -18.59 -2.77
N GLU A 137 -33.57 -17.54 -2.17
CA GLU A 137 -33.39 -17.50 -0.73
C GLU A 137 -32.92 -18.84 -0.20
N SER A 138 -33.01 -19.03 1.11
CA SER A 138 -32.58 -20.29 1.73
C SER A 138 -33.55 -20.68 2.85
N PRO A 139 -34.72 -21.12 2.49
CA PRO A 139 -35.76 -21.55 3.48
C PRO A 139 -35.27 -22.70 4.35
N ARG A 140 -35.70 -22.70 5.62
CA ARG A 140 -35.30 -23.74 6.55
C ARG A 140 -33.79 -23.76 6.74
N PRO A 141 -33.22 -22.72 7.31
CA PRO A 141 -31.76 -22.62 7.54
C PRO A 141 -31.30 -23.50 8.70
N ALA A 142 -31.47 -24.81 8.54
CA ALA A 142 -31.07 -25.75 9.58
C ALA A 142 -29.56 -25.77 9.75
N LEU A 143 -29.11 -26.01 10.98
CA LEU A 143 -27.68 -26.06 11.27
C LEU A 143 -27.02 -24.73 10.92
N VAL A 144 -25.69 -24.70 10.99
CA VAL A 144 -24.94 -23.49 10.67
C VAL A 144 -25.49 -22.31 11.47
N ARG A 145 -25.19 -22.28 12.76
CA ARG A 145 -25.65 -21.19 13.63
C ARG A 145 -25.02 -19.87 13.20
N SER A 146 -23.73 -19.91 12.88
CA SER A 146 -23.01 -18.71 12.46
C SER A 146 -23.08 -17.64 13.54
N ALA A 147 -22.04 -16.82 13.62
CA ALA A 147 -21.98 -15.76 14.62
C ALA A 147 -23.06 -14.71 14.34
N SER A 148 -23.61 -14.14 15.41
CA SER A 148 -24.64 -13.12 15.29
C SER A 148 -24.12 -11.91 14.52
N SER A 149 -22.89 -11.51 14.84
CA SER A 149 -22.27 -10.37 14.17
C SER A 149 -20.76 -10.52 14.14
N ASP A 150 -20.10 -9.80 13.24
CA ASP A 150 -18.66 -9.85 13.10
C ASP A 150 -17.99 -8.84 14.01
N THR A 151 -18.38 -8.82 15.28
CA THR A 151 -17.81 -7.87 16.24
C THR A 151 -16.56 -8.48 16.90
N SER A 152 -15.44 -7.79 16.75
CA SER A 152 -14.19 -8.25 17.33
C SER A 152 -14.18 -8.02 18.85
N GLU A 153 -13.47 -8.89 19.58
CA GLU A 153 -13.39 -8.76 21.03
C GLU A 153 -12.06 -8.16 21.44
N GLU A 154 -12.12 -7.02 22.14
CA GLU A 154 -10.91 -6.33 22.60
C GLU A 154 -11.17 -5.65 23.93
N LEU A 155 -10.20 -5.75 24.84
CA LEU A 155 -10.33 -5.13 26.15
C LEU A 155 -9.01 -5.23 26.91
N ASN A 156 -8.03 -4.43 26.50
CA ASN A 156 -6.72 -4.44 27.14
C ASN A 156 -5.94 -3.17 26.81
N SER A 157 -4.79 -2.99 27.46
CA SER A 157 -3.96 -1.82 27.22
C SER A 157 -4.81 -0.55 27.20
N GLN A 158 -5.84 -0.53 28.04
CA GLN A 158 -6.72 0.63 28.13
C GLN A 158 -5.99 1.81 28.76
N ASP A 159 -4.79 1.55 29.27
CA ASP A 159 -4.00 2.60 29.94
C ASP A 159 -3.17 3.42 28.95
N SER A 160 -3.48 3.30 27.66
CA SER A 160 -2.78 4.06 26.63
C SER A 160 -1.26 4.01 26.88
N PRO A 161 -0.63 2.91 26.57
CA PRO A 161 0.85 2.69 26.78
C PRO A 161 1.78 3.56 25.89
N PRO A 162 2.33 4.66 26.39
CA PRO A 162 3.29 5.52 25.65
C PRO A 162 4.12 4.75 24.59
N LYS A 163 4.30 5.35 23.40
CA LYS A 163 5.08 4.73 22.32
C LYS A 163 6.53 5.23 22.33
N GLN A 164 7.43 4.43 21.76
CA GLN A 164 8.86 4.79 21.70
C GLN A 164 9.09 5.88 20.65
N ASP A 165 9.93 6.85 20.99
CA ASP A 165 10.24 7.94 20.07
C ASP A 165 10.91 7.41 18.80
N SER A 166 10.63 8.05 17.67
CA SER A 166 11.20 7.61 16.39
C SER A 166 12.73 7.62 16.46
N THR A 167 13.28 8.67 17.07
CA THR A 167 14.73 8.77 17.22
C THR A 167 15.10 8.46 18.67
N ALA A 168 15.90 7.42 18.87
CA ALA A 168 16.29 7.01 20.22
C ALA A 168 17.47 7.85 20.77
N PRO A 169 17.48 8.22 22.04
CA PRO A 169 18.61 9.03 22.63
C PRO A 169 19.97 8.32 22.56
N SER A 170 19.96 6.99 22.44
CA SER A 170 21.21 6.22 22.39
C SER A 170 21.05 4.95 21.56
N SER A 171 22.14 4.50 20.92
CA SER A 171 22.09 3.29 20.10
C SER A 171 21.65 2.10 20.94
N THR A 172 22.16 2.01 22.17
CA THR A 172 21.82 0.91 23.06
C THR A 172 20.32 0.92 23.38
N SER A 173 19.80 2.10 23.71
CA SER A 173 18.39 2.24 24.04
C SER A 173 17.95 1.15 25.01
N SER A 174 17.20 0.18 24.50
CA SER A 174 16.72 -0.93 25.33
C SER A 174 15.89 -0.39 26.50
N SER A 175 14.98 -1.21 26.99
CA SER A 175 14.12 -0.81 28.11
C SER A 175 14.90 -0.81 29.41
N ASP A 176 14.33 -0.15 30.42
CA ASP A 176 14.95 -0.05 31.74
C ASP A 176 15.80 -1.30 32.08
N PRO A 177 16.84 -1.15 32.87
CA PRO A 177 17.73 -2.29 33.25
C PRO A 177 17.08 -3.26 34.22
N ILE A 178 17.52 -4.52 34.15
CA ILE A 178 17.03 -5.58 35.04
C ILE A 178 18.20 -6.44 35.52
N LEU A 179 18.46 -6.41 36.81
CA LEU A 179 19.57 -7.18 37.38
C LEU A 179 19.06 -8.52 37.93
N ASP A 180 19.62 -9.61 37.42
CA ASP A 180 19.23 -10.95 37.86
C ASP A 180 20.29 -11.53 38.80
N PHE A 181 21.31 -10.72 39.10
CA PHE A 181 22.38 -11.17 39.97
C PHE A 181 21.84 -11.51 41.36
N ASN A 182 20.99 -10.63 41.88
CA ASN A 182 20.41 -10.85 43.21
C ASN A 182 19.51 -12.09 43.20
N ILE A 183 18.71 -12.22 42.15
CA ILE A 183 17.80 -13.37 42.03
C ILE A 183 18.61 -14.67 41.89
N SER A 184 19.63 -14.62 41.05
CA SER A 184 20.48 -15.79 40.83
C SER A 184 21.14 -16.22 42.14
N LEU A 185 21.54 -15.24 42.94
CA LEU A 185 22.18 -15.53 44.22
C LEU A 185 21.23 -16.31 45.12
N ALA A 186 19.96 -15.90 45.12
CA ALA A 186 18.96 -16.57 45.95
C ALA A 186 18.82 -18.04 45.55
N MET A 187 18.80 -18.30 44.25
CA MET A 187 18.67 -19.68 43.77
C MET A 187 19.90 -20.50 44.14
N ALA A 188 21.07 -19.88 44.03
CA ALA A 188 22.31 -20.57 44.36
C ALA A 188 22.35 -20.96 45.83
N LYS A 189 21.89 -20.07 46.69
CA LYS A 189 21.87 -20.33 48.13
C LYS A 189 20.95 -21.50 48.46
N GLU A 190 19.78 -21.52 47.83
CA GLU A 190 18.82 -22.60 48.07
C GLU A 190 19.36 -23.92 47.55
N ARG A 191 20.08 -23.86 46.44
CA ARG A 191 20.66 -25.06 45.83
C ARG A 191 21.63 -25.73 46.79
N ALA A 192 22.44 -24.92 47.48
CA ALA A 192 23.42 -25.46 48.42
C ALA A 192 22.75 -26.33 49.47
N HIS A 193 21.57 -25.93 49.92
CA HIS A 193 20.83 -26.70 50.93
C HIS A 193 20.23 -27.96 50.31
N GLN A 194 20.15 -28.00 48.99
CA GLN A 194 19.58 -29.15 48.29
C GLN A 194 18.19 -29.47 48.84
N LYS A 195 17.22 -28.62 48.51
CA LYS A 195 15.85 -28.83 48.98
C LYS A 195 15.13 -29.84 48.09
N ARG A 196 14.04 -30.42 48.61
CA ARG A 196 13.28 -31.40 47.87
C ARG A 196 13.04 -30.91 46.43
N SER A 197 13.89 -31.34 45.52
CA SER A 197 13.77 -30.94 44.11
C SER A 197 13.41 -29.45 44.00
N SER A 198 13.66 -28.70 45.07
CA SER A 198 13.35 -27.28 45.07
C SER A 198 11.98 -27.01 44.47
N LYS A 199 10.98 -26.85 45.33
CA LYS A 199 9.61 -26.58 44.88
C LYS A 199 9.28 -25.10 45.02
N ARG A 200 9.17 -24.41 43.88
CA ARG A 200 8.85 -22.99 43.88
C ARG A 200 7.88 -22.68 42.74
N ALA A 201 6.85 -21.89 43.05
CA ALA A 201 5.86 -21.53 42.04
C ALA A 201 6.51 -20.67 40.96
N PRO A 202 5.83 -20.39 39.88
CA PRO A 202 6.40 -19.56 38.76
C PRO A 202 6.84 -18.17 39.26
N GLN A 203 7.95 -17.68 38.73
CA GLN A 203 8.48 -16.38 39.12
C GLN A 203 7.80 -15.26 38.33
N MET A 204 7.43 -15.56 37.08
CA MET A 204 6.76 -14.57 36.21
C MET A 204 5.27 -14.87 36.10
N ASP A 205 4.45 -13.84 36.30
CA ASP A 205 3.01 -14.00 36.22
C ASP A 205 2.60 -14.38 34.80
N TRP A 206 3.30 -13.82 33.82
CA TRP A 206 3.02 -14.10 32.41
C TRP A 206 1.64 -13.58 32.03
N SER A 207 1.41 -13.41 30.73
CA SER A 207 0.12 -12.91 30.24
C SER A 207 -0.33 -13.70 29.02
N LYS A 208 -1.65 -13.85 28.86
CA LYS A 208 -2.19 -14.59 27.74
C LYS A 208 -2.19 -13.73 26.48
N LYS A 209 -1.82 -12.47 26.63
CA LYS A 209 -1.78 -11.55 25.50
C LYS A 209 -3.14 -11.48 24.81
N ASN A 210 -3.19 -10.79 23.67
CA ASN A 210 -4.44 -10.67 22.92
C ASN A 210 -4.16 -10.56 21.42
N GLU A 211 -4.35 -11.67 20.72
CA GLU A 211 -4.11 -11.72 19.27
C GLU A 211 -2.88 -10.89 18.89
N LEU A 212 -3.01 -10.05 17.86
CA LEU A 212 -1.92 -9.20 17.41
C LEU A 212 -2.42 -7.79 17.09
N PHE A 213 -1.69 -6.78 17.54
CA PHE A 213 -2.05 -5.39 17.31
C PHE A 213 -0.89 -4.61 16.72
N SER A 214 -1.20 -3.62 15.88
CA SER A 214 -0.17 -2.81 15.24
C SER A 214 -0.73 -1.43 14.90
N ASN A 215 0.17 -0.49 14.60
CA ASN A 215 -0.24 0.87 14.27
C ASN A 215 0.73 1.49 13.27
N LEU A 216 0.37 2.66 12.75
CA LEU A 216 1.20 3.36 11.79
C LEU A 216 2.60 3.60 12.37
N GLY A 1 -26.02 -16.21 -10.90
CA GLY A 1 -25.72 -15.57 -12.20
C GLY A 1 -24.34 -14.94 -12.15
N ILE A 2 -23.96 -14.44 -10.97
CA ILE A 2 -22.65 -13.81 -10.77
C ILE A 2 -21.75 -14.69 -9.92
N ASP A 3 -20.54 -14.96 -10.40
CA ASP A 3 -19.60 -15.80 -9.66
C ASP A 3 -19.08 -15.04 -8.43
N PRO A 4 -18.84 -15.72 -7.33
CA PRO A 4 -18.32 -15.06 -6.09
C PRO A 4 -16.86 -14.62 -6.25
N PHE A 5 -16.15 -15.27 -7.16
CA PHE A 5 -14.75 -14.96 -7.40
C PHE A 5 -14.56 -13.58 -8.00
N THR A 6 -15.42 -13.24 -8.96
CA THR A 6 -15.33 -11.95 -9.65
C THR A 6 -15.51 -10.79 -8.66
N MET A 7 -16.27 -11.00 -7.61
CA MET A 7 -16.51 -9.96 -6.63
C MET A 7 -15.19 -9.55 -5.98
N LEU A 8 -14.27 -10.50 -5.89
CA LEU A 8 -12.98 -10.23 -5.29
C LEU A 8 -12.16 -9.31 -6.18
N ARG A 9 -12.48 -8.01 -6.16
CA ARG A 9 -11.75 -7.03 -6.96
C ARG A 9 -11.40 -5.79 -6.11
N PRO A 10 -10.39 -5.01 -6.45
CA PRO A 10 -10.03 -3.78 -5.67
C PRO A 10 -11.05 -2.66 -5.87
N ARG A 11 -11.08 -1.71 -4.94
CA ARG A 11 -12.00 -0.57 -5.04
C ARG A 11 -11.20 0.73 -4.86
N LEU A 12 -11.49 1.73 -5.70
CA LEU A 12 -10.78 3.02 -5.63
C LEU A 12 -11.58 4.01 -4.79
N CYS A 13 -11.00 4.43 -3.67
CA CYS A 13 -11.66 5.38 -2.78
C CYS A 13 -11.27 6.81 -3.13
N THR A 14 -12.27 7.70 -3.20
CA THR A 14 -12.02 9.10 -3.53
C THR A 14 -12.56 10.00 -2.41
N MET A 15 -11.69 10.86 -1.87
CA MET A 15 -12.10 11.77 -0.79
C MET A 15 -11.53 13.16 -1.03
N LYS A 16 -12.37 14.18 -0.85
CA LYS A 16 -11.96 15.57 -1.05
C LYS A 16 -11.70 16.22 0.31
N LYS A 17 -10.60 16.97 0.41
CA LYS A 17 -10.24 17.64 1.66
C LYS A 17 -10.99 18.98 1.78
N GLY A 18 -11.18 19.46 3.01
CA GLY A 18 -11.86 20.72 3.23
C GLY A 18 -11.46 21.32 4.58
N PRO A 19 -11.94 20.78 5.69
CA PRO A 19 -11.58 21.32 7.04
C PRO A 19 -10.07 21.43 7.26
N SER A 20 -9.32 20.40 6.85
CA SER A 20 -7.86 20.41 7.01
C SER A 20 -7.24 19.05 6.65
N GLY A 21 -7.92 18.29 5.79
CA GLY A 21 -7.39 16.99 5.40
C GLY A 21 -8.53 16.04 5.05
N TYR A 22 -8.22 14.74 4.96
CA TYR A 22 -9.22 13.73 4.62
C TYR A 22 -9.65 12.96 5.87
N GLY A 23 -9.15 13.39 7.02
CA GLY A 23 -9.49 12.74 8.29
C GLY A 23 -9.11 11.26 8.28
N PHE A 24 -7.83 10.99 8.07
CA PHE A 24 -7.33 9.61 8.04
C PHE A 24 -5.87 9.57 8.50
N ASN A 25 -5.48 8.47 9.15
CA ASN A 25 -4.12 8.31 9.67
C ASN A 25 -3.38 7.15 8.99
N LEU A 26 -2.06 7.30 8.87
CA LEU A 26 -1.22 6.27 8.25
C LEU A 26 0.09 6.13 9.04
N HIS A 27 0.47 4.88 9.32
CA HIS A 27 1.72 4.63 10.06
C HIS A 27 2.41 3.38 9.50
N SER A 28 3.74 3.44 9.40
CA SER A 28 4.52 2.32 8.90
C SER A 28 5.26 1.63 10.04
N ASP A 29 4.65 0.59 10.60
CA ASP A 29 5.26 -0.14 11.70
C ASP A 29 6.40 -1.00 11.17
N LYS A 30 7.43 -1.17 12.00
CA LYS A 30 8.57 -1.99 11.60
C LYS A 30 8.12 -3.44 11.38
N SER A 31 7.27 -3.92 12.29
CA SER A 31 6.74 -5.28 12.22
C SER A 31 5.83 -5.48 11.01
N LYS A 32 5.10 -4.43 10.63
CA LYS A 32 4.18 -4.49 9.49
C LYS A 32 4.74 -3.68 8.30
N PRO A 33 5.39 -4.32 7.34
CA PRO A 33 5.96 -3.61 6.14
C PRO A 33 4.90 -2.83 5.36
N GLY A 34 5.31 -1.71 4.77
CA GLY A 34 4.41 -0.90 3.97
C GLY A 34 3.54 0.00 4.84
N GLN A 35 2.82 0.91 4.19
CA GLN A 35 1.92 1.83 4.90
C GLN A 35 0.50 1.28 4.88
N PHE A 36 -0.23 1.54 5.96
CA PHE A 36 -1.61 1.09 6.08
C PHE A 36 -2.43 2.07 6.92
N ILE A 37 -3.74 1.90 6.91
CA ILE A 37 -4.62 2.79 7.66
C ILE A 37 -4.77 2.31 9.09
N ARG A 38 -4.17 3.03 10.03
CA ARG A 38 -4.25 2.67 11.43
C ARG A 38 -5.67 2.89 11.95
N SER A 39 -6.26 4.02 11.57
CA SER A 39 -7.62 4.35 11.99
C SER A 39 -8.22 5.42 11.08
N VAL A 40 -9.54 5.53 11.09
CA VAL A 40 -10.24 6.53 10.28
C VAL A 40 -11.26 7.28 11.13
N ASP A 41 -11.27 8.62 11.01
CA ASP A 41 -12.20 9.42 11.81
C ASP A 41 -13.65 8.92 11.54
N PRO A 42 -14.42 8.56 12.56
CA PRO A 42 -15.83 8.06 12.35
C PRO A 42 -16.67 8.99 11.47
N ASP A 43 -16.45 10.30 11.59
CA ASP A 43 -17.20 11.30 10.80
C ASP A 43 -16.27 12.00 9.81
N SER A 44 -15.71 11.25 8.87
CA SER A 44 -14.80 11.84 7.89
C SER A 44 -15.07 11.29 6.49
N PRO A 45 -14.72 12.02 5.46
CA PRO A 45 -14.94 11.60 4.05
C PRO A 45 -14.28 10.26 3.72
N ALA A 46 -13.07 10.05 4.26
CA ALA A 46 -12.33 8.81 4.00
C ALA A 46 -13.16 7.59 4.34
N GLU A 47 -13.89 7.67 5.45
CA GLU A 47 -14.73 6.56 5.89
C GLU A 47 -15.82 6.29 4.85
N ALA A 48 -16.46 7.35 4.40
CA ALA A 48 -17.53 7.24 3.41
C ALA A 48 -16.98 6.76 2.07
N SER A 49 -15.77 7.20 1.74
CA SER A 49 -15.14 6.83 0.48
C SER A 49 -15.00 5.31 0.36
N GLY A 50 -14.99 4.63 1.51
CA GLY A 50 -14.86 3.17 1.55
C GLY A 50 -13.55 2.76 2.21
N LEU A 51 -12.81 3.73 2.69
CA LEU A 51 -11.52 3.46 3.34
C LEU A 51 -11.77 2.93 4.76
N ARG A 52 -11.06 1.86 5.14
CA ARG A 52 -11.22 1.27 6.47
C ARG A 52 -9.86 1.12 7.15
N ALA A 53 -9.90 0.95 8.47
CA ALA A 53 -8.66 0.82 9.26
C ALA A 53 -7.94 -0.49 8.94
N GLN A 54 -8.50 -1.27 8.00
CA GLN A 54 -7.88 -2.56 7.62
C GLN A 54 -7.56 -2.58 6.13
N ASP A 55 -7.26 -1.41 5.56
CA ASP A 55 -6.93 -1.30 4.14
C ASP A 55 -5.48 -0.85 3.96
N ARG A 56 -4.91 -1.17 2.79
CA ARG A 56 -3.52 -0.79 2.48
C ARG A 56 -3.47 0.03 1.20
N ILE A 57 -2.58 1.00 1.14
CA ILE A 57 -2.46 1.85 -0.04
C ILE A 57 -1.68 1.13 -1.14
N VAL A 58 -2.31 1.01 -2.32
CA VAL A 58 -1.68 0.36 -3.45
C VAL A 58 -1.26 1.39 -4.49
N GLU A 59 -2.17 2.32 -4.79
CA GLU A 59 -1.88 3.38 -5.77
C GLU A 59 -2.54 4.69 -5.35
N VAL A 60 -1.88 5.81 -5.65
CA VAL A 60 -2.41 7.14 -5.32
C VAL A 60 -2.48 8.00 -6.58
N ASN A 61 -3.65 8.51 -6.88
CA ASN A 61 -3.84 9.36 -8.05
C ASN A 61 -3.21 8.70 -9.28
N GLY A 62 -3.22 7.37 -9.31
CA GLY A 62 -2.67 6.64 -10.45
C GLY A 62 -1.15 6.51 -10.37
N VAL A 63 -0.60 6.58 -9.16
CA VAL A 63 0.85 6.47 -8.97
C VAL A 63 1.19 5.14 -8.27
N CYS A 64 2.16 4.42 -8.80
CA CYS A 64 2.56 3.13 -8.21
C CYS A 64 3.26 3.32 -6.88
N MET A 65 2.80 2.57 -5.86
CA MET A 65 3.38 2.64 -4.52
C MET A 65 4.04 1.30 -4.15
N GLU A 66 3.22 0.29 -3.92
CA GLU A 66 3.72 -1.02 -3.56
C GLU A 66 4.79 -0.91 -2.47
N GLY A 67 6.04 -1.15 -2.85
CA GLY A 67 7.15 -1.10 -1.89
C GLY A 67 7.89 0.23 -1.94
N LYS A 68 7.16 1.33 -2.12
CA LYS A 68 7.77 2.65 -2.17
C LYS A 68 8.11 3.15 -0.76
N GLN A 69 8.61 4.39 -0.70
CA GLN A 69 8.96 5.00 0.58
C GLN A 69 7.71 5.49 1.29
N HIS A 70 7.83 5.74 2.59
CA HIS A 70 6.69 6.20 3.37
C HIS A 70 6.36 7.65 3.03
N GLY A 71 7.33 8.37 2.48
CA GLY A 71 7.13 9.76 2.11
C GLY A 71 6.45 9.87 0.74
N ASP A 72 6.52 8.78 -0.02
CA ASP A 72 5.92 8.76 -1.35
C ASP A 72 4.40 8.88 -1.29
N VAL A 73 3.78 8.26 -0.30
CA VAL A 73 2.32 8.29 -0.18
C VAL A 73 1.82 9.72 0.03
N VAL A 74 2.44 10.44 0.96
CA VAL A 74 2.04 11.83 1.22
C VAL A 74 2.38 12.71 0.03
N SER A 75 3.52 12.44 -0.57
CA SER A 75 3.97 13.20 -1.72
C SER A 75 2.96 13.08 -2.87
N ALA A 76 2.46 11.87 -3.09
CA ALA A 76 1.48 11.66 -4.16
C ALA A 76 0.19 12.41 -3.85
N ILE A 77 -0.21 12.41 -2.59
CA ILE A 77 -1.43 13.09 -2.18
C ILE A 77 -1.31 14.59 -2.42
N ARG A 78 -0.16 15.16 -2.07
CA ARG A 78 0.07 16.59 -2.26
C ARG A 78 0.02 16.94 -3.74
N ALA A 79 0.59 16.07 -4.57
CA ALA A 79 0.61 16.29 -6.00
C ALA A 79 -0.81 16.29 -6.58
N GLY A 80 -1.66 15.44 -6.01
CA GLY A 80 -3.04 15.33 -6.48
C GLY A 80 -3.75 16.68 -6.39
N GLY A 81 -3.54 17.38 -5.28
CA GLY A 81 -4.15 18.70 -5.07
C GLY A 81 -5.06 18.69 -3.85
N ASP A 82 -6.22 19.33 -3.98
CA ASP A 82 -7.18 19.41 -2.87
C ASP A 82 -7.95 18.11 -2.72
N GLU A 83 -7.74 17.18 -3.64
CA GLU A 83 -8.43 15.89 -3.62
C GLU A 83 -7.41 14.75 -3.73
N THR A 84 -7.83 13.53 -3.41
CA THR A 84 -6.94 12.38 -3.49
C THR A 84 -7.73 11.10 -3.75
N LYS A 85 -7.08 10.10 -4.33
CA LYS A 85 -7.72 8.82 -4.61
C LYS A 85 -6.82 7.67 -4.17
N LEU A 86 -7.29 6.87 -3.23
CA LEU A 86 -6.52 5.76 -2.69
C LEU A 86 -7.08 4.42 -3.16
N LEU A 87 -6.21 3.56 -3.70
CA LEU A 87 -6.62 2.23 -4.18
C LEU A 87 -6.36 1.21 -3.08
N VAL A 88 -7.40 0.45 -2.71
CA VAL A 88 -7.28 -0.56 -1.66
C VAL A 88 -7.93 -1.87 -2.09
N VAL A 89 -7.64 -2.94 -1.35
CA VAL A 89 -8.19 -4.27 -1.65
C VAL A 89 -8.98 -4.82 -0.47
N ASP A 90 -10.14 -5.39 -0.75
CA ASP A 90 -10.97 -5.97 0.30
C ASP A 90 -10.20 -7.08 1.00
N ARG A 91 -10.70 -7.52 2.15
CA ARG A 91 -10.02 -8.58 2.88
C ARG A 91 -9.95 -9.86 2.06
N GLU A 92 -11.05 -10.21 1.38
CA GLU A 92 -11.08 -11.41 0.56
C GLU A 92 -10.16 -11.22 -0.65
N THR A 93 -10.25 -10.05 -1.27
CA THR A 93 -9.44 -9.73 -2.43
C THR A 93 -7.96 -9.67 -2.08
N ASP A 94 -7.66 -9.05 -0.94
CA ASP A 94 -6.28 -8.91 -0.50
C ASP A 94 -5.58 -10.26 -0.37
N GLU A 95 -6.21 -11.18 0.35
CA GLU A 95 -5.62 -12.51 0.53
C GLU A 95 -5.60 -13.28 -0.78
N PHE A 96 -6.62 -13.05 -1.61
CA PHE A 96 -6.71 -13.73 -2.89
C PHE A 96 -5.50 -13.41 -3.76
N PHE A 97 -5.13 -12.13 -3.81
CA PHE A 97 -3.99 -11.69 -4.62
C PHE A 97 -2.67 -12.23 -4.05
N LYS A 98 -2.56 -12.31 -2.72
CA LYS A 98 -1.32 -12.79 -2.11
C LYS A 98 -0.98 -14.22 -2.55
N LYS A 99 -1.98 -15.09 -2.60
CA LYS A 99 -1.74 -16.47 -3.02
C LYS A 99 -1.56 -16.54 -4.53
N CYS A 100 -1.95 -15.48 -5.22
CA CYS A 100 -1.81 -15.42 -6.68
C CYS A 100 -0.50 -14.73 -7.06
N ARG A 101 0.11 -14.05 -6.10
CA ARG A 101 1.36 -13.34 -6.33
C ARG A 101 1.21 -12.36 -7.49
N VAL A 102 0.09 -11.63 -7.50
CA VAL A 102 -0.18 -10.65 -8.55
C VAL A 102 -0.28 -9.25 -7.95
N ILE A 103 0.40 -8.30 -8.59
CA ILE A 103 0.40 -6.93 -8.12
C ILE A 103 -0.93 -6.23 -8.49
N PRO A 104 -1.74 -5.82 -7.53
CA PRO A 104 -3.03 -5.14 -7.84
C PRO A 104 -2.83 -3.72 -8.35
N SER A 105 -3.75 -3.27 -9.21
CA SER A 105 -3.69 -1.94 -9.79
C SER A 105 -5.07 -1.49 -10.28
N GLN A 106 -5.19 -0.22 -10.66
CA GLN A 106 -6.47 0.31 -11.11
C GLN A 106 -6.96 -0.40 -12.38
N GLU A 107 -6.04 -0.78 -13.26
CA GLU A 107 -6.42 -1.46 -14.49
C GLU A 107 -7.39 -2.61 -14.18
N HIS A 108 -7.26 -3.19 -12.99
CA HIS A 108 -8.11 -4.30 -12.58
C HIS A 108 -9.55 -3.85 -12.37
N LEU A 109 -9.73 -2.56 -12.09
CA LEU A 109 -11.07 -2.02 -11.87
C LEU A 109 -11.89 -2.15 -13.13
N ASN A 110 -11.25 -1.89 -14.27
CA ASN A 110 -11.94 -1.98 -15.56
C ASN A 110 -11.77 -3.38 -16.17
N GLY A 111 -12.84 -4.16 -16.09
CA GLY A 111 -12.86 -5.51 -16.65
C GLY A 111 -12.34 -6.57 -15.68
N PRO A 112 -12.83 -7.79 -15.80
CA PRO A 112 -12.45 -8.94 -14.92
C PRO A 112 -11.05 -8.89 -14.28
N LEU A 113 -10.95 -9.66 -13.18
CA LEU A 113 -9.73 -9.84 -12.40
C LEU A 113 -8.53 -10.11 -13.31
N PRO A 114 -7.30 -10.11 -12.77
CA PRO A 114 -6.04 -10.38 -13.52
C PRO A 114 -6.19 -11.25 -14.78
N VAL A 115 -5.25 -12.18 -14.93
CA VAL A 115 -5.23 -13.08 -16.07
C VAL A 115 -5.07 -12.32 -17.38
N PRO A 116 -4.22 -11.33 -17.41
CA PRO A 116 -3.95 -10.52 -18.64
C PRO A 116 -3.31 -11.36 -19.72
N PHE A 117 -3.61 -11.04 -20.97
CA PHE A 117 -3.05 -11.79 -22.11
C PHE A 117 -1.68 -11.22 -22.49
N THR A 118 -0.90 -12.03 -23.21
CA THR A 118 0.42 -11.61 -23.63
C THR A 118 0.32 -10.63 -24.80
N ASN A 119 1.42 -9.94 -25.09
CA ASN A 119 1.46 -8.97 -26.18
C ASN A 119 1.80 -9.67 -27.50
N GLY A 120 0.83 -9.70 -28.41
CA GLY A 120 1.04 -10.33 -29.70
C GLY A 120 -0.19 -10.17 -30.59
N GLU A 121 -1.36 -10.26 -29.99
CA GLU A 121 -2.61 -10.11 -30.74
C GLU A 121 -2.78 -8.69 -31.23
N ILE A 122 -3.11 -8.53 -32.51
CA ILE A 122 -3.30 -7.22 -33.11
C ILE A 122 -4.66 -7.13 -33.79
N GLN A 123 -5.28 -5.96 -33.75
CA GLN A 123 -6.58 -5.75 -34.36
C GLN A 123 -6.43 -5.29 -35.81
N LYS A 124 -5.18 -5.08 -36.23
CA LYS A 124 -4.91 -4.65 -37.59
C LYS A 124 -5.24 -5.76 -38.58
N GLU A 125 -6.02 -5.43 -39.61
CA GLU A 125 -6.41 -6.41 -40.62
C GLU A 125 -6.75 -7.75 -39.98
N ASN A 126 -6.88 -8.79 -40.81
CA ASN A 126 -7.21 -10.11 -40.31
C ASN A 126 -6.81 -11.18 -41.32
N SER A 127 -6.98 -12.45 -40.95
CA SER A 127 -6.63 -13.57 -41.82
C SER A 127 -7.67 -14.68 -41.71
N ARG A 128 -8.72 -14.59 -42.53
CA ARG A 128 -9.78 -15.60 -42.52
C ARG A 128 -10.36 -15.78 -43.92
N GLU A 129 -10.59 -17.03 -44.30
CA GLU A 129 -11.16 -17.34 -45.62
C GLU A 129 -12.60 -17.80 -45.50
N ALA A 130 -13.52 -17.02 -46.05
CA ALA A 130 -14.93 -17.36 -46.00
C ALA A 130 -15.24 -18.52 -46.94
N LEU A 131 -16.19 -19.36 -46.55
CA LEU A 131 -16.56 -20.50 -47.37
C LEU A 131 -17.60 -20.09 -48.41
N ALA A 132 -17.13 -19.44 -49.48
CA ALA A 132 -18.01 -19.00 -50.55
C ALA A 132 -17.23 -18.76 -51.83
N GLU A 133 -17.91 -18.87 -52.96
CA GLU A 133 -17.27 -18.66 -54.26
C GLU A 133 -17.11 -17.17 -54.54
N ALA A 134 -15.95 -16.62 -54.18
CA ALA A 134 -15.70 -15.20 -54.40
C ALA A 134 -15.53 -14.92 -55.90
N ALA A 135 -16.03 -13.75 -56.32
CA ALA A 135 -15.94 -13.36 -57.71
C ALA A 135 -14.50 -13.04 -58.09
N LEU A 136 -14.15 -13.28 -59.35
CA LEU A 136 -12.80 -13.02 -59.82
C LEU A 136 -12.53 -11.52 -59.86
N GLU A 137 -11.31 -11.14 -59.51
CA GLU A 137 -10.93 -9.73 -59.51
C GLU A 137 -10.59 -9.26 -60.92
N SER A 138 -10.54 -10.21 -61.85
CA SER A 138 -10.22 -9.90 -63.23
C SER A 138 -9.04 -8.93 -63.32
N PRO A 139 -7.93 -9.29 -62.74
CA PRO A 139 -6.70 -8.43 -62.75
C PRO A 139 -6.15 -8.24 -64.17
N ARG A 140 -5.60 -7.06 -64.44
CA ARG A 140 -5.05 -6.75 -65.75
C ARG A 140 -3.95 -5.69 -65.65
N PRO A 141 -2.98 -5.92 -64.81
CA PRO A 141 -1.85 -4.97 -64.61
C PRO A 141 -0.91 -4.93 -65.82
N ALA A 142 -0.27 -3.78 -66.04
CA ALA A 142 0.66 -3.63 -67.16
C ALA A 142 1.37 -2.28 -67.07
N LEU A 143 1.73 -1.87 -65.85
CA LEU A 143 2.42 -0.60 -65.65
C LEU A 143 3.92 -0.82 -65.52
N VAL A 144 4.67 -0.36 -66.52
CA VAL A 144 6.11 -0.50 -66.53
C VAL A 144 6.76 0.44 -65.50
N ARG A 145 6.05 1.52 -65.20
CA ARG A 145 6.55 2.51 -64.24
C ARG A 145 6.62 1.90 -62.84
N SER A 146 7.70 2.20 -62.13
CA SER A 146 7.88 1.69 -60.78
C SER A 146 8.88 2.55 -60.00
N ALA A 147 8.85 2.43 -58.67
CA ALA A 147 9.75 3.21 -57.83
C ALA A 147 9.87 2.59 -56.45
N SER A 148 11.11 2.31 -56.04
CA SER A 148 11.35 1.72 -54.72
C SER A 148 11.20 2.76 -53.62
N SER A 149 10.74 2.32 -52.45
CA SER A 149 10.55 3.22 -51.31
C SER A 149 10.67 2.47 -50.00
N ASP A 150 11.17 3.15 -48.96
CA ASP A 150 11.33 2.54 -47.65
C ASP A 150 10.15 2.88 -46.74
N THR A 151 9.37 1.86 -46.39
CA THR A 151 8.21 2.07 -45.52
C THR A 151 8.64 2.18 -44.07
N SER A 152 7.73 2.65 -43.23
CA SER A 152 8.02 2.80 -41.80
C SER A 152 7.95 1.45 -41.10
N GLU A 153 8.56 1.37 -39.92
CA GLU A 153 8.56 0.13 -39.14
C GLU A 153 8.48 0.43 -37.65
N GLU A 154 7.84 -0.48 -36.91
CA GLU A 154 7.69 -0.31 -35.47
C GLU A 154 9.00 -0.64 -34.76
N LEU A 155 9.14 -0.15 -33.53
CA LEU A 155 10.36 -0.40 -32.75
C LEU A 155 10.26 -1.74 -32.02
N ASN A 156 11.01 -2.72 -32.51
CA ASN A 156 11.01 -4.05 -31.90
C ASN A 156 11.55 -3.99 -30.48
N SER A 157 12.61 -3.20 -30.28
CA SER A 157 13.21 -3.07 -28.96
C SER A 157 12.23 -2.46 -27.97
N GLN A 158 12.29 -2.92 -26.72
CA GLN A 158 11.41 -2.41 -25.67
C GLN A 158 12.16 -1.48 -24.72
N ASP A 159 11.57 -1.24 -23.55
CA ASP A 159 12.18 -0.36 -22.55
C ASP A 159 13.10 -1.15 -21.62
N SER A 160 14.41 -0.87 -21.71
CA SER A 160 15.39 -1.56 -20.86
C SER A 160 15.42 -0.96 -19.46
N PRO A 161 15.70 -1.74 -18.43
CA PRO A 161 15.75 -1.25 -17.02
C PRO A 161 16.39 0.14 -16.86
N PRO A 162 15.61 1.19 -16.69
CA PRO A 162 16.16 2.57 -16.48
C PRO A 162 17.02 2.66 -15.21
N LYS A 163 18.01 3.54 -15.22
CA LYS A 163 18.90 3.70 -14.07
C LYS A 163 18.12 3.99 -12.79
N GLN A 164 17.74 5.25 -12.61
CA GLN A 164 16.99 5.67 -11.42
C GLN A 164 17.48 4.92 -10.18
N ASP A 165 18.58 5.39 -9.61
CA ASP A 165 19.14 4.76 -8.42
C ASP A 165 18.42 5.21 -7.16
N SER A 166 18.85 6.33 -6.61
CA SER A 166 18.23 6.85 -5.39
C SER A 166 18.24 5.78 -4.31
N THR A 167 17.87 6.17 -3.09
CA THR A 167 17.87 5.24 -1.99
C THR A 167 19.28 4.66 -1.80
N ALA A 168 19.52 4.00 -0.68
CA ALA A 168 20.86 3.47 -0.40
C ALA A 168 21.30 2.44 -1.45
N PRO A 169 22.56 2.47 -1.87
CA PRO A 169 23.09 1.50 -2.90
C PRO A 169 23.02 0.05 -2.44
N SER A 170 23.09 -0.18 -1.14
CA SER A 170 23.07 -1.54 -0.60
C SER A 170 21.72 -2.23 -0.86
N SER A 171 21.11 -2.74 0.20
CA SER A 171 19.82 -3.44 0.08
C SER A 171 19.94 -4.60 -0.89
N THR A 172 20.55 -5.69 -0.43
CA THR A 172 20.73 -6.87 -1.26
C THR A 172 19.46 -7.72 -1.28
N SER A 173 18.57 -7.43 -2.22
CA SER A 173 17.31 -8.17 -2.33
C SER A 173 16.70 -7.99 -3.72
N SER A 174 15.45 -7.58 -3.76
CA SER A 174 14.75 -7.36 -5.02
C SER A 174 15.30 -6.14 -5.74
N SER A 175 16.18 -5.40 -5.06
CA SER A 175 16.76 -4.20 -5.66
C SER A 175 17.66 -4.57 -6.82
N ASP A 176 17.91 -3.59 -7.68
CA ASP A 176 18.73 -3.81 -8.87
C ASP A 176 20.04 -4.52 -8.55
N PRO A 177 20.57 -5.31 -9.49
CA PRO A 177 21.83 -6.07 -9.33
C PRO A 177 22.84 -5.44 -8.36
N ILE A 178 23.69 -6.30 -7.78
CA ILE A 178 24.74 -5.85 -6.88
C ILE A 178 26.06 -5.78 -7.67
N LEU A 179 25.92 -5.63 -8.99
CA LEU A 179 27.06 -5.57 -9.89
C LEU A 179 27.48 -4.12 -10.08
N ASP A 180 28.74 -3.84 -9.76
CA ASP A 180 29.28 -2.48 -9.90
C ASP A 180 30.03 -2.34 -11.23
N PHE A 181 30.01 -3.40 -12.02
CA PHE A 181 30.68 -3.39 -13.32
C PHE A 181 30.10 -2.32 -14.22
N ASN A 182 28.78 -2.18 -14.20
CA ASN A 182 28.10 -1.19 -15.03
C ASN A 182 28.53 0.22 -14.63
N ILE A 183 28.66 0.45 -13.33
CA ILE A 183 29.07 1.75 -12.83
C ILE A 183 30.48 2.09 -13.31
N SER A 184 31.38 1.11 -13.24
CA SER A 184 32.75 1.33 -13.68
C SER A 184 32.77 1.75 -15.14
N LEU A 185 31.97 1.09 -15.97
CA LEU A 185 31.89 1.42 -17.39
C LEU A 185 31.26 2.79 -17.59
N ALA A 186 30.17 3.05 -16.84
CA ALA A 186 29.46 4.31 -16.96
C ALA A 186 30.33 5.49 -16.52
N MET A 187 30.98 5.36 -15.37
CA MET A 187 31.83 6.43 -14.85
C MET A 187 33.10 6.54 -15.68
N ALA A 188 33.33 5.54 -16.53
CA ALA A 188 34.53 5.54 -17.37
C ALA A 188 34.60 6.81 -18.23
N LYS A 189 33.50 7.11 -18.91
CA LYS A 189 33.47 8.30 -19.76
C LYS A 189 33.57 9.58 -18.91
N GLU A 190 32.88 9.59 -17.78
CA GLU A 190 32.89 10.75 -16.90
C GLU A 190 34.29 10.95 -16.31
N ARG A 191 35.10 9.90 -16.36
CA ARG A 191 36.46 9.97 -15.82
C ARG A 191 37.25 11.08 -16.52
N ALA A 192 37.15 11.13 -17.85
CA ALA A 192 37.86 12.14 -18.63
C ALA A 192 37.44 13.55 -18.22
N HIS A 193 36.13 13.77 -18.12
CA HIS A 193 35.60 15.08 -17.75
C HIS A 193 35.99 15.42 -16.32
N GLN A 194 35.81 14.47 -15.40
CA GLN A 194 36.14 14.68 -14.00
C GLN A 194 36.60 13.38 -13.34
N LYS A 195 37.46 13.51 -12.33
CA LYS A 195 37.98 12.34 -11.63
C LYS A 195 36.86 11.62 -10.88
N ARG A 196 35.94 12.40 -10.31
CA ARG A 196 34.82 11.83 -9.54
C ARG A 196 33.52 11.97 -10.32
N SER A 197 32.72 10.92 -10.34
CA SER A 197 31.45 10.94 -11.05
C SER A 197 30.47 11.90 -10.38
N SER A 198 29.45 12.32 -11.13
CA SER A 198 28.46 13.25 -10.60
C SER A 198 27.63 12.59 -9.50
N LYS A 199 26.77 11.65 -9.90
CA LYS A 199 25.91 10.95 -8.95
C LYS A 199 25.43 11.90 -7.85
N ARG A 200 25.13 13.13 -8.25
CA ARG A 200 24.66 14.14 -7.30
C ARG A 200 23.23 13.85 -6.85
N ALA A 201 22.96 14.08 -5.57
CA ALA A 201 21.63 13.85 -5.01
C ALA A 201 21.60 14.19 -3.53
N PRO A 202 22.05 15.37 -3.18
CA PRO A 202 22.07 15.83 -1.75
C PRO A 202 20.67 15.92 -1.15
N GLN A 203 20.57 15.59 0.14
CA GLN A 203 19.28 15.63 0.84
C GLN A 203 19.51 15.73 2.34
N MET A 204 19.95 14.62 2.95
CA MET A 204 20.21 14.59 4.38
C MET A 204 19.16 15.39 5.15
N ASP A 205 17.91 15.26 4.73
CA ASP A 205 16.82 15.99 5.38
C ASP A 205 16.64 15.50 6.82
N TRP A 206 16.79 14.20 7.03
CA TRP A 206 16.64 13.62 8.35
C TRP A 206 17.86 13.94 9.21
N SER A 207 17.94 15.19 9.67
CA SER A 207 19.05 15.62 10.51
C SER A 207 19.01 14.93 11.87
N LYS A 208 17.83 14.42 12.24
CA LYS A 208 17.66 13.73 13.51
C LYS A 208 16.92 12.41 13.31
N LYS A 209 17.22 11.43 14.16
CA LYS A 209 16.59 10.12 14.08
C LYS A 209 15.07 10.26 14.18
N ASN A 210 14.40 9.12 14.39
CA ASN A 210 12.94 9.13 14.50
C ASN A 210 12.50 9.89 15.73
N GLU A 211 11.39 10.63 15.60
CA GLU A 211 10.85 11.42 16.71
C GLU A 211 9.33 11.31 16.74
N LEU A 212 8.77 11.40 17.94
CA LEU A 212 7.33 11.31 18.09
C LEU A 212 6.65 12.62 17.68
N PHE A 213 5.41 12.51 17.22
CA PHE A 213 4.66 13.69 16.77
C PHE A 213 5.41 14.41 15.65
N SER A 214 4.75 14.54 14.50
CA SER A 214 5.35 15.21 13.35
C SER A 214 4.27 15.80 12.46
N ASN A 215 4.70 16.51 11.41
CA ASN A 215 3.76 17.13 10.48
C ASN A 215 2.91 16.05 9.78
N LEU A 216 3.55 14.95 9.42
CA LEU A 216 2.85 13.87 8.74
C LEU A 216 2.37 14.33 7.37
N GLY A 1 -26.63 -17.77 -7.70
CA GLY A 1 -26.63 -17.19 -9.08
C GLY A 1 -25.35 -16.38 -9.28
N ILE A 2 -24.83 -15.81 -8.19
CA ILE A 2 -23.60 -15.02 -8.24
C ILE A 2 -22.48 -15.74 -7.49
N ASP A 3 -21.29 -15.74 -8.09
CA ASP A 3 -20.13 -16.43 -7.51
C ASP A 3 -19.26 -15.46 -6.67
N PRO A 4 -18.69 -15.91 -5.58
CA PRO A 4 -17.82 -15.05 -4.71
C PRO A 4 -16.54 -14.60 -5.42
N PHE A 5 -16.05 -15.42 -6.35
CA PHE A 5 -14.81 -15.13 -7.06
C PHE A 5 -14.95 -13.97 -8.06
N THR A 6 -16.12 -13.80 -8.64
CA THR A 6 -16.30 -12.74 -9.63
C THR A 6 -16.48 -11.37 -8.97
N MET A 7 -16.74 -11.35 -7.66
CA MET A 7 -16.92 -10.08 -6.95
C MET A 7 -15.62 -9.60 -6.32
N LEU A 8 -14.50 -10.17 -6.76
CA LEU A 8 -13.19 -9.80 -6.23
C LEU A 8 -12.51 -8.79 -7.14
N ARG A 9 -12.46 -7.53 -6.70
CA ARG A 9 -11.82 -6.49 -7.49
C ARG A 9 -11.56 -5.24 -6.64
N PRO A 10 -10.37 -4.66 -6.66
CA PRO A 10 -10.06 -3.43 -5.87
C PRO A 10 -11.21 -2.42 -5.85
N ARG A 11 -11.15 -1.50 -4.88
CA ARG A 11 -12.17 -0.46 -4.71
C ARG A 11 -11.47 0.90 -4.55
N LEU A 12 -11.81 1.86 -5.41
CA LEU A 12 -11.20 3.19 -5.33
C LEU A 12 -11.90 4.05 -4.27
N CYS A 13 -11.09 4.74 -3.48
CA CYS A 13 -11.59 5.63 -2.43
C CYS A 13 -11.23 7.07 -2.76
N THR A 14 -12.23 7.86 -3.15
CA THR A 14 -12.01 9.27 -3.49
C THR A 14 -12.52 10.15 -2.38
N MET A 15 -11.64 10.97 -1.81
CA MET A 15 -12.02 11.87 -0.71
C MET A 15 -11.40 13.25 -0.94
N LYS A 16 -12.22 14.29 -0.77
CA LYS A 16 -11.76 15.66 -0.93
C LYS A 16 -11.34 16.24 0.42
N LYS A 17 -10.17 16.87 0.45
CA LYS A 17 -9.66 17.45 1.68
C LYS A 17 -10.43 18.73 2.02
N GLY A 18 -10.72 18.91 3.30
CA GLY A 18 -11.46 20.08 3.77
C GLY A 18 -11.05 20.45 5.18
N PRO A 19 -11.37 19.63 6.14
CA PRO A 19 -11.02 19.87 7.57
C PRO A 19 -9.52 19.69 7.83
N SER A 20 -8.76 20.76 7.60
CA SER A 20 -7.32 20.73 7.82
C SER A 20 -6.72 19.40 7.36
N GLY A 21 -7.37 18.75 6.39
CA GLY A 21 -6.89 17.47 5.87
C GLY A 21 -8.04 16.55 5.53
N TYR A 22 -7.72 15.41 4.91
CA TYR A 22 -8.72 14.43 4.53
C TYR A 22 -9.42 13.86 5.75
N GLY A 23 -8.65 13.60 6.80
CA GLY A 23 -9.20 13.06 8.04
C GLY A 23 -9.00 11.55 8.13
N PHE A 24 -7.77 11.11 7.85
CA PHE A 24 -7.44 9.67 7.89
C PHE A 24 -6.04 9.48 8.47
N ASN A 25 -5.88 8.42 9.28
CA ASN A 25 -4.59 8.13 9.93
C ASN A 25 -3.90 6.94 9.29
N LEU A 26 -2.57 7.01 9.24
CA LEU A 26 -1.75 5.93 8.67
C LEU A 26 -0.73 5.45 9.70
N HIS A 27 -0.43 4.15 9.67
CA HIS A 27 0.53 3.57 10.62
C HIS A 27 1.57 2.73 9.89
N SER A 28 2.84 3.00 10.17
CA SER A 28 3.94 2.27 9.55
C SER A 28 5.17 2.26 10.46
N ASP A 29 5.79 1.10 10.60
CA ASP A 29 6.98 0.96 11.44
C ASP A 29 8.01 0.05 10.77
N LYS A 30 9.28 0.40 10.91
CA LYS A 30 10.35 -0.38 10.32
C LYS A 30 10.37 -1.78 10.91
N SER A 31 10.11 -1.86 12.21
CA SER A 31 10.10 -3.15 12.91
C SER A 31 8.94 -4.01 12.42
N LYS A 32 7.98 -3.40 11.75
CA LYS A 32 6.80 -4.12 11.25
C LYS A 32 6.47 -3.69 9.80
N PRO A 33 6.94 -4.41 8.81
CA PRO A 33 6.67 -4.08 7.38
C PRO A 33 5.17 -4.08 7.05
N GLY A 34 4.78 -3.19 6.14
CA GLY A 34 3.37 -3.09 5.71
C GLY A 34 2.76 -1.75 6.14
N GLN A 35 1.73 -1.33 5.41
CA GLN A 35 1.03 -0.09 5.70
C GLN A 35 -0.48 -0.27 5.51
N PHE A 36 -1.26 0.14 6.51
CA PHE A 36 -2.71 0.00 6.46
C PHE A 36 -3.38 1.13 7.24
N ILE A 37 -4.70 1.27 7.08
CA ILE A 37 -5.43 2.32 7.77
C ILE A 37 -5.67 1.94 9.23
N ARG A 38 -5.17 2.78 10.13
CA ARG A 38 -5.34 2.53 11.56
C ARG A 38 -6.75 2.89 12.02
N SER A 39 -7.20 4.07 11.63
CA SER A 39 -8.54 4.53 12.01
C SER A 39 -8.99 5.69 11.12
N VAL A 40 -10.29 5.97 11.14
CA VAL A 40 -10.86 7.06 10.33
C VAL A 40 -11.68 8.00 11.22
N ASP A 41 -11.43 9.30 11.09
CA ASP A 41 -12.15 10.30 11.88
C ASP A 41 -13.65 10.24 11.55
N PRO A 42 -14.55 10.28 12.53
CA PRO A 42 -16.02 10.23 12.26
C PRO A 42 -16.50 11.37 11.36
N ASP A 43 -17.51 11.08 10.54
CA ASP A 43 -18.08 12.07 9.63
C ASP A 43 -17.00 12.67 8.73
N SER A 44 -16.03 11.84 8.36
CA SER A 44 -14.92 12.26 7.50
C SER A 44 -15.15 11.79 6.07
N PRO A 45 -14.69 12.51 5.08
CA PRO A 45 -14.87 12.10 3.65
C PRO A 45 -14.14 10.78 3.35
N ALA A 46 -13.10 10.50 4.13
CA ALA A 46 -12.34 9.26 3.92
C ALA A 46 -13.22 8.05 4.20
N GLU A 47 -14.05 8.15 5.22
CA GLU A 47 -14.94 7.05 5.57
C GLU A 47 -16.02 6.89 4.49
N ALA A 48 -16.55 8.01 4.04
CA ALA A 48 -17.58 8.01 3.00
C ALA A 48 -17.04 7.48 1.67
N SER A 49 -15.79 7.80 1.38
CA SER A 49 -15.17 7.37 0.12
C SER A 49 -15.16 5.85 0.02
N GLY A 50 -15.01 5.18 1.16
CA GLY A 50 -14.99 3.71 1.20
C GLY A 50 -13.76 3.21 1.96
N LEU A 51 -13.06 4.13 2.62
CA LEU A 51 -11.87 3.76 3.39
C LEU A 51 -12.27 3.41 4.81
N ARG A 52 -11.87 2.23 5.27
CA ARG A 52 -12.21 1.78 6.63
C ARG A 52 -11.01 1.89 7.56
N ALA A 53 -10.73 0.81 8.26
CA ALA A 53 -9.62 0.78 9.22
C ALA A 53 -8.82 -0.52 9.11
N GLN A 54 -8.92 -1.19 7.97
CA GLN A 54 -8.19 -2.43 7.75
C GLN A 54 -7.80 -2.57 6.28
N ASP A 55 -7.95 -1.48 5.54
CA ASP A 55 -7.62 -1.47 4.12
C ASP A 55 -6.12 -1.22 3.92
N ARG A 56 -5.65 -1.47 2.69
CA ARG A 56 -4.23 -1.27 2.36
C ARG A 56 -4.11 -0.39 1.12
N ILE A 57 -3.14 0.52 1.11
CA ILE A 57 -2.93 1.40 -0.02
C ILE A 57 -2.02 0.74 -1.05
N VAL A 58 -2.56 0.48 -2.24
CA VAL A 58 -1.79 -0.15 -3.32
C VAL A 58 -1.33 0.90 -4.32
N GLU A 59 -2.25 1.79 -4.71
CA GLU A 59 -1.93 2.84 -5.68
C GLU A 59 -2.65 4.13 -5.31
N VAL A 60 -2.00 5.26 -5.55
CA VAL A 60 -2.58 6.57 -5.27
C VAL A 60 -2.61 7.40 -6.54
N ASN A 61 -3.78 7.94 -6.88
CA ASN A 61 -3.91 8.75 -8.07
C ASN A 61 -3.27 8.06 -9.27
N GLY A 62 -3.28 6.73 -9.26
CA GLY A 62 -2.70 5.97 -10.37
C GLY A 62 -1.18 5.88 -10.29
N VAL A 63 -0.64 6.04 -9.08
CA VAL A 63 0.82 5.96 -8.88
C VAL A 63 1.18 4.71 -8.09
N CYS A 64 2.19 3.98 -8.58
CA CYS A 64 2.63 2.75 -7.93
C CYS A 64 3.26 3.03 -6.57
N MET A 65 2.74 2.37 -5.53
CA MET A 65 3.27 2.53 -4.17
C MET A 65 4.14 1.34 -3.79
N GLU A 66 4.12 0.31 -4.64
CA GLU A 66 4.91 -0.89 -4.37
C GLU A 66 6.40 -0.59 -4.52
N GLY A 67 7.18 -0.98 -3.50
CA GLY A 67 8.62 -0.75 -3.54
C GLY A 67 8.94 0.71 -3.23
N LYS A 68 7.93 1.47 -2.81
CA LYS A 68 8.11 2.88 -2.50
C LYS A 68 8.18 3.09 -0.99
N GLN A 69 8.88 4.15 -0.58
CA GLN A 69 9.02 4.45 0.85
C GLN A 69 7.67 4.86 1.42
N HIS A 70 7.61 5.00 2.75
CA HIS A 70 6.38 5.40 3.41
C HIS A 70 6.07 6.87 3.16
N GLY A 71 7.08 7.64 2.80
CA GLY A 71 6.91 9.05 2.53
C GLY A 71 6.33 9.28 1.14
N ASP A 72 6.39 8.24 0.31
CA ASP A 72 5.88 8.32 -1.05
C ASP A 72 4.35 8.45 -1.07
N VAL A 73 3.68 7.80 -0.12
CA VAL A 73 2.21 7.86 -0.07
C VAL A 73 1.72 9.28 0.12
N VAL A 74 2.33 10.01 1.06
CA VAL A 74 1.93 11.39 1.32
C VAL A 74 2.27 12.25 0.12
N SER A 75 3.39 11.94 -0.51
CA SER A 75 3.85 12.67 -1.69
C SER A 75 2.82 12.54 -2.82
N ALA A 76 2.32 11.33 -3.01
CA ALA A 76 1.34 11.08 -4.07
C ALA A 76 0.06 11.88 -3.81
N ILE A 77 -0.34 11.96 -2.54
CA ILE A 77 -1.55 12.69 -2.17
C ILE A 77 -1.40 14.17 -2.50
N ARG A 78 -0.24 14.74 -2.18
CA ARG A 78 0.01 16.16 -2.45
C ARG A 78 -0.02 16.43 -3.95
N ALA A 79 0.51 15.48 -4.73
CA ALA A 79 0.53 15.62 -6.17
C ALA A 79 -0.88 15.68 -6.73
N GLY A 80 -1.79 14.91 -6.12
CA GLY A 80 -3.17 14.89 -6.57
C GLY A 80 -3.80 16.27 -6.50
N GLY A 81 -3.54 16.99 -5.40
CA GLY A 81 -4.08 18.34 -5.22
C GLY A 81 -5.04 18.39 -4.04
N ASP A 82 -6.14 19.11 -4.22
CA ASP A 82 -7.14 19.26 -3.16
C ASP A 82 -7.91 17.97 -2.92
N GLU A 83 -7.77 17.02 -3.86
CA GLU A 83 -8.45 15.73 -3.76
C GLU A 83 -7.46 14.59 -3.95
N THR A 84 -7.88 13.38 -3.59
CA THR A 84 -7.00 12.21 -3.73
C THR A 84 -7.81 10.94 -3.96
N LYS A 85 -7.15 9.92 -4.51
CA LYS A 85 -7.79 8.63 -4.78
C LYS A 85 -6.89 7.49 -4.33
N LEU A 86 -7.38 6.69 -3.39
CA LEU A 86 -6.63 5.56 -2.85
C LEU A 86 -7.24 4.24 -3.31
N LEU A 87 -6.38 3.32 -3.74
CA LEU A 87 -6.83 2.01 -4.21
C LEU A 87 -6.68 0.99 -3.08
N VAL A 88 -7.78 0.29 -2.76
CA VAL A 88 -7.77 -0.70 -1.67
C VAL A 88 -8.38 -2.01 -2.15
N VAL A 89 -8.15 -3.08 -1.37
CA VAL A 89 -8.67 -4.41 -1.71
C VAL A 89 -9.40 -5.02 -0.51
N ASP A 90 -10.24 -6.01 -0.79
CA ASP A 90 -10.99 -6.69 0.26
C ASP A 90 -10.10 -7.74 0.91
N ARG A 91 -10.59 -8.37 1.96
CA ARG A 91 -9.80 -9.39 2.65
C ARG A 91 -9.53 -10.57 1.71
N GLU A 92 -10.55 -11.00 0.96
CA GLU A 92 -10.38 -12.11 0.03
C GLU A 92 -9.51 -11.70 -1.15
N THR A 93 -9.75 -10.51 -1.66
CA THR A 93 -8.99 -10.00 -2.80
C THR A 93 -7.52 -9.83 -2.44
N ASP A 94 -7.25 -9.27 -1.27
CA ASP A 94 -5.88 -9.04 -0.84
C ASP A 94 -5.07 -10.34 -0.84
N GLU A 95 -5.63 -11.39 -0.23
CA GLU A 95 -4.92 -12.67 -0.17
C GLU A 95 -4.81 -13.32 -1.55
N PHE A 96 -5.86 -13.20 -2.35
CA PHE A 96 -5.85 -13.80 -3.68
C PHE A 96 -4.77 -13.19 -4.56
N PHE A 97 -4.68 -11.88 -4.58
CA PHE A 97 -3.70 -11.20 -5.41
C PHE A 97 -2.27 -11.26 -4.84
N LYS A 98 -2.11 -10.93 -3.56
CA LYS A 98 -0.77 -10.92 -2.96
C LYS A 98 -0.12 -12.28 -3.04
N LYS A 99 -0.86 -13.35 -2.77
CA LYS A 99 -0.28 -14.67 -2.83
C LYS A 99 0.15 -14.98 -4.26
N CYS A 100 -0.59 -14.45 -5.21
CA CYS A 100 -0.30 -14.67 -6.63
C CYS A 100 0.66 -13.59 -7.16
N ARG A 101 1.06 -12.68 -6.27
CA ARG A 101 1.98 -11.61 -6.65
C ARG A 101 1.53 -10.94 -7.95
N VAL A 102 0.22 -10.88 -8.17
CA VAL A 102 -0.32 -10.28 -9.39
C VAL A 102 -0.24 -8.75 -9.33
N ILE A 103 -0.18 -8.22 -8.13
CA ILE A 103 -0.08 -6.77 -7.92
C ILE A 103 -1.29 -6.01 -8.51
N PRO A 104 -2.33 -5.75 -7.73
CA PRO A 104 -3.55 -5.02 -8.21
C PRO A 104 -3.26 -3.57 -8.60
N SER A 105 -4.18 -3.01 -9.38
CA SER A 105 -4.07 -1.64 -9.84
C SER A 105 -5.44 -1.14 -10.29
N GLN A 106 -5.48 -0.04 -11.02
CA GLN A 106 -6.76 0.52 -11.47
C GLN A 106 -7.32 -0.23 -12.68
N GLU A 107 -6.47 -0.93 -13.40
CA GLU A 107 -6.91 -1.69 -14.57
C GLU A 107 -7.91 -2.78 -14.17
N HIS A 108 -7.72 -3.33 -12.98
CA HIS A 108 -8.59 -4.39 -12.48
C HIS A 108 -9.98 -3.86 -12.15
N LEU A 109 -10.10 -2.53 -12.00
CA LEU A 109 -11.38 -1.93 -11.69
C LEU A 109 -12.32 -2.08 -12.88
N ASN A 110 -13.53 -2.56 -12.62
CA ASN A 110 -14.51 -2.74 -13.69
C ASN A 110 -13.91 -3.58 -14.82
N GLY A 111 -12.69 -4.10 -14.60
CA GLY A 111 -12.01 -4.93 -15.59
C GLY A 111 -12.00 -6.39 -15.16
N PRO A 112 -11.92 -7.33 -16.08
CA PRO A 112 -11.90 -8.79 -15.71
C PRO A 112 -10.78 -9.15 -14.73
N LEU A 113 -11.07 -10.15 -13.89
CA LEU A 113 -10.13 -10.62 -12.86
C LEU A 113 -9.00 -11.46 -13.48
N PRO A 114 -7.83 -11.48 -12.87
CA PRO A 114 -6.66 -12.27 -13.40
C PRO A 114 -6.89 -13.79 -13.30
N VAL A 115 -7.36 -14.24 -12.14
CA VAL A 115 -7.61 -15.66 -11.91
C VAL A 115 -8.20 -16.33 -13.16
N PRO A 116 -8.01 -17.62 -13.35
CA PRO A 116 -8.57 -18.34 -14.53
C PRO A 116 -10.07 -18.06 -14.71
N PHE A 117 -10.47 -17.79 -15.94
CA PHE A 117 -11.87 -17.51 -16.24
C PHE A 117 -12.74 -18.73 -15.93
N THR A 118 -12.30 -19.90 -16.42
CA THR A 118 -13.05 -21.15 -16.19
C THR A 118 -12.10 -22.28 -15.84
N ASN A 119 -12.41 -23.00 -14.77
CA ASN A 119 -11.57 -24.12 -14.34
C ASN A 119 -11.58 -25.23 -15.39
N GLY A 120 -12.75 -25.49 -15.95
CA GLY A 120 -12.89 -26.53 -16.97
C GLY A 120 -12.57 -27.89 -16.38
N GLU A 121 -11.95 -28.75 -17.19
CA GLU A 121 -11.59 -30.09 -16.74
C GLU A 121 -12.83 -30.86 -16.28
N ILE A 122 -12.80 -32.18 -16.43
CA ILE A 122 -13.93 -33.04 -16.04
C ILE A 122 -13.47 -34.12 -15.06
N GLN A 123 -14.43 -34.73 -14.37
CA GLN A 123 -14.12 -35.78 -13.40
C GLN A 123 -13.19 -35.25 -12.32
N LYS A 124 -13.79 -34.77 -11.23
CA LYS A 124 -13.03 -34.24 -10.10
C LYS A 124 -13.12 -35.17 -8.90
N GLU A 125 -12.12 -35.09 -8.02
CA GLU A 125 -12.08 -35.94 -6.82
C GLU A 125 -11.72 -35.11 -5.59
N ASN A 126 -12.17 -35.56 -4.43
CA ASN A 126 -11.89 -34.85 -3.17
C ASN A 126 -11.86 -35.83 -2.00
N SER A 127 -11.22 -35.42 -0.91
CA SER A 127 -11.13 -36.27 0.28
C SER A 127 -12.40 -36.16 1.12
N ARG A 128 -12.88 -37.30 1.60
CA ARG A 128 -14.09 -37.32 2.41
C ARG A 128 -13.87 -36.65 3.75
N GLU A 129 -12.69 -36.87 4.32
CA GLU A 129 -12.34 -36.28 5.61
C GLU A 129 -10.83 -36.14 5.74
N ALA A 130 -10.40 -35.10 6.46
CA ALA A 130 -8.98 -34.86 6.66
C ALA A 130 -8.75 -34.07 7.95
N LEU A 131 -7.56 -34.22 8.53
CA LEU A 131 -7.23 -33.50 9.76
C LEU A 131 -6.84 -32.06 9.45
N ALA A 132 -7.44 -31.12 10.17
CA ALA A 132 -7.15 -29.70 9.96
C ALA A 132 -7.77 -28.85 11.06
N GLU A 133 -7.18 -27.68 11.29
CA GLU A 133 -7.69 -26.77 12.32
C GLU A 133 -8.54 -25.68 11.68
N ALA A 134 -9.77 -26.05 11.30
CA ALA A 134 -10.67 -25.09 10.68
C ALA A 134 -12.10 -25.65 10.64
N ALA A 135 -13.07 -24.75 10.59
CA ALA A 135 -14.48 -25.16 10.54
C ALA A 135 -15.33 -24.08 9.90
N LEU A 136 -16.41 -24.50 9.23
CA LEU A 136 -17.31 -23.57 8.56
C LEU A 136 -18.38 -23.09 9.55
N GLU A 137 -18.50 -21.77 9.70
CA GLU A 137 -19.49 -21.18 10.61
C GLU A 137 -20.56 -20.44 9.83
N SER A 138 -21.82 -20.82 10.03
CA SER A 138 -22.93 -20.16 9.34
C SER A 138 -24.25 -20.25 10.13
N PRO A 139 -24.23 -20.19 11.44
CA PRO A 139 -25.49 -20.25 12.27
C PRO A 139 -26.50 -19.18 11.86
N ARG A 140 -27.76 -19.40 12.22
CA ARG A 140 -28.84 -18.44 11.93
C ARG A 140 -28.58 -17.18 12.78
N PRO A 141 -28.09 -16.07 12.22
CA PRO A 141 -27.80 -14.84 13.02
C PRO A 141 -29.07 -14.09 13.41
N ALA A 142 -29.37 -14.10 14.70
CA ALA A 142 -30.56 -13.42 15.20
C ALA A 142 -30.36 -11.91 15.17
N LEU A 143 -31.42 -11.17 14.88
CA LEU A 143 -31.32 -9.71 14.83
C LEU A 143 -31.61 -9.12 16.21
N VAL A 144 -30.58 -8.53 16.83
CA VAL A 144 -30.75 -7.93 18.16
C VAL A 144 -30.68 -6.41 18.06
N ARG A 145 -31.75 -5.76 18.47
CA ARG A 145 -31.81 -4.30 18.44
C ARG A 145 -31.08 -3.70 19.64
N SER A 146 -30.32 -2.64 19.38
CA SER A 146 -29.58 -1.97 20.44
C SER A 146 -30.49 -1.04 21.23
N ALA A 147 -29.92 -0.36 22.21
CA ALA A 147 -30.69 0.57 23.03
C ALA A 147 -31.38 1.61 22.15
N SER A 148 -32.61 1.96 22.52
CA SER A 148 -33.38 2.94 21.76
C SER A 148 -32.73 4.32 21.85
N SER A 149 -32.84 5.10 20.78
CA SER A 149 -32.25 6.43 20.75
C SER A 149 -30.74 6.36 20.94
N ASP A 150 -30.03 7.32 20.36
CA ASP A 150 -28.57 7.36 20.47
C ASP A 150 -28.09 8.81 20.45
N THR A 151 -26.78 8.99 20.66
CA THR A 151 -26.19 10.33 20.67
C THR A 151 -24.89 10.34 19.88
N SER A 152 -24.44 11.52 19.49
CA SER A 152 -23.21 11.66 18.73
C SER A 152 -23.15 10.61 17.61
N GLU A 153 -24.31 10.24 17.09
CA GLU A 153 -24.37 9.24 16.03
C GLU A 153 -25.64 9.43 15.19
N GLU A 154 -25.46 9.50 13.87
CA GLU A 154 -26.60 9.68 12.97
C GLU A 154 -27.44 8.40 12.92
N LEU A 155 -28.76 8.58 12.87
CA LEU A 155 -29.67 7.45 12.81
C LEU A 155 -29.45 6.53 14.02
N ASN A 156 -30.52 5.85 14.44
CA ASN A 156 -30.41 4.95 15.59
C ASN A 156 -29.44 3.82 15.31
N SER A 157 -29.50 3.27 14.09
CA SER A 157 -28.61 2.19 13.70
C SER A 157 -28.73 1.00 14.66
N GLN A 158 -28.58 -0.20 14.12
CA GLN A 158 -28.69 -1.40 14.94
C GLN A 158 -27.55 -1.46 15.95
N ASP A 159 -26.35 -1.09 15.50
CA ASP A 159 -25.16 -1.09 16.36
C ASP A 159 -24.94 0.29 16.99
N SER A 160 -24.51 0.31 18.24
CA SER A 160 -24.25 1.56 18.94
C SER A 160 -23.43 1.33 20.21
N PRO A 161 -22.17 0.94 20.06
CA PRO A 161 -21.28 0.67 21.23
C PRO A 161 -20.92 1.95 22.01
N PRO A 162 -20.20 1.83 23.11
CA PRO A 162 -19.80 3.01 23.94
C PRO A 162 -18.86 3.95 23.18
N LYS A 163 -18.89 5.24 23.54
CA LYS A 163 -18.04 6.23 22.88
C LYS A 163 -16.60 6.14 23.40
N GLN A 164 -15.64 6.24 22.49
CA GLN A 164 -14.23 6.18 22.86
C GLN A 164 -13.73 7.55 23.30
N ASP A 165 -12.78 7.56 24.23
CA ASP A 165 -12.23 8.82 24.74
C ASP A 165 -11.44 9.53 23.64
N SER A 166 -11.50 10.85 23.64
CA SER A 166 -10.79 11.65 22.63
C SER A 166 -9.30 11.75 22.97
N THR A 167 -8.94 11.40 24.20
CA THR A 167 -7.55 11.44 24.64
C THR A 167 -6.74 10.36 23.94
N ALA A 168 -5.54 10.68 23.45
CA ALA A 168 -4.72 9.66 22.81
C ALA A 168 -3.28 10.15 22.54
N PRO A 169 -2.30 9.26 22.65
CA PRO A 169 -0.86 9.60 22.42
C PRO A 169 -0.56 9.98 20.97
N SER A 170 0.60 10.61 20.78
CA SER A 170 1.04 11.01 19.45
C SER A 170 1.65 9.79 18.75
N SER A 171 1.65 9.80 17.41
CA SER A 171 2.22 8.67 16.66
C SER A 171 3.74 8.77 16.58
N THR A 172 4.39 7.63 16.45
CA THR A 172 5.85 7.58 16.36
C THR A 172 6.48 8.31 17.53
N SER A 173 6.91 7.54 18.55
CA SER A 173 7.53 8.12 19.73
C SER A 173 8.91 8.69 19.39
N SER A 174 9.45 8.28 18.23
CA SER A 174 10.75 8.75 17.78
C SER A 174 11.85 8.41 18.80
N SER A 175 11.47 7.75 19.89
CA SER A 175 12.44 7.37 20.91
C SER A 175 13.28 8.58 21.34
N ASP A 176 14.39 8.31 22.02
CA ASP A 176 15.26 9.40 22.48
C ASP A 176 16.62 8.87 22.95
N PRO A 177 17.27 8.08 22.14
CA PRO A 177 18.61 7.50 22.48
C PRO A 177 19.74 8.54 22.47
N ILE A 178 20.83 8.22 23.17
CA ILE A 178 22.00 9.11 23.22
C ILE A 178 23.21 8.39 22.62
N LEU A 179 23.70 8.92 21.53
CA LEU A 179 24.85 8.35 20.84
C LEU A 179 26.12 8.53 21.66
N ASP A 180 27.20 7.91 21.20
CA ASP A 180 28.49 8.00 21.87
C ASP A 180 28.37 7.56 23.34
N PHE A 181 27.45 6.63 23.59
CA PHE A 181 27.25 6.12 24.94
C PHE A 181 28.47 5.34 25.41
N ASN A 182 29.04 4.53 24.50
CA ASN A 182 30.19 3.72 24.82
C ASN A 182 31.40 4.60 25.16
N ILE A 183 31.56 5.71 24.45
CA ILE A 183 32.67 6.62 24.70
C ILE A 183 32.58 7.21 26.09
N SER A 184 31.37 7.60 26.49
CA SER A 184 31.16 8.18 27.81
C SER A 184 31.54 7.18 28.89
N LEU A 185 31.22 5.92 28.67
CA LEU A 185 31.52 4.87 29.63
C LEU A 185 33.04 4.79 29.85
N ALA A 186 33.80 4.86 28.76
CA ALA A 186 35.25 4.79 28.85
C ALA A 186 35.80 5.99 29.63
N MET A 187 35.21 7.16 29.40
CA MET A 187 35.64 8.38 30.09
C MET A 187 35.37 8.26 31.58
N ALA A 188 34.24 7.67 31.94
CA ALA A 188 33.86 7.51 33.34
C ALA A 188 34.90 6.69 34.08
N LYS A 189 35.50 5.72 33.40
CA LYS A 189 36.52 4.88 34.03
C LYS A 189 37.72 5.71 34.47
N GLU A 190 38.17 6.62 33.62
CA GLU A 190 39.31 7.46 33.95
C GLU A 190 38.94 8.45 35.05
N ARG A 191 37.74 9.02 34.94
CA ARG A 191 37.26 9.98 35.92
C ARG A 191 37.08 9.31 37.29
N ALA A 192 36.63 8.06 37.27
CA ALA A 192 36.41 7.32 38.50
C ALA A 192 37.69 7.23 39.33
N HIS A 193 38.83 7.26 38.65
CA HIS A 193 40.12 7.18 39.33
C HIS A 193 40.30 8.36 40.29
N GLN A 194 40.01 9.57 39.80
CA GLN A 194 40.14 10.78 40.62
C GLN A 194 38.76 11.30 41.04
N LYS A 195 38.70 11.96 42.19
CA LYS A 195 37.44 12.49 42.68
C LYS A 195 37.03 13.72 41.87
N ARG A 196 36.34 13.49 40.76
CA ARG A 196 35.89 14.59 39.90
C ARG A 196 34.61 14.21 39.18
N SER A 197 33.74 15.19 38.97
CA SER A 197 32.47 14.95 38.28
C SER A 197 32.15 16.13 37.36
N SER A 198 31.68 15.81 36.15
CA SER A 198 31.34 16.85 35.18
C SER A 198 30.01 17.50 35.54
N LYS A 199 29.94 18.82 35.39
CA LYS A 199 28.72 19.54 35.70
C LYS A 199 27.58 19.14 34.74
N ARG A 200 27.92 19.02 33.46
CA ARG A 200 26.93 18.64 32.45
C ARG A 200 27.58 17.74 31.39
N ALA A 201 27.06 16.51 31.25
CA ALA A 201 27.61 15.56 30.29
C ALA A 201 26.74 15.48 29.02
N PRO A 202 25.45 15.44 29.17
CA PRO A 202 24.50 15.37 28.02
C PRO A 202 24.61 16.60 27.11
N GLN A 203 24.40 16.39 25.81
CA GLN A 203 24.48 17.46 24.82
C GLN A 203 23.08 17.92 24.42
N MET A 204 22.87 19.23 24.36
CA MET A 204 21.57 19.80 23.98
C MET A 204 21.76 20.86 22.90
N ASP A 205 20.78 20.95 22.00
CA ASP A 205 20.84 21.93 20.92
C ASP A 205 20.64 23.35 21.45
N TRP A 206 21.36 24.30 20.87
CA TRP A 206 21.26 25.70 21.28
C TRP A 206 19.83 26.21 21.16
N SER A 207 19.15 25.81 20.08
CA SER A 207 17.77 26.23 19.83
C SER A 207 16.94 25.07 19.32
N LYS A 208 15.64 25.28 19.20
CA LYS A 208 14.74 24.24 18.71
C LYS A 208 14.97 23.98 17.23
N LYS A 209 14.99 22.70 16.85
CA LYS A 209 15.20 22.31 15.46
C LYS A 209 14.29 21.15 15.08
N ASN A 210 13.00 21.30 15.35
CA ASN A 210 12.03 20.26 15.03
C ASN A 210 11.73 20.23 13.54
N GLU A 211 11.57 19.03 13.00
CA GLU A 211 11.28 18.88 11.57
C GLU A 211 9.92 19.48 11.23
N LEU A 212 9.81 20.05 10.04
CA LEU A 212 8.56 20.67 9.61
C LEU A 212 7.52 19.59 9.26
N PHE A 213 6.26 19.87 9.58
CA PHE A 213 5.19 18.92 9.31
C PHE A 213 5.61 17.49 9.65
N SER A 214 6.39 17.36 10.72
CA SER A 214 6.87 16.05 11.14
C SER A 214 5.70 15.13 11.49
N ASN A 215 4.67 15.69 12.14
CA ASN A 215 3.49 14.92 12.54
C ASN A 215 2.25 15.42 11.79
N LEU A 216 2.36 15.52 10.48
CA LEU A 216 1.25 15.97 9.65
C LEU A 216 0.62 17.23 10.26
N GLY A 1 -22.72 -20.13 -13.77
CA GLY A 1 -23.40 -18.80 -13.72
C GLY A 1 -22.42 -17.75 -13.19
N ILE A 2 -22.53 -17.44 -11.90
CA ILE A 2 -21.66 -16.46 -11.27
C ILE A 2 -20.67 -17.14 -10.33
N ASP A 3 -19.38 -16.89 -10.55
CA ASP A 3 -18.34 -17.50 -9.71
C ASP A 3 -18.16 -16.69 -8.43
N PRO A 4 -17.84 -17.34 -7.33
CA PRO A 4 -17.62 -16.63 -6.02
C PRO A 4 -16.37 -15.76 -6.04
N PHE A 5 -15.43 -16.11 -6.92
CA PHE A 5 -14.17 -15.37 -7.01
C PHE A 5 -14.39 -13.95 -7.52
N THR A 6 -15.24 -13.81 -8.54
CA THR A 6 -15.50 -12.50 -9.12
C THR A 6 -15.70 -11.44 -8.03
N MET A 7 -16.14 -11.87 -6.85
CA MET A 7 -16.37 -10.94 -5.74
C MET A 7 -15.08 -10.28 -5.28
N LEU A 8 -14.03 -11.08 -5.22
CA LEU A 8 -12.73 -10.59 -4.78
C LEU A 8 -12.23 -9.52 -5.76
N ARG A 9 -12.29 -8.25 -5.36
CA ARG A 9 -11.85 -7.19 -6.28
C ARG A 9 -11.47 -5.88 -5.55
N PRO A 10 -10.48 -5.15 -6.06
CA PRO A 10 -10.05 -3.85 -5.46
C PRO A 10 -11.20 -2.83 -5.38
N ARG A 11 -10.95 -1.74 -4.66
CA ARG A 11 -11.91 -0.65 -4.51
C ARG A 11 -11.15 0.67 -4.48
N LEU A 12 -11.60 1.66 -5.24
CA LEU A 12 -10.91 2.96 -5.26
C LEU A 12 -11.64 3.99 -4.41
N CYS A 13 -11.00 4.38 -3.30
CA CYS A 13 -11.58 5.36 -2.39
C CYS A 13 -11.17 6.77 -2.80
N THR A 14 -12.17 7.58 -3.15
CA THR A 14 -11.92 8.96 -3.58
C THR A 14 -12.52 9.93 -2.56
N MET A 15 -11.68 10.79 -2.00
CA MET A 15 -12.14 11.75 -0.99
C MET A 15 -11.56 13.14 -1.27
N LYS A 16 -12.36 14.17 -1.02
CA LYS A 16 -11.93 15.56 -1.23
C LYS A 16 -11.62 16.23 0.10
N LYS A 17 -10.51 16.96 0.17
CA LYS A 17 -10.10 17.63 1.40
C LYS A 17 -10.78 18.99 1.58
N GLY A 18 -10.82 19.45 2.82
CA GLY A 18 -11.42 20.74 3.15
C GLY A 18 -10.70 21.37 4.34
N PRO A 19 -10.96 20.89 5.53
CA PRO A 19 -10.35 21.42 6.79
C PRO A 19 -8.81 21.42 6.72
N SER A 20 -8.17 20.36 7.24
CA SER A 20 -6.70 20.27 7.23
C SER A 20 -6.24 18.94 6.66
N GLY A 21 -7.08 18.33 5.84
CA GLY A 21 -6.74 17.04 5.24
C GLY A 21 -8.00 16.26 4.91
N TYR A 22 -7.89 14.93 4.88
CA TYR A 22 -9.04 14.09 4.56
C TYR A 22 -9.61 13.44 5.81
N GLY A 23 -9.05 13.78 6.97
CA GLY A 23 -9.52 13.22 8.23
C GLY A 23 -9.23 11.72 8.32
N PHE A 24 -7.95 11.36 8.23
CA PHE A 24 -7.55 9.96 8.30
C PHE A 24 -6.10 9.86 8.81
N ASN A 25 -5.74 8.68 9.34
CA ASN A 25 -4.39 8.46 9.89
C ASN A 25 -3.69 7.28 9.22
N LEU A 26 -2.36 7.37 9.13
CA LEU A 26 -1.55 6.31 8.52
C LEU A 26 -0.50 5.82 9.51
N HIS A 27 -0.38 4.50 9.65
CA HIS A 27 0.59 3.92 10.58
C HIS A 27 1.04 2.54 10.10
N SER A 28 2.33 2.25 10.24
CA SER A 28 2.88 0.96 9.82
C SER A 28 3.98 0.51 10.78
N ASP A 29 4.00 -0.78 11.09
CA ASP A 29 5.00 -1.31 11.99
C ASP A 29 6.37 -1.33 11.30
N LYS A 30 7.40 -0.93 12.03
CA LYS A 30 8.75 -0.92 11.48
C LYS A 30 9.21 -2.33 11.15
N SER A 31 8.87 -3.27 12.04
CA SER A 31 9.26 -4.67 11.84
C SER A 31 8.59 -5.25 10.60
N LYS A 32 7.36 -4.80 10.30
CA LYS A 32 6.60 -5.30 9.14
C LYS A 32 6.27 -4.15 8.16
N PRO A 33 7.11 -3.94 7.17
CA PRO A 33 6.90 -2.85 6.16
C PRO A 33 5.55 -2.98 5.44
N GLY A 34 4.98 -1.83 5.12
CA GLY A 34 3.69 -1.75 4.44
C GLY A 34 2.96 -0.48 4.86
N GLN A 35 1.75 -0.26 4.32
CA GLN A 35 0.96 0.93 4.67
C GLN A 35 -0.46 0.54 5.00
N PHE A 36 -0.88 0.80 6.24
CA PHE A 36 -2.23 0.47 6.69
C PHE A 36 -2.88 1.66 7.38
N ILE A 37 -4.21 1.69 7.37
CA ILE A 37 -4.95 2.79 7.99
C ILE A 37 -5.11 2.53 9.48
N ARG A 38 -4.56 3.43 10.30
CA ARG A 38 -4.67 3.27 11.75
C ARG A 38 -6.12 3.41 12.19
N SER A 39 -6.81 4.42 11.65
CA SER A 39 -8.21 4.65 11.99
C SER A 39 -8.85 5.65 11.03
N VAL A 40 -10.17 5.66 10.98
CA VAL A 40 -10.91 6.58 10.11
C VAL A 40 -11.88 7.40 10.96
N ASP A 41 -11.95 8.70 10.71
CA ASP A 41 -12.83 9.57 11.48
C ASP A 41 -14.27 9.55 10.94
N PRO A 42 -15.20 8.80 11.53
CA PRO A 42 -16.62 8.74 11.07
C PRO A 42 -17.09 10.04 10.40
N ASP A 43 -16.68 11.18 10.95
CA ASP A 43 -17.08 12.48 10.40
C ASP A 43 -16.01 13.01 9.43
N SER A 44 -15.69 12.21 8.42
CA SER A 44 -14.68 12.60 7.43
C SER A 44 -15.04 12.04 6.05
N PRO A 45 -14.70 12.70 4.98
CA PRO A 45 -15.00 12.22 3.60
C PRO A 45 -14.27 10.91 3.29
N ALA A 46 -13.18 10.65 4.02
CA ALA A 46 -12.42 9.42 3.81
C ALA A 46 -13.28 8.21 4.09
N GLU A 47 -14.13 8.32 5.12
CA GLU A 47 -15.02 7.23 5.47
C GLU A 47 -16.08 7.02 4.40
N ALA A 48 -16.57 8.13 3.86
CA ALA A 48 -17.60 8.09 2.82
C ALA A 48 -17.06 7.45 1.56
N SER A 49 -15.79 7.71 1.25
CA SER A 49 -15.16 7.16 0.05
C SER A 49 -15.20 5.63 0.09
N GLY A 50 -15.10 5.06 1.28
CA GLY A 50 -15.12 3.60 1.45
C GLY A 50 -13.85 3.12 2.12
N LEU A 51 -13.09 4.06 2.67
CA LEU A 51 -11.84 3.72 3.35
C LEU A 51 -12.14 3.07 4.69
N ARG A 52 -11.33 2.08 5.07
CA ARG A 52 -11.53 1.36 6.34
C ARG A 52 -10.23 1.34 7.16
N ALA A 53 -10.36 1.09 8.45
CA ALA A 53 -9.21 1.06 9.34
C ALA A 53 -8.35 -0.17 9.09
N GLN A 54 -8.88 -1.14 8.35
CA GLN A 54 -8.13 -2.36 8.05
C GLN A 54 -7.75 -2.42 6.57
N ASP A 55 -7.87 -1.28 5.88
CA ASP A 55 -7.54 -1.22 4.47
C ASP A 55 -6.04 -1.02 4.27
N ARG A 56 -5.56 -1.32 3.05
CA ARG A 56 -4.14 -1.17 2.72
C ARG A 56 -3.99 -0.32 1.45
N ILE A 57 -3.08 0.64 1.49
CA ILE A 57 -2.85 1.52 0.34
C ILE A 57 -2.01 0.80 -0.71
N VAL A 58 -2.56 0.66 -1.93
CA VAL A 58 -1.85 0.00 -3.02
C VAL A 58 -1.39 1.03 -4.05
N GLU A 59 -2.27 1.97 -4.35
CA GLU A 59 -1.96 3.02 -5.34
C GLU A 59 -2.62 4.34 -4.95
N VAL A 60 -1.90 5.44 -5.18
CA VAL A 60 -2.43 6.77 -4.88
C VAL A 60 -2.49 7.60 -6.16
N ASN A 61 -3.64 8.21 -6.40
CA ASN A 61 -3.81 9.02 -7.59
C ASN A 61 -3.47 8.22 -8.85
N GLY A 62 -3.57 6.90 -8.74
CA GLY A 62 -3.29 6.02 -9.89
C GLY A 62 -1.80 5.77 -10.07
N VAL A 63 -1.01 5.91 -9.00
CA VAL A 63 0.45 5.68 -9.07
C VAL A 63 0.84 4.45 -8.25
N CYS A 64 2.05 3.95 -8.48
CA CYS A 64 2.52 2.75 -7.76
C CYS A 64 3.16 3.11 -6.41
N MET A 65 2.71 2.43 -5.37
CA MET A 65 3.24 2.64 -4.01
C MET A 65 4.22 1.52 -3.65
N GLU A 66 4.27 0.50 -4.49
CA GLU A 66 5.17 -0.63 -4.25
C GLU A 66 6.62 -0.19 -4.46
N GLY A 67 7.47 -0.46 -3.46
CA GLY A 67 8.87 -0.09 -3.55
C GLY A 67 9.09 1.39 -3.23
N LYS A 68 8.06 2.02 -2.67
CA LYS A 68 8.12 3.44 -2.31
C LYS A 68 8.20 3.60 -0.79
N GLN A 69 8.81 4.71 -0.35
CA GLN A 69 8.94 4.98 1.07
C GLN A 69 7.61 5.43 1.66
N HIS A 70 7.42 5.22 2.95
CA HIS A 70 6.17 5.61 3.61
C HIS A 70 5.91 7.11 3.43
N GLY A 71 6.98 7.87 3.24
CA GLY A 71 6.86 9.32 3.06
C GLY A 71 6.36 9.66 1.66
N ASP A 72 6.39 8.70 0.76
CA ASP A 72 5.94 8.93 -0.61
C ASP A 72 4.41 9.02 -0.68
N VAL A 73 3.74 8.43 0.31
CA VAL A 73 2.27 8.44 0.32
C VAL A 73 1.76 9.88 0.42
N VAL A 74 2.35 10.67 1.31
CA VAL A 74 1.91 12.07 1.45
C VAL A 74 2.27 12.85 0.19
N SER A 75 3.41 12.54 -0.39
CA SER A 75 3.87 13.20 -1.60
C SER A 75 2.89 12.97 -2.75
N ALA A 76 2.44 11.71 -2.89
CA ALA A 76 1.50 11.37 -3.95
C ALA A 76 0.18 12.11 -3.75
N ILE A 77 -0.24 12.23 -2.49
CA ILE A 77 -1.49 12.91 -2.17
C ILE A 77 -1.41 14.39 -2.53
N ARG A 78 -0.28 15.02 -2.20
CA ARG A 78 -0.10 16.44 -2.50
C ARG A 78 -0.08 16.67 -4.01
N ALA A 79 0.54 15.76 -4.73
CA ALA A 79 0.63 15.86 -6.18
C ALA A 79 -0.77 15.86 -6.80
N GLY A 80 -1.67 15.08 -6.19
CA GLY A 80 -3.04 14.98 -6.69
C GLY A 80 -3.74 16.35 -6.67
N GLY A 81 -3.54 17.10 -5.59
CA GLY A 81 -4.15 18.43 -5.45
C GLY A 81 -5.05 18.50 -4.22
N ASP A 82 -6.24 19.05 -4.39
CA ASP A 82 -7.20 19.20 -3.30
C ASP A 82 -7.98 17.90 -3.09
N GLU A 83 -7.73 16.91 -3.95
CA GLU A 83 -8.43 15.63 -3.86
C GLU A 83 -7.42 14.49 -3.97
N THR A 84 -7.84 13.28 -3.59
CA THR A 84 -6.96 12.12 -3.66
C THR A 84 -7.76 10.84 -3.92
N LYS A 85 -7.06 9.81 -4.41
CA LYS A 85 -7.71 8.52 -4.69
C LYS A 85 -6.82 7.37 -4.24
N LEU A 86 -7.26 6.66 -3.20
CA LEU A 86 -6.51 5.54 -2.64
C LEU A 86 -7.14 4.21 -3.06
N LEU A 87 -6.30 3.28 -3.52
CA LEU A 87 -6.77 1.96 -3.94
C LEU A 87 -6.55 0.97 -2.79
N VAL A 88 -7.62 0.27 -2.41
CA VAL A 88 -7.54 -0.70 -1.31
C VAL A 88 -8.21 -2.01 -1.69
N VAL A 89 -7.91 -3.07 -0.93
CA VAL A 89 -8.48 -4.39 -1.19
C VAL A 89 -9.05 -5.00 0.09
N ASP A 90 -9.93 -5.98 -0.07
CA ASP A 90 -10.54 -6.64 1.08
C ASP A 90 -9.58 -7.69 1.62
N ARG A 91 -9.90 -8.23 2.79
CA ARG A 91 -9.03 -9.25 3.40
C ARG A 91 -8.94 -10.48 2.49
N GLU A 92 -10.07 -10.90 1.93
CA GLU A 92 -10.07 -12.06 1.04
C GLU A 92 -9.35 -11.71 -0.26
N THR A 93 -9.61 -10.52 -0.77
CA THR A 93 -8.99 -10.06 -2.00
C THR A 93 -7.48 -9.91 -1.84
N ASP A 94 -7.06 -9.35 -0.71
CA ASP A 94 -5.65 -9.14 -0.47
C ASP A 94 -4.86 -10.45 -0.60
N GLU A 95 -5.32 -11.50 0.08
CA GLU A 95 -4.65 -12.79 0.01
C GLU A 95 -4.83 -13.42 -1.37
N PHE A 96 -5.95 -13.12 -2.02
CA PHE A 96 -6.22 -13.68 -3.34
C PHE A 96 -5.13 -13.30 -4.34
N PHE A 97 -4.74 -12.04 -4.34
CA PHE A 97 -3.72 -11.56 -5.27
C PHE A 97 -2.32 -12.05 -4.87
N LYS A 98 -2.09 -12.23 -3.57
CA LYS A 98 -0.77 -12.67 -3.11
C LYS A 98 -0.39 -14.03 -3.70
N LYS A 99 -1.34 -14.97 -3.74
CA LYS A 99 -1.04 -16.28 -4.29
C LYS A 99 -1.00 -16.21 -5.82
N CYS A 100 -1.63 -15.20 -6.38
CA CYS A 100 -1.65 -15.02 -7.83
C CYS A 100 -0.37 -14.33 -8.30
N ARG A 101 0.38 -13.78 -7.33
CA ARG A 101 1.61 -13.09 -7.64
C ARG A 101 1.38 -11.94 -8.61
N VAL A 102 0.27 -11.23 -8.43
CA VAL A 102 -0.09 -10.10 -9.29
C VAL A 102 -0.29 -8.84 -8.44
N ILE A 103 0.27 -7.73 -8.90
CA ILE A 103 0.17 -6.45 -8.19
C ILE A 103 -1.14 -5.73 -8.57
N PRO A 104 -2.12 -5.62 -7.68
CA PRO A 104 -3.41 -4.95 -8.00
C PRO A 104 -3.20 -3.52 -8.51
N SER A 105 -4.10 -3.08 -9.39
CA SER A 105 -4.05 -1.74 -9.97
C SER A 105 -5.46 -1.28 -10.37
N GLN A 106 -5.59 -0.03 -10.76
CA GLN A 106 -6.90 0.51 -11.13
C GLN A 106 -7.47 -0.18 -12.36
N GLU A 107 -6.61 -0.62 -13.27
CA GLU A 107 -7.08 -1.29 -14.48
C GLU A 107 -7.97 -2.47 -14.12
N HIS A 108 -7.83 -2.97 -12.89
CA HIS A 108 -8.62 -4.11 -12.45
C HIS A 108 -10.02 -3.68 -12.02
N LEU A 109 -10.18 -2.40 -11.75
CA LEU A 109 -11.48 -1.88 -11.35
C LEU A 109 -12.49 -2.09 -12.48
N ASN A 110 -12.03 -1.84 -13.70
CA ASN A 110 -12.88 -1.98 -14.88
C ASN A 110 -12.98 -3.43 -15.36
N GLY A 111 -11.84 -4.14 -15.44
CA GLY A 111 -11.84 -5.51 -15.96
C GLY A 111 -11.92 -6.60 -14.88
N PRO A 112 -12.72 -7.66 -15.07
CA PRO A 112 -12.85 -8.76 -14.07
C PRO A 112 -11.52 -9.45 -13.68
N LEU A 113 -10.89 -8.93 -12.61
CA LEU A 113 -9.64 -9.49 -12.03
C LEU A 113 -8.60 -9.97 -13.07
N PRO A 114 -7.37 -10.29 -12.67
CA PRO A 114 -6.33 -10.77 -13.61
C PRO A 114 -6.65 -12.17 -14.14
N VAL A 115 -6.53 -13.20 -13.29
CA VAL A 115 -6.82 -14.57 -13.75
C VAL A 115 -7.32 -15.48 -12.60
N PRO A 116 -8.23 -16.42 -12.87
CA PRO A 116 -8.74 -17.37 -11.83
C PRO A 116 -7.62 -18.14 -11.14
N PHE A 117 -7.92 -18.75 -9.99
CA PHE A 117 -6.93 -19.54 -9.27
C PHE A 117 -6.88 -20.93 -9.87
N THR A 118 -5.71 -21.33 -10.35
CA THR A 118 -5.57 -22.64 -10.98
C THR A 118 -6.68 -22.84 -12.00
N ASN A 119 -6.94 -24.09 -12.36
CA ASN A 119 -7.99 -24.40 -13.32
C ASN A 119 -9.33 -24.59 -12.62
N GLY A 120 -10.41 -24.66 -13.39
CA GLY A 120 -11.74 -24.84 -12.84
C GLY A 120 -11.91 -26.26 -12.32
N GLU A 121 -10.90 -27.10 -12.52
CA GLU A 121 -10.96 -28.48 -12.06
C GLU A 121 -11.02 -28.55 -10.54
N ILE A 122 -11.75 -29.53 -10.02
CA ILE A 122 -11.90 -29.71 -8.59
C ILE A 122 -10.69 -30.46 -8.00
N GLN A 123 -9.50 -30.03 -8.38
CA GLN A 123 -8.27 -30.67 -7.90
C GLN A 123 -8.16 -30.54 -6.38
N LYS A 124 -8.56 -29.38 -5.87
CA LYS A 124 -8.49 -29.11 -4.43
C LYS A 124 -9.91 -28.96 -3.85
N GLU A 125 -10.17 -29.63 -2.75
CA GLU A 125 -11.48 -29.56 -2.11
C GLU A 125 -11.83 -28.13 -1.76
N ASN A 126 -12.96 -27.65 -2.30
CA ASN A 126 -13.42 -26.28 -2.03
C ASN A 126 -14.49 -26.28 -0.95
N SER A 127 -14.11 -25.86 0.25
CA SER A 127 -15.05 -25.81 1.36
C SER A 127 -16.02 -24.64 1.20
N ARG A 128 -17.18 -24.75 1.83
CA ARG A 128 -18.18 -23.69 1.75
C ARG A 128 -17.74 -22.46 2.52
N GLU A 129 -18.06 -21.28 1.97
CA GLU A 129 -17.69 -20.02 2.62
C GLU A 129 -18.72 -19.65 3.69
N ALA A 130 -18.22 -19.31 4.87
CA ALA A 130 -19.11 -18.92 5.98
C ALA A 130 -20.12 -20.03 6.25
N LEU A 131 -19.99 -20.66 7.42
CA LEU A 131 -20.91 -21.75 7.80
C LEU A 131 -21.99 -21.22 8.73
N ALA A 132 -23.24 -21.43 8.36
CA ALA A 132 -24.37 -20.97 9.17
C ALA A 132 -24.48 -21.79 10.45
N GLU A 133 -24.81 -21.11 11.54
CA GLU A 133 -24.97 -21.76 12.84
C GLU A 133 -23.67 -22.48 13.23
N ALA A 134 -23.42 -22.55 14.53
CA ALA A 134 -22.22 -23.22 15.02
C ALA A 134 -22.30 -24.73 14.76
N ALA A 135 -21.18 -25.33 14.41
CA ALA A 135 -21.13 -26.75 14.14
C ALA A 135 -19.73 -27.30 14.37
N LEU A 136 -19.65 -28.57 14.73
CA LEU A 136 -18.36 -29.22 14.97
C LEU A 136 -17.69 -29.57 13.65
N GLU A 137 -16.38 -29.36 13.58
CA GLU A 137 -15.62 -29.66 12.37
C GLU A 137 -15.04 -31.07 12.44
N SER A 138 -15.91 -32.08 12.55
CA SER A 138 -15.44 -33.46 12.61
C SER A 138 -14.35 -33.71 11.56
N PRO A 139 -14.61 -33.43 10.28
CA PRO A 139 -13.61 -33.63 9.21
C PRO A 139 -12.16 -33.49 9.71
N ARG A 140 -11.28 -34.41 9.30
CA ARG A 140 -9.89 -34.38 9.74
C ARG A 140 -9.17 -33.16 9.12
N PRO A 141 -8.19 -32.56 9.77
CA PRO A 141 -7.48 -31.36 9.21
C PRO A 141 -6.92 -31.63 7.81
N ALA A 142 -6.99 -30.60 6.96
CA ALA A 142 -6.52 -30.69 5.59
C ALA A 142 -5.02 -30.99 5.52
N LEU A 143 -4.63 -31.78 4.52
CA LEU A 143 -3.22 -32.14 4.33
C LEU A 143 -2.61 -31.32 3.20
N VAL A 144 -1.49 -30.66 3.49
CA VAL A 144 -0.80 -29.83 2.49
C VAL A 144 0.64 -30.34 2.29
N ARG A 145 0.89 -30.91 1.12
CA ARG A 145 2.22 -31.43 0.81
C ARG A 145 3.17 -30.29 0.44
N SER A 146 4.41 -30.39 0.90
CA SER A 146 5.41 -29.38 0.62
C SER A 146 5.63 -29.25 -0.89
N ALA A 147 5.65 -30.39 -1.57
CA ALA A 147 5.85 -30.40 -3.00
C ALA A 147 4.73 -29.64 -3.73
N SER A 148 5.08 -29.03 -4.86
CA SER A 148 4.10 -28.26 -5.62
C SER A 148 2.96 -29.16 -6.08
N SER A 149 1.79 -28.55 -6.27
CA SER A 149 0.61 -29.29 -6.71
C SER A 149 0.87 -29.97 -8.05
N ASP A 150 1.57 -29.28 -8.94
CA ASP A 150 1.87 -29.83 -10.25
C ASP A 150 2.93 -30.92 -10.14
N THR A 151 2.74 -31.83 -9.19
CA THR A 151 3.68 -32.94 -8.98
C THR A 151 2.91 -34.24 -8.75
N SER A 152 3.57 -35.37 -9.00
CA SER A 152 2.95 -36.68 -8.82
C SER A 152 1.66 -36.78 -9.66
N GLU A 153 1.62 -37.79 -10.51
CA GLU A 153 0.45 -38.00 -11.37
C GLU A 153 -0.82 -38.08 -10.52
N GLU A 154 -1.92 -37.58 -11.08
CA GLU A 154 -3.20 -37.60 -10.37
C GLU A 154 -3.59 -39.03 -10.02
N LEU A 155 -4.09 -39.22 -8.81
CA LEU A 155 -4.51 -40.55 -8.34
C LEU A 155 -6.03 -40.58 -8.15
N ASN A 156 -6.64 -41.69 -8.57
CA ASN A 156 -8.08 -41.83 -8.45
C ASN A 156 -8.52 -41.71 -7.00
N SER A 157 -9.61 -40.98 -6.77
CA SER A 157 -10.14 -40.79 -5.42
C SER A 157 -11.61 -40.40 -5.47
N GLN A 158 -12.06 -39.68 -4.45
CA GLN A 158 -13.45 -39.24 -4.39
C GLN A 158 -14.40 -40.43 -4.45
N ASP A 159 -14.73 -40.98 -3.27
CA ASP A 159 -15.63 -42.13 -3.20
C ASP A 159 -17.08 -41.68 -3.22
N SER A 160 -17.98 -42.63 -3.44
CA SER A 160 -19.41 -42.32 -3.48
C SER A 160 -20.22 -43.60 -3.40
N PRO A 161 -20.21 -44.28 -2.27
CA PRO A 161 -20.95 -45.58 -2.06
C PRO A 161 -22.50 -45.47 -2.05
N PRO A 162 -23.20 -45.75 -3.14
CA PRO A 162 -24.69 -45.71 -3.19
C PRO A 162 -25.36 -46.05 -1.85
N LYS A 163 -26.50 -45.42 -1.59
CA LYS A 163 -27.28 -45.65 -0.35
C LYS A 163 -26.45 -45.34 0.90
N GLN A 164 -27.13 -44.89 1.95
CA GLN A 164 -26.45 -44.56 3.20
C GLN A 164 -25.75 -45.78 3.77
N ASP A 165 -24.47 -45.63 4.09
CA ASP A 165 -23.69 -46.73 4.63
C ASP A 165 -24.22 -47.14 6.01
N SER A 166 -24.40 -48.44 6.20
CA SER A 166 -24.90 -48.94 7.47
C SER A 166 -23.79 -48.96 8.51
N THR A 167 -24.15 -49.20 9.76
CA THR A 167 -23.17 -49.23 10.83
C THR A 167 -22.31 -50.49 10.69
N ALA A 168 -21.19 -50.52 11.40
CA ALA A 168 -20.29 -51.67 11.33
C ALA A 168 -19.53 -51.65 9.99
N PRO A 169 -18.35 -52.22 9.92
CA PRO A 169 -17.55 -52.25 8.66
C PRO A 169 -17.99 -53.37 7.71
N SER A 170 -19.26 -53.34 7.30
CA SER A 170 -19.79 -54.35 6.39
C SER A 170 -19.30 -55.75 6.77
N SER A 171 -19.09 -55.96 8.06
CA SER A 171 -18.62 -57.27 8.56
C SER A 171 -19.19 -57.55 9.95
N THR A 172 -19.29 -58.82 10.30
CA THR A 172 -19.82 -59.21 11.60
C THR A 172 -18.94 -58.66 12.72
N SER A 173 -17.63 -58.80 12.57
CA SER A 173 -16.70 -58.33 13.58
C SER A 173 -17.16 -58.77 14.98
N SER A 174 -17.06 -60.06 15.24
CA SER A 174 -17.47 -60.60 16.53
C SER A 174 -16.65 -60.00 17.67
N SER A 175 -15.35 -59.89 17.45
CA SER A 175 -14.45 -59.33 18.45
C SER A 175 -14.67 -60.01 19.81
N ASP A 176 -13.87 -61.03 20.10
CA ASP A 176 -13.96 -61.76 21.37
C ASP A 176 -15.29 -62.48 21.53
N PRO A 177 -15.64 -63.35 20.60
CA PRO A 177 -16.92 -64.13 20.69
C PRO A 177 -16.96 -64.98 21.96
N ILE A 178 -15.79 -65.48 22.36
CA ILE A 178 -15.66 -66.29 23.55
C ILE A 178 -14.22 -66.21 24.05
N LEU A 179 -13.28 -66.46 23.14
CA LEU A 179 -11.85 -66.39 23.44
C LEU A 179 -11.22 -65.27 22.61
N ASP A 180 -10.46 -64.40 23.26
CA ASP A 180 -9.80 -63.29 22.57
C ASP A 180 -8.37 -63.67 22.20
N PHE A 181 -8.17 -64.07 20.95
CA PHE A 181 -6.84 -64.45 20.48
C PHE A 181 -6.22 -63.33 19.66
N ASN A 182 -5.17 -62.72 20.21
CA ASN A 182 -4.49 -61.61 19.54
C ASN A 182 -5.41 -60.41 19.37
N ILE A 183 -6.72 -60.62 19.53
CA ILE A 183 -7.69 -59.54 19.40
C ILE A 183 -7.45 -58.49 20.49
N SER A 184 -7.24 -58.94 21.72
CA SER A 184 -7.00 -58.03 22.82
C SER A 184 -5.66 -57.32 22.64
N LEU A 185 -4.70 -58.02 22.06
CA LEU A 185 -3.38 -57.46 21.83
C LEU A 185 -3.46 -56.26 20.90
N ALA A 186 -4.24 -56.39 19.84
CA ALA A 186 -4.40 -55.30 18.87
C ALA A 186 -5.08 -54.11 19.51
N MET A 187 -6.08 -54.38 20.36
CA MET A 187 -6.80 -53.32 21.03
C MET A 187 -5.90 -52.60 22.03
N ALA A 188 -5.04 -53.35 22.71
CA ALA A 188 -4.14 -52.78 23.69
C ALA A 188 -3.26 -51.69 23.06
N LYS A 189 -2.65 -52.02 21.92
CA LYS A 189 -1.79 -51.06 21.25
C LYS A 189 -2.61 -49.92 20.63
N GLU A 190 -3.81 -50.24 20.17
CA GLU A 190 -4.68 -49.23 19.58
C GLU A 190 -5.14 -48.22 20.62
N ARG A 191 -5.53 -48.72 21.79
CA ARG A 191 -5.99 -47.85 22.87
C ARG A 191 -4.84 -46.98 23.38
N ALA A 192 -3.67 -47.58 23.52
CA ALA A 192 -2.50 -46.85 24.01
C ALA A 192 -1.91 -45.96 22.92
N HIS A 193 -2.55 -45.97 21.75
CA HIS A 193 -2.07 -45.17 20.64
C HIS A 193 -2.07 -43.68 20.99
N GLN A 194 -3.14 -43.24 21.65
CA GLN A 194 -3.25 -41.82 22.05
C GLN A 194 -3.78 -41.72 23.48
N LYS A 195 -3.29 -40.73 24.22
CA LYS A 195 -3.71 -40.52 25.60
C LYS A 195 -3.83 -39.03 25.90
N ARG A 196 -5.03 -38.59 26.27
CA ARG A 196 -5.27 -37.18 26.58
C ARG A 196 -4.50 -36.27 25.62
N SER A 197 -5.02 -36.10 24.41
CA SER A 197 -4.37 -35.26 23.42
C SER A 197 -4.51 -33.79 23.80
N SER A 198 -3.42 -33.04 23.63
CA SER A 198 -3.43 -31.61 23.94
C SER A 198 -4.01 -30.80 22.79
N LYS A 199 -4.30 -29.52 23.04
CA LYS A 199 -4.86 -28.64 22.01
C LYS A 199 -3.91 -27.49 21.71
N ARG A 200 -3.79 -27.14 20.43
CA ARG A 200 -2.91 -26.06 20.00
C ARG A 200 -3.63 -24.71 20.05
N ALA A 201 -2.90 -23.67 20.41
CA ALA A 201 -3.47 -22.33 20.50
C ALA A 201 -2.38 -21.28 20.73
N PRO A 202 -1.45 -21.16 19.81
CA PRO A 202 -0.34 -20.18 19.92
C PRO A 202 -0.80 -18.73 19.76
N GLN A 203 -0.06 -17.81 20.38
CA GLN A 203 -0.40 -16.38 20.32
C GLN A 203 0.88 -15.54 20.39
N MET A 204 0.80 -14.29 19.93
CA MET A 204 1.95 -13.39 19.95
C MET A 204 1.51 -11.94 20.04
N ASP A 205 0.41 -11.70 20.75
CA ASP A 205 -0.11 -10.34 20.90
C ASP A 205 0.75 -9.54 21.88
N TRP A 206 0.91 -8.25 21.60
CA TRP A 206 1.70 -7.37 22.45
C TRP A 206 3.13 -7.90 22.57
N SER A 207 4.03 -7.03 23.04
CA SER A 207 5.43 -7.42 23.21
C SER A 207 6.10 -6.57 24.28
N LYS A 208 7.26 -7.02 24.73
CA LYS A 208 8.00 -6.30 25.76
C LYS A 208 8.42 -4.91 25.25
N LYS A 209 8.86 -4.86 23.99
CA LYS A 209 9.28 -3.60 23.40
C LYS A 209 8.10 -2.63 23.29
N ASN A 210 8.33 -1.38 23.71
CA ASN A 210 7.28 -0.37 23.67
C ASN A 210 7.24 0.31 22.30
N GLU A 211 6.03 0.60 21.83
CA GLU A 211 5.86 1.25 20.53
C GLU A 211 5.37 2.69 20.70
N LEU A 212 6.12 3.63 20.16
CA LEU A 212 5.77 5.04 20.27
C LEU A 212 4.60 5.36 19.35
N PHE A 213 3.71 6.23 19.81
CA PHE A 213 2.53 6.62 19.02
C PHE A 213 2.60 8.11 18.66
N SER A 214 2.14 8.44 17.45
CA SER A 214 2.16 9.82 16.97
C SER A 214 0.81 10.19 16.38
N ASN A 215 0.47 11.48 16.44
CA ASN A 215 -0.80 11.95 15.91
C ASN A 215 -0.88 11.72 14.40
N LEU A 216 0.23 11.97 13.71
CA LEU A 216 0.29 11.79 12.27
C LEU A 216 1.73 11.75 11.78
N GLY A 1 -25.08 -19.26 -9.04
CA GLY A 1 -25.28 -18.12 -9.98
C GLY A 1 -24.03 -17.24 -9.98
N ILE A 2 -23.67 -16.75 -8.79
CA ILE A 2 -22.49 -15.88 -8.64
C ILE A 2 -21.39 -16.63 -7.92
N ASP A 3 -20.20 -16.67 -8.53
CA ASP A 3 -19.06 -17.37 -7.94
C ASP A 3 -18.32 -16.43 -6.97
N PRO A 4 -17.75 -16.96 -5.91
CA PRO A 4 -17.00 -16.11 -4.92
C PRO A 4 -15.70 -15.57 -5.51
N PHE A 5 -15.20 -16.22 -6.56
CA PHE A 5 -13.97 -15.81 -7.20
C PHE A 5 -14.09 -14.44 -7.85
N THR A 6 -15.22 -14.21 -8.53
CA THR A 6 -15.42 -12.94 -9.22
C THR A 6 -15.60 -11.79 -8.22
N MET A 7 -16.08 -12.10 -7.03
CA MET A 7 -16.31 -11.07 -6.01
C MET A 7 -14.99 -10.40 -5.61
N LEU A 8 -13.95 -11.21 -5.50
CA LEU A 8 -12.64 -10.69 -5.12
C LEU A 8 -12.18 -9.65 -6.14
N ARG A 9 -12.25 -8.37 -5.77
CA ARG A 9 -11.85 -7.31 -6.71
C ARG A 9 -11.56 -5.97 -6.00
N PRO A 10 -10.52 -5.23 -6.39
CA PRO A 10 -10.19 -3.89 -5.78
C PRO A 10 -11.36 -2.90 -5.83
N ARG A 11 -11.15 -1.77 -5.15
CA ARG A 11 -12.13 -0.68 -5.11
C ARG A 11 -11.36 0.63 -4.93
N LEU A 12 -11.78 1.68 -5.63
CA LEU A 12 -11.09 2.97 -5.55
C LEU A 12 -11.87 3.97 -4.71
N CYS A 13 -11.24 4.43 -3.63
CA CYS A 13 -11.86 5.40 -2.73
C CYS A 13 -11.41 6.81 -3.09
N THR A 14 -12.35 7.74 -3.15
CA THR A 14 -12.04 9.13 -3.49
C THR A 14 -12.51 10.05 -2.37
N MET A 15 -11.59 10.83 -1.82
CA MET A 15 -11.92 11.76 -0.74
C MET A 15 -11.41 13.16 -1.08
N LYS A 16 -12.17 14.17 -0.67
CA LYS A 16 -11.80 15.57 -0.92
C LYS A 16 -11.46 16.27 0.39
N LYS A 17 -10.31 16.94 0.41
CA LYS A 17 -9.87 17.63 1.63
C LYS A 17 -10.54 19.00 1.73
N GLY A 18 -10.81 19.42 2.97
CA GLY A 18 -11.44 20.72 3.19
C GLY A 18 -11.29 21.15 4.64
N PRO A 19 -12.07 20.60 5.53
CA PRO A 19 -12.03 20.94 6.98
C PRO A 19 -10.64 20.71 7.59
N SER A 20 -10.03 19.58 7.26
CA SER A 20 -8.71 19.25 7.78
C SER A 20 -8.13 18.02 7.07
N GLY A 21 -7.40 18.25 5.99
CA GLY A 21 -6.80 17.15 5.24
C GLY A 21 -7.85 16.12 4.84
N TYR A 22 -7.50 14.84 4.95
CA TYR A 22 -8.42 13.75 4.59
C TYR A 22 -8.86 12.99 5.83
N GLY A 23 -8.33 13.37 6.98
CA GLY A 23 -8.69 12.71 8.23
C GLY A 23 -8.41 11.21 8.18
N PHE A 24 -7.21 10.83 7.76
CA PHE A 24 -6.83 9.42 7.67
C PHE A 24 -5.41 9.22 8.21
N ASN A 25 -5.08 7.99 8.61
CA ASN A 25 -3.76 7.69 9.17
C ASN A 25 -3.19 6.42 8.56
N LEU A 26 -1.88 6.22 8.76
CA LEU A 26 -1.19 5.04 8.24
C LEU A 26 -0.68 4.18 9.40
N HIS A 27 -0.39 2.92 9.11
CA HIS A 27 0.10 2.00 10.14
C HIS A 27 1.07 2.70 11.09
N SER A 28 2.04 3.40 10.52
CA SER A 28 3.02 4.12 11.33
C SER A 28 3.50 3.25 12.50
N ASP A 29 3.38 1.93 12.34
CA ASP A 29 3.79 0.99 13.38
C ASP A 29 5.20 0.49 13.11
N LYS A 30 6.14 0.90 13.94
CA LYS A 30 7.53 0.48 13.78
C LYS A 30 7.72 -0.94 14.28
N SER A 31 8.70 -1.64 13.71
CA SER A 31 8.97 -3.02 14.10
C SER A 31 7.75 -3.91 13.84
N LYS A 32 6.81 -3.41 13.04
CA LYS A 32 5.59 -4.17 12.72
C LYS A 32 5.38 -4.26 11.19
N PRO A 33 5.70 -5.38 10.56
CA PRO A 33 5.53 -5.53 9.07
C PRO A 33 4.09 -5.31 8.61
N GLY A 34 3.94 -4.79 7.39
CA GLY A 34 2.62 -4.55 6.81
C GLY A 34 2.30 -3.06 6.75
N GLN A 35 1.44 -2.68 5.79
CA GLN A 35 1.03 -1.29 5.63
C GLN A 35 -0.49 -1.21 5.44
N PHE A 36 -1.17 -0.66 6.44
CA PHE A 36 -2.63 -0.54 6.38
C PHE A 36 -3.09 0.68 7.16
N ILE A 37 -4.35 1.05 7.00
CA ILE A 37 -4.89 2.20 7.71
C ILE A 37 -5.05 1.86 9.19
N ARG A 38 -4.32 2.55 10.05
CA ARG A 38 -4.40 2.28 11.48
C ARG A 38 -5.79 2.64 12.01
N SER A 39 -6.27 3.82 11.61
CA SER A 39 -7.58 4.29 12.05
C SER A 39 -8.05 5.43 11.14
N VAL A 40 -9.35 5.71 11.20
CA VAL A 40 -9.94 6.80 10.40
C VAL A 40 -10.58 7.83 11.32
N ASP A 41 -10.23 9.10 11.11
CA ASP A 41 -10.78 10.16 11.93
C ASP A 41 -12.31 10.22 11.75
N PRO A 42 -13.10 10.02 12.80
CA PRO A 42 -14.59 10.08 12.67
C PRO A 42 -15.06 11.36 11.99
N ASP A 43 -16.15 11.24 11.22
CA ASP A 43 -16.71 12.38 10.50
C ASP A 43 -15.67 12.96 9.54
N SER A 44 -15.05 12.09 8.74
CA SER A 44 -14.03 12.50 7.78
C SER A 44 -14.40 12.02 6.37
N PRO A 45 -14.02 12.72 5.34
CA PRO A 45 -14.34 12.30 3.94
C PRO A 45 -13.72 10.96 3.59
N ALA A 46 -12.64 10.61 4.29
CA ALA A 46 -11.97 9.34 4.04
C ALA A 46 -12.90 8.19 4.37
N GLU A 47 -13.66 8.34 5.46
CA GLU A 47 -14.61 7.31 5.87
C GLU A 47 -15.76 7.21 4.88
N ALA A 48 -16.22 8.37 4.41
CA ALA A 48 -17.32 8.42 3.45
C ALA A 48 -16.90 7.80 2.11
N SER A 49 -15.65 8.02 1.72
CA SER A 49 -15.15 7.49 0.46
C SER A 49 -15.23 5.96 0.45
N GLY A 50 -15.06 5.36 1.61
CA GLY A 50 -15.11 3.90 1.73
C GLY A 50 -13.85 3.36 2.42
N LEU A 51 -12.94 4.27 2.74
CA LEU A 51 -11.70 3.88 3.40
C LEU A 51 -12.00 3.37 4.81
N ARG A 52 -11.36 2.27 5.19
CA ARG A 52 -11.57 1.67 6.51
C ARG A 52 -10.24 1.39 7.21
N ALA A 53 -10.31 1.14 8.51
CA ALA A 53 -9.11 0.86 9.31
C ALA A 53 -8.46 -0.46 8.92
N GLN A 54 -9.15 -1.22 8.07
CA GLN A 54 -8.65 -2.54 7.63
C GLN A 54 -8.41 -2.53 6.11
N ASP A 55 -7.87 -1.43 5.61
CA ASP A 55 -7.59 -1.30 4.17
C ASP A 55 -6.08 -1.14 3.93
N ARG A 56 -5.65 -1.39 2.69
CA ARG A 56 -4.24 -1.28 2.33
C ARG A 56 -4.08 -0.38 1.10
N ILE A 57 -3.10 0.52 1.13
CA ILE A 57 -2.86 1.42 0.01
C ILE A 57 -2.01 0.73 -1.04
N VAL A 58 -2.56 0.58 -2.25
CA VAL A 58 -1.81 -0.04 -3.34
C VAL A 58 -1.39 1.00 -4.36
N GLU A 59 -2.31 1.87 -4.74
CA GLU A 59 -2.02 2.92 -5.72
C GLU A 59 -2.72 4.22 -5.35
N VAL A 60 -2.06 5.34 -5.67
CA VAL A 60 -2.62 6.67 -5.40
C VAL A 60 -2.76 7.45 -6.70
N ASN A 61 -3.97 7.93 -6.97
CA ASN A 61 -4.21 8.69 -8.18
C ASN A 61 -3.60 7.99 -9.40
N GLY A 62 -3.52 6.66 -9.34
CA GLY A 62 -2.95 5.89 -10.45
C GLY A 62 -1.43 5.83 -10.41
N VAL A 63 -0.85 6.00 -9.21
CA VAL A 63 0.61 5.95 -9.05
C VAL A 63 1.00 4.74 -8.20
N CYS A 64 2.00 3.99 -8.68
CA CYS A 64 2.45 2.78 -7.97
C CYS A 64 3.23 3.13 -6.71
N MET A 65 2.77 2.59 -5.58
CA MET A 65 3.42 2.83 -4.29
C MET A 65 4.54 1.82 -4.07
N GLU A 66 4.32 0.59 -4.53
CA GLU A 66 5.31 -0.46 -4.36
C GLU A 66 6.64 -0.07 -4.99
N GLY A 67 7.73 -0.29 -4.24
CA GLY A 67 9.06 0.05 -4.73
C GLY A 67 9.34 1.54 -4.58
N LYS A 68 8.60 2.20 -3.69
CA LYS A 68 8.78 3.65 -3.46
C LYS A 68 9.13 3.91 -2.01
N GLN A 69 9.18 5.19 -1.64
CA GLN A 69 9.51 5.60 -0.27
C GLN A 69 8.25 6.00 0.48
N HIS A 70 8.37 6.20 1.78
CA HIS A 70 7.23 6.61 2.59
C HIS A 70 6.71 7.96 2.13
N GLY A 71 7.64 8.87 1.84
CA GLY A 71 7.27 10.21 1.38
C GLY A 71 6.48 10.13 0.06
N ASP A 72 6.53 8.96 -0.57
CA ASP A 72 5.84 8.76 -1.83
C ASP A 72 4.31 8.88 -1.66
N VAL A 73 3.80 8.38 -0.54
CA VAL A 73 2.35 8.42 -0.31
C VAL A 73 1.83 9.85 -0.15
N VAL A 74 2.50 10.65 0.68
CA VAL A 74 2.08 12.03 0.89
C VAL A 74 2.31 12.83 -0.39
N SER A 75 3.39 12.51 -1.07
CA SER A 75 3.74 13.19 -2.31
C SER A 75 2.64 13.00 -3.35
N ALA A 76 2.18 11.76 -3.50
CA ALA A 76 1.12 11.47 -4.46
C ALA A 76 -0.18 12.14 -4.05
N ILE A 77 -0.48 12.11 -2.76
CA ILE A 77 -1.69 12.72 -2.24
C ILE A 77 -1.68 14.23 -2.48
N ARG A 78 -0.53 14.86 -2.19
CA ARG A 78 -0.40 16.29 -2.38
C ARG A 78 -0.50 16.66 -3.86
N ALA A 79 0.12 15.84 -4.70
CA ALA A 79 0.09 16.08 -6.15
C ALA A 79 -1.34 15.96 -6.68
N GLY A 80 -2.09 15.03 -6.11
CA GLY A 80 -3.48 14.83 -6.53
C GLY A 80 -4.31 16.08 -6.31
N GLY A 81 -3.69 17.12 -5.76
CA GLY A 81 -4.40 18.38 -5.52
C GLY A 81 -5.18 18.34 -4.21
N ASP A 82 -6.27 19.09 -4.15
CA ASP A 82 -7.10 19.15 -2.95
C ASP A 82 -7.89 17.86 -2.77
N GLU A 83 -7.77 16.96 -3.75
CA GLU A 83 -8.48 15.67 -3.71
C GLU A 83 -7.49 14.53 -3.99
N THR A 84 -7.84 13.32 -3.57
CA THR A 84 -6.97 12.17 -3.77
C THR A 84 -7.78 10.90 -3.98
N LYS A 85 -7.14 9.87 -4.54
CA LYS A 85 -7.80 8.60 -4.80
C LYS A 85 -6.90 7.43 -4.40
N LEU A 86 -7.30 6.69 -3.38
CA LEU A 86 -6.53 5.55 -2.88
C LEU A 86 -7.19 4.24 -3.29
N LEU A 87 -6.38 3.31 -3.80
CA LEU A 87 -6.87 2.00 -4.21
C LEU A 87 -6.66 1.02 -3.07
N VAL A 88 -7.72 0.32 -2.67
CA VAL A 88 -7.65 -0.65 -1.58
C VAL A 88 -8.31 -1.96 -1.97
N VAL A 89 -8.02 -3.02 -1.23
CA VAL A 89 -8.58 -4.34 -1.50
C VAL A 89 -9.15 -4.96 -0.23
N ASP A 90 -10.03 -5.94 -0.40
CA ASP A 90 -10.64 -6.63 0.73
C ASP A 90 -9.64 -7.62 1.32
N ARG A 91 -9.95 -8.15 2.49
CA ARG A 91 -9.06 -9.10 3.14
C ARG A 91 -8.89 -10.35 2.27
N GLU A 92 -10.00 -10.85 1.70
CA GLU A 92 -9.92 -12.03 0.84
C GLU A 92 -9.22 -11.68 -0.47
N THR A 93 -9.57 -10.52 -1.01
CA THR A 93 -8.99 -10.06 -2.27
C THR A 93 -7.50 -9.81 -2.12
N ASP A 94 -7.11 -9.18 -1.02
CA ASP A 94 -5.70 -8.87 -0.79
C ASP A 94 -4.84 -10.13 -0.83
N GLU A 95 -5.26 -11.16 -0.09
CA GLU A 95 -4.51 -12.41 -0.08
C GLU A 95 -4.65 -13.17 -1.39
N PHE A 96 -5.80 -13.03 -2.04
CA PHE A 96 -6.03 -13.72 -3.31
C PHE A 96 -5.01 -13.30 -4.36
N PHE A 97 -4.83 -11.99 -4.51
CA PHE A 97 -3.89 -11.46 -5.50
C PHE A 97 -2.43 -11.73 -5.12
N LYS A 98 -2.09 -11.61 -3.83
CA LYS A 98 -0.70 -11.81 -3.41
C LYS A 98 -0.23 -13.23 -3.71
N LYS A 99 -1.07 -14.23 -3.42
CA LYS A 99 -0.69 -15.61 -3.68
C LYS A 99 -0.81 -15.91 -5.17
N CYS A 100 -1.49 -15.03 -5.90
CA CYS A 100 -1.67 -15.20 -7.33
C CYS A 100 -0.50 -14.58 -8.10
N ARG A 101 0.41 -13.97 -7.35
CA ARG A 101 1.57 -13.32 -7.95
C ARG A 101 1.16 -12.24 -8.95
N VAL A 102 0.27 -11.35 -8.52
CA VAL A 102 -0.22 -10.26 -9.38
C VAL A 102 -0.15 -8.91 -8.63
N ILE A 103 -0.19 -7.80 -9.37
CA ILE A 103 -0.12 -6.46 -8.76
C ILE A 103 -1.39 -5.66 -9.05
N PRO A 104 -2.37 -5.67 -8.16
CA PRO A 104 -3.64 -4.91 -8.36
C PRO A 104 -3.41 -3.48 -8.86
N SER A 105 -4.32 -3.04 -9.74
CA SER A 105 -4.27 -1.71 -10.32
C SER A 105 -5.68 -1.27 -10.75
N GLN A 106 -5.83 0.00 -11.07
CA GLN A 106 -7.13 0.54 -11.46
C GLN A 106 -7.65 -0.13 -12.72
N GLU A 107 -6.76 -0.67 -13.54
CA GLU A 107 -7.18 -1.32 -14.78
C GLU A 107 -8.16 -2.45 -14.45
N HIS A 108 -7.96 -3.08 -13.30
CA HIS A 108 -8.81 -4.17 -12.87
C HIS A 108 -10.23 -3.68 -12.59
N LEU A 109 -10.35 -2.42 -12.18
CA LEU A 109 -11.67 -1.86 -11.87
C LEU A 109 -12.55 -1.89 -13.12
N ASN A 110 -11.97 -1.51 -14.25
CA ASN A 110 -12.71 -1.49 -15.51
C ASN A 110 -12.77 -2.88 -16.13
N GLY A 111 -11.60 -3.49 -16.32
CA GLY A 111 -11.52 -4.82 -16.92
C GLY A 111 -11.75 -5.91 -15.86
N PRO A 112 -12.08 -7.10 -16.29
CA PRO A 112 -12.34 -8.24 -15.37
C PRO A 112 -11.07 -8.72 -14.64
N LEU A 113 -11.28 -9.45 -13.54
CA LEU A 113 -10.18 -9.97 -12.72
C LEU A 113 -8.99 -10.41 -13.59
N PRO A 114 -7.81 -10.54 -13.00
CA PRO A 114 -6.59 -10.99 -13.73
C PRO A 114 -6.81 -12.23 -14.58
N VAL A 115 -5.81 -13.11 -14.56
CA VAL A 115 -5.86 -14.35 -15.33
C VAL A 115 -4.54 -15.14 -15.17
N PRO A 116 -4.58 -16.36 -14.68
CA PRO A 116 -3.33 -17.18 -14.51
C PRO A 116 -2.88 -17.79 -15.84
N PHE A 117 -1.56 -17.88 -16.04
CA PHE A 117 -1.03 -18.45 -17.27
C PHE A 117 0.42 -18.88 -17.07
N THR A 118 0.69 -20.16 -17.29
CA THR A 118 2.05 -20.69 -17.13
C THR A 118 2.85 -20.47 -18.42
N ASN A 119 4.17 -20.64 -18.33
CA ASN A 119 5.04 -20.47 -19.49
C ASN A 119 5.18 -21.78 -20.24
N GLY A 120 4.44 -21.90 -21.34
CA GLY A 120 4.47 -23.11 -22.17
C GLY A 120 5.44 -22.93 -23.32
N GLU A 121 6.21 -23.96 -23.62
CA GLU A 121 7.17 -23.91 -24.72
C GLU A 121 8.16 -22.77 -24.50
N ILE A 122 9.36 -22.90 -25.05
CA ILE A 122 10.39 -21.88 -24.92
C ILE A 122 10.44 -21.02 -26.18
N GLN A 123 10.57 -19.70 -25.98
CA GLN A 123 10.63 -18.76 -27.11
C GLN A 123 11.68 -17.68 -26.84
N LYS A 124 12.16 -17.06 -27.91
CA LYS A 124 13.17 -16.01 -27.78
C LYS A 124 12.57 -14.75 -27.17
N GLU A 125 13.34 -14.09 -26.31
CA GLU A 125 12.88 -12.88 -25.66
C GLU A 125 13.02 -11.68 -26.60
N ASN A 126 12.13 -10.70 -26.43
CA ASN A 126 12.16 -9.51 -27.28
C ASN A 126 11.50 -8.34 -26.56
N SER A 127 11.67 -7.13 -27.12
CA SER A 127 11.09 -5.94 -26.53
C SER A 127 11.32 -5.90 -25.03
N ARG A 128 12.32 -5.14 -24.60
CA ARG A 128 12.65 -5.03 -23.19
C ARG A 128 11.63 -4.15 -22.46
N GLU A 129 11.35 -4.50 -21.21
CA GLU A 129 10.40 -3.73 -20.41
C GLU A 129 10.93 -2.34 -20.13
N ALA A 130 10.08 -1.33 -20.33
CA ALA A 130 10.47 0.06 -20.08
C ALA A 130 11.86 0.33 -20.65
N LEU A 131 11.91 0.90 -21.84
CA LEU A 131 13.19 1.20 -22.49
C LEU A 131 13.97 2.22 -21.66
N ALA A 132 13.26 3.21 -21.14
CA ALA A 132 13.88 4.26 -20.33
C ALA A 132 12.89 4.81 -19.31
N GLU A 133 13.42 5.26 -18.17
CA GLU A 133 12.58 5.82 -17.11
C GLU A 133 12.78 7.34 -17.02
N ALA A 134 11.68 8.07 -16.88
CA ALA A 134 11.76 9.52 -16.78
C ALA A 134 10.42 10.11 -16.33
N ALA A 135 10.48 11.07 -15.42
CA ALA A 135 9.27 11.72 -14.91
C ALA A 135 9.60 13.07 -14.30
N LEU A 136 8.62 13.98 -14.31
CA LEU A 136 8.81 15.31 -13.75
C LEU A 136 10.03 15.97 -14.37
N GLU A 137 10.42 17.14 -13.83
CA GLU A 137 11.57 17.87 -14.35
C GLU A 137 12.15 18.78 -13.26
N SER A 138 13.48 18.84 -13.19
CA SER A 138 14.15 19.64 -12.17
C SER A 138 14.19 21.13 -12.53
N PRO A 139 14.10 22.02 -11.54
CA PRO A 139 14.14 23.50 -11.77
C PRO A 139 15.27 23.94 -12.72
N ARG A 140 15.14 25.17 -13.21
CA ARG A 140 16.14 25.76 -14.11
C ARG A 140 16.07 27.29 -14.02
N PRO A 141 16.55 27.85 -12.95
CA PRO A 141 16.52 29.32 -12.72
C PRO A 141 17.16 30.13 -13.86
N ALA A 142 16.54 31.27 -14.18
CA ALA A 142 17.03 32.14 -15.25
C ALA A 142 16.49 33.56 -15.03
N LEU A 143 17.11 34.54 -15.67
CA LEU A 143 16.66 35.93 -15.54
C LEU A 143 15.68 36.28 -16.65
N VAL A 144 14.39 36.32 -16.32
CA VAL A 144 13.36 36.64 -17.29
C VAL A 144 12.37 37.63 -16.70
N ARG A 145 12.12 38.70 -17.44
CA ARG A 145 11.19 39.74 -17.00
C ARG A 145 9.75 39.33 -17.31
N SER A 146 8.80 40.21 -17.01
CA SER A 146 7.39 39.94 -17.26
C SER A 146 6.62 41.24 -17.47
N ALA A 147 5.44 41.12 -18.09
CA ALA A 147 4.60 42.29 -18.36
C ALA A 147 3.73 42.62 -17.15
N SER A 148 4.27 43.41 -16.23
CA SER A 148 3.54 43.80 -15.03
C SER A 148 2.27 44.56 -15.41
N SER A 149 2.40 45.47 -16.38
CA SER A 149 1.25 46.27 -16.83
C SER A 149 1.27 46.40 -18.35
N ASP A 150 0.07 46.48 -18.94
CA ASP A 150 -0.05 46.61 -20.39
C ASP A 150 -1.20 47.54 -20.75
N THR A 151 -1.50 47.64 -22.04
CA THR A 151 -2.59 48.52 -22.50
C THR A 151 -3.40 47.81 -23.59
N SER A 152 -4.68 48.19 -23.70
CA SER A 152 -5.56 47.59 -24.69
C SER A 152 -5.47 48.33 -26.02
N GLU A 153 -4.72 49.43 -26.03
CA GLU A 153 -4.54 50.23 -27.24
C GLU A 153 -3.07 50.57 -27.45
N GLU A 154 -2.44 49.89 -28.40
CA GLU A 154 -1.03 50.14 -28.70
C GLU A 154 -0.84 51.51 -29.33
N LEU A 155 -1.79 51.90 -30.18
CA LEU A 155 -1.72 53.19 -30.85
C LEU A 155 -1.46 54.31 -29.85
N ASN A 156 -1.44 55.55 -30.33
CA ASN A 156 -1.19 56.71 -29.47
C ASN A 156 -2.21 57.81 -29.76
N SER A 157 -1.93 59.01 -29.26
CA SER A 157 -2.83 60.14 -29.47
C SER A 157 -2.99 60.43 -30.96
N GLN A 158 -4.19 60.86 -31.35
CA GLN A 158 -4.48 61.16 -32.74
C GLN A 158 -3.61 62.32 -33.23
N ASP A 159 -3.38 63.29 -32.34
CA ASP A 159 -2.56 64.44 -32.70
C ASP A 159 -1.07 64.09 -32.63
N SER A 160 -0.44 63.97 -33.80
CA SER A 160 0.98 63.63 -33.86
C SER A 160 1.38 63.26 -35.29
N PRO A 161 2.64 63.45 -35.65
CA PRO A 161 3.13 63.15 -37.03
C PRO A 161 3.15 61.63 -37.33
N PRO A 162 3.20 61.22 -38.59
CA PRO A 162 3.22 59.76 -38.96
C PRO A 162 4.53 59.06 -38.57
N LYS A 163 4.47 58.18 -37.58
CA LYS A 163 5.65 57.43 -37.13
C LYS A 163 5.24 56.06 -36.61
N GLN A 164 6.16 55.09 -36.68
CA GLN A 164 5.87 53.74 -36.21
C GLN A 164 5.74 53.72 -34.69
N ASP A 165 4.56 53.33 -34.20
CA ASP A 165 4.32 53.27 -32.76
C ASP A 165 5.19 52.19 -32.12
N SER A 166 5.33 51.06 -32.82
CA SER A 166 6.13 49.96 -32.31
C SER A 166 7.62 50.26 -32.42
N THR A 167 8.38 49.81 -31.43
CA THR A 167 9.82 50.03 -31.44
C THR A 167 10.47 49.05 -32.40
N ALA A 168 11.80 49.01 -32.40
CA ALA A 168 12.52 48.10 -33.29
C ALA A 168 11.93 46.69 -33.21
N PRO A 169 12.00 45.92 -34.27
CA PRO A 169 11.46 44.53 -34.29
C PRO A 169 11.58 43.81 -32.95
N SER A 170 10.52 43.11 -32.57
CA SER A 170 10.48 42.37 -31.30
C SER A 170 11.00 43.23 -30.16
N SER A 171 10.08 43.74 -29.35
CA SER A 171 10.45 44.59 -28.21
C SER A 171 9.46 44.38 -27.06
N THR A 172 8.70 45.43 -26.75
CA THR A 172 7.72 45.35 -25.67
C THR A 172 6.62 44.34 -26.00
N SER A 173 6.31 44.22 -27.29
CA SER A 173 5.27 43.30 -27.72
C SER A 173 4.02 43.47 -26.87
N SER A 174 3.05 42.56 -27.04
CA SER A 174 1.81 42.62 -26.27
C SER A 174 1.43 41.21 -25.78
N SER A 175 0.67 41.14 -24.68
CA SER A 175 0.27 39.86 -24.11
C SER A 175 -1.03 39.35 -24.73
N ASP A 176 -1.61 40.12 -25.64
CA ASP A 176 -2.85 39.71 -26.31
C ASP A 176 -2.98 40.37 -27.69
N PRO A 177 -2.05 40.12 -28.60
CA PRO A 177 -2.08 40.73 -29.98
C PRO A 177 -3.25 40.23 -30.85
N ILE A 178 -3.56 41.03 -31.89
CA ILE A 178 -4.64 40.69 -32.82
C ILE A 178 -4.21 39.55 -33.74
N LEU A 179 -4.45 38.32 -33.28
CA LEU A 179 -4.08 37.14 -34.06
C LEU A 179 -5.34 36.41 -34.53
N ASP A 180 -5.22 35.10 -34.69
CA ASP A 180 -6.35 34.28 -35.12
C ASP A 180 -7.27 33.97 -33.94
N PHE A 181 -8.22 34.86 -33.69
CA PHE A 181 -9.16 34.69 -32.59
C PHE A 181 -9.99 33.41 -32.76
N ASN A 182 -10.46 33.18 -33.98
CA ASN A 182 -11.27 31.99 -34.26
C ASN A 182 -10.49 30.73 -33.94
N ILE A 183 -9.24 30.67 -34.37
CA ILE A 183 -8.40 29.51 -34.10
C ILE A 183 -8.05 29.43 -32.63
N SER A 184 -7.74 30.57 -32.04
CA SER A 184 -7.39 30.63 -30.62
C SER A 184 -8.53 30.09 -29.78
N LEU A 185 -9.75 30.49 -30.11
CA LEU A 185 -10.92 30.04 -29.37
C LEU A 185 -11.10 28.52 -29.56
N ALA A 186 -10.93 28.06 -30.80
CA ALA A 186 -11.08 26.64 -31.12
C ALA A 186 -10.03 25.79 -30.43
N MET A 187 -8.77 26.18 -30.55
CA MET A 187 -7.68 25.42 -29.94
C MET A 187 -7.70 25.60 -28.42
N ALA A 188 -8.53 26.52 -27.95
CA ALA A 188 -8.64 26.78 -26.52
C ALA A 188 -8.96 25.50 -25.76
N LYS A 189 -9.90 24.72 -26.30
CA LYS A 189 -10.28 23.47 -25.65
C LYS A 189 -9.11 22.50 -25.61
N GLU A 190 -8.33 22.45 -26.69
CA GLU A 190 -7.18 21.57 -26.75
C GLU A 190 -6.25 21.80 -25.57
N ARG A 191 -6.42 22.94 -24.91
CA ARG A 191 -5.58 23.28 -23.75
C ARG A 191 -5.73 22.21 -22.67
N ALA A 192 -6.96 21.79 -22.42
CA ALA A 192 -7.21 20.78 -21.41
C ALA A 192 -6.61 19.44 -21.82
N HIS A 193 -6.45 19.24 -23.12
CA HIS A 193 -5.89 17.98 -23.64
C HIS A 193 -4.37 18.05 -23.76
N GLN A 194 -3.79 19.13 -23.26
CA GLN A 194 -2.34 19.31 -23.32
C GLN A 194 -1.64 18.19 -22.53
N LYS A 195 -0.58 17.65 -23.12
CA LYS A 195 0.18 16.58 -22.46
C LYS A 195 1.10 17.17 -21.38
N ARG A 196 1.37 16.37 -20.35
CA ARG A 196 2.23 16.81 -19.26
C ARG A 196 3.61 17.17 -19.78
N SER A 197 4.16 16.32 -20.65
CA SER A 197 5.48 16.57 -21.21
C SER A 197 5.73 15.65 -22.40
N SER A 198 4.78 14.75 -22.64
CA SER A 198 4.91 13.81 -23.75
C SER A 198 6.32 13.23 -23.82
N LYS A 199 6.81 12.99 -25.04
CA LYS A 199 8.14 12.43 -25.23
C LYS A 199 9.14 13.54 -25.56
N ARG A 200 10.35 13.43 -25.01
CA ARG A 200 11.39 14.43 -25.24
C ARG A 200 12.78 13.82 -25.04
N ALA A 201 13.70 14.61 -24.49
CA ALA A 201 15.07 14.15 -24.24
C ALA A 201 15.77 15.06 -23.23
N PRO A 202 15.45 14.94 -21.98
CA PRO A 202 16.05 15.78 -20.89
C PRO A 202 17.58 15.72 -20.83
N GLN A 203 18.17 16.87 -20.49
CA GLN A 203 19.61 17.02 -20.39
C GLN A 203 20.22 16.05 -19.38
N MET A 204 19.56 15.87 -18.25
CA MET A 204 20.07 14.97 -17.21
C MET A 204 19.58 13.54 -17.47
N ASP A 205 20.48 12.72 -18.02
CA ASP A 205 20.15 11.33 -18.34
C ASP A 205 20.44 10.43 -17.14
N TRP A 206 20.88 11.03 -16.05
CA TRP A 206 21.18 10.28 -14.84
C TRP A 206 19.90 9.97 -14.06
N SER A 207 19.71 8.70 -13.71
CA SER A 207 18.54 8.28 -12.97
C SER A 207 18.71 8.57 -11.48
N LYS A 208 17.60 8.61 -10.75
CA LYS A 208 17.64 8.87 -9.32
C LYS A 208 18.32 7.73 -8.59
N LYS A 209 18.96 8.05 -7.47
CA LYS A 209 19.65 7.03 -6.68
C LYS A 209 18.66 6.06 -6.07
N ASN A 210 18.99 4.77 -6.13
CA ASN A 210 18.11 3.74 -5.57
C ASN A 210 18.36 3.57 -4.08
N GLU A 211 17.35 3.88 -3.28
CA GLU A 211 17.45 3.75 -1.82
C GLU A 211 16.50 2.68 -1.30
N LEU A 212 16.92 1.97 -0.26
CA LEU A 212 16.10 0.92 0.32
C LEU A 212 14.94 1.53 1.10
N PHE A 213 13.79 0.88 1.04
CA PHE A 213 12.59 1.35 1.74
C PHE A 213 12.38 0.58 3.04
N SER A 214 12.34 1.32 4.15
CA SER A 214 12.15 0.69 5.46
C SER A 214 10.79 0.01 5.54
N ASN A 215 9.77 0.65 4.97
CA ASN A 215 8.42 0.11 4.99
C ASN A 215 7.59 0.68 3.84
N LEU A 216 6.43 1.26 4.17
CA LEU A 216 5.55 1.84 3.16
C LEU A 216 6.37 2.63 2.13
N GLY A 1 -25.81 -14.87 -14.70
CA GLY A 1 -25.73 -13.51 -14.10
C GLY A 1 -24.29 -13.02 -14.14
N ILE A 2 -23.69 -12.86 -12.96
CA ILE A 2 -22.29 -12.40 -12.86
C ILE A 2 -21.50 -13.33 -11.95
N ASP A 3 -20.31 -13.71 -12.39
CA ASP A 3 -19.47 -14.59 -11.59
C ASP A 3 -19.11 -13.91 -10.27
N PRO A 4 -19.06 -14.63 -9.17
CA PRO A 4 -18.72 -14.05 -7.84
C PRO A 4 -17.24 -13.66 -7.76
N PHE A 5 -16.45 -14.20 -8.68
CA PHE A 5 -15.01 -13.92 -8.70
C PHE A 5 -14.73 -12.49 -9.13
N THR A 6 -15.33 -12.05 -10.23
CA THR A 6 -15.10 -10.71 -10.72
C THR A 6 -15.30 -9.67 -9.62
N MET A 7 -16.05 -10.04 -8.59
CA MET A 7 -16.31 -9.12 -7.49
C MET A 7 -15.03 -8.77 -6.76
N LEU A 8 -14.18 -9.77 -6.59
CA LEU A 8 -12.91 -9.58 -5.90
C LEU A 8 -12.02 -8.64 -6.68
N ARG A 9 -12.28 -7.34 -6.58
CA ARG A 9 -11.48 -6.35 -7.30
C ARG A 9 -11.27 -5.07 -6.46
N PRO A 10 -10.05 -4.55 -6.36
CA PRO A 10 -9.77 -3.31 -5.59
C PRO A 10 -10.91 -2.28 -5.67
N ARG A 11 -10.89 -1.34 -4.72
CA ARG A 11 -11.87 -0.26 -4.68
C ARG A 11 -11.14 1.07 -4.49
N LEU A 12 -11.41 2.04 -5.35
CA LEU A 12 -10.75 3.34 -5.25
C LEU A 12 -11.48 4.23 -4.26
N CYS A 13 -10.74 4.72 -3.27
CA CYS A 13 -11.30 5.60 -2.26
C CYS A 13 -10.92 7.04 -2.56
N THR A 14 -11.89 7.82 -3.03
CA THR A 14 -11.65 9.22 -3.36
C THR A 14 -12.15 10.12 -2.24
N MET A 15 -11.26 10.90 -1.66
CA MET A 15 -11.62 11.79 -0.55
C MET A 15 -10.96 13.16 -0.72
N LYS A 16 -11.77 14.21 -0.64
CA LYS A 16 -11.28 15.58 -0.77
C LYS A 16 -10.93 16.15 0.59
N LYS A 17 -9.78 16.82 0.67
CA LYS A 17 -9.33 17.41 1.93
C LYS A 17 -10.00 18.77 2.16
N GLY A 18 -10.23 19.09 3.43
CA GLY A 18 -10.85 20.36 3.80
C GLY A 18 -10.89 20.50 5.32
N PRO A 19 -11.72 19.75 6.00
CA PRO A 19 -11.80 19.79 7.48
C PRO A 19 -10.50 19.31 8.12
N SER A 20 -9.60 20.25 8.37
CA SER A 20 -8.30 19.95 8.98
C SER A 20 -7.75 18.62 8.47
N GLY A 21 -7.57 18.48 7.16
CA GLY A 21 -7.04 17.24 6.57
C GLY A 21 -8.16 16.36 6.05
N TYR A 22 -7.79 15.25 5.43
CA TYR A 22 -8.77 14.32 4.88
C TYR A 22 -9.65 13.75 5.99
N GLY A 23 -9.05 13.43 7.13
CA GLY A 23 -9.80 12.88 8.27
C GLY A 23 -9.57 11.38 8.42
N PHE A 24 -8.31 10.96 8.32
CA PHE A 24 -7.95 9.55 8.45
C PHE A 24 -6.56 9.42 9.05
N ASN A 25 -6.32 8.30 9.75
CA ASN A 25 -5.02 8.06 10.40
C ASN A 25 -4.31 6.85 9.82
N LEU A 26 -2.97 6.91 9.79
CA LEU A 26 -2.16 5.81 9.27
C LEU A 26 -1.27 5.25 10.38
N HIS A 27 -1.15 3.92 10.44
CA HIS A 27 -0.35 3.28 11.47
C HIS A 27 1.11 3.73 11.37
N SER A 28 1.63 3.77 10.15
CA SER A 28 3.01 4.18 9.93
C SER A 28 3.97 3.18 10.56
N ASP A 29 4.24 2.10 9.83
CA ASP A 29 5.15 1.07 10.32
C ASP A 29 6.58 1.59 10.32
N LYS A 30 7.37 1.14 11.29
CA LYS A 30 8.76 1.56 11.40
C LYS A 30 9.53 1.16 10.14
N SER A 31 9.26 -0.05 9.66
CA SER A 31 9.93 -0.54 8.45
C SER A 31 9.16 -1.74 7.89
N LYS A 32 8.24 -1.49 6.96
CA LYS A 32 7.48 -2.59 6.39
C LYS A 32 6.65 -2.14 5.17
N PRO A 33 6.84 -2.73 4.00
CA PRO A 33 6.07 -2.37 2.77
C PRO A 33 4.62 -2.02 3.02
N GLY A 34 4.13 -1.08 2.21
CA GLY A 34 2.74 -0.63 2.29
C GLY A 34 2.40 -0.05 3.66
N GLN A 35 1.28 0.67 3.71
CA GLN A 35 0.81 1.27 4.96
C GLN A 35 -0.56 0.69 5.30
N PHE A 36 -1.02 0.93 6.52
CA PHE A 36 -2.32 0.43 6.97
C PHE A 36 -3.12 1.56 7.61
N ILE A 37 -4.45 1.48 7.51
CA ILE A 37 -5.30 2.51 8.10
C ILE A 37 -5.51 2.24 9.59
N ARG A 38 -5.01 3.14 10.43
CA ARG A 38 -5.15 2.98 11.87
C ARG A 38 -6.59 3.20 12.28
N SER A 39 -7.19 4.29 11.79
CA SER A 39 -8.57 4.61 12.11
C SER A 39 -9.06 5.79 11.27
N VAL A 40 -10.38 5.92 11.14
CA VAL A 40 -10.98 7.02 10.38
C VAL A 40 -12.23 7.52 11.09
N ASP A 41 -12.41 8.83 11.13
CA ASP A 41 -13.56 9.43 11.80
C ASP A 41 -14.86 9.10 11.05
N PRO A 42 -15.94 8.70 11.71
CA PRO A 42 -17.21 8.38 11.00
C PRO A 42 -17.72 9.55 10.13
N ASP A 43 -17.45 10.77 10.57
CA ASP A 43 -17.89 11.97 9.82
C ASP A 43 -16.74 12.59 9.04
N SER A 44 -16.21 11.84 8.08
CA SER A 44 -15.10 12.33 7.25
C SER A 44 -15.23 11.78 5.83
N PRO A 45 -14.70 12.47 4.84
CA PRO A 45 -14.77 12.00 3.41
C PRO A 45 -14.06 10.66 3.22
N ALA A 46 -13.10 10.36 4.10
CA ALA A 46 -12.38 9.10 4.00
C ALA A 46 -13.32 7.93 4.22
N GLU A 47 -14.23 8.08 5.18
CA GLU A 47 -15.20 7.04 5.48
C GLU A 47 -16.20 6.91 4.34
N ALA A 48 -16.63 8.05 3.80
CA ALA A 48 -17.58 8.07 2.69
C ALA A 48 -16.97 7.45 1.44
N SER A 49 -15.68 7.70 1.22
CA SER A 49 -14.99 7.17 0.05
C SER A 49 -15.04 5.65 0.03
N GLY A 50 -15.04 5.04 1.22
CA GLY A 50 -15.08 3.58 1.34
C GLY A 50 -13.88 3.06 2.12
N LEU A 51 -13.12 3.99 2.71
CA LEU A 51 -11.94 3.61 3.49
C LEU A 51 -12.37 3.24 4.90
N ARG A 52 -11.95 2.06 5.36
CA ARG A 52 -12.31 1.59 6.71
C ARG A 52 -11.20 1.90 7.70
N ALA A 53 -10.73 0.85 8.36
CA ALA A 53 -9.67 0.98 9.37
C ALA A 53 -8.72 -0.21 9.35
N GLN A 54 -8.79 -1.02 8.29
CA GLN A 54 -7.93 -2.19 8.16
C GLN A 54 -7.55 -2.42 6.71
N ASP A 55 -7.64 -1.35 5.91
CA ASP A 55 -7.30 -1.43 4.50
C ASP A 55 -5.79 -1.36 4.29
N ARG A 56 -5.35 -1.61 3.06
CA ARG A 56 -3.93 -1.58 2.72
C ARG A 56 -3.71 -0.69 1.48
N ILE A 57 -2.73 0.20 1.58
CA ILE A 57 -2.43 1.10 0.47
C ILE A 57 -1.50 0.41 -0.53
N VAL A 58 -1.98 0.22 -1.76
CA VAL A 58 -1.17 -0.42 -2.80
C VAL A 58 -0.67 0.62 -3.80
N GLU A 59 -1.59 1.48 -4.26
CA GLU A 59 -1.24 2.51 -5.23
C GLU A 59 -2.02 3.81 -4.94
N VAL A 60 -1.35 4.95 -5.12
CA VAL A 60 -1.98 6.25 -4.90
C VAL A 60 -1.96 7.06 -6.19
N ASN A 61 -3.12 7.59 -6.57
CA ASN A 61 -3.22 8.38 -7.79
C ASN A 61 -2.67 7.60 -8.99
N GLY A 62 -2.73 6.28 -8.90
CA GLY A 62 -2.25 5.44 -9.99
C GLY A 62 -0.72 5.30 -9.99
N VAL A 63 -0.09 5.50 -8.84
CA VAL A 63 1.36 5.39 -8.72
C VAL A 63 1.76 4.21 -7.83
N CYS A 64 2.95 3.66 -8.05
CA CYS A 64 3.43 2.52 -7.27
C CYS A 64 3.95 2.97 -5.91
N MET A 65 3.53 2.26 -4.86
CA MET A 65 3.95 2.56 -3.49
C MET A 65 4.89 1.48 -2.96
N GLU A 66 4.63 0.23 -3.33
CA GLU A 66 5.45 -0.88 -2.86
C GLU A 66 6.87 -0.75 -3.40
N GLY A 67 7.01 -0.30 -4.64
CA GLY A 67 8.31 -0.13 -5.25
C GLY A 67 8.86 1.26 -4.97
N LYS A 68 8.30 1.93 -3.97
CA LYS A 68 8.72 3.29 -3.60
C LYS A 68 8.83 3.42 -2.07
N GLN A 69 9.59 4.41 -1.63
CA GLN A 69 9.78 4.66 -0.20
C GLN A 69 8.44 5.06 0.44
N HIS A 70 8.39 5.00 1.77
CA HIS A 70 7.16 5.35 2.49
C HIS A 70 6.83 6.83 2.29
N GLY A 71 7.84 7.69 2.35
CA GLY A 71 7.62 9.12 2.20
C GLY A 71 6.85 9.42 0.91
N ASP A 72 6.76 8.43 0.03
CA ASP A 72 6.05 8.62 -1.23
C ASP A 72 4.53 8.64 -1.03
N VAL A 73 4.04 7.90 -0.05
CA VAL A 73 2.59 7.85 0.19
C VAL A 73 2.06 9.24 0.57
N VAL A 74 2.78 9.92 1.46
CA VAL A 74 2.35 11.27 1.86
C VAL A 74 2.48 12.22 0.68
N SER A 75 3.59 12.08 -0.04
CA SER A 75 3.85 12.92 -1.20
C SER A 75 2.78 12.72 -2.28
N ALA A 76 2.40 11.46 -2.51
CA ALA A 76 1.38 11.16 -3.52
C ALA A 76 0.05 11.80 -3.14
N ILE A 77 -0.27 11.77 -1.85
CA ILE A 77 -1.51 12.35 -1.37
C ILE A 77 -1.53 13.87 -1.61
N ARG A 78 -0.42 14.53 -1.30
CA ARG A 78 -0.32 15.98 -1.49
C ARG A 78 -0.28 16.31 -2.98
N ALA A 79 0.42 15.49 -3.74
CA ALA A 79 0.55 15.70 -5.18
C ALA A 79 -0.80 15.56 -5.87
N GLY A 80 -1.75 14.92 -5.19
CA GLY A 80 -3.08 14.72 -5.75
C GLY A 80 -3.72 16.05 -6.12
N GLY A 81 -3.55 17.05 -5.25
CA GLY A 81 -4.12 18.38 -5.50
C GLY A 81 -5.46 18.56 -4.77
N ASP A 82 -5.38 18.96 -3.50
CA ASP A 82 -6.57 19.18 -2.68
C ASP A 82 -7.43 17.92 -2.59
N GLU A 83 -7.05 16.88 -3.34
CA GLU A 83 -7.80 15.64 -3.34
C GLU A 83 -6.83 14.46 -3.46
N THR A 84 -7.31 13.26 -3.17
CA THR A 84 -6.46 12.07 -3.26
C THR A 84 -7.29 10.82 -3.54
N LYS A 85 -6.62 9.80 -4.06
CA LYS A 85 -7.28 8.53 -4.38
C LYS A 85 -6.40 7.36 -3.95
N LEU A 86 -6.85 6.61 -2.95
CA LEU A 86 -6.09 5.48 -2.42
C LEU A 86 -6.67 4.15 -2.92
N LEU A 87 -5.78 3.26 -3.37
CA LEU A 87 -6.22 1.95 -3.86
C LEU A 87 -6.07 0.90 -2.76
N VAL A 88 -7.17 0.22 -2.43
CA VAL A 88 -7.15 -0.80 -1.36
C VAL A 88 -7.86 -2.08 -1.81
N VAL A 89 -7.70 -3.14 -1.03
CA VAL A 89 -8.31 -4.44 -1.34
C VAL A 89 -9.19 -4.91 -0.18
N ASP A 90 -10.17 -5.75 -0.49
CA ASP A 90 -11.06 -6.30 0.53
C ASP A 90 -10.42 -7.52 1.16
N ARG A 91 -11.07 -8.08 2.19
CA ARG A 91 -10.50 -9.26 2.84
C ARG A 91 -10.38 -10.42 1.86
N GLU A 92 -11.42 -10.67 1.07
CA GLU A 92 -11.39 -11.75 0.10
C GLU A 92 -10.43 -11.39 -1.04
N THR A 93 -10.51 -10.14 -1.47
CA THR A 93 -9.65 -9.66 -2.56
C THR A 93 -8.18 -9.71 -2.16
N ASP A 94 -7.88 -9.28 -0.95
CA ASP A 94 -6.49 -9.26 -0.48
C ASP A 94 -5.88 -10.65 -0.56
N GLU A 95 -6.56 -11.65 0.00
CA GLU A 95 -6.05 -13.01 -0.02
C GLU A 95 -6.10 -13.59 -1.44
N PHE A 96 -7.10 -13.16 -2.21
CA PHE A 96 -7.24 -13.65 -3.58
C PHE A 96 -6.00 -13.31 -4.40
N PHE A 97 -5.54 -12.06 -4.29
CA PHE A 97 -4.36 -11.62 -5.03
C PHE A 97 -3.08 -12.25 -4.50
N LYS A 98 -2.98 -12.45 -3.19
CA LYS A 98 -1.76 -13.02 -2.60
C LYS A 98 -1.47 -14.42 -3.15
N LYS A 99 -2.48 -15.27 -3.26
CA LYS A 99 -2.25 -16.62 -3.77
C LYS A 99 -1.96 -16.57 -5.27
N CYS A 100 -2.48 -15.54 -5.93
CA CYS A 100 -2.27 -15.37 -7.36
C CYS A 100 -0.89 -14.77 -7.62
N ARG A 101 -0.28 -14.23 -6.58
CA ARG A 101 1.03 -13.62 -6.70
C ARG A 101 1.00 -12.48 -7.71
N VAL A 102 -0.10 -11.72 -7.70
CA VAL A 102 -0.26 -10.59 -8.62
C VAL A 102 -0.43 -9.29 -7.83
N ILE A 103 0.33 -8.27 -8.23
CA ILE A 103 0.27 -6.96 -7.58
C ILE A 103 -0.99 -6.19 -8.00
N PRO A 104 -1.91 -5.91 -7.11
CA PRO A 104 -3.15 -5.15 -7.47
C PRO A 104 -2.82 -3.81 -8.14
N SER A 105 -3.70 -3.38 -9.04
CA SER A 105 -3.53 -2.14 -9.78
C SER A 105 -4.88 -1.60 -10.25
N GLN A 106 -4.88 -0.36 -10.73
CA GLN A 106 -6.12 0.27 -11.19
C GLN A 106 -6.71 -0.48 -12.38
N GLU A 107 -5.86 -0.97 -13.27
CA GLU A 107 -6.36 -1.69 -14.44
C GLU A 107 -7.32 -2.80 -14.02
N HIS A 108 -7.11 -3.33 -12.82
CA HIS A 108 -7.97 -4.40 -12.32
C HIS A 108 -9.37 -3.88 -12.04
N LEU A 109 -9.48 -2.58 -11.77
CA LEU A 109 -10.78 -1.97 -11.48
C LEU A 109 -11.72 -2.15 -12.68
N ASN A 110 -11.18 -1.90 -13.87
CA ASN A 110 -11.95 -2.02 -15.10
C ASN A 110 -11.83 -3.43 -15.67
N GLY A 111 -10.59 -3.85 -15.92
CA GLY A 111 -10.33 -5.18 -16.48
C GLY A 111 -10.75 -6.28 -15.48
N PRO A 112 -11.76 -7.08 -15.79
CA PRO A 112 -12.21 -8.17 -14.86
C PRO A 112 -11.05 -8.99 -14.31
N LEU A 113 -10.52 -8.57 -13.17
CA LEU A 113 -9.43 -9.27 -12.50
C LEU A 113 -8.27 -9.59 -13.45
N PRO A 114 -7.09 -9.91 -12.93
CA PRO A 114 -5.90 -10.25 -13.77
C PRO A 114 -6.19 -11.31 -14.83
N VAL A 115 -5.21 -12.19 -15.01
CA VAL A 115 -5.30 -13.27 -15.98
C VAL A 115 -5.51 -12.72 -17.40
N PRO A 116 -4.78 -11.72 -17.77
CA PRO A 116 -4.87 -11.10 -19.13
C PRO A 116 -4.45 -12.08 -20.22
N PHE A 117 -5.06 -11.95 -21.40
CA PHE A 117 -4.74 -12.83 -22.52
C PHE A 117 -5.00 -12.11 -23.84
N THR A 118 -3.95 -11.56 -24.43
CA THR A 118 -4.07 -10.84 -25.70
C THR A 118 -5.04 -9.68 -25.57
N ASN A 119 -4.72 -8.57 -26.23
CA ASN A 119 -5.59 -7.38 -26.18
C ASN A 119 -6.62 -7.42 -27.29
N GLY A 120 -7.89 -7.60 -26.91
CA GLY A 120 -8.97 -7.65 -27.89
C GLY A 120 -9.37 -6.24 -28.32
N GLU A 121 -10.17 -6.16 -29.37
CA GLU A 121 -10.62 -4.88 -29.89
C GLU A 121 -9.44 -3.98 -30.22
N ILE A 122 -9.28 -3.68 -31.51
CA ILE A 122 -8.18 -2.83 -31.96
C ILE A 122 -8.55 -1.36 -31.83
N GLN A 123 -7.59 -0.54 -31.39
CA GLN A 123 -7.82 0.89 -31.21
C GLN A 123 -7.19 1.68 -32.36
N LYS A 124 -7.97 2.58 -32.93
CA LYS A 124 -7.48 3.39 -34.05
C LYS A 124 -6.55 4.49 -33.55
N GLU A 125 -5.45 4.71 -34.28
CA GLU A 125 -4.47 5.73 -33.90
C GLU A 125 -4.76 7.03 -34.64
N ASN A 126 -4.24 7.14 -35.87
CA ASN A 126 -4.44 8.33 -36.67
C ASN A 126 -3.89 9.55 -35.95
N SER A 127 -3.12 9.32 -34.89
CA SER A 127 -2.54 10.41 -34.11
C SER A 127 -1.60 11.24 -34.97
N ARG A 128 -0.76 10.57 -35.76
CA ARG A 128 0.19 11.25 -36.62
C ARG A 128 0.20 10.63 -38.02
N GLU A 129 0.37 11.47 -39.04
CA GLU A 129 0.38 10.99 -40.40
C GLU A 129 1.35 9.81 -40.55
N ALA A 130 0.91 8.79 -41.29
CA ALA A 130 1.75 7.62 -41.50
C ALA A 130 2.96 7.97 -42.35
N LEU A 131 4.14 7.93 -41.75
CA LEU A 131 5.37 8.25 -42.46
C LEU A 131 5.25 9.59 -43.16
N ALA A 132 6.38 10.10 -43.66
CA ALA A 132 6.38 11.39 -44.35
C ALA A 132 7.70 11.60 -45.08
N GLU A 133 8.30 10.50 -45.50
CA GLU A 133 9.58 10.57 -46.22
C GLU A 133 9.40 11.33 -47.53
N ALA A 134 9.44 12.66 -47.45
CA ALA A 134 9.29 13.48 -48.65
C ALA A 134 10.48 13.31 -49.58
N ALA A 135 10.21 13.27 -50.88
CA ALA A 135 11.28 13.10 -51.86
C ALA A 135 10.81 13.57 -53.24
N LEU A 136 11.76 14.00 -54.07
CA LEU A 136 11.44 14.46 -55.41
C LEU A 136 12.67 14.37 -56.32
N GLU A 137 12.43 14.10 -57.60
CA GLU A 137 13.53 13.99 -58.55
C GLU A 137 13.95 15.38 -59.03
N SER A 138 15.19 15.76 -58.72
CA SER A 138 15.70 17.07 -59.12
C SER A 138 14.81 18.18 -58.56
N PRO A 139 15.34 19.36 -58.39
CA PRO A 139 14.56 20.52 -57.85
C PRO A 139 13.43 20.94 -58.81
N ARG A 140 12.34 21.46 -58.24
CA ARG A 140 11.19 21.88 -59.06
C ARG A 140 10.62 23.20 -58.53
N PRO A 141 11.34 24.28 -58.72
CA PRO A 141 10.88 25.62 -58.26
C PRO A 141 9.48 25.96 -58.76
N ALA A 142 8.47 25.48 -58.05
CA ALA A 142 7.08 25.72 -58.44
C ALA A 142 6.14 25.33 -57.30
N LEU A 143 4.95 25.92 -57.29
CA LEU A 143 3.96 25.63 -56.25
C LEU A 143 3.11 24.44 -56.64
N VAL A 144 3.78 23.35 -57.03
CA VAL A 144 3.07 22.15 -57.44
C VAL A 144 2.30 21.55 -56.26
N ARG A 145 2.85 21.71 -55.06
CA ARG A 145 2.21 21.18 -53.86
C ARG A 145 0.92 21.94 -53.57
N SER A 146 -0.10 21.20 -53.12
CA SER A 146 -1.38 21.80 -52.82
C SER A 146 -1.25 22.81 -51.68
N ALA A 147 -0.37 22.52 -50.73
CA ALA A 147 -0.15 23.41 -49.60
C ALA A 147 -1.49 23.85 -49.01
N SER A 148 -2.48 22.97 -49.06
CA SER A 148 -3.79 23.29 -48.53
C SER A 148 -3.71 23.59 -47.04
N SER A 149 -2.92 22.81 -46.32
CA SER A 149 -2.75 23.01 -44.88
C SER A 149 -4.12 23.06 -44.19
N ASP A 150 -5.09 22.38 -44.78
CA ASP A 150 -6.45 22.34 -44.22
C ASP A 150 -7.02 23.76 -44.14
N THR A 151 -8.25 23.85 -43.63
CA THR A 151 -8.91 25.14 -43.51
C THR A 151 -8.14 26.06 -42.57
N SER A 152 -7.78 25.54 -41.40
CA SER A 152 -7.03 26.32 -40.42
C SER A 152 -6.36 25.39 -39.42
N GLU A 153 -5.35 25.92 -38.70
CA GLU A 153 -4.63 25.15 -37.70
C GLU A 153 -5.18 25.41 -36.31
N GLU A 154 -5.28 24.35 -35.51
CA GLU A 154 -5.80 24.47 -34.15
C GLU A 154 -4.78 25.15 -33.24
N LEU A 155 -5.22 26.17 -32.51
CA LEU A 155 -4.34 26.89 -31.59
C LEU A 155 -4.54 26.40 -30.16
N ASN A 156 -3.43 26.08 -29.49
CA ASN A 156 -3.50 25.59 -28.11
C ASN A 156 -3.57 26.75 -27.13
N SER A 157 -4.28 26.55 -26.03
CA SER A 157 -4.41 27.58 -25.01
C SER A 157 -3.16 27.65 -24.14
N GLN A 158 -2.76 28.86 -23.78
CA GLN A 158 -1.58 29.06 -22.94
C GLN A 158 -1.85 28.59 -21.51
N ASP A 159 -3.06 28.84 -21.03
CA ASP A 159 -3.43 28.45 -19.68
C ASP A 159 -3.38 26.94 -19.50
N SER A 160 -2.86 26.50 -18.36
CA SER A 160 -2.78 25.07 -18.09
C SER A 160 -4.16 24.43 -18.32
N PRO A 161 -4.24 23.18 -18.73
CA PRO A 161 -5.55 22.53 -19.01
C PRO A 161 -6.62 22.68 -17.89
N PRO A 162 -6.30 22.45 -16.64
CA PRO A 162 -7.32 22.54 -15.53
C PRO A 162 -7.93 23.96 -15.36
N LYS A 163 -7.21 24.98 -15.82
CA LYS A 163 -7.70 26.36 -15.70
C LYS A 163 -7.95 26.71 -14.23
N GLN A 164 -7.48 25.85 -13.33
CA GLN A 164 -7.65 26.08 -11.88
C GLN A 164 -6.38 25.68 -11.13
N ASP A 165 -5.83 26.62 -10.38
CA ASP A 165 -4.62 26.35 -9.62
C ASP A 165 -4.52 27.28 -8.41
N SER A 166 -3.67 26.90 -7.46
CA SER A 166 -3.48 27.71 -6.26
C SER A 166 -2.98 29.09 -6.62
N THR A 167 -2.01 29.15 -7.54
CA THR A 167 -1.45 30.43 -7.94
C THR A 167 -1.07 31.23 -6.69
N ALA A 168 -1.52 32.48 -6.63
CA ALA A 168 -1.24 33.33 -5.48
C ALA A 168 0.28 33.49 -5.27
N PRO A 169 0.78 34.67 -4.92
CA PRO A 169 2.26 34.86 -4.70
C PRO A 169 2.84 33.95 -3.60
N SER A 170 4.11 33.62 -3.77
CA SER A 170 4.82 32.77 -2.81
C SER A 170 4.87 33.42 -1.42
N SER A 171 5.17 34.71 -1.40
CA SER A 171 5.24 35.45 -0.14
C SER A 171 5.10 36.94 -0.39
N THR A 172 4.67 37.67 0.63
CA THR A 172 4.49 39.12 0.50
C THR A 172 5.83 39.80 0.23
N SER A 173 6.85 39.45 1.02
CA SER A 173 8.17 40.04 0.87
C SER A 173 9.23 39.17 1.57
N SER A 174 10.50 39.52 1.38
CA SER A 174 11.61 38.77 1.99
C SER A 174 12.59 39.72 2.66
N SER A 175 12.64 39.68 3.99
CA SER A 175 13.53 40.56 4.74
C SER A 175 14.94 39.97 4.81
N ASP A 176 15.89 40.76 5.29
CA ASP A 176 17.29 40.32 5.38
C ASP A 176 17.51 39.39 6.59
N PRO A 177 18.38 38.40 6.47
CA PRO A 177 18.68 37.42 7.56
C PRO A 177 18.69 38.02 8.97
N ILE A 178 18.41 37.14 9.94
CA ILE A 178 18.40 37.50 11.34
C ILE A 178 19.11 36.40 12.13
N LEU A 179 20.33 36.69 12.59
CA LEU A 179 21.14 35.72 13.33
C LEU A 179 20.27 34.71 14.08
N ASP A 180 19.99 33.59 13.42
CA ASP A 180 19.15 32.54 14.00
C ASP A 180 18.01 33.14 14.82
N PHE A 181 18.17 33.13 16.13
CA PHE A 181 17.17 33.68 17.04
C PHE A 181 15.81 32.98 16.85
N ASN A 182 15.15 33.28 15.74
CA ASN A 182 13.86 32.69 15.44
C ASN A 182 13.98 31.17 15.28
N ILE A 183 15.02 30.74 14.57
CA ILE A 183 15.23 29.32 14.35
C ILE A 183 15.52 28.61 15.68
N SER A 184 16.37 29.22 16.49
CA SER A 184 16.73 28.64 17.78
C SER A 184 15.48 28.53 18.66
N LEU A 185 14.67 29.58 18.66
CA LEU A 185 13.44 29.60 19.44
C LEU A 185 12.43 28.61 18.86
N ALA A 186 12.32 28.60 17.53
CA ALA A 186 11.38 27.72 16.85
C ALA A 186 11.72 26.25 17.07
N MET A 187 12.99 25.90 16.90
CA MET A 187 13.43 24.52 17.08
C MET A 187 13.41 24.13 18.55
N ALA A 188 13.25 25.13 19.41
CA ALA A 188 13.23 24.90 20.85
C ALA A 188 12.03 24.03 21.24
N LYS A 189 10.91 24.26 20.56
CA LYS A 189 9.69 23.49 20.84
C LYS A 189 9.69 22.16 20.11
N GLU A 190 10.68 21.96 19.24
CA GLU A 190 10.77 20.71 18.49
C GLU A 190 10.93 19.52 19.44
N ARG A 191 11.32 19.80 20.68
CA ARG A 191 11.49 18.74 21.67
C ARG A 191 10.16 18.04 21.95
N ALA A 192 9.09 18.82 22.03
CA ALA A 192 7.76 18.27 22.29
C ALA A 192 7.13 17.73 21.01
N HIS A 193 7.90 17.76 19.93
CA HIS A 193 7.41 17.28 18.65
C HIS A 193 7.01 15.81 18.76
N GLN A 194 7.81 15.03 19.48
CA GLN A 194 7.53 13.59 19.67
C GLN A 194 7.49 13.23 21.15
N LYS A 195 6.33 13.42 21.77
CA LYS A 195 6.18 13.11 23.20
C LYS A 195 6.36 11.62 23.46
N ARG A 196 5.77 10.79 22.58
CA ARG A 196 5.87 9.34 22.72
C ARG A 196 6.48 8.72 21.47
N SER A 197 7.35 7.73 21.66
CA SER A 197 8.00 7.08 20.53
C SER A 197 7.04 6.13 19.83
N SER A 198 7.44 5.65 18.66
CA SER A 198 6.60 4.74 17.88
C SER A 198 6.30 3.48 18.69
N LYS A 199 7.25 3.08 19.53
CA LYS A 199 7.07 1.89 20.35
C LYS A 199 5.94 2.11 21.36
N ARG A 200 5.15 1.06 21.57
CA ARG A 200 4.02 1.14 22.51
C ARG A 200 3.14 2.34 22.18
N ALA A 201 2.01 2.43 22.87
CA ALA A 201 1.08 3.53 22.66
C ALA A 201 -0.01 3.51 23.75
N PRO A 202 -0.94 4.42 23.72
CA PRO A 202 -2.03 4.49 24.73
C PRO A 202 -2.91 3.24 24.74
N GLN A 203 -3.45 2.90 25.90
CA GLN A 203 -4.30 1.71 26.03
C GLN A 203 -5.48 1.80 25.07
N MET A 204 -6.07 2.98 24.95
CA MET A 204 -7.22 3.18 24.05
C MET A 204 -6.93 4.27 23.04
N ASP A 205 -7.24 3.99 21.78
CA ASP A 205 -7.02 4.95 20.70
C ASP A 205 -7.94 6.17 20.87
N TRP A 206 -9.14 5.94 21.40
CA TRP A 206 -10.11 7.01 21.61
C TRP A 206 -10.70 6.93 23.01
N SER A 207 -11.33 8.02 23.45
CA SER A 207 -11.93 8.07 24.79
C SER A 207 -13.29 8.78 24.73
N LYS A 208 -13.30 10.00 24.21
CA LYS A 208 -14.52 10.79 24.11
C LYS A 208 -15.06 10.78 22.67
N LYS A 209 -16.38 10.91 22.54
CA LYS A 209 -17.01 10.91 21.23
C LYS A 209 -16.59 12.15 20.43
N ASN A 210 -16.37 13.26 21.14
CA ASN A 210 -15.98 14.52 20.49
C ASN A 210 -14.48 14.76 20.67
N GLU A 211 -14.05 15.99 20.38
CA GLU A 211 -12.65 16.36 20.50
C GLU A 211 -11.78 15.45 19.64
N LEU A 212 -11.54 14.23 20.12
CA LEU A 212 -10.71 13.28 19.38
C LEU A 212 -9.32 13.86 19.13
N PHE A 213 -8.31 13.20 19.68
CA PHE A 213 -6.92 13.64 19.53
C PHE A 213 -6.09 12.57 18.84
N SER A 214 -5.36 12.98 17.80
CA SER A 214 -4.51 12.06 17.05
C SER A 214 -3.27 12.77 16.53
N ASN A 215 -2.12 12.12 16.65
CA ASN A 215 -0.85 12.71 16.19
C ASN A 215 -0.51 12.21 14.78
N LEU A 216 -0.59 13.12 13.81
CA LEU A 216 -0.29 12.75 12.43
C LEU A 216 1.21 12.55 12.25
N GLY A 1 -26.37 -17.79 -12.26
CA GLY A 1 -26.74 -16.45 -11.74
C GLY A 1 -25.49 -15.62 -11.52
N ILE A 2 -25.02 -15.60 -10.26
CA ILE A 2 -23.81 -14.84 -9.91
C ILE A 2 -22.80 -15.76 -9.24
N ASP A 3 -21.56 -15.72 -9.73
CA ASP A 3 -20.50 -16.55 -9.15
C ASP A 3 -19.87 -15.86 -7.94
N PRO A 4 -19.43 -16.62 -6.95
CA PRO A 4 -18.79 -16.03 -5.73
C PRO A 4 -17.43 -15.42 -6.03
N PHE A 5 -16.83 -15.85 -7.13
CA PHE A 5 -15.50 -15.36 -7.52
C PHE A 5 -15.55 -13.89 -7.94
N THR A 6 -16.63 -13.50 -8.61
CA THR A 6 -16.76 -12.12 -9.07
C THR A 6 -16.82 -11.14 -7.89
N MET A 7 -16.98 -11.67 -6.69
CA MET A 7 -17.06 -10.83 -5.50
C MET A 7 -15.76 -10.10 -5.27
N LEU A 8 -14.66 -10.81 -5.48
CA LEU A 8 -13.34 -10.22 -5.26
C LEU A 8 -13.06 -9.16 -6.33
N ARG A 9 -12.94 -7.91 -5.90
CA ARG A 9 -12.68 -6.83 -6.82
C ARG A 9 -12.20 -5.57 -6.08
N PRO A 10 -11.26 -4.82 -6.64
CA PRO A 10 -10.74 -3.57 -5.99
C PRO A 10 -11.72 -2.41 -6.11
N ARG A 11 -11.53 -1.40 -5.26
CA ARG A 11 -12.40 -0.21 -5.28
C ARG A 11 -11.57 1.04 -4.99
N LEU A 12 -11.90 2.13 -5.69
CA LEU A 12 -11.18 3.39 -5.49
C LEU A 12 -11.87 4.25 -4.44
N CYS A 13 -11.06 4.78 -3.52
CA CYS A 13 -11.56 5.65 -2.46
C CYS A 13 -11.13 7.08 -2.74
N THR A 14 -12.08 7.92 -3.14
CA THR A 14 -11.79 9.32 -3.46
C THR A 14 -12.26 10.22 -2.32
N MET A 15 -11.35 10.99 -1.76
CA MET A 15 -11.68 11.91 -0.66
C MET A 15 -11.04 13.27 -0.89
N LYS A 16 -11.80 14.31 -0.58
CA LYS A 16 -11.33 15.70 -0.74
C LYS A 16 -11.05 16.31 0.63
N LYS A 17 -9.89 16.95 0.76
CA LYS A 17 -9.51 17.57 2.02
C LYS A 17 -10.23 18.90 2.23
N GLY A 18 -10.52 19.23 3.47
CA GLY A 18 -11.20 20.48 3.79
C GLY A 18 -11.22 20.73 5.30
N PRO A 19 -11.91 19.91 6.05
CA PRO A 19 -11.99 20.06 7.54
C PRO A 19 -10.61 20.18 8.18
N SER A 20 -9.70 19.29 7.79
CA SER A 20 -8.34 19.29 8.32
C SER A 20 -7.54 18.11 7.78
N GLY A 21 -7.05 18.24 6.55
CA GLY A 21 -6.26 17.17 5.94
C GLY A 21 -7.07 15.88 5.85
N TYR A 22 -8.08 15.88 4.98
CA TYR A 22 -8.93 14.71 4.80
C TYR A 22 -9.54 14.27 6.13
N GLY A 23 -9.06 13.15 6.67
CA GLY A 23 -9.57 12.64 7.95
C GLY A 23 -9.40 11.13 8.04
N PHE A 24 -8.14 10.68 7.99
CA PHE A 24 -7.84 9.26 8.06
C PHE A 24 -6.45 9.04 8.66
N ASN A 25 -6.22 7.87 9.26
CA ASN A 25 -4.93 7.56 9.90
C ASN A 25 -4.13 6.53 9.10
N LEU A 26 -2.81 6.65 9.18
CA LEU A 26 -1.90 5.73 8.49
C LEU A 26 -0.94 5.09 9.49
N HIS A 27 -0.59 3.83 9.26
CA HIS A 27 0.33 3.13 10.15
C HIS A 27 1.78 3.46 9.83
N SER A 28 2.28 4.55 10.41
CA SER A 28 3.66 4.97 10.17
C SER A 28 4.62 4.16 11.04
N ASP A 29 5.82 3.92 10.52
CA ASP A 29 6.84 3.16 11.24
C ASP A 29 8.23 3.61 10.82
N LYS A 30 9.18 3.56 11.76
CA LYS A 30 10.55 3.95 11.47
C LYS A 30 11.15 3.03 10.41
N SER A 31 10.93 1.74 10.58
CA SER A 31 11.43 0.74 9.64
C SER A 31 10.57 -0.51 9.71
N LYS A 32 9.52 -0.56 8.91
CA LYS A 32 8.62 -1.72 8.92
C LYS A 32 7.75 -1.72 7.64
N PRO A 33 7.78 -2.77 6.84
CA PRO A 33 6.95 -2.83 5.60
C PRO A 33 5.48 -3.11 5.87
N GLY A 34 4.63 -2.71 4.93
CA GLY A 34 3.19 -2.92 5.06
C GLY A 34 2.49 -1.72 5.69
N GLN A 35 1.57 -1.11 4.93
CA GLN A 35 0.82 0.05 5.41
C GLN A 35 -0.68 -0.26 5.39
N PHE A 36 -1.36 0.10 6.48
CA PHE A 36 -2.80 -0.13 6.60
C PHE A 36 -3.46 1.00 7.38
N ILE A 37 -4.78 1.11 7.28
CA ILE A 37 -5.50 2.15 7.98
C ILE A 37 -5.80 1.72 9.41
N ARG A 38 -5.19 2.43 10.37
CA ARG A 38 -5.40 2.11 11.78
C ARG A 38 -6.84 2.43 12.19
N SER A 39 -7.33 3.58 11.74
CA SER A 39 -8.69 4.00 12.06
C SER A 39 -9.11 5.14 11.15
N VAL A 40 -10.42 5.35 11.03
CA VAL A 40 -10.97 6.43 10.20
C VAL A 40 -11.84 7.34 11.05
N ASP A 41 -11.61 8.64 10.95
CA ASP A 41 -12.38 9.61 11.72
C ASP A 41 -13.86 9.57 11.29
N PRO A 42 -14.78 9.73 12.20
CA PRO A 42 -16.25 9.70 11.87
C PRO A 42 -16.69 10.94 11.09
N ASP A 43 -17.73 10.79 10.29
CA ASP A 43 -18.24 11.89 9.48
C ASP A 43 -17.12 12.52 8.66
N SER A 44 -16.13 11.71 8.33
CA SER A 44 -14.98 12.18 7.54
C SER A 44 -15.14 11.74 6.08
N PRO A 45 -14.61 12.49 5.13
CA PRO A 45 -14.73 12.12 3.69
C PRO A 45 -14.07 10.78 3.39
N ALA A 46 -13.07 10.42 4.19
CA ALA A 46 -12.37 9.15 4.02
C ALA A 46 -13.34 7.99 4.26
N GLU A 47 -14.23 8.18 5.25
CA GLU A 47 -15.22 7.17 5.59
C GLU A 47 -16.21 6.99 4.44
N ALA A 48 -16.66 8.11 3.89
CA ALA A 48 -17.61 8.09 2.78
C ALA A 48 -16.99 7.46 1.54
N SER A 49 -15.70 7.71 1.34
CA SER A 49 -15.00 7.18 0.18
C SER A 49 -15.01 5.65 0.20
N GLY A 50 -15.24 5.07 1.37
CA GLY A 50 -15.29 3.61 1.52
C GLY A 50 -14.06 3.10 2.27
N LEU A 51 -13.21 4.03 2.71
CA LEU A 51 -12.00 3.66 3.44
C LEU A 51 -12.35 3.48 4.92
N ARG A 52 -11.89 2.36 5.50
CA ARG A 52 -12.16 2.06 6.91
C ARG A 52 -10.86 1.72 7.65
N ALA A 53 -10.96 0.84 8.64
CA ALA A 53 -9.78 0.46 9.44
C ALA A 53 -9.28 -0.93 9.07
N GLN A 54 -9.69 -1.43 7.90
CA GLN A 54 -9.26 -2.75 7.44
C GLN A 54 -8.98 -2.73 5.95
N ASP A 55 -8.33 -1.66 5.48
CA ASP A 55 -7.99 -1.52 4.06
C ASP A 55 -6.48 -1.45 3.88
N ARG A 56 -6.02 -1.74 2.66
CA ARG A 56 -4.59 -1.71 2.34
C ARG A 56 -4.36 -0.82 1.12
N ILE A 57 -3.44 0.13 1.25
CA ILE A 57 -3.14 1.04 0.14
C ILE A 57 -2.23 0.35 -0.88
N VAL A 58 -2.72 0.22 -2.11
CA VAL A 58 -1.94 -0.42 -3.17
C VAL A 58 -1.40 0.63 -4.13
N GLU A 59 -2.25 1.55 -4.55
CA GLU A 59 -1.86 2.61 -5.47
C GLU A 59 -2.53 3.92 -5.12
N VAL A 60 -1.80 5.03 -5.30
CA VAL A 60 -2.35 6.36 -5.02
C VAL A 60 -2.33 7.22 -6.28
N ASN A 61 -3.48 7.74 -6.65
CA ASN A 61 -3.59 8.58 -7.85
C ASN A 61 -2.95 7.87 -9.05
N GLY A 62 -3.04 6.55 -9.06
CA GLY A 62 -2.49 5.77 -10.17
C GLY A 62 -0.97 5.64 -10.07
N VAL A 63 -0.43 5.78 -8.87
CA VAL A 63 1.02 5.67 -8.66
C VAL A 63 1.36 4.41 -7.86
N CYS A 64 2.36 3.66 -8.34
CA CYS A 64 2.77 2.42 -7.68
C CYS A 64 3.33 2.70 -6.28
N MET A 65 2.81 1.97 -5.30
CA MET A 65 3.27 2.12 -3.91
C MET A 65 4.11 0.92 -3.50
N GLU A 66 4.15 -0.09 -4.36
CA GLU A 66 4.91 -1.30 -4.09
C GLU A 66 6.40 -1.05 -4.28
N GLY A 67 7.19 -1.37 -3.25
CA GLY A 67 8.63 -1.18 -3.32
C GLY A 67 9.01 0.28 -3.08
N LYS A 68 8.04 1.05 -2.57
CA LYS A 68 8.27 2.47 -2.28
C LYS A 68 8.32 2.72 -0.78
N GLN A 69 9.00 3.79 -0.38
CA GLN A 69 9.13 4.13 1.02
C GLN A 69 7.79 4.57 1.59
N HIS A 70 7.67 4.55 2.90
CA HIS A 70 6.43 4.96 3.55
C HIS A 70 6.10 6.40 3.17
N GLY A 71 7.13 7.25 3.15
CA GLY A 71 6.95 8.65 2.80
C GLY A 71 6.32 8.78 1.41
N ASP A 72 6.39 7.70 0.63
CA ASP A 72 5.83 7.71 -0.71
C ASP A 72 4.31 7.91 -0.71
N VAL A 73 3.62 7.33 0.28
CA VAL A 73 2.17 7.46 0.34
C VAL A 73 1.72 8.91 0.52
N VAL A 74 2.36 9.62 1.45
CA VAL A 74 2.02 11.02 1.69
C VAL A 74 2.45 11.87 0.50
N SER A 75 3.55 11.46 -0.11
CA SER A 75 4.08 12.18 -1.26
C SER A 75 3.07 12.17 -2.41
N ALA A 76 2.47 11.01 -2.66
CA ALA A 76 1.48 10.90 -3.72
C ALA A 76 0.26 11.75 -3.42
N ILE A 77 -0.15 11.78 -2.16
CA ILE A 77 -1.31 12.56 -1.76
C ILE A 77 -1.05 14.05 -1.99
N ARG A 78 0.13 14.52 -1.61
CA ARG A 78 0.48 15.92 -1.77
C ARG A 78 0.58 16.27 -3.26
N ALA A 79 1.16 15.36 -4.03
CA ALA A 79 1.32 15.57 -5.47
C ALA A 79 -0.05 15.63 -6.15
N GLY A 80 -0.98 14.81 -5.67
CA GLY A 80 -2.32 14.77 -6.27
C GLY A 80 -2.99 16.14 -6.19
N GLY A 81 -2.85 16.82 -5.06
CA GLY A 81 -3.47 18.14 -4.88
C GLY A 81 -4.37 18.17 -3.65
N ASP A 82 -5.43 18.97 -3.73
CA ASP A 82 -6.38 19.10 -2.63
C ASP A 82 -7.21 17.83 -2.46
N GLU A 83 -7.15 16.95 -3.45
CA GLU A 83 -7.91 15.69 -3.41
C GLU A 83 -6.97 14.51 -3.65
N THR A 84 -7.41 13.31 -3.25
CA THR A 84 -6.58 12.11 -3.42
C THR A 84 -7.44 10.88 -3.70
N LYS A 85 -6.79 9.84 -4.22
CA LYS A 85 -7.47 8.58 -4.52
C LYS A 85 -6.64 7.40 -4.04
N LEU A 86 -7.23 6.59 -3.16
CA LEU A 86 -6.56 5.42 -2.59
C LEU A 86 -7.19 4.15 -3.12
N LEU A 87 -6.36 3.22 -3.57
CA LEU A 87 -6.85 1.94 -4.10
C LEU A 87 -6.72 0.89 -3.00
N VAL A 88 -7.85 0.28 -2.64
CA VAL A 88 -7.86 -0.74 -1.58
C VAL A 88 -8.61 -1.98 -2.04
N VAL A 89 -8.39 -3.09 -1.33
CA VAL A 89 -9.04 -4.37 -1.66
C VAL A 89 -9.61 -5.03 -0.41
N ASP A 90 -10.51 -5.99 -0.62
CA ASP A 90 -11.14 -6.69 0.49
C ASP A 90 -10.15 -7.69 1.08
N ARG A 91 -10.45 -8.21 2.27
CA ARG A 91 -9.57 -9.18 2.92
C ARG A 91 -9.39 -10.42 2.04
N GLU A 92 -10.49 -10.93 1.47
CA GLU A 92 -10.40 -12.10 0.61
C GLU A 92 -9.64 -11.76 -0.66
N THR A 93 -9.95 -10.59 -1.22
CA THR A 93 -9.31 -10.14 -2.44
C THR A 93 -7.82 -9.89 -2.22
N ASP A 94 -7.48 -9.27 -1.10
CA ASP A 94 -6.08 -8.97 -0.80
C ASP A 94 -5.22 -10.22 -0.83
N GLU A 95 -5.66 -11.27 -0.15
CA GLU A 95 -4.90 -12.52 -0.12
C GLU A 95 -4.98 -13.23 -1.48
N PHE A 96 -6.10 -13.06 -2.17
CA PHE A 96 -6.30 -13.71 -3.46
C PHE A 96 -5.21 -13.29 -4.45
N PHE A 97 -4.96 -12.00 -4.54
CA PHE A 97 -3.94 -11.49 -5.45
C PHE A 97 -2.53 -11.81 -4.96
N LYS A 98 -2.28 -11.73 -3.65
CA LYS A 98 -0.94 -11.99 -3.12
C LYS A 98 -0.48 -13.40 -3.44
N LYS A 99 -1.35 -14.39 -3.30
CA LYS A 99 -0.97 -15.76 -3.61
C LYS A 99 -0.78 -15.91 -5.11
N CYS A 100 -1.53 -15.13 -5.88
CA CYS A 100 -1.43 -15.17 -7.34
C CYS A 100 -0.34 -14.22 -7.83
N ARG A 101 0.17 -13.40 -6.93
CA ARG A 101 1.23 -12.45 -7.28
C ARG A 101 0.85 -11.62 -8.50
N VAL A 102 -0.45 -11.41 -8.70
CA VAL A 102 -0.94 -10.64 -9.85
C VAL A 102 -0.78 -9.13 -9.62
N ILE A 103 -0.79 -8.71 -8.37
CA ILE A 103 -0.62 -7.29 -8.00
C ILE A 103 -1.77 -6.40 -8.53
N PRO A 104 -2.75 -6.07 -7.71
CA PRO A 104 -3.88 -5.19 -8.14
C PRO A 104 -3.41 -3.79 -8.60
N SER A 105 -4.22 -3.20 -9.48
CA SER A 105 -3.96 -1.86 -10.01
C SER A 105 -5.28 -1.25 -10.48
N GLN A 106 -5.26 0.02 -10.86
CA GLN A 106 -6.48 0.70 -11.28
C GLN A 106 -7.04 0.13 -12.58
N GLU A 107 -6.18 -0.48 -13.40
CA GLU A 107 -6.63 -1.05 -14.66
C GLU A 107 -7.65 -2.17 -14.41
N HIS A 108 -7.55 -2.81 -13.25
CA HIS A 108 -8.46 -3.90 -12.91
C HIS A 108 -9.87 -3.37 -12.68
N LEU A 109 -9.98 -2.09 -12.33
CA LEU A 109 -11.28 -1.50 -12.06
C LEU A 109 -12.13 -1.54 -13.34
N ASN A 110 -11.51 -1.20 -14.46
CA ASN A 110 -12.21 -1.18 -15.75
C ASN A 110 -12.32 -2.59 -16.32
N GLY A 111 -11.20 -3.31 -16.33
CA GLY A 111 -11.18 -4.67 -16.86
C GLY A 111 -11.61 -5.69 -15.81
N PRO A 112 -12.06 -6.85 -16.23
CA PRO A 112 -12.51 -7.93 -15.29
C PRO A 112 -11.35 -8.60 -14.53
N LEU A 113 -11.70 -9.20 -13.39
CA LEU A 113 -10.73 -9.90 -12.52
C LEU A 113 -9.70 -10.69 -13.36
N PRO A 114 -8.48 -10.87 -12.84
CA PRO A 114 -7.37 -11.59 -13.56
C PRO A 114 -7.55 -13.11 -13.60
N VAL A 115 -6.42 -13.82 -13.80
CA VAL A 115 -6.45 -15.30 -13.89
C VAL A 115 -5.32 -15.97 -13.08
N PRO A 116 -5.57 -17.14 -12.50
CA PRO A 116 -4.53 -17.91 -11.73
C PRO A 116 -3.24 -18.12 -12.53
N PHE A 117 -3.27 -17.85 -13.82
CA PHE A 117 -2.08 -18.08 -14.65
C PHE A 117 -2.01 -17.11 -15.84
N THR A 118 -1.52 -15.90 -15.58
CA THR A 118 -1.40 -14.90 -16.63
C THR A 118 -0.17 -15.19 -17.49
N ASN A 119 1.00 -14.93 -16.92
CA ASN A 119 2.27 -15.15 -17.62
C ASN A 119 2.89 -16.49 -17.22
N GLY A 120 3.65 -17.08 -18.12
CA GLY A 120 4.29 -18.37 -17.84
C GLY A 120 5.08 -18.32 -16.55
N GLU A 121 6.16 -17.54 -16.54
CA GLU A 121 7.00 -17.42 -15.35
C GLU A 121 7.28 -18.79 -14.74
N ILE A 122 8.44 -19.34 -15.05
CA ILE A 122 8.83 -20.66 -14.52
C ILE A 122 9.77 -20.53 -13.34
N GLN A 123 9.46 -21.26 -12.27
CA GLN A 123 10.29 -21.24 -11.06
C GLN A 123 10.50 -19.80 -10.59
N LYS A 124 11.02 -19.65 -9.38
CA LYS A 124 11.27 -18.33 -8.81
C LYS A 124 12.60 -17.78 -9.32
N GLU A 125 12.58 -16.54 -9.82
CA GLU A 125 13.79 -15.89 -10.33
C GLU A 125 14.17 -14.71 -9.44
N ASN A 126 15.32 -14.82 -8.79
CA ASN A 126 15.79 -13.76 -7.90
C ASN A 126 16.53 -12.69 -8.70
N SER A 127 16.51 -11.46 -8.20
CA SER A 127 17.19 -10.36 -8.88
C SER A 127 18.70 -10.46 -8.71
N ARG A 128 19.44 -9.85 -9.63
CA ARG A 128 20.90 -9.88 -9.57
C ARG A 128 21.43 -8.83 -8.60
N GLU A 129 22.56 -9.13 -7.97
CA GLU A 129 23.17 -8.20 -7.02
C GLU A 129 24.69 -8.18 -7.21
N ALA A 130 25.28 -7.01 -7.01
CA ALA A 130 26.73 -6.86 -7.16
C ALA A 130 27.46 -7.62 -6.06
N LEU A 131 27.98 -8.80 -6.40
CA LEU A 131 28.70 -9.62 -5.43
C LEU A 131 30.05 -8.99 -5.11
N ALA A 132 30.44 -9.06 -3.84
CA ALA A 132 31.71 -8.49 -3.41
C ALA A 132 32.89 -9.29 -3.96
N GLU A 133 33.96 -8.59 -4.33
CA GLU A 133 35.16 -9.23 -4.87
C GLU A 133 36.37 -8.89 -4.02
N ALA A 134 36.96 -9.92 -3.38
CA ALA A 134 38.13 -9.73 -2.53
C ALA A 134 39.42 -9.88 -3.34
N ALA A 135 40.54 -9.54 -2.71
CA ALA A 135 41.84 -9.63 -3.37
C ALA A 135 42.16 -11.09 -3.70
N LEU A 136 42.84 -11.30 -4.82
CA LEU A 136 43.21 -12.65 -5.24
C LEU A 136 44.47 -13.10 -4.53
N GLU A 137 44.45 -14.31 -3.99
CA GLU A 137 45.61 -14.85 -3.28
C GLU A 137 46.21 -13.80 -2.35
N SER A 138 45.73 -13.76 -1.11
CA SER A 138 46.23 -12.78 -0.13
C SER A 138 47.58 -13.24 0.44
N PRO A 139 47.72 -14.50 0.75
CA PRO A 139 48.97 -15.06 1.31
C PRO A 139 50.15 -14.89 0.34
N ARG A 140 51.34 -14.68 0.89
CA ARG A 140 52.54 -14.52 0.06
C ARG A 140 53.79 -15.01 0.81
N PRO A 141 53.84 -16.28 1.18
CA PRO A 141 55.03 -16.83 1.91
C PRO A 141 56.35 -16.72 1.12
N ALA A 142 57.44 -16.50 1.83
CA ALA A 142 58.77 -16.38 1.22
C ALA A 142 59.85 -16.76 2.24
N LEU A 143 60.19 -18.05 2.32
CA LEU A 143 61.22 -18.50 3.27
C LEU A 143 62.58 -18.56 2.58
N VAL A 144 63.47 -17.63 2.93
CA VAL A 144 64.82 -17.59 2.35
C VAL A 144 65.85 -18.19 3.30
N ARG A 145 66.24 -17.42 4.32
CA ARG A 145 67.21 -17.89 5.29
C ARG A 145 66.54 -18.78 6.33
N SER A 146 65.82 -18.16 7.25
CA SER A 146 65.13 -18.90 8.30
C SER A 146 64.08 -18.02 8.99
N ALA A 147 64.54 -16.90 9.54
CA ALA A 147 63.64 -15.98 10.23
C ALA A 147 62.91 -15.10 9.23
N SER A 148 61.82 -15.62 8.67
CA SER A 148 61.02 -14.88 7.69
C SER A 148 59.54 -15.18 7.87
N SER A 149 59.14 -15.41 9.12
CA SER A 149 57.74 -15.73 9.42
C SER A 149 56.85 -14.54 9.08
N ASP A 150 55.53 -14.76 9.12
CA ASP A 150 54.58 -13.71 8.80
C ASP A 150 54.67 -12.58 9.83
N THR A 151 54.57 -11.35 9.35
CA THR A 151 54.64 -10.19 10.23
C THR A 151 53.29 -9.91 10.87
N SER A 152 53.27 -9.08 11.91
CA SER A 152 52.04 -8.74 12.59
C SER A 152 51.29 -7.64 11.84
N GLU A 153 51.92 -7.12 10.80
CA GLU A 153 51.32 -6.05 10.01
C GLU A 153 50.27 -6.63 9.06
N GLU A 154 49.56 -7.65 9.53
CA GLU A 154 48.53 -8.30 8.73
C GLU A 154 47.42 -7.31 8.38
N LEU A 155 46.90 -7.42 7.16
CA LEU A 155 45.83 -6.52 6.71
C LEU A 155 44.48 -7.01 7.24
N ASN A 156 43.68 -6.10 7.76
CA ASN A 156 42.36 -6.44 8.31
C ASN A 156 41.26 -6.19 7.26
N SER A 157 40.65 -7.27 6.79
CA SER A 157 39.58 -7.16 5.80
C SER A 157 38.36 -6.45 6.39
N GLN A 158 37.67 -5.65 5.57
CA GLN A 158 36.49 -4.91 6.03
C GLN A 158 35.26 -5.81 6.04
N ASP A 159 34.55 -5.81 7.16
CA ASP A 159 33.34 -6.64 7.30
C ASP A 159 32.10 -5.83 6.99
N SER A 160 31.40 -6.25 5.96
CA SER A 160 30.21 -5.54 5.55
C SER A 160 29.30 -5.22 6.76
N PRO A 161 28.62 -4.09 6.76
CA PRO A 161 27.69 -3.66 7.85
C PRO A 161 27.14 -4.82 8.72
N PRO A 162 27.00 -4.64 10.04
CA PRO A 162 26.45 -5.73 10.93
C PRO A 162 24.97 -5.97 10.68
N LYS A 163 24.52 -7.19 10.95
CA LYS A 163 23.12 -7.56 10.75
C LYS A 163 22.25 -7.09 11.92
N GLN A 164 20.95 -7.37 11.82
CA GLN A 164 20.01 -6.97 12.87
C GLN A 164 20.41 -7.56 14.21
N ASP A 165 20.86 -8.81 14.21
CA ASP A 165 21.28 -9.46 15.45
C ASP A 165 20.24 -9.24 16.55
N SER A 166 19.26 -10.13 16.63
CA SER A 166 18.22 -10.02 17.63
C SER A 166 18.81 -10.17 19.03
N THR A 167 18.24 -9.47 20.00
CA THR A 167 18.72 -9.56 21.37
C THR A 167 18.73 -11.02 21.82
N ALA A 168 19.90 -11.54 22.15
CA ALA A 168 20.00 -12.93 22.58
C ALA A 168 21.44 -13.27 23.01
N PRO A 169 21.60 -14.22 23.91
CA PRO A 169 22.94 -14.64 24.41
C PRO A 169 23.68 -15.52 23.39
N SER A 170 24.99 -15.63 23.55
CA SER A 170 25.81 -16.45 22.65
C SER A 170 25.97 -17.86 23.22
N SER A 171 25.50 -18.86 22.45
CA SER A 171 25.59 -20.25 22.88
C SER A 171 26.91 -20.88 22.43
N THR A 172 27.67 -20.14 21.63
CA THR A 172 28.94 -20.65 21.13
C THR A 172 29.76 -21.27 22.26
N SER A 173 30.28 -20.44 23.15
CA SER A 173 31.08 -20.93 24.27
C SER A 173 32.03 -22.04 23.83
N SER A 174 32.07 -23.11 24.62
CA SER A 174 32.94 -24.24 24.29
C SER A 174 34.33 -23.77 23.87
N SER A 175 34.81 -22.71 24.49
CA SER A 175 36.14 -22.18 24.17
C SER A 175 37.22 -23.16 24.56
N ASP A 176 36.86 -24.12 25.39
CA ASP A 176 37.81 -25.13 25.87
C ASP A 176 38.23 -26.08 24.74
N PRO A 177 37.32 -26.87 24.22
CA PRO A 177 37.63 -27.85 23.12
C PRO A 177 38.15 -27.19 21.84
N ILE A 178 39.08 -27.88 21.17
CA ILE A 178 39.63 -27.40 19.91
C ILE A 178 38.86 -28.07 18.77
N LEU A 179 37.90 -28.89 19.17
CA LEU A 179 37.06 -29.62 18.23
C LEU A 179 36.06 -28.67 17.57
N ASP A 180 35.83 -28.85 16.27
CA ASP A 180 34.89 -28.01 15.54
C ASP A 180 33.50 -28.63 15.56
N PHE A 181 33.39 -29.82 16.15
CA PHE A 181 32.12 -30.51 16.23
C PHE A 181 31.11 -29.69 17.04
N ASN A 182 31.56 -29.17 18.17
CA ASN A 182 30.70 -28.37 19.03
C ASN A 182 30.25 -27.08 18.31
N ILE A 183 31.17 -26.47 17.58
CA ILE A 183 30.86 -25.25 16.85
C ILE A 183 29.81 -25.52 15.76
N SER A 184 29.99 -26.63 15.06
CA SER A 184 29.05 -27.00 14.00
C SER A 184 27.64 -27.17 14.57
N LEU A 185 27.57 -27.78 15.74
CA LEU A 185 26.28 -28.01 16.39
C LEU A 185 25.61 -26.67 16.71
N ALA A 186 26.40 -25.73 17.22
CA ALA A 186 25.88 -24.41 17.57
C ALA A 186 25.38 -23.68 16.32
N MET A 187 26.10 -23.85 15.22
CA MET A 187 25.71 -23.19 13.97
C MET A 187 24.36 -23.71 13.49
N ALA A 188 24.14 -25.01 13.63
CA ALA A 188 22.89 -25.63 13.21
C ALA A 188 21.71 -25.05 14.00
N LYS A 189 21.99 -24.56 15.20
CA LYS A 189 20.95 -24.00 16.05
C LYS A 189 20.58 -22.59 15.60
N GLU A 190 21.27 -22.10 14.56
CA GLU A 190 21.00 -20.76 14.05
C GLU A 190 19.52 -20.59 13.72
N ARG A 191 18.84 -21.72 13.52
CA ARG A 191 17.42 -21.69 13.19
C ARG A 191 16.61 -21.14 14.36
N ALA A 192 17.03 -21.46 15.58
CA ALA A 192 16.34 -21.00 16.77
C ALA A 192 16.30 -19.47 16.82
N HIS A 193 17.27 -18.84 16.16
CA HIS A 193 17.34 -17.38 16.14
C HIS A 193 16.07 -16.78 15.55
N GLN A 194 15.58 -17.38 14.47
CA GLN A 194 14.36 -16.88 13.82
C GLN A 194 13.19 -16.90 14.79
N LYS A 195 12.16 -16.11 14.49
CA LYS A 195 10.99 -16.03 15.35
C LYS A 195 10.38 -17.41 15.54
N ARG A 196 9.37 -17.72 14.75
CA ARG A 196 8.70 -19.03 14.84
C ARG A 196 8.41 -19.38 16.30
N SER A 197 8.53 -18.39 17.18
CA SER A 197 8.28 -18.62 18.60
C SER A 197 6.79 -18.69 18.88
N SER A 198 6.42 -19.36 19.95
CA SER A 198 5.00 -19.50 20.32
C SER A 198 4.15 -19.72 19.08
N LYS A 199 2.85 -19.45 19.20
CA LYS A 199 1.93 -19.60 18.07
C LYS A 199 0.86 -18.53 18.13
N ARG A 200 1.00 -17.50 17.30
CA ARG A 200 0.02 -16.43 17.28
C ARG A 200 -0.31 -15.98 18.71
N ALA A 201 0.70 -15.85 19.57
CA ALA A 201 0.48 -15.43 20.96
C ALA A 201 0.24 -13.91 21.02
N PRO A 202 1.14 -13.11 20.49
CA PRO A 202 1.00 -11.62 20.48
C PRO A 202 -0.45 -11.13 20.58
N GLN A 203 -0.94 -10.98 21.80
CA GLN A 203 -2.31 -10.50 22.04
C GLN A 203 -2.36 -9.70 23.34
N MET A 204 -2.67 -8.40 23.23
CA MET A 204 -2.74 -7.54 24.42
C MET A 204 -4.10 -6.84 24.50
N ASP A 205 -4.66 -6.81 25.71
CA ASP A 205 -5.95 -6.17 25.93
C ASP A 205 -5.77 -4.68 26.16
N TRP A 206 -6.88 -3.97 26.26
CA TRP A 206 -6.85 -2.53 26.47
C TRP A 206 -5.86 -1.87 25.53
N SER A 207 -5.80 -2.37 24.30
CA SER A 207 -4.89 -1.81 23.30
C SER A 207 -5.40 -0.47 22.80
N LYS A 208 -6.60 -0.10 23.25
CA LYS A 208 -7.21 1.17 22.84
C LYS A 208 -7.31 1.25 21.32
N LYS A 209 -8.53 1.28 20.82
CA LYS A 209 -8.75 1.36 19.38
C LYS A 209 -8.19 2.66 18.82
N ASN A 210 -8.38 3.75 19.55
CA ASN A 210 -7.89 5.05 19.11
C ASN A 210 -6.38 5.15 19.28
N GLU A 211 -5.73 5.93 18.41
CA GLU A 211 -4.28 6.09 18.48
C GLU A 211 -3.89 7.12 19.54
N LEU A 212 -2.71 6.94 20.12
CA LEU A 212 -2.23 7.86 21.14
C LEU A 212 -2.04 9.26 20.56
N PHE A 213 -1.51 9.33 19.35
CA PHE A 213 -1.29 10.62 18.68
C PHE A 213 -1.53 10.50 17.19
N SER A 214 -1.98 11.60 16.58
CA SER A 214 -2.24 11.62 15.13
C SER A 214 -2.02 13.02 14.57
N ASN A 215 -1.07 13.13 13.64
CA ASN A 215 -0.78 14.42 13.02
C ASN A 215 -1.97 14.93 12.22
N LEU A 216 -2.62 14.01 11.49
CA LEU A 216 -3.78 14.38 10.68
C LEU A 216 -4.98 14.64 11.57
N GLY A 1 -25.51 -13.07 -13.74
CA GLY A 1 -25.48 -13.29 -12.27
C GLY A 1 -24.11 -12.93 -11.72
N ILE A 2 -23.99 -12.87 -10.39
CA ILE A 2 -22.72 -12.54 -9.75
C ILE A 2 -22.07 -13.80 -9.21
N ASP A 3 -20.84 -14.06 -9.62
CA ASP A 3 -20.14 -15.25 -9.16
C ASP A 3 -19.59 -15.04 -7.75
N PRO A 4 -19.55 -16.06 -6.91
CA PRO A 4 -19.01 -15.92 -5.53
C PRO A 4 -17.53 -15.49 -5.56
N PHE A 5 -16.84 -15.82 -6.65
CA PHE A 5 -15.41 -15.49 -6.77
C PHE A 5 -15.19 -14.15 -7.46
N THR A 6 -15.99 -13.85 -8.48
CA THR A 6 -15.83 -12.59 -9.21
C THR A 6 -16.14 -11.39 -8.32
N MET A 7 -16.44 -11.64 -7.05
CA MET A 7 -16.75 -10.55 -6.11
C MET A 7 -15.50 -9.99 -5.45
N LEU A 8 -14.37 -10.67 -5.65
CA LEU A 8 -13.11 -10.24 -5.07
C LEU A 8 -12.44 -9.26 -6.01
N ARG A 9 -12.81 -7.97 -5.92
CA ARG A 9 -12.22 -6.96 -6.82
C ARG A 9 -11.87 -5.64 -6.10
N PRO A 10 -10.76 -4.99 -6.44
CA PRO A 10 -10.36 -3.67 -5.82
C PRO A 10 -11.46 -2.59 -5.93
N ARG A 11 -11.24 -1.50 -5.21
CA ARG A 11 -12.11 -0.34 -5.19
C ARG A 11 -11.26 0.90 -4.96
N LEU A 12 -11.59 2.00 -5.63
CA LEU A 12 -10.81 3.23 -5.49
C LEU A 12 -11.50 4.19 -4.54
N CYS A 13 -10.80 4.54 -3.46
CA CYS A 13 -11.32 5.46 -2.47
C CYS A 13 -10.96 6.90 -2.82
N THR A 14 -11.95 7.67 -3.26
CA THR A 14 -11.74 9.06 -3.63
C THR A 14 -12.33 9.98 -2.56
N MET A 15 -11.48 10.80 -1.95
CA MET A 15 -11.93 11.71 -0.90
C MET A 15 -11.28 13.08 -1.06
N LYS A 16 -12.08 14.14 -0.89
CA LYS A 16 -11.59 15.52 -1.01
C LYS A 16 -11.26 16.08 0.36
N LYS A 17 -10.13 16.79 0.46
CA LYS A 17 -9.71 17.38 1.73
C LYS A 17 -10.45 18.69 1.98
N GLY A 18 -10.87 18.91 3.22
CA GLY A 18 -11.58 20.13 3.58
C GLY A 18 -11.37 20.46 5.06
N PRO A 19 -11.99 19.72 5.94
CA PRO A 19 -11.86 19.95 7.41
C PRO A 19 -10.50 19.49 7.93
N SER A 20 -9.54 20.41 7.93
CA SER A 20 -8.19 20.10 8.40
C SER A 20 -7.75 18.72 7.92
N GLY A 21 -7.42 18.62 6.63
CA GLY A 21 -6.98 17.34 6.07
C GLY A 21 -8.16 16.47 5.68
N TYR A 22 -7.86 15.33 5.07
CA TYR A 22 -8.89 14.40 4.64
C TYR A 22 -9.70 13.87 5.82
N GLY A 23 -9.00 13.52 6.90
CA GLY A 23 -9.66 13.00 8.11
C GLY A 23 -9.39 11.50 8.27
N PHE A 24 -8.12 11.12 8.17
CA PHE A 24 -7.73 9.71 8.31
C PHE A 24 -6.32 9.63 8.91
N ASN A 25 -6.02 8.51 9.58
CA ASN A 25 -4.71 8.32 10.22
C ASN A 25 -3.99 7.09 9.67
N LEU A 26 -2.66 7.17 9.62
CA LEU A 26 -1.82 6.07 9.13
C LEU A 26 -0.96 5.54 10.27
N HIS A 27 -0.94 4.23 10.44
CA HIS A 27 -0.16 3.61 11.51
C HIS A 27 1.33 3.92 11.34
N SER A 28 1.71 4.35 10.15
CA SER A 28 3.11 4.67 9.87
C SER A 28 4.01 3.51 10.25
N ASP A 29 4.50 2.80 9.25
CA ASP A 29 5.38 1.66 9.49
C ASP A 29 6.81 2.11 9.72
N LYS A 30 7.31 1.88 10.93
CA LYS A 30 8.66 2.27 11.28
C LYS A 30 9.66 1.49 10.42
N SER A 31 9.41 0.19 10.29
CA SER A 31 10.27 -0.67 9.50
C SER A 31 9.49 -1.91 9.04
N LYS A 32 8.17 -1.87 9.16
CA LYS A 32 7.33 -2.99 8.76
C LYS A 32 6.89 -2.83 7.29
N PRO A 33 7.11 -3.81 6.41
CA PRO A 33 6.72 -3.68 4.97
C PRO A 33 5.23 -3.36 4.77
N GLY A 34 4.94 -2.57 3.74
CA GLY A 34 3.56 -2.22 3.43
C GLY A 34 3.01 -1.20 4.40
N GLN A 35 1.78 -0.72 4.12
CA GLN A 35 1.13 0.27 4.98
C GLN A 35 -0.35 -0.07 5.14
N PHE A 36 -0.94 0.39 6.23
CA PHE A 36 -2.34 0.13 6.51
C PHE A 36 -2.96 1.29 7.28
N ILE A 37 -4.29 1.37 7.23
CA ILE A 37 -4.99 2.45 7.91
C ILE A 37 -5.14 2.12 9.40
N ARG A 38 -4.64 3.02 10.24
CA ARG A 38 -4.73 2.80 11.68
C ARG A 38 -6.17 2.96 12.14
N SER A 39 -6.83 4.01 11.62
CA SER A 39 -8.23 4.26 11.97
C SER A 39 -8.82 5.31 11.04
N VAL A 40 -10.13 5.49 11.12
CA VAL A 40 -10.83 6.47 10.30
C VAL A 40 -11.65 7.42 11.17
N ASP A 41 -11.51 8.72 10.93
CA ASP A 41 -12.24 9.71 11.70
C ASP A 41 -13.73 9.73 11.31
N PRO A 42 -14.65 9.39 12.20
CA PRO A 42 -16.11 9.40 11.87
C PRO A 42 -16.56 10.73 11.26
N ASP A 43 -17.56 10.66 10.40
CA ASP A 43 -18.08 11.86 9.74
C ASP A 43 -17.01 12.51 8.87
N SER A 44 -16.26 11.66 8.16
CA SER A 44 -15.18 12.13 7.29
C SER A 44 -15.38 11.57 5.87
N PRO A 45 -14.98 12.28 4.85
CA PRO A 45 -15.14 11.81 3.44
C PRO A 45 -14.36 10.51 3.19
N ALA A 46 -13.31 10.29 3.97
CA ALA A 46 -12.52 9.07 3.84
C ALA A 46 -13.37 7.85 4.16
N GLU A 47 -14.23 8.00 5.17
CA GLU A 47 -15.10 6.91 5.58
C GLU A 47 -16.13 6.62 4.49
N ALA A 48 -16.65 7.69 3.90
CA ALA A 48 -17.64 7.56 2.83
C ALA A 48 -17.03 6.90 1.60
N SER A 49 -15.76 7.19 1.36
CA SER A 49 -15.06 6.64 0.20
C SER A 49 -15.00 5.12 0.28
N GLY A 50 -15.26 4.57 1.46
CA GLY A 50 -15.22 3.12 1.67
C GLY A 50 -13.92 2.70 2.34
N LEU A 51 -13.16 3.67 2.81
CA LEU A 51 -11.89 3.38 3.48
C LEU A 51 -12.17 2.69 4.81
N ARG A 52 -11.33 1.71 5.16
CA ARG A 52 -11.52 0.97 6.42
C ARG A 52 -10.20 0.92 7.19
N ALA A 53 -10.30 0.67 8.48
CA ALA A 53 -9.13 0.60 9.35
C ALA A 53 -8.25 -0.60 9.00
N GLN A 54 -8.78 -1.50 8.17
CA GLN A 54 -8.04 -2.70 7.77
C GLN A 54 -7.63 -2.61 6.30
N ASP A 55 -7.95 -1.49 5.67
CA ASP A 55 -7.62 -1.29 4.26
C ASP A 55 -6.12 -1.01 4.09
N ARG A 56 -5.57 -1.46 2.96
CA ARG A 56 -4.15 -1.26 2.66
C ARG A 56 -4.00 -0.39 1.40
N ILE A 57 -3.04 0.52 1.43
CA ILE A 57 -2.81 1.40 0.28
C ILE A 57 -1.93 0.70 -0.76
N VAL A 58 -2.45 0.56 -1.97
CA VAL A 58 -1.70 -0.10 -3.06
C VAL A 58 -1.19 0.94 -4.05
N GLU A 59 -2.07 1.86 -4.46
CA GLU A 59 -1.69 2.90 -5.42
C GLU A 59 -2.32 4.24 -5.03
N VAL A 60 -1.59 5.32 -5.27
CA VAL A 60 -2.09 6.67 -4.97
C VAL A 60 -2.10 7.53 -6.23
N ASN A 61 -3.25 8.07 -6.57
CA ASN A 61 -3.36 8.90 -7.76
C ASN A 61 -2.76 8.21 -8.97
N GLY A 62 -2.84 6.88 -8.98
CA GLY A 62 -2.31 6.10 -10.10
C GLY A 62 -0.80 5.93 -10.01
N VAL A 63 -0.24 6.05 -8.80
CA VAL A 63 1.21 5.90 -8.60
C VAL A 63 1.50 4.65 -7.78
N CYS A 64 2.47 3.86 -8.25
CA CYS A 64 2.83 2.63 -7.57
C CYS A 64 3.50 2.90 -6.22
N MET A 65 2.94 2.29 -5.16
CA MET A 65 3.48 2.45 -3.81
C MET A 65 4.29 1.22 -3.41
N GLU A 66 4.27 0.20 -4.26
CA GLU A 66 5.01 -1.03 -3.99
C GLU A 66 6.51 -0.78 -4.07
N GLY A 67 7.22 -1.13 -3.00
CA GLY A 67 8.66 -0.95 -2.96
C GLY A 67 9.03 0.51 -2.69
N LYS A 68 8.03 1.31 -2.34
CA LYS A 68 8.24 2.73 -2.06
C LYS A 68 8.30 2.97 -0.55
N GLN A 69 9.02 4.03 -0.16
CA GLN A 69 9.14 4.38 1.25
C GLN A 69 7.79 4.85 1.80
N HIS A 70 7.73 4.99 3.12
CA HIS A 70 6.49 5.44 3.75
C HIS A 70 6.24 6.91 3.46
N GLY A 71 7.31 7.64 3.17
CA GLY A 71 7.18 9.07 2.87
C GLY A 71 6.63 9.30 1.47
N ASP A 72 6.64 8.24 0.67
CA ASP A 72 6.13 8.33 -0.69
C ASP A 72 4.60 8.48 -0.73
N VAL A 73 3.91 7.86 0.24
CA VAL A 73 2.45 7.94 0.28
C VAL A 73 1.97 9.38 0.45
N VAL A 74 2.59 10.11 1.38
CA VAL A 74 2.20 11.50 1.61
C VAL A 74 2.59 12.35 0.40
N SER A 75 3.74 12.02 -0.16
CA SER A 75 4.23 12.75 -1.33
C SER A 75 3.26 12.63 -2.49
N ALA A 76 2.74 11.43 -2.71
CA ALA A 76 1.79 11.20 -3.80
C ALA A 76 0.50 11.99 -3.57
N ILE A 77 0.06 12.04 -2.32
CA ILE A 77 -1.16 12.77 -1.98
C ILE A 77 -0.99 14.26 -2.26
N ARG A 78 0.16 14.81 -1.88
CA ARG A 78 0.43 16.23 -2.10
C ARG A 78 0.45 16.54 -3.59
N ALA A 79 1.06 15.64 -4.36
CA ALA A 79 1.15 15.83 -5.81
C ALA A 79 -0.24 15.79 -6.44
N GLY A 80 -1.11 14.95 -5.90
CA GLY A 80 -2.46 14.83 -6.44
C GLY A 80 -3.19 16.16 -6.39
N GLY A 81 -3.05 16.90 -5.29
CA GLY A 81 -3.70 18.19 -5.13
C GLY A 81 -4.61 18.22 -3.91
N ASP A 82 -5.69 19.00 -4.01
CA ASP A 82 -6.65 19.13 -2.92
C ASP A 82 -7.41 17.83 -2.68
N GLU A 83 -7.39 16.95 -3.68
CA GLU A 83 -8.09 15.67 -3.60
C GLU A 83 -7.08 14.52 -3.67
N THR A 84 -7.54 13.32 -3.32
CA THR A 84 -6.66 12.14 -3.34
C THR A 84 -7.45 10.88 -3.68
N LYS A 85 -6.74 9.88 -4.19
CA LYS A 85 -7.36 8.60 -4.55
C LYS A 85 -6.51 7.44 -4.06
N LEU A 86 -7.08 6.65 -3.15
CA LEU A 86 -6.38 5.50 -2.57
C LEU A 86 -7.01 4.20 -3.05
N LEU A 87 -6.17 3.29 -3.52
CA LEU A 87 -6.65 1.99 -3.99
C LEU A 87 -6.47 0.96 -2.87
N VAL A 88 -7.57 0.29 -2.50
CA VAL A 88 -7.53 -0.69 -1.42
C VAL A 88 -8.24 -1.98 -1.84
N VAL A 89 -8.02 -3.04 -1.07
CA VAL A 89 -8.64 -4.34 -1.35
C VAL A 89 -9.28 -4.94 -0.10
N ASP A 90 -10.17 -5.90 -0.31
CA ASP A 90 -10.85 -6.55 0.80
C ASP A 90 -9.92 -7.59 1.43
N ARG A 91 -10.28 -8.08 2.60
CA ARG A 91 -9.45 -9.07 3.28
C ARG A 91 -9.32 -10.34 2.44
N GLU A 92 -10.44 -10.79 1.87
CA GLU A 92 -10.43 -11.99 1.03
C GLU A 92 -9.70 -11.69 -0.28
N THR A 93 -9.93 -10.49 -0.81
CA THR A 93 -9.30 -10.09 -2.06
C THR A 93 -7.78 -10.00 -1.90
N ASP A 94 -7.34 -9.43 -0.79
CA ASP A 94 -5.91 -9.27 -0.54
C ASP A 94 -5.20 -10.62 -0.63
N GLU A 95 -5.72 -11.62 0.06
CA GLU A 95 -5.12 -12.95 0.03
C GLU A 95 -5.34 -13.61 -1.33
N PHE A 96 -6.47 -13.33 -1.96
CA PHE A 96 -6.77 -13.91 -3.26
C PHE A 96 -5.74 -13.45 -4.30
N PHE A 97 -5.44 -12.16 -4.31
CA PHE A 97 -4.49 -11.60 -5.26
C PHE A 97 -3.05 -12.03 -4.95
N LYS A 98 -2.68 -12.07 -3.67
CA LYS A 98 -1.30 -12.43 -3.31
C LYS A 98 -0.97 -13.86 -3.73
N LYS A 99 -1.87 -14.81 -3.49
CA LYS A 99 -1.60 -16.19 -3.85
C LYS A 99 -1.51 -16.33 -5.37
N CYS A 100 -2.25 -15.50 -6.09
CA CYS A 100 -2.24 -15.52 -7.54
C CYS A 100 -1.02 -14.78 -8.08
N ARG A 101 -0.23 -14.22 -7.17
CA ARG A 101 0.96 -13.48 -7.55
C ARG A 101 0.60 -12.33 -8.48
N VAL A 102 -0.47 -11.59 -8.14
CA VAL A 102 -0.92 -10.47 -8.95
C VAL A 102 -0.96 -9.19 -8.11
N ILE A 103 -0.46 -8.10 -8.68
CA ILE A 103 -0.42 -6.81 -7.99
C ILE A 103 -1.67 -5.98 -8.35
N PRO A 104 -2.59 -5.77 -7.44
CA PRO A 104 -3.83 -4.96 -7.72
C PRO A 104 -3.49 -3.58 -8.31
N SER A 105 -4.34 -3.13 -9.23
CA SER A 105 -4.16 -1.83 -9.86
C SER A 105 -5.51 -1.31 -10.37
N GLN A 106 -5.53 -0.04 -10.77
CA GLN A 106 -6.76 0.58 -11.25
C GLN A 106 -7.23 -0.06 -12.55
N GLU A 107 -6.30 -0.54 -13.37
CA GLU A 107 -6.67 -1.18 -14.63
C GLU A 107 -7.74 -2.23 -14.39
N HIS A 108 -7.69 -2.86 -13.21
CA HIS A 108 -8.66 -3.89 -12.87
C HIS A 108 -10.05 -3.29 -12.68
N LEU A 109 -10.10 -2.05 -12.21
CA LEU A 109 -11.38 -1.39 -11.99
C LEU A 109 -12.15 -1.29 -13.31
N ASN A 110 -11.44 -0.94 -14.38
CA ASN A 110 -12.06 -0.82 -15.69
C ASN A 110 -12.35 -2.19 -16.29
N GLY A 111 -11.30 -2.90 -16.66
CA GLY A 111 -11.46 -4.22 -17.26
C GLY A 111 -11.82 -5.28 -16.21
N PRO A 112 -11.96 -6.52 -16.60
CA PRO A 112 -12.33 -7.63 -15.67
C PRO A 112 -11.20 -8.03 -14.72
N LEU A 113 -11.42 -9.15 -14.04
CA LEU A 113 -10.46 -9.69 -13.07
C LEU A 113 -9.27 -10.35 -13.78
N PRO A 114 -8.14 -10.44 -13.12
CA PRO A 114 -6.92 -11.09 -13.72
C PRO A 114 -7.15 -12.58 -13.97
N VAL A 115 -8.12 -13.15 -13.27
CA VAL A 115 -8.44 -14.57 -13.40
C VAL A 115 -9.94 -14.78 -13.65
N PRO A 116 -10.37 -14.66 -14.87
CA PRO A 116 -11.82 -14.84 -15.22
C PRO A 116 -12.35 -16.19 -14.74
N PHE A 117 -11.50 -17.21 -14.78
CA PHE A 117 -11.88 -18.54 -14.34
C PHE A 117 -13.26 -18.91 -14.87
N THR A 118 -13.29 -19.44 -16.09
CA THR A 118 -14.56 -19.83 -16.70
C THR A 118 -15.15 -21.03 -15.99
N ASN A 119 -16.46 -21.01 -15.78
CA ASN A 119 -17.15 -22.10 -15.10
C ASN A 119 -17.58 -23.17 -16.11
N GLY A 120 -17.52 -24.43 -15.69
CA GLY A 120 -17.90 -25.54 -16.55
C GLY A 120 -18.07 -26.82 -15.74
N GLU A 121 -18.58 -27.86 -16.40
CA GLU A 121 -18.79 -29.14 -15.73
C GLU A 121 -18.61 -30.30 -16.71
N ILE A 122 -17.90 -31.33 -16.28
CA ILE A 122 -17.64 -32.51 -17.11
C ILE A 122 -17.70 -33.78 -16.28
N GLN A 123 -18.41 -33.71 -15.16
CA GLN A 123 -18.54 -34.87 -14.28
C GLN A 123 -19.53 -35.88 -14.86
N LYS A 124 -19.15 -36.51 -15.96
CA LYS A 124 -20.00 -37.49 -16.62
C LYS A 124 -19.86 -38.86 -15.94
N GLU A 125 -18.78 -39.03 -15.19
CA GLU A 125 -18.55 -40.31 -14.51
C GLU A 125 -19.62 -40.54 -13.45
N ASN A 126 -19.94 -39.50 -12.68
CA ASN A 126 -20.94 -39.61 -11.63
C ASN A 126 -22.27 -39.00 -12.10
N SER A 127 -23.22 -38.90 -11.17
CA SER A 127 -24.54 -38.34 -11.50
C SER A 127 -25.17 -37.72 -10.26
N ARG A 128 -26.12 -36.82 -10.48
CA ARG A 128 -26.79 -36.14 -9.37
C ARG A 128 -28.24 -35.81 -9.74
N GLU A 129 -29.15 -36.00 -8.79
CA GLU A 129 -30.57 -35.72 -9.02
C GLU A 129 -31.22 -35.21 -7.75
N ALA A 130 -31.03 -33.92 -7.47
CA ALA A 130 -31.60 -33.28 -6.29
C ALA A 130 -32.67 -32.28 -6.68
N LEU A 131 -32.97 -32.21 -7.98
CA LEU A 131 -33.98 -31.29 -8.47
C LEU A 131 -35.35 -31.64 -7.90
N ALA A 132 -35.64 -32.93 -7.83
CA ALA A 132 -36.91 -33.40 -7.31
C ALA A 132 -37.09 -32.99 -5.85
N GLU A 133 -38.29 -32.54 -5.52
CA GLU A 133 -38.61 -32.12 -4.15
C GLU A 133 -40.08 -31.80 -4.02
N ALA A 134 -40.81 -32.66 -3.31
CA ALA A 134 -42.25 -32.46 -3.12
C ALA A 134 -42.98 -32.46 -4.46
N ALA A 135 -44.01 -33.28 -4.56
CA ALA A 135 -44.79 -33.38 -5.81
C ALA A 135 -43.87 -33.75 -6.97
N LEU A 136 -44.49 -34.14 -8.09
CA LEU A 136 -43.73 -34.52 -9.29
C LEU A 136 -43.55 -33.33 -10.21
N GLU A 137 -42.32 -32.85 -10.35
CA GLU A 137 -42.04 -31.71 -11.22
C GLU A 137 -41.78 -32.18 -12.65
N SER A 138 -41.52 -33.47 -12.79
CA SER A 138 -41.27 -34.05 -14.11
C SER A 138 -41.11 -35.57 -14.00
N PRO A 139 -41.31 -36.28 -15.09
CA PRO A 139 -41.18 -37.76 -15.12
C PRO A 139 -39.74 -38.22 -14.92
N ARG A 140 -39.01 -38.35 -16.03
CA ARG A 140 -37.60 -38.77 -15.97
C ARG A 140 -37.41 -39.90 -14.95
N PRO A 141 -38.03 -41.03 -15.17
CA PRO A 141 -37.92 -42.21 -14.26
C PRO A 141 -36.57 -42.90 -14.35
N ALA A 142 -36.19 -43.60 -13.28
CA ALA A 142 -34.91 -44.32 -13.24
C ALA A 142 -35.05 -45.71 -13.84
N LEU A 143 -33.93 -46.31 -14.20
CA LEU A 143 -33.94 -47.65 -14.78
C LEU A 143 -34.08 -48.71 -13.70
N VAL A 144 -34.93 -49.70 -13.94
CA VAL A 144 -35.15 -50.78 -12.98
C VAL A 144 -33.88 -51.59 -12.79
N ARG A 145 -33.23 -51.94 -13.90
CA ARG A 145 -32.00 -52.72 -13.86
C ARG A 145 -30.77 -51.81 -13.83
N SER A 146 -29.60 -52.41 -13.63
CA SER A 146 -28.37 -51.63 -13.58
C SER A 146 -28.46 -50.52 -12.53
N ALA A 147 -29.55 -50.52 -11.78
CA ALA A 147 -29.76 -49.51 -10.75
C ALA A 147 -28.77 -49.69 -9.61
N SER A 148 -28.25 -48.58 -9.10
CA SER A 148 -27.29 -48.62 -8.00
C SER A 148 -27.26 -47.29 -7.26
N SER A 149 -28.13 -47.15 -6.26
CA SER A 149 -28.19 -45.92 -5.48
C SER A 149 -27.19 -45.97 -4.33
N ASP A 150 -26.63 -47.14 -4.07
CA ASP A 150 -25.65 -47.30 -3.00
C ASP A 150 -24.34 -46.63 -3.36
N THR A 151 -23.70 -46.02 -2.37
CA THR A 151 -22.42 -45.33 -2.58
C THR A 151 -21.49 -45.55 -1.40
N SER A 152 -20.46 -46.37 -1.61
CA SER A 152 -19.48 -46.65 -0.55
C SER A 152 -18.48 -45.51 -0.43
N GLU A 153 -17.81 -45.43 0.72
CA GLU A 153 -16.81 -44.39 0.95
C GLU A 153 -15.67 -44.93 1.81
N GLU A 154 -14.73 -45.59 1.17
CA GLU A 154 -13.58 -46.15 1.88
C GLU A 154 -12.71 -45.03 2.45
N LEU A 155 -12.55 -43.97 1.68
CA LEU A 155 -11.75 -42.84 2.11
C LEU A 155 -12.34 -42.20 3.37
N ASN A 156 -11.48 -41.69 4.24
CA ASN A 156 -11.94 -41.06 5.47
C ASN A 156 -12.39 -39.63 5.20
N SER A 157 -13.34 -39.15 5.99
CA SER A 157 -13.86 -37.79 5.81
C SER A 157 -12.84 -36.76 6.29
N GLN A 158 -13.01 -35.52 5.85
CA GLN A 158 -12.10 -34.44 6.23
C GLN A 158 -12.32 -34.06 7.69
N ASP A 159 -11.28 -34.22 8.51
CA ASP A 159 -11.35 -33.90 9.93
C ASP A 159 -10.71 -32.55 10.22
N SER A 160 -10.41 -31.80 9.16
CA SER A 160 -9.78 -30.49 9.31
C SER A 160 -10.67 -29.56 10.15
N PRO A 161 -10.09 -28.66 10.92
CA PRO A 161 -10.87 -27.72 11.78
C PRO A 161 -11.61 -26.65 10.98
N PRO A 162 -12.61 -26.02 11.57
CA PRO A 162 -13.43 -24.95 10.92
C PRO A 162 -12.63 -23.69 10.58
N LYS A 163 -11.52 -23.46 11.29
CA LYS A 163 -10.70 -22.27 11.06
C LYS A 163 -11.54 -21.00 11.18
N GLN A 164 -12.20 -20.62 10.08
CA GLN A 164 -13.03 -19.43 10.08
C GLN A 164 -14.37 -19.68 10.77
N ASP A 165 -14.35 -19.68 12.09
CA ASP A 165 -15.58 -19.92 12.87
C ASP A 165 -16.20 -18.60 13.29
N SER A 166 -16.42 -17.70 12.33
CA SER A 166 -17.01 -16.40 12.63
C SER A 166 -18.41 -16.59 13.22
N THR A 167 -19.18 -17.47 12.59
CA THR A 167 -20.54 -17.75 13.07
C THR A 167 -20.46 -18.66 14.30
N ALA A 168 -21.18 -18.31 15.36
CA ALA A 168 -21.14 -19.11 16.58
C ALA A 168 -22.22 -18.65 17.57
N PRO A 169 -22.66 -19.53 18.45
CA PRO A 169 -23.70 -19.20 19.47
C PRO A 169 -23.28 -18.05 20.39
N SER A 170 -21.97 -17.90 20.61
CA SER A 170 -21.46 -16.84 21.48
C SER A 170 -22.05 -16.97 22.87
N SER A 171 -23.30 -16.54 23.02
CA SER A 171 -23.97 -16.61 24.32
C SER A 171 -23.12 -15.98 25.42
N THR A 172 -22.63 -16.80 26.34
CA THR A 172 -21.81 -16.29 27.43
C THR A 172 -20.45 -15.83 26.92
N SER A 173 -20.00 -14.67 27.39
CA SER A 173 -18.71 -14.11 26.98
C SER A 173 -17.68 -14.27 28.10
N SER A 174 -18.12 -14.84 29.22
CA SER A 174 -17.24 -15.04 30.36
C SER A 174 -16.18 -16.09 30.04
N SER A 175 -16.39 -16.82 28.95
CA SER A 175 -15.44 -17.86 28.56
C SER A 175 -14.29 -17.26 27.74
N ASP A 176 -14.39 -15.97 27.43
CA ASP A 176 -13.36 -15.29 26.66
C ASP A 176 -13.64 -13.79 26.55
N PRO A 177 -13.76 -13.11 27.66
CA PRO A 177 -14.03 -11.64 27.69
C PRO A 177 -12.83 -10.79 27.25
N ILE A 178 -13.12 -9.63 26.67
CA ILE A 178 -12.07 -8.70 26.23
C ILE A 178 -12.28 -7.34 26.91
N LEU A 179 -11.65 -7.17 28.07
CA LEU A 179 -11.76 -5.94 28.85
C LEU A 179 -10.41 -5.23 28.96
N ASP A 180 -10.38 -3.96 28.58
CA ASP A 180 -9.15 -3.20 28.64
C ASP A 180 -9.44 -1.69 28.68
N PHE A 181 -10.35 -1.30 29.58
CA PHE A 181 -10.71 0.11 29.72
C PHE A 181 -9.55 0.92 30.27
N ASN A 182 -8.85 0.36 31.26
CA ASN A 182 -7.73 1.04 31.89
C ASN A 182 -6.64 1.34 30.86
N ILE A 183 -6.31 0.35 30.04
CA ILE A 183 -5.28 0.53 29.01
C ILE A 183 -5.73 1.56 27.98
N SER A 184 -6.99 1.48 27.57
CA SER A 184 -7.53 2.40 26.58
C SER A 184 -7.39 3.84 27.08
N LEU A 185 -7.63 4.04 28.36
CA LEU A 185 -7.53 5.36 28.96
C LEU A 185 -6.10 5.87 28.84
N ALA A 186 -5.13 4.99 29.07
CA ALA A 186 -3.73 5.35 29.01
C ALA A 186 -3.36 5.81 27.59
N MET A 187 -3.95 5.16 26.60
CA MET A 187 -3.67 5.52 25.20
C MET A 187 -4.11 6.94 24.91
N ALA A 188 -5.28 7.32 25.45
CA ALA A 188 -5.79 8.66 25.24
C ALA A 188 -4.89 9.70 25.90
N LYS A 189 -4.42 9.39 27.10
CA LYS A 189 -3.54 10.32 27.82
C LYS A 189 -2.21 10.50 27.09
N GLU A 190 -1.68 9.41 26.55
CA GLU A 190 -0.42 9.47 25.83
C GLU A 190 -0.55 10.38 24.62
N ARG A 191 -1.73 10.38 24.00
CA ARG A 191 -1.97 11.21 22.83
C ARG A 191 -1.85 12.70 23.18
N ALA A 192 -2.42 13.08 24.32
CA ALA A 192 -2.38 14.48 24.76
C ALA A 192 -1.13 14.75 25.59
N HIS A 193 -0.10 13.95 25.40
CA HIS A 193 1.14 14.11 26.15
C HIS A 193 1.92 15.34 25.67
N GLN A 194 1.89 15.58 24.36
CA GLN A 194 2.61 16.72 23.79
C GLN A 194 2.04 18.03 24.32
N LYS A 195 0.71 18.11 24.43
CA LYS A 195 0.05 19.31 24.92
C LYS A 195 -1.03 18.96 25.94
N ARG A 196 -1.23 19.84 26.91
CA ARG A 196 -2.23 19.61 27.96
C ARG A 196 -3.57 20.23 27.55
N SER A 197 -3.61 20.81 26.35
CA SER A 197 -4.83 21.43 25.85
C SER A 197 -5.30 22.52 26.81
N SER A 198 -5.96 23.54 26.26
CA SER A 198 -6.46 24.65 27.08
C SER A 198 -7.72 25.25 26.45
N LYS A 199 -8.61 25.73 27.31
CA LYS A 199 -9.85 26.32 26.84
C LYS A 199 -9.58 27.62 26.09
N ARG A 200 -10.06 27.71 24.86
CA ARG A 200 -9.87 28.91 24.03
C ARG A 200 -11.19 29.35 23.42
N ALA A 201 -12.22 28.54 23.62
CA ALA A 201 -13.54 28.85 23.09
C ALA A 201 -14.55 27.76 23.53
N PRO A 202 -15.81 28.09 23.74
CA PRO A 202 -16.83 27.07 24.20
C PRO A 202 -16.93 25.85 23.28
N GLN A 203 -17.12 24.68 23.89
CA GLN A 203 -17.25 23.43 23.16
C GLN A 203 -18.70 23.07 22.85
N MET A 204 -19.62 24.01 23.11
CA MET A 204 -21.04 23.76 22.84
C MET A 204 -21.29 23.59 21.34
N ASP A 205 -20.57 24.37 20.55
CA ASP A 205 -20.72 24.31 19.10
C ASP A 205 -20.45 22.90 18.59
N TRP A 206 -21.29 22.43 17.67
CA TRP A 206 -21.13 21.10 17.10
C TRP A 206 -19.84 21.00 16.28
N SER A 207 -19.50 22.08 15.60
CA SER A 207 -18.29 22.10 14.77
C SER A 207 -17.05 21.86 15.63
N LYS A 208 -16.06 21.20 15.05
CA LYS A 208 -14.81 20.89 15.76
C LYS A 208 -13.60 21.31 14.94
N LYS A 209 -13.55 22.59 14.58
CA LYS A 209 -12.44 23.10 13.79
C LYS A 209 -11.11 22.95 14.53
N ASN A 210 -11.13 23.28 15.82
CA ASN A 210 -9.92 23.17 16.64
C ASN A 210 -9.95 21.90 17.48
N GLU A 211 -9.13 20.93 17.10
CA GLU A 211 -9.06 19.65 17.81
C GLU A 211 -7.61 19.23 18.00
N LEU A 212 -6.77 20.19 18.39
CA LEU A 212 -5.34 19.92 18.60
C LEU A 212 -4.81 18.97 17.53
N PHE A 213 -4.64 19.49 16.31
CA PHE A 213 -4.14 18.69 15.20
C PHE A 213 -2.64 18.90 15.02
N SER A 214 -1.89 17.79 14.96
CA SER A 214 -0.44 17.87 14.79
C SER A 214 0.07 16.61 14.10
N ASN A 215 1.14 16.76 13.32
CA ASN A 215 1.72 15.63 12.61
C ASN A 215 0.67 14.96 11.73
N LEU A 216 -0.20 15.76 11.14
CA LEU A 216 -1.25 15.24 10.27
C LEU A 216 -1.89 13.99 10.89
N GLY A 1 -27.39 -17.23 -8.64
CA GLY A 1 -26.57 -16.82 -7.46
C GLY A 1 -25.28 -16.17 -7.95
N ILE A 2 -24.51 -15.63 -7.01
CA ILE A 2 -23.24 -14.97 -7.34
C ILE A 2 -22.07 -15.80 -6.82
N ASP A 3 -21.12 -16.11 -7.70
CA ASP A 3 -19.96 -16.90 -7.30
C ASP A 3 -19.07 -16.08 -6.35
N PRO A 4 -18.40 -16.72 -5.43
CA PRO A 4 -17.49 -16.02 -4.47
C PRO A 4 -16.21 -15.54 -5.15
N PHE A 5 -15.99 -16.01 -6.37
CA PHE A 5 -14.78 -15.66 -7.12
C PHE A 5 -14.96 -14.36 -7.90
N THR A 6 -16.18 -13.83 -7.95
CA THR A 6 -16.46 -12.60 -8.70
C THR A 6 -16.71 -11.42 -7.77
N MET A 7 -16.38 -11.59 -6.48
CA MET A 7 -16.58 -10.53 -5.50
C MET A 7 -15.23 -10.04 -4.95
N LEU A 8 -14.17 -10.80 -5.25
CA LEU A 8 -12.84 -10.43 -4.77
C LEU A 8 -12.16 -9.47 -5.76
N ARG A 9 -12.63 -8.23 -5.78
CA ARG A 9 -12.08 -7.21 -6.68
C ARG A 9 -11.67 -5.96 -5.90
N PRO A 10 -10.70 -5.22 -6.37
CA PRO A 10 -10.23 -3.97 -5.70
C PRO A 10 -11.24 -2.83 -5.86
N ARG A 11 -11.15 -1.85 -4.96
CA ARG A 11 -12.05 -0.69 -5.00
C ARG A 11 -11.23 0.59 -4.86
N LEU A 12 -11.68 1.66 -5.51
CA LEU A 12 -10.98 2.94 -5.46
C LEU A 12 -11.70 3.92 -4.56
N CYS A 13 -11.02 4.36 -3.51
CA CYS A 13 -11.61 5.31 -2.56
C CYS A 13 -11.24 6.74 -2.95
N THR A 14 -12.25 7.54 -3.29
CA THR A 14 -12.02 8.93 -3.68
C THR A 14 -12.57 9.87 -2.61
N MET A 15 -11.70 10.75 -2.09
CA MET A 15 -12.09 11.70 -1.06
C MET A 15 -11.50 13.09 -1.35
N LYS A 16 -12.27 14.13 -1.02
CA LYS A 16 -11.83 15.50 -1.25
C LYS A 16 -11.60 16.21 0.08
N LYS A 17 -10.48 16.93 0.18
CA LYS A 17 -10.14 17.64 1.42
C LYS A 17 -10.86 18.99 1.48
N GLY A 18 -11.06 19.50 2.68
CA GLY A 18 -11.74 20.78 2.87
C GLY A 18 -11.31 21.45 4.18
N PRO A 19 -11.89 21.06 5.28
CA PRO A 19 -11.56 21.64 6.62
C PRO A 19 -10.08 21.46 6.98
N SER A 20 -9.71 20.24 7.33
CA SER A 20 -8.32 19.94 7.69
C SER A 20 -7.94 18.52 7.26
N GLY A 21 -7.48 18.40 6.02
CA GLY A 21 -7.07 17.10 5.50
C GLY A 21 -8.28 16.26 5.13
N TYR A 22 -8.06 14.97 4.91
CA TYR A 22 -9.14 14.05 4.54
C TYR A 22 -9.73 13.37 5.78
N GLY A 23 -9.19 13.70 6.94
CA GLY A 23 -9.68 13.12 8.19
C GLY A 23 -9.35 11.64 8.30
N PHE A 24 -8.08 11.29 8.09
CA PHE A 24 -7.65 9.90 8.17
C PHE A 24 -6.20 9.83 8.69
N ASN A 25 -5.86 8.73 9.36
CA ASN A 25 -4.51 8.56 9.92
C ASN A 25 -3.72 7.49 9.17
N LEU A 26 -2.40 7.66 9.14
CA LEU A 26 -1.49 6.72 8.48
C LEU A 26 -0.39 6.29 9.43
N HIS A 27 0.06 5.05 9.29
CA HIS A 27 1.12 4.51 10.14
C HIS A 27 1.89 3.41 9.41
N SER A 28 3.20 3.38 9.62
CA SER A 28 4.07 2.39 8.98
C SER A 28 5.12 1.87 9.96
N ASP A 29 5.45 0.58 9.84
CA ASP A 29 6.44 -0.04 10.72
C ASP A 29 7.46 -0.82 9.89
N LYS A 30 8.75 -0.57 10.15
CA LYS A 30 9.81 -1.26 9.42
C LYS A 30 9.80 -2.73 9.77
N SER A 31 9.11 -3.04 10.86
CA SER A 31 9.01 -4.42 11.31
C SER A 31 7.81 -5.12 10.70
N LYS A 32 7.16 -4.47 9.73
CA LYS A 32 5.97 -5.09 9.12
C LYS A 32 5.66 -4.59 7.68
N PRO A 33 5.90 -5.36 6.64
CA PRO A 33 5.62 -5.00 5.21
C PRO A 33 4.43 -4.11 4.96
N GLY A 34 4.62 -3.21 3.99
CA GLY A 34 3.58 -2.29 3.60
C GLY A 34 3.05 -1.45 4.76
N GLN A 35 1.91 -0.79 4.53
CA GLN A 35 1.30 0.05 5.55
C GLN A 35 -0.21 -0.10 5.48
N PHE A 36 -0.89 0.34 6.53
CA PHE A 36 -2.34 0.25 6.58
C PHE A 36 -2.92 1.42 7.33
N ILE A 37 -4.23 1.60 7.22
CA ILE A 37 -4.89 2.72 7.88
C ILE A 37 -4.98 2.47 9.38
N ARG A 38 -4.39 3.37 10.16
CA ARG A 38 -4.42 3.23 11.61
C ARG A 38 -5.86 3.41 12.12
N SER A 39 -6.52 4.47 11.64
CA SER A 39 -7.89 4.73 12.06
C SER A 39 -8.56 5.75 11.12
N VAL A 40 -9.89 5.84 11.19
CA VAL A 40 -10.65 6.77 10.34
C VAL A 40 -11.55 7.66 11.21
N ASP A 41 -11.54 8.96 10.93
CA ASP A 41 -12.34 9.89 11.73
C ASP A 41 -13.81 9.92 11.28
N PRO A 42 -14.78 9.92 12.19
CA PRO A 42 -16.24 10.03 11.85
C PRO A 42 -16.58 11.20 10.92
N ASP A 43 -17.74 11.08 10.28
CA ASP A 43 -18.26 12.10 9.38
C ASP A 43 -17.17 12.70 8.48
N SER A 44 -16.19 11.88 8.09
CA SER A 44 -15.10 12.35 7.23
C SER A 44 -15.31 11.80 5.83
N PRO A 45 -14.85 12.50 4.81
CA PRO A 45 -15.01 12.03 3.40
C PRO A 45 -14.30 10.70 3.15
N ALA A 46 -13.23 10.46 3.92
CA ALA A 46 -12.48 9.21 3.77
C ALA A 46 -13.37 8.03 4.15
N GLU A 47 -14.16 8.21 5.19
CA GLU A 47 -15.06 7.16 5.65
C GLU A 47 -16.14 6.91 4.60
N ALA A 48 -16.65 8.00 4.02
CA ALA A 48 -17.69 7.91 3.01
C ALA A 48 -17.17 7.21 1.75
N SER A 49 -15.91 7.46 1.40
CA SER A 49 -15.32 6.86 0.22
C SER A 49 -15.33 5.35 0.31
N GLY A 50 -15.16 4.82 1.52
CA GLY A 50 -15.14 3.37 1.74
C GLY A 50 -13.87 2.94 2.47
N LEU A 51 -13.05 3.91 2.84
CA LEU A 51 -11.80 3.63 3.55
C LEU A 51 -12.12 3.09 4.95
N ARG A 52 -11.38 2.07 5.37
CA ARG A 52 -11.59 1.47 6.70
C ARG A 52 -10.29 1.43 7.50
N ALA A 53 -10.40 1.15 8.79
CA ALA A 53 -9.23 1.09 9.67
C ALA A 53 -8.42 -0.19 9.45
N GLN A 54 -8.76 -0.94 8.41
CA GLN A 54 -8.05 -2.19 8.11
C GLN A 54 -7.84 -2.34 6.60
N ASP A 55 -7.45 -1.23 5.96
CA ASP A 55 -7.20 -1.23 4.52
C ASP A 55 -5.74 -0.91 4.21
N ARG A 56 -5.24 -1.48 3.11
CA ARG A 56 -3.85 -1.27 2.68
C ARG A 56 -3.82 -0.42 1.41
N ILE A 57 -2.89 0.54 1.36
CA ILE A 57 -2.77 1.42 0.18
C ILE A 57 -1.91 0.75 -0.88
N VAL A 58 -2.47 0.59 -2.09
CA VAL A 58 -1.72 -0.04 -3.19
C VAL A 58 -1.34 1.03 -4.22
N GLU A 59 -2.31 1.82 -4.63
CA GLU A 59 -2.09 2.89 -5.61
C GLU A 59 -2.77 4.17 -5.17
N VAL A 60 -2.08 5.30 -5.39
CA VAL A 60 -2.61 6.61 -5.02
C VAL A 60 -2.50 7.57 -6.19
N ASN A 61 -3.60 8.25 -6.49
CA ASN A 61 -3.61 9.20 -7.60
C ASN A 61 -2.97 8.56 -8.82
N GLY A 62 -3.03 7.23 -8.88
CA GLY A 62 -2.47 6.49 -10.01
C GLY A 62 -0.96 6.24 -9.84
N VAL A 63 -0.45 6.26 -8.59
CA VAL A 63 0.98 6.02 -8.35
C VAL A 63 1.16 4.79 -7.47
N CYS A 64 2.04 3.88 -7.90
CA CYS A 64 2.29 2.66 -7.14
C CYS A 64 3.11 2.92 -5.90
N MET A 65 2.60 2.48 -4.75
CA MET A 65 3.28 2.65 -3.47
C MET A 65 3.96 1.33 -3.06
N GLU A 66 4.03 0.39 -3.99
CA GLU A 66 4.64 -0.90 -3.71
C GLU A 66 6.16 -0.79 -3.78
N GLY A 67 6.81 -0.94 -2.63
CA GLY A 67 8.27 -0.85 -2.57
C GLY A 67 8.73 0.60 -2.51
N LYS A 68 7.83 1.50 -2.15
CA LYS A 68 8.14 2.93 -2.04
C LYS A 68 8.29 3.35 -0.59
N GLN A 69 8.96 4.48 -0.38
CA GLN A 69 9.17 5.01 0.97
C GLN A 69 7.83 5.36 1.60
N HIS A 70 7.79 5.40 2.93
CA HIS A 70 6.57 5.72 3.64
C HIS A 70 6.12 7.15 3.34
N GLY A 71 7.08 8.07 3.32
CA GLY A 71 6.78 9.48 3.05
C GLY A 71 6.25 9.65 1.63
N ASP A 72 6.43 8.62 0.82
CA ASP A 72 5.98 8.67 -0.57
C ASP A 72 4.46 8.73 -0.67
N VAL A 73 3.76 8.03 0.24
CA VAL A 73 2.31 8.01 0.21
C VAL A 73 1.72 9.42 0.41
N VAL A 74 2.23 10.14 1.40
CA VAL A 74 1.74 11.49 1.67
C VAL A 74 2.14 12.42 0.54
N SER A 75 3.33 12.18 0.01
CA SER A 75 3.85 12.99 -1.08
C SER A 75 2.93 12.92 -2.30
N ALA A 76 2.44 11.71 -2.62
CA ALA A 76 1.55 11.54 -3.75
C ALA A 76 0.24 12.28 -3.52
N ILE A 77 -0.26 12.25 -2.29
CA ILE A 77 -1.51 12.92 -1.95
C ILE A 77 -1.37 14.43 -2.14
N ARG A 78 -0.26 14.99 -1.66
CA ARG A 78 -0.04 16.43 -1.77
C ARG A 78 0.12 16.83 -3.23
N ALA A 79 0.85 16.02 -3.98
CA ALA A 79 1.08 16.28 -5.40
C ALA A 79 -0.22 16.20 -6.19
N GLY A 80 -1.09 15.28 -5.78
CA GLY A 80 -2.37 15.10 -6.46
C GLY A 80 -3.17 16.41 -6.53
N GLY A 81 -3.28 17.09 -5.40
CA GLY A 81 -4.02 18.36 -5.35
C GLY A 81 -4.94 18.44 -4.14
N ASP A 82 -6.08 19.08 -4.32
CA ASP A 82 -7.05 19.23 -3.23
C ASP A 82 -7.87 17.95 -3.06
N GLU A 83 -7.62 16.98 -3.91
CA GLU A 83 -8.35 15.70 -3.85
C GLU A 83 -7.38 14.54 -4.03
N THR A 84 -7.81 13.36 -3.62
CA THR A 84 -6.95 12.16 -3.73
C THR A 84 -7.79 10.91 -3.97
N LYS A 85 -7.13 9.87 -4.47
CA LYS A 85 -7.81 8.60 -4.76
C LYS A 85 -6.94 7.43 -4.29
N LEU A 86 -7.39 6.75 -3.24
CA LEU A 86 -6.63 5.63 -2.68
C LEU A 86 -7.24 4.28 -3.10
N LEU A 87 -6.38 3.35 -3.52
CA LEU A 87 -6.84 2.03 -3.93
C LEU A 87 -6.58 1.02 -2.82
N VAL A 88 -7.62 0.30 -2.41
CA VAL A 88 -7.51 -0.70 -1.34
C VAL A 88 -8.19 -2.01 -1.73
N VAL A 89 -7.90 -3.08 -0.99
CA VAL A 89 -8.49 -4.39 -1.26
C VAL A 89 -9.07 -5.00 0.02
N ASP A 90 -9.94 -6.00 -0.15
CA ASP A 90 -10.55 -6.67 0.99
C ASP A 90 -9.58 -7.69 1.57
N ARG A 91 -9.89 -8.21 2.75
CA ARG A 91 -9.01 -9.18 3.39
C ARG A 91 -8.90 -10.45 2.54
N GLU A 92 -10.02 -10.92 2.01
CA GLU A 92 -10.01 -12.12 1.16
C GLU A 92 -9.32 -11.80 -0.16
N THR A 93 -9.63 -10.63 -0.71
CA THR A 93 -9.05 -10.20 -1.97
C THR A 93 -7.55 -10.00 -1.85
N ASP A 94 -7.12 -9.39 -0.76
CA ASP A 94 -5.70 -9.13 -0.54
C ASP A 94 -4.89 -10.41 -0.60
N GLU A 95 -5.30 -11.42 0.14
CA GLU A 95 -4.58 -12.69 0.14
C GLU A 95 -4.68 -13.38 -1.20
N PHE A 96 -5.80 -13.17 -1.90
CA PHE A 96 -5.99 -13.78 -3.22
C PHE A 96 -4.93 -13.30 -4.20
N PHE A 97 -4.68 -11.99 -4.22
CA PHE A 97 -3.70 -11.43 -5.14
C PHE A 97 -2.25 -11.75 -4.71
N LYS A 98 -2.00 -11.81 -3.40
CA LYS A 98 -0.64 -12.09 -2.92
C LYS A 98 -0.15 -13.46 -3.37
N LYS A 99 -0.99 -14.49 -3.26
CA LYS A 99 -0.56 -15.82 -3.68
C LYS A 99 -0.37 -15.87 -5.19
N CYS A 100 -1.19 -15.08 -5.89
CA CYS A 100 -1.12 -15.02 -7.34
C CYS A 100 -0.04 -14.04 -7.76
N ARG A 101 0.35 -13.16 -6.84
CA ARG A 101 1.38 -12.17 -7.13
C ARG A 101 1.01 -11.34 -8.36
N VAL A 102 -0.28 -11.24 -8.62
CA VAL A 102 -0.77 -10.48 -9.79
C VAL A 102 -0.68 -8.98 -9.51
N ILE A 103 -0.63 -8.61 -8.24
CA ILE A 103 -0.55 -7.21 -7.85
C ILE A 103 -1.78 -6.44 -8.36
N PRO A 104 -2.65 -5.94 -7.50
CA PRO A 104 -3.87 -5.19 -7.94
C PRO A 104 -3.54 -3.77 -8.41
N SER A 105 -4.39 -3.25 -9.29
CA SER A 105 -4.21 -1.90 -9.83
C SER A 105 -5.55 -1.35 -10.31
N GLN A 106 -5.57 -0.06 -10.67
CA GLN A 106 -6.80 0.59 -11.12
C GLN A 106 -7.35 -0.05 -12.39
N GLU A 107 -6.48 -0.58 -13.24
CA GLU A 107 -6.92 -1.22 -14.48
C GLU A 107 -7.92 -2.33 -14.18
N HIS A 108 -7.73 -2.98 -13.04
CA HIS A 108 -8.62 -4.07 -12.63
C HIS A 108 -10.05 -3.54 -12.45
N LEU A 109 -10.17 -2.29 -12.06
CA LEU A 109 -11.49 -1.70 -11.87
C LEU A 109 -12.26 -1.68 -13.20
N ASN A 110 -11.57 -1.30 -14.27
CA ASN A 110 -12.19 -1.25 -15.58
C ASN A 110 -12.23 -2.64 -16.22
N GLY A 111 -11.09 -3.32 -16.21
CA GLY A 111 -11.00 -4.66 -16.80
C GLY A 111 -11.47 -5.73 -15.82
N PRO A 112 -11.98 -6.85 -16.30
CA PRO A 112 -12.49 -7.95 -15.44
C PRO A 112 -11.38 -8.64 -14.64
N LEU A 113 -11.77 -9.27 -13.54
CA LEU A 113 -10.83 -9.96 -12.66
C LEU A 113 -9.75 -10.69 -13.45
N PRO A 114 -8.60 -10.93 -12.87
CA PRO A 114 -7.47 -11.68 -13.54
C PRO A 114 -7.86 -13.11 -13.97
N VAL A 115 -8.87 -13.70 -13.30
CA VAL A 115 -9.32 -15.07 -13.64
C VAL A 115 -10.82 -15.06 -13.93
N PRO A 116 -11.20 -14.59 -15.09
CA PRO A 116 -12.64 -14.52 -15.52
C PRO A 116 -13.30 -15.89 -15.53
N PHE A 117 -14.55 -15.92 -15.06
CA PHE A 117 -15.32 -17.16 -15.00
C PHE A 117 -16.73 -16.94 -15.55
N THR A 118 -17.16 -17.83 -16.45
CA THR A 118 -18.50 -17.73 -17.05
C THR A 118 -19.42 -18.77 -16.43
N ASN A 119 -20.54 -18.31 -15.85
CA ASN A 119 -21.51 -19.23 -15.22
C ASN A 119 -22.76 -19.35 -16.07
N GLY A 120 -22.67 -18.89 -17.32
CA GLY A 120 -23.81 -18.95 -18.23
C GLY A 120 -24.77 -17.81 -17.96
N GLU A 121 -26.02 -18.16 -17.66
CA GLU A 121 -27.04 -17.15 -17.39
C GLU A 121 -26.65 -16.30 -16.19
N ILE A 122 -27.09 -15.04 -16.19
CA ILE A 122 -26.80 -14.10 -15.10
C ILE A 122 -28.08 -13.47 -14.57
N GLN A 123 -28.01 -12.92 -13.35
CA GLN A 123 -29.16 -12.28 -12.72
C GLN A 123 -28.81 -10.86 -12.30
N LYS A 124 -29.65 -9.90 -12.70
CA LYS A 124 -29.42 -8.49 -12.36
C LYS A 124 -30.47 -8.02 -11.36
N GLU A 125 -30.01 -7.45 -10.25
CA GLU A 125 -30.91 -6.95 -9.21
C GLU A 125 -30.38 -5.64 -8.62
N ASN A 126 -31.04 -4.54 -8.95
CA ASN A 126 -30.64 -3.22 -8.47
C ASN A 126 -31.86 -2.43 -8.01
N SER A 127 -31.92 -2.14 -6.71
CA SER A 127 -33.03 -1.38 -6.14
C SER A 127 -32.62 -0.71 -4.84
N ARG A 128 -32.43 0.61 -4.88
CA ARG A 128 -32.03 1.37 -3.69
C ARG A 128 -33.25 1.96 -3.00
N GLU A 129 -33.62 1.39 -1.85
CA GLU A 129 -34.77 1.87 -1.09
C GLU A 129 -34.45 1.86 0.40
N ALA A 130 -33.20 2.12 0.74
CA ALA A 130 -32.78 2.12 2.14
C ALA A 130 -33.51 3.22 2.91
N LEU A 131 -33.82 2.94 4.17
CA LEU A 131 -34.52 3.92 5.01
C LEU A 131 -33.59 5.06 5.38
N ALA A 132 -34.14 6.28 5.40
CA ALA A 132 -33.35 7.45 5.73
C ALA A 132 -32.81 7.38 7.15
N GLU A 133 -31.62 7.93 7.35
CA GLU A 133 -30.98 7.92 8.68
C GLU A 133 -31.12 9.30 9.32
N ALA A 134 -31.68 9.32 10.53
CA ALA A 134 -31.87 10.58 11.27
C ALA A 134 -31.59 10.37 12.75
N ALA A 135 -30.89 11.33 13.35
CA ALA A 135 -30.57 11.25 14.78
C ALA A 135 -30.24 12.63 15.32
N LEU A 136 -30.46 12.81 16.62
CA LEU A 136 -30.20 14.09 17.28
C LEU A 136 -29.73 13.87 18.71
N GLU A 137 -29.19 14.91 19.33
CA GLU A 137 -28.72 14.81 20.71
C GLU A 137 -27.75 13.64 20.84
N SER A 138 -26.55 13.82 20.31
CA SER A 138 -25.54 12.77 20.37
C SER A 138 -24.99 12.64 21.80
N PRO A 139 -24.46 11.49 22.16
CA PRO A 139 -23.90 11.26 23.52
C PRO A 139 -22.69 12.15 23.79
N ARG A 140 -22.58 12.62 25.03
CA ARG A 140 -21.45 13.49 25.43
C ARG A 140 -20.41 12.71 26.22
N PRO A 141 -20.82 11.80 27.07
CA PRO A 141 -19.87 10.99 27.90
C PRO A 141 -18.85 10.23 27.04
N ALA A 142 -17.60 10.21 27.50
CA ALA A 142 -16.54 9.51 26.79
C ALA A 142 -15.19 9.78 27.46
N LEU A 143 -14.49 10.81 26.97
CA LEU A 143 -13.19 11.18 27.52
C LEU A 143 -12.38 9.94 27.90
N VAL A 144 -11.54 9.48 26.99
CA VAL A 144 -10.71 8.31 27.24
C VAL A 144 -9.46 8.70 28.01
N ARG A 145 -9.31 8.13 29.20
CA ARG A 145 -8.16 8.44 30.04
C ARG A 145 -6.88 7.90 29.39
N SER A 146 -5.87 8.76 29.30
CA SER A 146 -4.60 8.37 28.70
C SER A 146 -3.46 9.19 29.30
N ALA A 147 -2.26 8.60 29.33
CA ALA A 147 -1.10 9.27 29.89
C ALA A 147 0.18 8.67 29.33
N SER A 148 1.22 9.50 29.24
CA SER A 148 2.51 9.05 28.73
C SER A 148 3.36 8.43 29.84
N SER A 149 4.59 8.06 29.51
CA SER A 149 5.48 7.47 30.50
C SER A 149 5.72 8.44 31.65
N ASP A 150 5.72 9.72 31.34
CA ASP A 150 5.93 10.75 32.37
C ASP A 150 7.22 10.50 33.13
N THR A 151 8.32 10.29 32.39
CA THR A 151 9.62 10.03 33.00
C THR A 151 10.72 10.72 32.20
N SER A 152 11.87 10.91 32.84
CA SER A 152 13.01 11.56 32.19
C SER A 152 13.53 10.70 31.05
N GLU A 153 14.07 11.34 30.01
CA GLU A 153 14.60 10.61 28.86
C GLU A 153 15.65 9.60 29.32
N GLU A 154 15.52 8.36 28.84
CA GLU A 154 16.47 7.31 29.20
C GLU A 154 17.57 7.20 28.16
N LEU A 155 18.81 7.07 28.63
CA LEU A 155 19.95 6.96 27.73
C LEU A 155 20.01 5.56 27.12
N ASN A 156 20.50 5.48 25.89
CA ASN A 156 20.59 4.18 25.22
C ASN A 156 19.21 3.52 25.12
N SER A 157 18.22 4.30 24.71
CA SER A 157 16.87 3.79 24.58
C SER A 157 16.80 2.69 23.51
N GLN A 158 17.81 2.65 22.65
CA GLN A 158 17.86 1.65 21.59
C GLN A 158 17.84 0.25 22.19
N ASP A 159 16.93 -0.59 21.69
CA ASP A 159 16.80 -1.96 22.17
C ASP A 159 18.01 -2.80 21.79
N SER A 160 18.48 -3.63 22.73
CA SER A 160 19.63 -4.49 22.46
C SER A 160 19.79 -5.57 23.54
N PRO A 161 18.72 -6.17 23.98
CA PRO A 161 18.77 -7.25 25.02
C PRO A 161 19.52 -8.51 24.55
N PRO A 162 19.92 -9.35 25.48
CA PRO A 162 20.65 -10.62 25.16
C PRO A 162 19.80 -11.59 24.33
N LYS A 163 20.20 -12.86 24.33
CA LYS A 163 19.49 -13.89 23.55
C LYS A 163 18.06 -14.06 24.03
N GLN A 164 17.15 -14.18 23.07
CA GLN A 164 15.73 -14.35 23.37
C GLN A 164 15.44 -15.75 23.90
N ASP A 165 15.45 -15.90 25.22
CA ASP A 165 15.18 -17.19 25.83
C ASP A 165 13.76 -17.65 25.53
N SER A 166 12.82 -16.70 25.54
CA SER A 166 11.41 -17.02 25.28
C SER A 166 10.74 -15.85 24.57
N THR A 167 9.43 -15.95 24.42
CA THR A 167 8.67 -14.89 23.75
C THR A 167 8.72 -13.60 24.55
N ALA A 168 8.76 -13.74 25.87
CA ALA A 168 8.81 -12.57 26.75
C ALA A 168 10.19 -11.89 26.63
N PRO A 169 10.27 -10.57 26.66
CA PRO A 169 11.58 -9.83 26.54
C PRO A 169 12.72 -10.41 27.41
N SER A 170 12.43 -10.90 28.61
CA SER A 170 13.48 -11.49 29.45
C SER A 170 12.88 -12.41 30.49
N SER A 171 13.65 -13.42 30.89
CA SER A 171 13.19 -14.39 31.89
C SER A 171 14.36 -14.92 32.71
N THR A 172 14.30 -14.73 34.02
CA THR A 172 15.36 -15.18 34.91
C THR A 172 14.78 -15.50 36.28
N SER A 173 15.33 -16.53 36.91
CA SER A 173 14.87 -16.93 38.23
C SER A 173 15.84 -17.93 38.84
N SER A 174 16.46 -18.75 38.00
CA SER A 174 17.42 -19.76 38.47
C SER A 174 18.67 -19.08 39.03
N SER A 175 19.12 -19.53 40.20
CA SER A 175 20.31 -18.96 40.82
C SER A 175 20.81 -19.84 41.97
N ASP A 176 22.13 -20.02 42.08
CA ASP A 176 22.70 -20.83 43.15
C ASP A 176 24.24 -20.78 43.13
N PRO A 177 24.80 -19.69 43.58
CA PRO A 177 26.30 -19.50 43.63
C PRO A 177 26.99 -20.47 44.59
N ILE A 178 28.23 -20.84 44.25
CA ILE A 178 29.04 -21.70 45.11
C ILE A 178 30.02 -20.84 45.90
N LEU A 179 29.90 -19.54 45.67
CA LEU A 179 30.76 -18.55 46.34
C LEU A 179 30.03 -17.93 47.51
N ASP A 180 28.96 -18.60 47.94
CA ASP A 180 28.16 -18.13 49.08
C ASP A 180 27.87 -19.26 50.05
N PHE A 181 28.93 -19.80 50.65
CA PHE A 181 28.77 -20.90 51.60
C PHE A 181 27.92 -20.47 52.79
N ASN A 182 28.20 -19.28 53.34
CA ASN A 182 27.46 -18.76 54.48
C ASN A 182 26.85 -17.40 54.15
N ILE A 183 27.35 -16.78 53.08
CA ILE A 183 26.83 -15.48 52.66
C ILE A 183 25.37 -15.57 52.25
N SER A 184 25.03 -16.62 51.52
CA SER A 184 23.66 -16.82 51.08
C SER A 184 22.70 -16.67 52.25
N LEU A 185 23.20 -16.90 53.45
CA LEU A 185 22.37 -16.80 54.65
C LEU A 185 21.83 -15.38 54.79
N ALA A 186 22.71 -14.40 54.62
CA ALA A 186 22.30 -13.00 54.72
C ALA A 186 21.34 -12.63 53.60
N MET A 187 21.63 -13.12 52.40
CA MET A 187 20.80 -12.84 51.24
C MET A 187 19.42 -13.48 51.41
N ALA A 188 19.40 -14.68 51.99
CA ALA A 188 18.16 -15.40 52.21
C ALA A 188 17.22 -14.61 53.12
N LYS A 189 17.79 -13.89 54.08
CA LYS A 189 16.99 -13.11 55.01
C LYS A 189 16.14 -12.07 54.25
N GLU A 190 16.77 -11.37 53.32
CA GLU A 190 16.05 -10.36 52.54
C GLU A 190 15.03 -11.03 51.61
N ARG A 191 15.45 -12.12 50.98
CA ARG A 191 14.58 -12.85 50.07
C ARG A 191 13.40 -13.46 50.83
N ALA A 192 13.66 -13.88 52.05
CA ALA A 192 12.62 -14.49 52.88
C ALA A 192 11.45 -13.53 53.07
N HIS A 193 11.76 -12.24 53.18
CA HIS A 193 10.72 -11.23 53.38
C HIS A 193 9.77 -11.18 52.18
N GLN A 194 10.33 -11.22 50.97
CA GLN A 194 9.53 -11.17 49.77
C GLN A 194 8.89 -12.53 49.48
N LYS A 195 7.62 -12.51 49.10
CA LYS A 195 6.90 -13.75 48.82
C LYS A 195 7.51 -14.47 47.61
N ARG A 196 7.09 -14.05 46.42
CA ARG A 196 7.60 -14.65 45.19
C ARG A 196 7.02 -13.94 43.96
N SER A 197 7.14 -12.61 43.95
CA SER A 197 6.62 -11.82 42.84
C SER A 197 7.53 -11.95 41.62
N SER A 198 6.98 -11.66 40.45
CA SER A 198 7.76 -11.75 39.21
C SER A 198 8.67 -10.53 39.06
N LYS A 199 9.73 -10.68 38.27
CA LYS A 199 10.68 -9.60 38.04
C LYS A 199 10.37 -8.87 36.72
N ARG A 200 9.31 -9.34 36.04
CA ARG A 200 8.91 -8.73 34.78
C ARG A 200 8.46 -7.28 35.01
N ALA A 201 8.92 -6.37 34.14
CA ALA A 201 8.55 -4.96 34.25
C ALA A 201 9.10 -4.17 33.06
N PRO A 202 8.76 -4.54 31.83
CA PRO A 202 9.28 -3.83 30.60
C PRO A 202 8.93 -2.34 30.53
N GLN A 203 9.89 -1.57 29.99
CA GLN A 203 9.76 -0.12 29.85
C GLN A 203 10.29 0.34 28.47
N MET A 204 9.73 1.45 27.96
CA MET A 204 10.18 2.00 26.68
C MET A 204 10.19 3.54 26.73
N ASP A 205 11.21 4.15 26.12
CA ASP A 205 11.33 5.61 26.11
C ASP A 205 10.74 6.19 24.82
N TRP A 206 9.62 6.89 24.96
CA TRP A 206 8.96 7.50 23.80
C TRP A 206 8.10 8.67 24.24
N SER A 207 8.49 9.87 23.84
CA SER A 207 7.74 11.08 24.19
C SER A 207 8.10 12.22 23.26
N LYS A 208 7.47 13.38 23.49
CA LYS A 208 7.72 14.56 22.66
C LYS A 208 7.48 14.25 21.19
N LYS A 209 7.80 15.21 20.32
CA LYS A 209 7.62 15.02 18.89
C LYS A 209 8.75 14.17 18.31
N ASN A 210 9.91 14.78 18.13
CA ASN A 210 11.06 14.07 17.58
C ASN A 210 10.74 13.51 16.19
N GLU A 211 9.98 14.28 15.41
CA GLU A 211 9.60 13.88 14.06
C GLU A 211 9.89 15.00 13.07
N LEU A 212 10.60 14.65 11.99
CA LEU A 212 10.95 15.64 10.96
C LEU A 212 9.83 15.73 9.93
N PHE A 213 8.80 14.89 10.09
CA PHE A 213 7.67 14.88 9.17
C PHE A 213 6.50 15.66 9.75
N SER A 214 5.72 16.30 8.88
CA SER A 214 4.56 17.07 9.32
C SER A 214 3.55 16.16 10.01
N ASN A 215 3.36 14.96 9.45
CA ASN A 215 2.41 14.01 10.03
C ASN A 215 1.04 14.66 10.22
N LEU A 216 0.25 14.68 9.16
CA LEU A 216 -1.09 15.27 9.23
C LEU A 216 -1.79 14.87 10.53
N GLY A 1 -25.46 -19.32 -14.02
CA GLY A 1 -24.40 -19.13 -12.99
C GLY A 1 -23.42 -18.07 -13.45
N ILE A 2 -22.77 -17.41 -12.48
CA ILE A 2 -21.80 -16.35 -12.79
C ILE A 2 -20.54 -16.56 -11.95
N ASP A 3 -19.38 -16.38 -12.57
CA ASP A 3 -18.11 -16.55 -11.87
C ASP A 3 -18.05 -15.60 -10.66
N PRO A 4 -18.05 -16.10 -9.44
CA PRO A 4 -18.00 -15.23 -8.23
C PRO A 4 -16.59 -14.69 -7.98
N PHE A 5 -15.61 -15.31 -8.64
CA PHE A 5 -14.22 -14.89 -8.48
C PHE A 5 -13.98 -13.51 -9.07
N THR A 6 -14.64 -13.23 -10.18
CA THR A 6 -14.47 -11.94 -10.84
C THR A 6 -14.84 -10.78 -9.91
N MET A 7 -15.61 -11.08 -8.86
CA MET A 7 -16.04 -10.06 -7.91
C MET A 7 -14.84 -9.47 -7.18
N LEU A 8 -13.91 -10.33 -6.83
CA LEU A 8 -12.72 -9.90 -6.11
C LEU A 8 -11.97 -8.86 -6.94
N ARG A 9 -11.97 -7.62 -6.47
CA ARG A 9 -11.27 -6.56 -7.19
C ARG A 9 -11.04 -5.35 -6.29
N PRO A 10 -9.94 -4.62 -6.46
CA PRO A 10 -9.66 -3.42 -5.61
C PRO A 10 -10.83 -2.44 -5.60
N ARG A 11 -10.73 -1.43 -4.73
CA ARG A 11 -11.77 -0.41 -4.62
C ARG A 11 -11.13 0.97 -4.53
N LEU A 12 -11.60 1.90 -5.37
CA LEU A 12 -11.06 3.26 -5.36
C LEU A 12 -11.85 4.13 -4.38
N CYS A 13 -11.11 4.84 -3.53
CA CYS A 13 -11.72 5.73 -2.54
C CYS A 13 -11.34 7.17 -2.84
N THR A 14 -12.29 7.95 -3.34
CA THR A 14 -12.04 9.34 -3.67
C THR A 14 -12.54 10.23 -2.54
N MET A 15 -11.63 11.00 -1.95
CA MET A 15 -11.99 11.88 -0.84
C MET A 15 -11.40 13.27 -1.06
N LYS A 16 -12.11 14.29 -0.58
CA LYS A 16 -11.67 15.68 -0.72
C LYS A 16 -11.23 16.24 0.62
N LYS A 17 -10.05 16.86 0.64
CA LYS A 17 -9.52 17.42 1.88
C LYS A 17 -10.22 18.73 2.22
N GLY A 18 -10.48 18.94 3.52
CA GLY A 18 -11.14 20.14 3.99
C GLY A 18 -10.12 21.08 4.67
N PRO A 19 -10.51 21.76 5.73
CA PRO A 19 -9.60 22.70 6.45
C PRO A 19 -8.68 21.97 7.42
N SER A 20 -8.98 20.69 7.69
CA SER A 20 -8.18 19.88 8.61
C SER A 20 -7.58 18.68 7.90
N GLY A 21 -7.73 18.62 6.58
CA GLY A 21 -7.19 17.51 5.80
C GLY A 21 -8.28 16.48 5.50
N TYR A 22 -7.89 15.36 4.90
CA TYR A 22 -8.82 14.30 4.55
C TYR A 22 -9.50 13.73 5.80
N GLY A 23 -8.71 13.51 6.86
CA GLY A 23 -9.23 12.97 8.11
C GLY A 23 -9.08 11.46 8.17
N PHE A 24 -7.85 10.98 8.07
CA PHE A 24 -7.58 9.54 8.13
C PHE A 24 -6.18 9.29 8.71
N ASN A 25 -6.01 8.15 9.38
CA ASN A 25 -4.72 7.80 9.99
C ASN A 25 -4.07 6.62 9.29
N LEU A 26 -2.73 6.62 9.29
CA LEU A 26 -1.95 5.54 8.67
C LEU A 26 -1.04 4.88 9.70
N HIS A 27 -0.86 3.57 9.58
CA HIS A 27 -0.02 2.84 10.52
C HIS A 27 1.46 3.16 10.28
N SER A 28 2.32 2.67 11.18
CA SER A 28 3.76 2.91 11.07
C SER A 28 4.55 1.62 11.26
N ASP A 29 5.12 1.12 10.16
CA ASP A 29 5.90 -0.12 10.20
C ASP A 29 7.02 -0.08 9.16
N LYS A 30 8.11 0.60 9.51
CA LYS A 30 9.25 0.70 8.60
C LYS A 30 9.85 -0.69 8.34
N SER A 31 9.92 -1.50 9.39
CA SER A 31 10.48 -2.84 9.28
C SER A 31 9.68 -3.68 8.29
N LYS A 32 8.36 -3.59 8.35
CA LYS A 32 7.48 -4.36 7.45
C LYS A 32 7.07 -3.48 6.25
N PRO A 33 7.12 -3.98 5.03
CA PRO A 33 6.74 -3.19 3.83
C PRO A 33 5.23 -2.97 3.73
N GLY A 34 4.84 -1.90 3.02
CA GLY A 34 3.43 -1.58 2.83
C GLY A 34 2.90 -0.70 3.95
N GLN A 35 1.66 -0.23 3.78
CA GLN A 35 1.00 0.62 4.78
C GLN A 35 -0.44 0.17 4.97
N PHE A 36 -0.96 0.39 6.18
CA PHE A 36 -2.33 -0.01 6.51
C PHE A 36 -3.05 1.13 7.22
N ILE A 37 -4.39 1.14 7.13
CA ILE A 37 -5.16 2.19 7.78
C ILE A 37 -5.28 1.91 9.28
N ARG A 38 -4.72 2.80 10.09
CA ARG A 38 -4.78 2.64 11.54
C ARG A 38 -6.19 2.89 12.05
N SER A 39 -6.80 3.96 11.56
CA SER A 39 -8.16 4.29 11.97
C SER A 39 -8.74 5.36 11.05
N VAL A 40 -10.05 5.55 11.11
CA VAL A 40 -10.73 6.56 10.30
C VAL A 40 -11.51 7.52 11.19
N ASP A 41 -11.31 8.81 10.96
CA ASP A 41 -12.02 9.83 11.74
C ASP A 41 -13.51 9.86 11.35
N PRO A 42 -14.43 9.62 12.26
CA PRO A 42 -15.88 9.64 11.91
C PRO A 42 -16.31 10.96 11.27
N ASP A 43 -17.33 10.88 10.41
CA ASP A 43 -17.83 12.07 9.71
C ASP A 43 -16.75 12.70 8.84
N SER A 44 -15.88 11.83 8.30
CA SER A 44 -14.79 12.28 7.43
C SER A 44 -15.06 11.82 6.00
N PRO A 45 -14.60 12.55 5.00
CA PRO A 45 -14.82 12.16 3.58
C PRO A 45 -14.19 10.82 3.24
N ALA A 46 -13.13 10.45 3.96
CA ALA A 46 -12.46 9.18 3.72
C ALA A 46 -13.43 8.02 4.02
N GLU A 47 -14.17 8.17 5.11
CA GLU A 47 -15.13 7.14 5.50
C GLU A 47 -16.22 7.00 4.44
N ALA A 48 -16.68 8.14 3.92
CA ALA A 48 -17.73 8.14 2.91
C ALA A 48 -17.16 7.76 1.55
N SER A 49 -15.84 7.80 1.42
CA SER A 49 -15.18 7.45 0.16
C SER A 49 -14.95 5.95 0.07
N GLY A 50 -15.31 5.23 1.13
CA GLY A 50 -15.14 3.78 1.16
C GLY A 50 -13.83 3.40 1.83
N LEU A 51 -13.24 4.35 2.56
CA LEU A 51 -11.97 4.10 3.26
C LEU A 51 -12.28 3.64 4.69
N ARG A 52 -11.87 2.42 5.02
CA ARG A 52 -12.12 1.85 6.34
C ARG A 52 -10.80 1.42 6.98
N ALA A 53 -10.81 1.27 8.31
CA ALA A 53 -9.63 0.87 9.05
C ALA A 53 -9.06 -0.46 8.53
N GLN A 54 -9.95 -1.31 8.00
CA GLN A 54 -9.54 -2.61 7.48
C GLN A 54 -9.25 -2.53 5.98
N ASP A 55 -8.26 -1.71 5.61
CA ASP A 55 -7.88 -1.54 4.21
C ASP A 55 -6.37 -1.39 4.08
N ARG A 56 -5.85 -1.61 2.88
CA ARG A 56 -4.41 -1.50 2.62
C ARG A 56 -4.17 -0.64 1.39
N ILE A 57 -3.34 0.38 1.53
CA ILE A 57 -3.05 1.26 0.40
C ILE A 57 -1.99 0.65 -0.49
N VAL A 58 -2.32 0.45 -1.77
CA VAL A 58 -1.36 -0.13 -2.72
C VAL A 58 -0.99 0.90 -3.78
N GLU A 59 -1.98 1.66 -4.26
CA GLU A 59 -1.74 2.70 -5.27
C GLU A 59 -2.44 3.99 -4.91
N VAL A 60 -1.79 5.11 -5.24
CA VAL A 60 -2.36 6.43 -4.96
C VAL A 60 -2.37 7.25 -6.24
N ASN A 61 -3.55 7.73 -6.64
CA ASN A 61 -3.65 8.52 -7.85
C ASN A 61 -2.90 7.87 -9.00
N GLY A 62 -2.87 6.54 -9.02
CA GLY A 62 -2.18 5.80 -10.07
C GLY A 62 -0.67 5.71 -9.83
N VAL A 63 -0.25 5.87 -8.58
CA VAL A 63 1.18 5.80 -8.23
C VAL A 63 1.42 4.60 -7.31
N CYS A 64 2.41 3.78 -7.65
CA CYS A 64 2.70 2.59 -6.84
C CYS A 64 3.45 2.94 -5.57
N MET A 65 2.93 2.42 -4.44
CA MET A 65 3.53 2.65 -3.13
C MET A 65 4.34 1.43 -2.69
N GLU A 66 3.65 0.46 -2.10
CA GLU A 66 4.29 -0.77 -1.62
C GLU A 66 5.74 -0.53 -1.17
N GLY A 67 6.69 -0.99 -1.98
CA GLY A 67 8.10 -0.82 -1.64
C GLY A 67 8.54 0.64 -1.81
N LYS A 68 7.87 1.53 -1.09
CA LYS A 68 8.18 2.97 -1.16
C LYS A 68 8.22 3.56 0.24
N GLN A 69 9.09 4.55 0.43
CA GLN A 69 9.22 5.19 1.74
C GLN A 69 7.85 5.58 2.27
N HIS A 70 7.80 5.87 3.57
CA HIS A 70 6.54 6.25 4.19
C HIS A 70 6.13 7.65 3.74
N GLY A 71 7.12 8.44 3.32
CA GLY A 71 6.87 9.80 2.87
C GLY A 71 6.29 9.81 1.46
N ASP A 72 6.43 8.69 0.76
CA ASP A 72 5.93 8.59 -0.60
C ASP A 72 4.40 8.70 -0.66
N VAL A 73 3.72 8.14 0.34
CA VAL A 73 2.26 8.17 0.35
C VAL A 73 1.73 9.60 0.40
N VAL A 74 2.28 10.41 1.29
CA VAL A 74 1.84 11.79 1.39
C VAL A 74 2.21 12.56 0.13
N SER A 75 3.35 12.22 -0.42
CA SER A 75 3.82 12.87 -1.64
C SER A 75 2.83 12.64 -2.78
N ALA A 76 2.34 11.40 -2.90
CA ALA A 76 1.37 11.08 -3.94
C ALA A 76 0.04 11.79 -3.68
N ILE A 77 -0.35 11.85 -2.41
CA ILE A 77 -1.60 12.51 -2.03
C ILE A 77 -1.55 14.00 -2.36
N ARG A 78 -0.42 14.64 -2.06
CA ARG A 78 -0.28 16.06 -2.34
C ARG A 78 -0.36 16.32 -3.84
N ALA A 79 0.17 15.40 -4.62
CA ALA A 79 0.16 15.54 -6.08
C ALA A 79 -1.27 15.62 -6.58
N GLY A 80 -2.19 14.91 -5.93
CA GLY A 80 -3.59 14.92 -6.33
C GLY A 80 -4.16 16.32 -6.23
N GLY A 81 -3.71 17.08 -5.23
CA GLY A 81 -4.19 18.45 -5.03
C GLY A 81 -5.21 18.51 -3.89
N ASP A 82 -6.30 19.22 -4.15
CA ASP A 82 -7.36 19.38 -3.15
C ASP A 82 -8.07 18.06 -2.89
N GLU A 83 -7.87 17.10 -3.80
CA GLU A 83 -8.52 15.79 -3.68
C GLU A 83 -7.50 14.68 -3.93
N THR A 84 -7.86 13.45 -3.56
CA THR A 84 -6.96 12.31 -3.75
C THR A 84 -7.74 11.02 -3.94
N LYS A 85 -7.07 10.00 -4.49
CA LYS A 85 -7.69 8.69 -4.72
C LYS A 85 -6.79 7.58 -4.17
N LEU A 86 -7.36 6.74 -3.31
CA LEU A 86 -6.62 5.64 -2.71
C LEU A 86 -7.17 4.29 -3.18
N LEU A 87 -6.28 3.38 -3.59
CA LEU A 87 -6.70 2.06 -4.05
C LEU A 87 -6.50 1.05 -2.92
N VAL A 88 -7.57 0.33 -2.57
CA VAL A 88 -7.50 -0.67 -1.50
C VAL A 88 -8.15 -1.97 -1.95
N VAL A 89 -7.89 -3.04 -1.20
CA VAL A 89 -8.45 -4.36 -1.52
C VAL A 89 -9.21 -4.93 -0.33
N ASP A 90 -10.12 -5.86 -0.61
CA ASP A 90 -10.90 -6.50 0.44
C ASP A 90 -10.09 -7.61 1.10
N ARG A 91 -10.62 -8.18 2.17
CA ARG A 91 -9.90 -9.24 2.86
C ARG A 91 -9.71 -10.44 1.94
N GLU A 92 -10.75 -10.80 1.18
CA GLU A 92 -10.64 -11.91 0.24
C GLU A 92 -9.74 -11.52 -0.93
N THR A 93 -9.92 -10.30 -1.42
CA THR A 93 -9.15 -9.80 -2.55
C THR A 93 -7.67 -9.72 -2.21
N ASP A 94 -7.36 -9.23 -1.02
CA ASP A 94 -5.97 -9.08 -0.60
C ASP A 94 -5.23 -10.41 -0.68
N GLU A 95 -5.82 -11.45 -0.08
CA GLU A 95 -5.21 -12.77 -0.10
C GLU A 95 -5.29 -13.39 -1.49
N PHE A 96 -6.34 -13.06 -2.23
CA PHE A 96 -6.52 -13.62 -3.56
C PHE A 96 -5.36 -13.23 -4.47
N PHE A 97 -4.98 -11.97 -4.46
CA PHE A 97 -3.89 -11.48 -5.30
C PHE A 97 -2.53 -11.97 -4.79
N LYS A 98 -2.32 -11.97 -3.47
CA LYS A 98 -1.03 -12.37 -2.92
C LYS A 98 -0.67 -13.82 -3.29
N LYS A 99 -1.63 -14.73 -3.18
CA LYS A 99 -1.35 -16.12 -3.51
C LYS A 99 -1.13 -16.27 -5.01
N CYS A 100 -1.63 -15.29 -5.77
CA CYS A 100 -1.49 -15.29 -7.23
C CYS A 100 -0.19 -14.60 -7.63
N ARG A 101 0.50 -14.02 -6.64
CA ARG A 101 1.76 -13.33 -6.90
C ARG A 101 1.56 -12.21 -7.91
N VAL A 102 0.57 -11.36 -7.67
CA VAL A 102 0.28 -10.23 -8.57
C VAL A 102 0.24 -8.93 -7.78
N ILE A 103 0.43 -7.80 -8.46
CA ILE A 103 0.42 -6.49 -7.80
C ILE A 103 -0.87 -5.71 -8.16
N PRO A 104 -1.89 -5.68 -7.31
CA PRO A 104 -3.16 -4.94 -7.62
C PRO A 104 -2.91 -3.62 -8.35
N SER A 105 -3.87 -3.27 -9.21
CA SER A 105 -3.80 -2.04 -10.02
C SER A 105 -5.21 -1.56 -10.38
N GLN A 106 -5.30 -0.35 -10.93
CA GLN A 106 -6.59 0.21 -11.29
C GLN A 106 -7.28 -0.56 -12.42
N GLU A 107 -6.50 -1.09 -13.35
CA GLU A 107 -7.08 -1.85 -14.46
C GLU A 107 -7.95 -2.99 -13.94
N HIS A 108 -7.65 -3.44 -12.73
CA HIS A 108 -8.42 -4.53 -12.13
C HIS A 108 -9.84 -4.10 -11.79
N LEU A 109 -10.03 -2.81 -11.62
CA LEU A 109 -11.34 -2.27 -11.29
C LEU A 109 -12.31 -2.57 -12.43
N ASN A 110 -11.82 -2.40 -13.65
CA ASN A 110 -12.63 -2.65 -14.85
C ASN A 110 -12.06 -3.83 -15.64
N GLY A 111 -12.88 -4.42 -16.50
CA GLY A 111 -12.42 -5.55 -17.31
C GLY A 111 -12.16 -6.78 -16.44
N PRO A 112 -11.79 -7.88 -17.07
CA PRO A 112 -11.52 -9.17 -16.35
C PRO A 112 -10.29 -9.12 -15.43
N LEU A 113 -10.32 -9.99 -14.41
CA LEU A 113 -9.25 -10.13 -13.41
C LEU A 113 -7.94 -10.69 -14.03
N PRO A 114 -6.83 -10.73 -13.29
CA PRO A 114 -5.49 -11.23 -13.80
C PRO A 114 -5.49 -12.70 -14.24
N VAL A 115 -4.28 -13.26 -14.23
CA VAL A 115 -4.05 -14.66 -14.63
C VAL A 115 -5.22 -15.56 -14.22
N PRO A 116 -5.48 -16.61 -14.97
CA PRO A 116 -6.57 -17.57 -14.65
C PRO A 116 -6.29 -18.36 -13.39
N PHE A 117 -7.34 -18.67 -12.67
CA PHE A 117 -7.22 -19.42 -11.44
C PHE A 117 -6.60 -20.80 -11.72
N THR A 118 -7.06 -21.42 -12.79
CA THR A 118 -6.56 -22.75 -13.18
C THR A 118 -6.11 -22.72 -14.64
N ASN A 119 -5.30 -23.71 -15.02
CA ASN A 119 -4.79 -23.78 -16.38
C ASN A 119 -5.94 -23.95 -17.38
N GLY A 120 -6.90 -24.79 -17.03
CA GLY A 120 -8.04 -25.04 -17.90
C GLY A 120 -7.66 -25.99 -19.03
N GLU A 121 -6.51 -26.63 -18.89
CA GLU A 121 -6.03 -27.57 -19.90
C GLU A 121 -6.18 -26.97 -21.30
N ILE A 122 -5.96 -27.80 -22.32
CA ILE A 122 -6.06 -27.35 -23.71
C ILE A 122 -7.39 -27.78 -24.31
N GLN A 123 -7.97 -26.91 -25.14
CA GLN A 123 -9.24 -27.21 -25.78
C GLN A 123 -10.26 -27.67 -24.75
N LYS A 124 -10.96 -26.72 -24.14
CA LYS A 124 -11.97 -27.03 -23.13
C LYS A 124 -13.21 -26.17 -23.34
N GLU A 125 -14.38 -26.75 -23.13
CA GLU A 125 -15.62 -26.03 -23.30
C GLU A 125 -15.72 -24.87 -22.32
N ASN A 126 -15.24 -25.10 -21.10
CA ASN A 126 -15.27 -24.06 -20.07
C ASN A 126 -14.40 -22.87 -20.48
N SER A 127 -13.23 -23.17 -21.03
CA SER A 127 -12.30 -22.12 -21.46
C SER A 127 -12.79 -21.48 -22.76
N ARG A 128 -12.64 -20.16 -22.86
CA ARG A 128 -13.07 -19.46 -24.07
C ARG A 128 -12.50 -18.04 -24.09
N GLU A 129 -12.09 -17.56 -22.92
CA GLU A 129 -11.53 -16.22 -22.79
C GLU A 129 -10.00 -16.28 -22.71
N ALA A 130 -9.35 -15.62 -23.65
CA ALA A 130 -7.89 -15.60 -23.68
C ALA A 130 -7.38 -14.53 -24.64
N LEU A 131 -7.38 -13.29 -24.17
CA LEU A 131 -6.92 -12.16 -24.99
C LEU A 131 -5.58 -11.64 -24.45
N ALA A 132 -4.55 -11.68 -25.30
CA ALA A 132 -3.23 -11.22 -24.90
C ALA A 132 -3.18 -9.70 -24.80
N GLU A 133 -2.43 -9.21 -23.83
CA GLU A 133 -2.30 -7.77 -23.63
C GLU A 133 -1.08 -7.46 -22.77
N ALA A 134 -0.21 -6.57 -23.27
CA ALA A 134 1.00 -6.20 -22.54
C ALA A 134 1.46 -4.80 -22.93
N ALA A 135 1.97 -4.05 -21.96
CA ALA A 135 2.44 -2.70 -22.22
C ALA A 135 3.75 -2.73 -22.99
N LEU A 136 3.93 -1.76 -23.87
CA LEU A 136 5.16 -1.69 -24.67
C LEU A 136 6.36 -1.44 -23.78
N GLU A 137 6.18 -0.58 -22.78
CA GLU A 137 7.25 -0.26 -21.85
C GLU A 137 8.52 0.10 -22.62
N SER A 138 8.57 1.33 -23.11
CA SER A 138 9.73 1.79 -23.88
C SER A 138 10.90 2.12 -22.94
N PRO A 139 12.06 2.44 -23.48
CA PRO A 139 13.25 2.78 -22.65
C PRO A 139 12.94 3.87 -21.61
N ARG A 140 12.18 4.87 -22.03
CA ARG A 140 11.82 5.96 -21.14
C ARG A 140 13.05 6.55 -20.46
N PRO A 141 13.90 7.23 -21.21
CA PRO A 141 15.14 7.84 -20.66
C PRO A 141 14.86 9.11 -19.86
N ALA A 142 15.70 9.37 -18.87
CA ALA A 142 15.56 10.56 -18.04
C ALA A 142 16.72 10.68 -17.06
N LEU A 143 17.63 11.63 -17.32
CA LEU A 143 18.79 11.84 -16.46
C LEU A 143 18.67 13.17 -15.73
N VAL A 144 18.75 13.11 -14.40
CA VAL A 144 18.66 14.31 -13.57
C VAL A 144 19.45 14.12 -12.28
N ARG A 145 20.46 14.94 -12.09
CA ARG A 145 21.31 14.88 -10.89
C ARG A 145 20.83 15.89 -9.84
N SER A 146 20.88 15.50 -8.58
CA SER A 146 20.46 16.38 -7.50
C SER A 146 21.48 17.50 -7.30
N ALA A 147 20.99 18.68 -6.92
CA ALA A 147 21.88 19.82 -6.70
C ALA A 147 22.77 19.59 -5.49
N SER A 148 24.04 19.97 -5.61
CA SER A 148 25.00 19.81 -4.52
C SER A 148 25.36 21.16 -3.93
N SER A 149 24.76 22.22 -4.46
CA SER A 149 25.02 23.57 -3.98
C SER A 149 24.64 23.69 -2.51
N ASP A 150 23.60 22.96 -2.10
CA ASP A 150 23.15 23.00 -0.72
C ASP A 150 23.97 22.05 0.13
N THR A 151 24.98 22.59 0.80
CA THR A 151 25.85 21.78 1.67
C THR A 151 25.06 21.24 2.85
N SER A 152 24.22 22.09 3.44
CA SER A 152 23.41 21.69 4.58
C SER A 152 22.26 20.79 4.13
N GLU A 153 21.70 20.04 5.08
CA GLU A 153 20.59 19.15 4.78
C GLU A 153 19.94 18.65 6.06
N GLU A 154 19.86 19.53 7.06
CA GLU A 154 19.27 19.19 8.34
C GLU A 154 18.40 20.33 8.87
N LEU A 155 17.40 20.00 9.68
CA LEU A 155 16.51 21.01 10.24
C LEU A 155 17.22 21.78 11.34
N ASN A 156 16.88 23.07 11.47
CA ASN A 156 17.50 23.91 12.48
C ASN A 156 16.99 23.55 13.87
N SER A 157 17.90 23.46 14.83
CA SER A 157 17.54 23.12 16.20
C SER A 157 16.66 24.21 16.81
N GLN A 158 16.98 25.47 16.51
CA GLN A 158 16.21 26.61 17.03
C GLN A 158 15.00 26.91 16.14
N ASP A 159 13.83 27.07 16.76
CA ASP A 159 12.60 27.35 16.01
C ASP A 159 11.57 28.04 16.90
N SER A 160 10.63 28.78 16.29
CA SER A 160 9.60 29.47 17.07
C SER A 160 8.46 29.99 16.16
N PRO A 161 7.21 29.98 16.64
CA PRO A 161 6.00 30.46 15.86
C PRO A 161 6.17 31.78 15.06
N PRO A 162 6.17 31.76 13.71
CA PRO A 162 6.27 33.05 12.91
C PRO A 162 5.16 34.06 13.25
N LYS A 163 5.54 35.29 13.59
CA LYS A 163 4.55 36.33 13.88
C LYS A 163 3.93 36.82 12.58
N GLN A 164 4.79 37.06 11.59
CA GLN A 164 4.34 37.53 10.28
C GLN A 164 3.97 36.34 9.39
N ASP A 165 2.79 36.41 8.80
CA ASP A 165 2.32 35.33 7.93
C ASP A 165 2.87 35.50 6.51
N SER A 166 2.72 34.47 5.69
CA SER A 166 3.20 34.52 4.31
C SER A 166 2.39 35.52 3.49
N THR A 167 3.07 36.29 2.65
CA THR A 167 2.41 37.29 1.80
C THR A 167 1.89 36.64 0.51
N ALA A 168 1.08 37.39 -0.24
CA ALA A 168 0.51 36.89 -1.49
C ALA A 168 1.62 36.54 -2.50
N PRO A 169 1.55 35.42 -3.22
CA PRO A 169 2.62 35.06 -4.20
C PRO A 169 2.76 36.09 -5.32
N SER A 170 3.98 36.59 -5.51
CA SER A 170 4.25 37.55 -6.58
C SER A 170 4.11 36.89 -7.95
N SER A 171 4.64 35.67 -8.07
CA SER A 171 4.61 34.93 -9.33
C SER A 171 5.30 35.69 -10.44
N THR A 172 6.55 36.07 -10.19
CA THR A 172 7.33 36.81 -11.19
C THR A 172 7.88 35.87 -12.26
N SER A 173 8.34 36.44 -13.36
CA SER A 173 8.88 35.65 -14.45
C SER A 173 7.90 34.56 -14.87
N SER A 174 8.43 33.44 -15.32
CA SER A 174 7.59 32.33 -15.75
C SER A 174 6.59 32.78 -16.82
N SER A 175 5.48 33.37 -16.37
CA SER A 175 4.46 33.85 -17.30
C SER A 175 4.85 35.18 -17.94
N ASP A 176 4.56 35.29 -19.23
CA ASP A 176 4.86 36.49 -20.05
C ASP A 176 5.58 37.61 -19.29
N PRO A 177 6.87 37.46 -18.98
CA PRO A 177 7.65 38.53 -18.26
C PRO A 177 7.52 39.93 -18.88
N ILE A 178 7.50 40.94 -18.01
CA ILE A 178 7.47 42.35 -18.41
C ILE A 178 8.85 42.93 -18.14
N LEU A 179 9.72 42.08 -17.59
CA LEU A 179 11.08 42.46 -17.26
C LEU A 179 11.92 42.66 -18.52
N ASP A 180 12.84 43.60 -18.47
CA ASP A 180 13.71 43.87 -19.62
C ASP A 180 14.75 42.77 -19.76
N PHE A 181 15.07 42.42 -21.01
CA PHE A 181 16.07 41.39 -21.29
C PHE A 181 17.19 41.95 -22.17
N ASN A 182 17.16 43.26 -22.39
CA ASN A 182 18.17 43.91 -23.23
C ASN A 182 18.51 45.30 -22.69
N ILE A 183 17.49 46.05 -22.29
CA ILE A 183 17.70 47.39 -21.76
C ILE A 183 18.52 47.34 -20.47
N SER A 184 18.19 46.39 -19.60
CA SER A 184 18.90 46.24 -18.34
C SER A 184 20.38 45.97 -18.60
N LEU A 185 20.67 45.23 -19.66
CA LEU A 185 22.05 44.91 -19.99
C LEU A 185 22.83 46.18 -20.26
N ALA A 186 22.24 47.09 -21.05
CA ALA A 186 22.90 48.35 -21.37
C ALA A 186 23.07 49.20 -20.12
N MET A 187 22.05 49.22 -19.28
CA MET A 187 22.10 50.00 -18.04
C MET A 187 23.01 49.33 -17.03
N ALA A 188 23.42 48.09 -17.31
CA ALA A 188 24.28 47.35 -16.41
C ALA A 188 25.61 48.09 -16.20
N LYS A 189 26.14 48.65 -17.27
CA LYS A 189 27.40 49.38 -17.20
C LYS A 189 27.26 50.61 -16.29
N GLU A 190 26.15 51.31 -16.43
CA GLU A 190 25.92 52.52 -15.63
C GLU A 190 25.82 52.16 -14.14
N ARG A 191 25.21 51.01 -13.85
CA ARG A 191 25.06 50.57 -12.47
C ARG A 191 26.42 50.34 -11.83
N ALA A 192 27.33 49.71 -12.56
CA ALA A 192 28.67 49.42 -12.05
C ALA A 192 29.44 50.72 -11.83
N HIS A 193 29.38 51.61 -12.81
CA HIS A 193 30.08 52.90 -12.72
C HIS A 193 29.48 53.77 -11.62
N GLN A 194 28.16 53.77 -11.51
CA GLN A 194 27.48 54.57 -10.50
C GLN A 194 27.87 54.12 -9.10
N LYS A 195 28.12 52.82 -8.95
CA LYS A 195 28.51 52.26 -7.66
C LYS A 195 27.42 52.50 -6.62
N ARG A 196 27.29 51.58 -5.67
CA ARG A 196 26.29 51.70 -4.62
C ARG A 196 24.88 51.68 -5.24
N SER A 197 24.62 50.67 -6.06
CA SER A 197 23.32 50.55 -6.71
C SER A 197 23.05 49.09 -7.08
N SER A 198 21.77 48.74 -7.13
CA SER A 198 21.39 47.36 -7.47
C SER A 198 19.87 47.21 -7.48
N LYS A 199 19.17 48.21 -6.96
CA LYS A 199 17.71 48.17 -6.92
C LYS A 199 17.24 46.88 -6.25
N ARG A 200 16.79 47.01 -5.00
CA ARG A 200 16.31 45.86 -4.24
C ARG A 200 14.90 45.47 -4.69
N ALA A 201 14.55 44.19 -4.57
CA ALA A 201 13.22 43.74 -4.96
C ALA A 201 12.86 42.37 -4.34
N PRO A 202 11.60 42.12 -4.02
CA PRO A 202 11.15 40.81 -3.40
C PRO A 202 11.55 39.56 -4.18
N GLN A 203 11.75 38.46 -3.43
CA GLN A 203 12.10 37.16 -3.99
C GLN A 203 12.23 36.11 -2.89
N MET A 204 12.04 36.53 -1.63
CA MET A 204 12.14 35.61 -0.50
C MET A 204 11.07 34.52 -0.59
N ASP A 205 9.82 34.93 -0.83
CA ASP A 205 8.72 33.98 -0.93
C ASP A 205 8.74 32.99 0.24
N TRP A 206 8.84 33.52 1.45
CA TRP A 206 8.87 32.67 2.64
C TRP A 206 7.59 31.83 2.73
N SER A 207 7.67 30.60 2.24
CA SER A 207 6.52 29.70 2.28
C SER A 207 6.35 29.10 3.67
N LYS A 208 5.16 28.60 3.95
CA LYS A 208 4.88 27.99 5.25
C LYS A 208 5.65 26.69 5.41
N LYS A 209 6.04 26.39 6.65
CA LYS A 209 6.80 25.18 6.93
C LYS A 209 5.92 23.94 6.72
N ASN A 210 6.50 22.93 6.08
CA ASN A 210 5.77 21.69 5.81
C ASN A 210 5.86 20.75 7.01
N GLU A 211 6.68 21.12 7.99
CA GLU A 211 6.85 20.31 9.19
C GLU A 211 5.52 20.11 9.89
N LEU A 212 5.08 21.14 10.62
CA LEU A 212 3.81 21.09 11.35
C LEU A 212 2.83 22.11 10.79
N PHE A 213 1.65 21.63 10.39
CA PHE A 213 0.62 22.51 9.84
C PHE A 213 -0.76 21.92 10.09
N SER A 214 -1.77 22.80 10.15
CA SER A 214 -3.14 22.35 10.39
C SER A 214 -3.18 21.30 11.51
N ASN A 215 -4.34 20.68 11.69
CA ASN A 215 -4.51 19.66 12.72
C ASN A 215 -4.35 18.26 12.11
N LEU A 216 -3.98 18.21 10.84
CA LEU A 216 -3.80 16.94 10.16
C LEU A 216 -2.91 16.01 10.99
N GLY A 1 -26.16 -16.88 -11.70
CA GLY A 1 -26.17 -15.39 -11.56
C GLY A 1 -24.74 -14.86 -11.67
N ILE A 2 -24.32 -14.09 -10.67
CA ILE A 2 -22.97 -13.52 -10.66
C ILE A 2 -22.09 -14.28 -9.68
N ASP A 3 -20.95 -14.75 -10.14
CA ASP A 3 -20.03 -15.49 -9.29
C ASP A 3 -19.34 -14.54 -8.29
N PRO A 4 -19.07 -15.00 -7.09
CA PRO A 4 -18.40 -14.14 -6.05
C PRO A 4 -16.93 -13.90 -6.37
N PHE A 5 -16.37 -14.72 -7.27
CA PHE A 5 -14.97 -14.60 -7.65
C PHE A 5 -14.70 -13.31 -8.40
N THR A 6 -15.62 -12.93 -9.28
CA THR A 6 -15.45 -11.71 -10.07
C THR A 6 -15.69 -10.46 -9.22
N MET A 7 -16.34 -10.64 -8.07
CA MET A 7 -16.63 -9.51 -7.19
C MET A 7 -15.41 -9.15 -6.36
N LEU A 8 -14.39 -9.99 -6.44
CA LEU A 8 -13.16 -9.77 -5.69
C LEU A 8 -12.25 -8.75 -6.39
N ARG A 9 -12.83 -7.60 -6.76
CA ARG A 9 -12.06 -6.55 -7.44
C ARG A 9 -11.71 -5.41 -6.47
N PRO A 10 -10.54 -4.79 -6.59
CA PRO A 10 -10.14 -3.67 -5.69
C PRO A 10 -11.23 -2.58 -5.58
N ARG A 11 -10.86 -1.48 -4.93
CA ARG A 11 -11.77 -0.36 -4.76
C ARG A 11 -10.98 0.94 -4.62
N LEU A 12 -11.23 1.89 -5.51
CA LEU A 12 -10.53 3.18 -5.48
C LEU A 12 -11.27 4.16 -4.59
N CYS A 13 -10.61 4.55 -3.50
CA CYS A 13 -11.21 5.49 -2.55
C CYS A 13 -10.81 6.92 -2.89
N THR A 14 -11.79 7.72 -3.31
CA THR A 14 -11.55 9.11 -3.67
C THR A 14 -12.16 10.02 -2.61
N MET A 15 -11.31 10.82 -1.96
CA MET A 15 -11.76 11.73 -0.92
C MET A 15 -11.16 13.12 -1.12
N LYS A 16 -11.93 14.15 -0.78
CA LYS A 16 -11.50 15.54 -0.94
C LYS A 16 -11.28 16.17 0.44
N LYS A 17 -10.11 16.80 0.61
CA LYS A 17 -9.77 17.42 1.89
C LYS A 17 -10.52 18.75 2.06
N GLY A 18 -10.93 19.02 3.29
CA GLY A 18 -11.65 20.26 3.59
C GLY A 18 -11.65 20.54 5.08
N PRO A 19 -12.36 19.75 5.85
CA PRO A 19 -12.43 19.93 7.33
C PRO A 19 -11.20 19.37 8.03
N SER A 20 -10.16 20.20 8.14
CA SER A 20 -8.92 19.78 8.80
C SER A 20 -8.30 18.58 8.10
N GLY A 21 -8.07 18.70 6.80
CA GLY A 21 -7.46 17.61 6.04
C GLY A 21 -8.49 16.53 5.71
N TYR A 22 -8.00 15.43 5.13
CA TYR A 22 -8.89 14.32 4.77
C TYR A 22 -9.56 13.73 5.99
N GLY A 23 -8.78 13.54 7.06
CA GLY A 23 -9.32 12.98 8.31
C GLY A 23 -9.04 11.48 8.40
N PHE A 24 -7.81 11.09 8.06
CA PHE A 24 -7.42 9.68 8.12
C PHE A 24 -5.99 9.56 8.64
N ASN A 25 -5.71 8.47 9.36
CA ASN A 25 -4.37 8.25 9.93
C ASN A 25 -3.73 6.97 9.40
N LEU A 26 -2.40 6.99 9.30
CA LEU A 26 -1.64 5.83 8.82
C LEU A 26 -0.80 5.27 9.97
N HIS A 27 -0.71 3.94 10.03
CA HIS A 27 0.06 3.29 11.09
C HIS A 27 1.53 3.71 11.05
N SER A 28 2.10 3.70 9.85
CA SER A 28 3.49 4.10 9.68
C SER A 28 4.41 3.26 10.57
N ASP A 29 4.76 2.07 10.10
CA ASP A 29 5.64 1.18 10.85
C ASP A 29 7.07 1.28 10.32
N LYS A 30 7.97 1.80 11.15
CA LYS A 30 9.37 1.94 10.76
C LYS A 30 9.96 0.57 10.46
N SER A 31 9.55 -0.42 11.25
CA SER A 31 10.05 -1.78 11.09
C SER A 31 9.29 -2.48 9.96
N LYS A 32 8.83 -1.74 8.95
CA LYS A 32 8.08 -2.39 7.87
C LYS A 32 7.82 -1.47 6.65
N PRO A 33 8.22 -1.85 5.44
CA PRO A 33 7.97 -1.03 4.20
C PRO A 33 6.52 -0.55 4.03
N GLY A 34 5.61 -1.52 3.86
CA GLY A 34 4.20 -1.21 3.62
C GLY A 34 3.56 -0.42 4.74
N GLN A 35 2.43 0.21 4.41
CA GLN A 35 1.67 1.02 5.36
C GLN A 35 0.20 0.61 5.29
N PHE A 36 -0.53 0.83 6.38
CA PHE A 36 -1.94 0.48 6.44
C PHE A 36 -2.70 1.57 7.19
N ILE A 37 -4.03 1.52 7.11
CA ILE A 37 -4.85 2.52 7.79
C ILE A 37 -5.01 2.18 9.26
N ARG A 38 -4.50 3.04 10.14
CA ARG A 38 -4.61 2.81 11.57
C ARG A 38 -6.05 2.98 12.03
N SER A 39 -6.67 4.07 11.58
CA SER A 39 -8.06 4.35 11.94
C SER A 39 -8.65 5.41 11.02
N VAL A 40 -9.99 5.50 11.02
CA VAL A 40 -10.68 6.50 10.19
C VAL A 40 -11.61 7.34 11.06
N ASP A 41 -11.55 8.65 10.88
CA ASP A 41 -12.40 9.55 11.67
C ASP A 41 -13.85 9.49 11.16
N PRO A 42 -14.83 9.58 12.03
CA PRO A 42 -16.27 9.54 11.63
C PRO A 42 -16.70 10.81 10.89
N ASP A 43 -17.74 10.69 10.07
CA ASP A 43 -18.25 11.84 9.32
C ASP A 43 -17.14 12.46 8.49
N SER A 44 -16.20 11.61 8.04
CA SER A 44 -15.08 12.07 7.23
C SER A 44 -15.25 11.58 5.79
N PRO A 45 -14.78 12.30 4.81
CA PRO A 45 -14.91 11.89 3.37
C PRO A 45 -14.16 10.58 3.11
N ALA A 46 -13.14 10.31 3.91
CA ALA A 46 -12.36 9.08 3.75
C ALA A 46 -13.24 7.87 4.03
N GLU A 47 -14.08 7.98 5.07
CA GLU A 47 -14.98 6.90 5.44
C GLU A 47 -16.04 6.70 4.35
N ALA A 48 -16.55 7.81 3.84
CA ALA A 48 -17.57 7.77 2.81
C ALA A 48 -17.02 7.18 1.51
N SER A 49 -15.75 7.47 1.22
CA SER A 49 -15.12 6.97 0.01
C SER A 49 -15.11 5.46 -0.01
N GLY A 50 -14.91 4.84 1.15
CA GLY A 50 -14.86 3.38 1.26
C GLY A 50 -13.61 2.93 2.00
N LEU A 51 -12.90 3.88 2.60
CA LEU A 51 -11.69 3.57 3.34
C LEU A 51 -12.06 2.93 4.67
N ARG A 52 -11.25 1.95 5.10
CA ARG A 52 -11.51 1.26 6.37
C ARG A 52 -10.21 1.07 7.16
N ALA A 53 -10.36 0.84 8.46
CA ALA A 53 -9.19 0.65 9.34
C ALA A 53 -8.51 -0.68 9.08
N GLN A 54 -8.85 -1.33 7.98
CA GLN A 54 -8.26 -2.62 7.62
C GLN A 54 -7.90 -2.65 6.14
N ASP A 55 -7.88 -1.48 5.51
CA ASP A 55 -7.55 -1.38 4.09
C ASP A 55 -6.05 -1.32 3.90
N ARG A 56 -5.60 -1.43 2.64
CA ARG A 56 -4.17 -1.37 2.33
C ARG A 56 -3.93 -0.45 1.14
N ILE A 57 -2.97 0.47 1.27
CA ILE A 57 -2.65 1.40 0.18
C ILE A 57 -1.62 0.77 -0.76
N VAL A 58 -2.02 0.49 -2.01
CA VAL A 58 -1.11 -0.09 -2.99
C VAL A 58 -0.76 0.93 -4.07
N GLU A 59 -1.71 1.80 -4.40
CA GLU A 59 -1.49 2.83 -5.42
C GLU A 59 -2.22 4.11 -5.05
N VAL A 60 -1.51 5.24 -5.13
CA VAL A 60 -2.13 6.55 -4.82
C VAL A 60 -2.17 7.41 -6.07
N ASN A 61 -3.34 7.95 -6.39
CA ASN A 61 -3.50 8.80 -7.55
C ASN A 61 -3.02 8.07 -8.82
N GLY A 62 -3.19 6.76 -8.84
CA GLY A 62 -2.80 5.96 -10.00
C GLY A 62 -1.27 5.83 -10.12
N VAL A 63 -0.57 5.98 -8.99
CA VAL A 63 0.90 5.89 -8.99
C VAL A 63 1.34 4.72 -8.12
N CYS A 64 2.33 3.96 -8.62
CA CYS A 64 2.82 2.80 -7.89
C CYS A 64 3.14 3.19 -6.45
N MET A 65 2.38 2.61 -5.52
CA MET A 65 2.57 2.88 -4.10
C MET A 65 2.50 1.59 -3.30
N GLU A 66 3.12 0.54 -3.84
CA GLU A 66 3.13 -0.77 -3.19
C GLU A 66 4.17 -0.82 -2.07
N GLY A 67 5.21 -1.62 -2.27
CA GLY A 67 6.26 -1.75 -1.27
C GLY A 67 7.20 -0.55 -1.30
N LYS A 68 6.65 0.62 -1.60
CA LYS A 68 7.45 1.84 -1.67
C LYS A 68 7.72 2.39 -0.26
N GLN A 69 8.53 3.44 -0.19
CA GLN A 69 8.85 4.05 1.10
C GLN A 69 7.59 4.54 1.80
N HIS A 70 7.69 4.76 3.11
CA HIS A 70 6.54 5.23 3.88
C HIS A 70 6.24 6.69 3.56
N GLY A 71 7.25 7.42 3.11
CA GLY A 71 7.09 8.82 2.77
C GLY A 71 6.50 8.98 1.38
N ASP A 72 6.53 7.90 0.62
CA ASP A 72 6.02 7.90 -0.75
C ASP A 72 4.50 8.12 -0.78
N VAL A 73 3.80 7.55 0.20
CA VAL A 73 2.34 7.68 0.26
C VAL A 73 1.91 9.14 0.41
N VAL A 74 2.53 9.86 1.34
CA VAL A 74 2.19 11.26 1.55
C VAL A 74 2.62 12.09 0.35
N SER A 75 3.76 11.73 -0.23
CA SER A 75 4.28 12.44 -1.38
C SER A 75 3.28 12.41 -2.54
N ALA A 76 2.67 11.25 -2.77
CA ALA A 76 1.70 11.11 -3.84
C ALA A 76 0.48 11.97 -3.57
N ILE A 77 0.06 12.04 -2.32
CA ILE A 77 -1.09 12.85 -1.94
C ILE A 77 -0.83 14.33 -2.21
N ARG A 78 0.37 14.78 -1.87
CA ARG A 78 0.73 16.18 -2.09
C ARG A 78 0.63 16.54 -3.57
N ALA A 79 1.06 15.61 -4.42
CA ALA A 79 1.02 15.84 -5.86
C ALA A 79 -0.43 15.97 -6.34
N GLY A 80 -1.32 15.20 -5.72
CA GLY A 80 -2.73 15.24 -6.10
C GLY A 80 -3.32 16.63 -5.90
N GLY A 81 -2.98 17.27 -4.78
CA GLY A 81 -3.49 18.61 -4.48
C GLY A 81 -4.47 18.60 -3.31
N ASP A 82 -5.62 19.24 -3.51
CA ASP A 82 -6.64 19.31 -2.47
C ASP A 82 -7.46 18.02 -2.41
N GLU A 83 -7.18 17.10 -3.31
CA GLU A 83 -7.90 15.83 -3.38
C GLU A 83 -6.93 14.67 -3.55
N THR A 84 -7.38 13.46 -3.25
CA THR A 84 -6.52 12.28 -3.38
C THR A 84 -7.34 11.03 -3.71
N LYS A 85 -6.67 10.01 -4.26
CA LYS A 85 -7.33 8.76 -4.61
C LYS A 85 -6.48 7.57 -4.19
N LEU A 86 -6.97 6.82 -3.19
CA LEU A 86 -6.26 5.67 -2.66
C LEU A 86 -6.84 4.35 -3.18
N LEU A 87 -5.97 3.47 -3.66
CA LEU A 87 -6.41 2.17 -4.17
C LEU A 87 -6.28 1.14 -3.05
N VAL A 88 -7.39 0.44 -2.76
CA VAL A 88 -7.38 -0.56 -1.69
C VAL A 88 -8.09 -1.84 -2.15
N VAL A 89 -7.92 -2.91 -1.38
CA VAL A 89 -8.53 -4.20 -1.71
C VAL A 89 -9.29 -4.75 -0.50
N ASP A 90 -10.28 -5.60 -0.78
CA ASP A 90 -11.07 -6.22 0.28
C ASP A 90 -10.29 -7.37 0.89
N ARG A 91 -10.71 -7.83 2.06
CA ARG A 91 -10.00 -8.93 2.71
C ARG A 91 -10.01 -10.18 1.84
N GLU A 92 -11.12 -10.41 1.13
CA GLU A 92 -11.21 -11.58 0.25
C GLU A 92 -10.33 -11.36 -0.98
N THR A 93 -10.37 -10.14 -1.52
CA THR A 93 -9.59 -9.81 -2.70
C THR A 93 -8.09 -9.78 -2.39
N ASP A 94 -7.74 -9.23 -1.24
CA ASP A 94 -6.33 -9.12 -0.86
C ASP A 94 -5.64 -10.49 -0.89
N GLU A 95 -6.24 -11.47 -0.25
CA GLU A 95 -5.66 -12.81 -0.22
C GLU A 95 -5.71 -13.46 -1.60
N PHE A 96 -6.74 -13.13 -2.38
CA PHE A 96 -6.89 -13.69 -3.71
C PHE A 96 -5.68 -13.36 -4.57
N PHE A 97 -5.26 -12.09 -4.54
CA PHE A 97 -4.11 -11.65 -5.32
C PHE A 97 -2.81 -12.25 -4.80
N LYS A 98 -2.72 -12.47 -3.50
CA LYS A 98 -1.48 -13.00 -2.91
C LYS A 98 -1.13 -14.37 -3.50
N LYS A 99 -2.11 -15.25 -3.67
CA LYS A 99 -1.83 -16.55 -4.24
C LYS A 99 -1.62 -16.44 -5.74
N CYS A 100 -2.03 -15.31 -6.31
CA CYS A 100 -1.89 -15.06 -7.73
C CYS A 100 -0.53 -14.42 -8.03
N ARG A 101 0.08 -13.86 -6.98
CA ARG A 101 1.38 -13.22 -7.12
C ARG A 101 1.31 -12.09 -8.15
N VAL A 102 0.20 -11.35 -8.12
CA VAL A 102 0.00 -10.22 -9.04
C VAL A 102 -0.26 -8.93 -8.28
N ILE A 103 0.42 -7.85 -8.68
CA ILE A 103 0.26 -6.57 -8.02
C ILE A 103 -1.09 -5.94 -8.40
N PRO A 104 -1.91 -5.53 -7.45
CA PRO A 104 -3.23 -4.91 -7.76
C PRO A 104 -3.09 -3.52 -8.38
N SER A 105 -4.07 -3.16 -9.20
CA SER A 105 -4.06 -1.85 -9.87
C SER A 105 -5.50 -1.43 -10.21
N GLN A 106 -5.66 -0.22 -10.71
CA GLN A 106 -6.99 0.28 -11.06
C GLN A 106 -7.60 -0.49 -12.22
N GLU A 107 -6.77 -0.90 -13.18
CA GLU A 107 -7.26 -1.65 -14.33
C GLU A 107 -8.02 -2.88 -13.89
N HIS A 108 -7.76 -3.34 -12.68
CA HIS A 108 -8.41 -4.54 -12.15
C HIS A 108 -9.84 -4.21 -11.73
N LEU A 109 -10.12 -2.92 -11.52
CA LEU A 109 -11.46 -2.50 -11.12
C LEU A 109 -12.46 -2.85 -12.21
N ASN A 110 -12.04 -2.65 -13.46
CA ASN A 110 -12.90 -2.95 -14.61
C ASN A 110 -12.55 -4.31 -15.21
N GLY A 111 -13.59 -5.02 -15.64
CA GLY A 111 -13.40 -6.34 -16.26
C GLY A 111 -13.11 -7.42 -15.20
N PRO A 112 -12.91 -8.65 -15.63
CA PRO A 112 -12.66 -9.81 -14.71
C PRO A 112 -11.29 -9.75 -14.02
N LEU A 113 -11.18 -10.50 -12.92
CA LEU A 113 -9.96 -10.60 -12.15
C LEU A 113 -8.75 -10.75 -13.08
N PRO A 114 -7.56 -10.53 -12.57
CA PRO A 114 -6.26 -10.66 -13.28
C PRO A 114 -6.22 -11.64 -14.48
N VAL A 115 -5.18 -12.47 -14.47
CA VAL A 115 -4.92 -13.43 -15.53
C VAL A 115 -6.13 -14.30 -15.90
N PRO A 116 -6.37 -14.55 -17.17
CA PRO A 116 -7.51 -15.42 -17.60
C PRO A 116 -7.52 -16.76 -16.85
N PHE A 117 -8.67 -17.43 -16.88
CA PHE A 117 -8.84 -18.75 -16.27
C PHE A 117 -10.19 -19.32 -16.66
N THR A 118 -10.50 -19.26 -17.95
CA THR A 118 -11.77 -19.76 -18.46
C THR A 118 -12.94 -19.23 -17.66
N ASN A 119 -13.26 -19.91 -16.57
CA ASN A 119 -14.37 -19.51 -15.70
C ASN A 119 -13.98 -19.67 -14.24
N GLY A 120 -14.89 -19.31 -13.35
CA GLY A 120 -14.63 -19.40 -11.91
C GLY A 120 -14.25 -20.83 -11.53
N GLU A 121 -13.87 -21.02 -10.26
CA GLU A 121 -13.49 -22.34 -9.77
C GLU A 121 -13.92 -22.52 -8.32
N ILE A 122 -13.87 -23.77 -7.85
CA ILE A 122 -14.25 -24.08 -6.48
C ILE A 122 -13.16 -23.68 -5.50
N GLN A 123 -13.55 -23.36 -4.27
CA GLN A 123 -12.59 -22.97 -3.25
C GLN A 123 -11.64 -24.12 -2.92
N LYS A 124 -10.36 -23.79 -2.74
CA LYS A 124 -9.33 -24.78 -2.42
C LYS A 124 -8.65 -24.45 -1.10
N GLU A 125 -8.48 -25.45 -0.25
CA GLU A 125 -7.84 -25.26 1.06
C GLU A 125 -6.81 -26.35 1.31
N ASN A 126 -5.96 -26.61 0.32
CA ASN A 126 -4.91 -27.64 0.44
C ASN A 126 -3.58 -27.11 -0.09
N SER A 127 -3.65 -26.34 -1.17
CA SER A 127 -2.44 -25.77 -1.78
C SER A 127 -1.29 -26.79 -1.76
N ARG A 128 -1.30 -27.69 -2.74
CA ARG A 128 -0.26 -28.72 -2.83
C ARG A 128 0.05 -29.04 -4.29
N GLU A 129 1.34 -29.11 -4.62
CA GLU A 129 1.77 -29.41 -5.97
C GLU A 129 1.82 -30.92 -6.20
N ALA A 130 1.50 -31.35 -7.41
CA ALA A 130 1.52 -32.77 -7.75
C ALA A 130 1.64 -32.97 -9.25
N LEU A 131 2.05 -31.93 -9.95
CA LEU A 131 2.21 -32.00 -11.41
C LEU A 131 3.46 -32.79 -11.77
N ALA A 132 3.32 -33.76 -12.66
CA ALA A 132 4.45 -34.57 -13.10
C ALA A 132 5.33 -34.97 -11.91
N GLU A 133 5.09 -36.18 -11.40
CA GLU A 133 5.86 -36.69 -10.25
C GLU A 133 6.86 -37.75 -10.71
N ALA A 134 7.16 -37.75 -12.00
CA ALA A 134 8.09 -38.72 -12.57
C ALA A 134 8.74 -38.17 -13.84
N ALA A 135 9.95 -38.64 -14.13
CA ALA A 135 10.67 -38.18 -15.31
C ALA A 135 11.75 -39.19 -15.69
N LEU A 136 12.12 -39.20 -16.97
CA LEU A 136 13.14 -40.12 -17.45
C LEU A 136 14.53 -39.62 -17.03
N GLU A 137 15.42 -40.56 -16.73
CA GLU A 137 16.77 -40.23 -16.30
C GLU A 137 16.75 -39.07 -15.32
N SER A 138 17.90 -38.45 -15.09
CA SER A 138 17.99 -37.33 -14.17
C SER A 138 19.20 -36.46 -14.50
N PRO A 139 19.12 -35.71 -15.57
CA PRO A 139 20.23 -34.82 -16.02
C PRO A 139 20.56 -33.76 -14.96
N ARG A 140 21.83 -33.40 -14.87
CA ARG A 140 22.27 -32.41 -13.88
C ARG A 140 21.34 -31.19 -13.91
N PRO A 141 21.13 -30.51 -12.80
CA PRO A 141 20.22 -29.31 -12.77
C PRO A 141 20.60 -28.23 -13.79
N ALA A 142 19.58 -27.66 -14.43
CA ALA A 142 19.77 -26.61 -15.43
C ALA A 142 19.67 -25.23 -14.79
N LEU A 143 19.15 -25.15 -13.58
CA LEU A 143 19.00 -23.86 -12.91
C LEU A 143 20.28 -23.50 -12.15
N VAL A 144 20.69 -22.24 -12.28
CA VAL A 144 21.90 -21.79 -11.61
C VAL A 144 21.76 -21.92 -10.09
N ARG A 145 20.61 -21.48 -9.57
CA ARG A 145 20.35 -21.56 -8.13
C ARG A 145 18.92 -22.02 -7.89
N SER A 146 18.75 -22.98 -6.97
CA SER A 146 17.42 -23.50 -6.63
C SER A 146 17.07 -23.16 -5.20
N ALA A 147 15.90 -22.56 -5.01
CA ALA A 147 15.44 -22.18 -3.69
C ALA A 147 13.93 -22.01 -3.66
N SER A 148 13.33 -22.17 -2.47
CA SER A 148 11.89 -22.03 -2.32
C SER A 148 11.54 -21.64 -0.89
N SER A 149 10.33 -21.12 -0.70
CA SER A 149 9.88 -20.70 0.63
C SER A 149 8.38 -20.89 0.77
N ASP A 150 7.95 -22.12 1.02
CA ASP A 150 6.53 -22.41 1.18
C ASP A 150 6.08 -22.15 2.62
N THR A 151 4.77 -22.11 2.83
CA THR A 151 4.22 -21.87 4.16
C THR A 151 2.87 -22.57 4.32
N SER A 152 2.55 -22.93 5.55
CA SER A 152 1.28 -23.60 5.83
C SER A 152 0.89 -23.40 7.29
N GLU A 153 -0.42 -23.39 7.55
CA GLU A 153 -0.93 -23.21 8.91
C GLU A 153 -1.27 -24.57 9.51
N GLU A 154 -0.24 -25.34 9.84
CA GLU A 154 -0.45 -26.67 10.43
C GLU A 154 -1.06 -26.57 11.82
N LEU A 155 -0.56 -25.60 12.61
CA LEU A 155 -1.06 -25.40 13.97
C LEU A 155 -1.76 -24.05 14.06
N ASN A 156 -3.04 -24.06 14.41
CA ASN A 156 -3.80 -22.82 14.52
C ASN A 156 -3.31 -22.01 15.72
N SER A 157 -2.91 -20.77 15.45
CA SER A 157 -2.42 -19.89 16.51
C SER A 157 -3.53 -19.57 17.50
N GLN A 158 -4.77 -19.73 17.05
CA GLN A 158 -5.93 -19.44 17.89
C GLN A 158 -6.01 -20.44 19.03
N ASP A 159 -6.26 -19.93 20.23
CA ASP A 159 -6.38 -20.79 21.40
C ASP A 159 -7.71 -21.53 21.37
N SER A 160 -8.05 -22.21 22.46
CA SER A 160 -9.31 -22.97 22.51
C SER A 160 -10.40 -22.19 23.25
N PRO A 161 -11.20 -21.38 22.56
CA PRO A 161 -12.30 -20.56 23.17
C PRO A 161 -12.90 -21.11 24.49
N PRO A 162 -13.58 -20.27 25.28
CA PRO A 162 -14.20 -20.71 26.58
C PRO A 162 -15.09 -21.96 26.47
N LYS A 163 -15.89 -22.06 25.41
CA LYS A 163 -16.78 -23.21 25.26
C LYS A 163 -16.86 -23.69 23.81
N GLN A 164 -16.58 -24.98 23.62
CA GLN A 164 -16.62 -25.60 22.30
C GLN A 164 -16.35 -27.10 22.41
N ASP A 165 -17.17 -27.90 21.74
CA ASP A 165 -16.99 -29.35 21.78
C ASP A 165 -17.01 -29.85 23.22
N SER A 166 -17.99 -29.39 23.98
CA SER A 166 -18.13 -29.78 25.38
C SER A 166 -19.56 -30.14 25.70
N THR A 167 -19.73 -30.88 26.78
CA THR A 167 -21.05 -31.31 27.21
C THR A 167 -21.85 -31.93 26.07
N ALA A 168 -21.40 -33.07 25.58
CA ALA A 168 -22.14 -33.74 24.51
C ALA A 168 -21.61 -35.14 24.20
N PRO A 169 -22.46 -36.05 23.78
CA PRO A 169 -22.09 -37.44 23.42
C PRO A 169 -20.63 -37.61 22.96
N SER A 170 -19.92 -38.54 23.61
CA SER A 170 -18.53 -38.85 23.27
C SER A 170 -18.31 -40.36 23.35
N SER A 171 -18.78 -40.96 24.43
CA SER A 171 -18.64 -42.41 24.63
C SER A 171 -19.76 -42.91 25.55
N THR A 172 -20.07 -44.21 25.46
CA THR A 172 -21.11 -44.81 26.29
C THR A 172 -20.76 -46.26 26.63
N SER A 173 -21.33 -46.77 27.71
CA SER A 173 -21.08 -48.15 28.14
C SER A 173 -22.33 -48.75 28.79
N SER A 174 -23.08 -49.52 28.01
CA SER A 174 -24.32 -50.15 28.50
C SER A 174 -24.03 -51.13 29.65
N SER A 175 -22.96 -51.91 29.51
CA SER A 175 -22.60 -52.90 30.52
C SER A 175 -22.24 -52.21 31.84
N ASP A 176 -22.54 -52.84 32.98
CA ASP A 176 -22.19 -52.22 34.26
C ASP A 176 -22.25 -53.19 35.45
N PRO A 177 -21.81 -54.42 35.32
CA PRO A 177 -21.79 -55.44 36.42
C PRO A 177 -21.70 -54.85 37.83
N ILE A 178 -22.22 -55.62 38.80
CA ILE A 178 -22.18 -55.24 40.21
C ILE A 178 -20.85 -55.72 40.79
N LEU A 179 -20.18 -56.56 40.02
CA LEU A 179 -18.88 -57.12 40.40
C LEU A 179 -17.82 -56.64 39.41
N ASP A 180 -16.74 -56.07 39.92
CA ASP A 180 -15.66 -55.57 39.07
C ASP A 180 -14.32 -56.18 39.49
N PHE A 181 -14.33 -57.48 39.74
CA PHE A 181 -13.13 -58.19 40.15
C PHE A 181 -12.17 -58.35 38.96
N ASN A 182 -10.96 -57.84 39.13
CA ASN A 182 -9.95 -57.92 38.06
C ASN A 182 -10.33 -57.02 36.89
N ILE A 183 -11.62 -56.77 36.72
CA ILE A 183 -12.10 -55.93 35.63
C ILE A 183 -11.58 -54.51 35.79
N SER A 184 -11.64 -53.99 37.01
CA SER A 184 -11.17 -52.64 37.28
C SER A 184 -9.71 -52.50 36.89
N LEU A 185 -8.92 -53.53 37.19
CA LEU A 185 -7.50 -53.51 36.86
C LEU A 185 -7.32 -53.43 35.35
N ALA A 186 -8.13 -54.18 34.61
CA ALA A 186 -8.04 -54.19 33.16
C ALA A 186 -8.36 -52.81 32.59
N MET A 187 -9.30 -52.12 33.21
CA MET A 187 -9.69 -50.79 32.74
C MET A 187 -8.52 -49.81 32.84
N ALA A 188 -7.46 -50.25 33.51
CA ALA A 188 -6.27 -49.42 33.68
C ALA A 188 -5.65 -49.09 32.33
N LYS A 189 -5.69 -50.04 31.41
CA LYS A 189 -5.11 -49.84 30.09
C LYS A 189 -5.85 -48.75 29.32
N GLU A 190 -7.15 -48.62 29.57
CA GLU A 190 -7.95 -47.61 28.89
C GLU A 190 -7.37 -46.23 29.12
N ARG A 191 -6.54 -46.09 30.15
CA ARG A 191 -5.92 -44.80 30.46
C ARG A 191 -5.01 -44.35 29.33
N ALA A 192 -4.26 -45.30 28.76
CA ALA A 192 -3.32 -45.00 27.66
C ALA A 192 -3.58 -45.93 26.48
N HIS A 193 -4.83 -45.99 26.04
CA HIS A 193 -5.19 -46.84 24.92
C HIS A 193 -4.52 -46.37 23.63
N GLN A 194 -4.55 -45.05 23.39
CA GLN A 194 -3.94 -44.48 22.18
C GLN A 194 -3.21 -43.18 22.51
N LYS A 195 -1.91 -43.16 22.28
CA LYS A 195 -1.11 -41.97 22.55
C LYS A 195 -1.15 -41.02 21.37
N ARG A 196 -1.37 -39.73 21.65
CA ARG A 196 -1.44 -38.72 20.61
C ARG A 196 -0.97 -37.36 21.14
N SER A 197 -0.18 -37.40 22.21
CA SER A 197 0.34 -36.18 22.81
C SER A 197 1.50 -35.63 21.99
N SER A 198 1.89 -34.39 22.27
CA SER A 198 2.99 -33.76 21.55
C SER A 198 3.67 -32.69 22.42
N LYS A 199 4.90 -32.34 22.05
CA LYS A 199 5.66 -31.32 22.78
C LYS A 199 6.17 -30.24 21.84
N ARG A 200 5.69 -30.28 20.60
CA ARG A 200 6.10 -29.30 19.60
C ARG A 200 5.50 -27.93 19.93
N ALA A 201 6.34 -26.89 19.84
CA ALA A 201 5.90 -25.54 20.13
C ALA A 201 7.00 -24.53 19.73
N PRO A 202 6.98 -24.02 18.53
CA PRO A 202 8.03 -23.05 18.07
C PRO A 202 7.85 -21.65 18.68
N GLN A 203 8.96 -20.92 18.79
CA GLN A 203 8.94 -19.58 19.35
C GLN A 203 8.45 -18.57 18.32
N MET A 204 7.92 -17.46 18.81
CA MET A 204 7.41 -16.41 17.92
C MET A 204 8.56 -15.55 17.39
N ASP A 205 8.30 -14.81 16.33
CA ASP A 205 9.32 -13.94 15.74
C ASP A 205 9.69 -12.82 16.69
N TRP A 206 8.84 -12.59 17.69
CA TRP A 206 9.09 -11.54 18.68
C TRP A 206 9.63 -10.28 18.01
N SER A 207 9.33 -10.13 16.72
CA SER A 207 9.79 -8.97 15.97
C SER A 207 8.87 -7.77 16.21
N LYS A 208 7.80 -8.01 16.97
CA LYS A 208 6.85 -6.95 17.27
C LYS A 208 7.56 -5.72 17.81
N LYS A 209 7.42 -4.60 17.11
CA LYS A 209 8.05 -3.35 17.53
C LYS A 209 7.45 -2.18 16.76
N ASN A 210 7.20 -1.08 17.47
CA ASN A 210 6.65 0.13 16.85
C ASN A 210 6.98 1.37 17.66
N GLU A 211 6.92 2.52 17.01
CA GLU A 211 7.21 3.79 17.68
C GLU A 211 6.88 4.96 16.76
N LEU A 212 6.03 5.87 17.24
CA LEU A 212 5.64 7.04 16.44
C LEU A 212 6.24 8.31 17.02
N PHE A 213 7.14 8.94 16.26
CA PHE A 213 7.78 10.17 16.70
C PHE A 213 6.75 11.28 16.88
N SER A 214 5.86 11.40 15.90
CA SER A 214 4.82 12.43 15.94
C SER A 214 3.64 12.02 15.07
N ASN A 215 2.46 12.55 15.39
CA ASN A 215 1.26 12.23 14.63
C ASN A 215 1.23 13.01 13.32
N LEU A 216 0.82 12.35 12.24
CA LEU A 216 0.74 13.00 10.94
C LEU A 216 -0.16 14.22 11.01
N GLY A 1 -24.23 -20.23 -14.41
CA GLY A 1 -23.52 -20.36 -13.11
C GLY A 1 -22.50 -19.23 -12.97
N ILE A 2 -22.55 -18.52 -11.85
CA ILE A 2 -21.64 -17.41 -11.59
C ILE A 2 -20.64 -17.79 -10.51
N ASP A 3 -19.35 -17.63 -10.80
CA ASP A 3 -18.30 -17.96 -9.84
C ASP A 3 -18.12 -16.81 -8.84
N PRO A 4 -17.87 -17.11 -7.58
CA PRO A 4 -17.68 -16.05 -6.54
C PRO A 4 -16.35 -15.31 -6.71
N PHE A 5 -15.45 -15.90 -7.49
CA PHE A 5 -14.14 -15.32 -7.71
C PHE A 5 -14.24 -14.01 -8.49
N THR A 6 -15.14 -13.97 -9.46
CA THR A 6 -15.32 -12.78 -10.28
C THR A 6 -15.72 -11.57 -9.43
N MET A 7 -16.37 -11.83 -8.30
CA MET A 7 -16.79 -10.75 -7.42
C MET A 7 -15.59 -10.00 -6.87
N LEU A 8 -14.56 -10.75 -6.52
CA LEU A 8 -13.36 -10.14 -5.99
C LEU A 8 -12.86 -9.09 -6.96
N ARG A 9 -12.88 -7.84 -6.52
CA ARG A 9 -12.43 -6.75 -7.37
C ARG A 9 -12.05 -5.54 -6.51
N PRO A 10 -10.90 -4.90 -6.71
CA PRO A 10 -10.49 -3.71 -5.88
C PRO A 10 -11.44 -2.52 -6.06
N ARG A 11 -11.52 -1.67 -5.04
CA ARG A 11 -12.37 -0.48 -5.09
C ARG A 11 -11.50 0.77 -4.94
N LEU A 12 -11.83 1.83 -5.69
CA LEU A 12 -11.05 3.07 -5.64
C LEU A 12 -11.71 4.07 -4.69
N CYS A 13 -11.01 4.40 -3.59
CA CYS A 13 -11.54 5.35 -2.62
C CYS A 13 -11.13 6.77 -2.97
N THR A 14 -12.11 7.63 -3.25
CA THR A 14 -11.84 9.02 -3.60
C THR A 14 -12.34 9.95 -2.50
N MET A 15 -11.44 10.76 -1.97
CA MET A 15 -11.81 11.70 -0.89
C MET A 15 -11.18 13.06 -1.16
N LYS A 16 -11.91 14.11 -0.78
CA LYS A 16 -11.44 15.49 -0.98
C LYS A 16 -11.19 16.14 0.38
N LYS A 17 -10.01 16.73 0.55
CA LYS A 17 -9.67 17.38 1.81
C LYS A 17 -10.36 18.74 1.93
N GLY A 18 -10.81 19.07 3.13
CA GLY A 18 -11.48 20.35 3.37
C GLY A 18 -11.41 20.71 4.85
N PRO A 19 -11.88 19.86 5.72
CA PRO A 19 -11.85 20.10 7.20
C PRO A 19 -10.43 20.17 7.75
N SER A 20 -9.48 20.58 6.90
CA SER A 20 -8.07 20.69 7.31
C SER A 20 -7.39 19.33 7.21
N GLY A 21 -8.02 18.40 6.51
CA GLY A 21 -7.45 17.06 6.34
C GLY A 21 -8.50 16.07 5.88
N TYR A 22 -8.05 14.98 5.26
CA TYR A 22 -8.96 13.95 4.76
C TYR A 22 -9.72 13.30 5.91
N GLY A 23 -9.00 13.02 7.01
CA GLY A 23 -9.62 12.39 8.19
C GLY A 23 -9.18 10.93 8.31
N PHE A 24 -7.89 10.69 8.10
CA PHE A 24 -7.34 9.33 8.19
C PHE A 24 -5.88 9.40 8.65
N ASN A 25 -5.38 8.28 9.21
CA ASN A 25 -4.02 8.23 9.71
C ASN A 25 -3.30 6.95 9.27
N LEU A 26 -2.04 7.10 8.85
CA LEU A 26 -1.24 5.97 8.41
C LEU A 26 -0.14 5.67 9.44
N HIS A 27 0.02 4.41 9.78
CA HIS A 27 1.04 4.02 10.76
C HIS A 27 2.43 4.15 10.15
N SER A 28 3.27 4.99 10.77
CA SER A 28 4.62 5.20 10.29
C SER A 28 5.59 4.21 10.93
N ASP A 29 5.24 2.92 10.85
CA ASP A 29 6.08 1.88 11.43
C ASP A 29 7.16 1.43 10.45
N LYS A 30 8.30 2.12 10.48
CA LYS A 30 9.41 1.79 9.60
C LYS A 30 9.92 0.38 9.89
N SER A 31 9.94 0.02 11.17
CA SER A 31 10.41 -1.29 11.58
C SER A 31 9.55 -2.38 10.94
N LYS A 32 8.24 -2.15 10.89
CA LYS A 32 7.29 -3.11 10.32
C LYS A 32 7.00 -2.77 8.84
N PRO A 33 7.49 -3.54 7.88
CA PRO A 33 7.22 -3.25 6.44
C PRO A 33 5.73 -3.22 6.10
N GLY A 34 5.38 -2.38 5.12
CA GLY A 34 3.99 -2.25 4.68
C GLY A 34 3.30 -1.03 5.28
N GLN A 35 2.21 -0.60 4.63
CA GLN A 35 1.44 0.55 5.09
C GLN A 35 -0.05 0.22 5.09
N PHE A 36 -0.76 0.65 6.14
CA PHE A 36 -2.18 0.38 6.25
C PHE A 36 -2.87 1.52 7.01
N ILE A 37 -4.19 1.55 6.96
CA ILE A 37 -4.95 2.61 7.65
C ILE A 37 -5.08 2.29 9.13
N ARG A 38 -4.55 3.17 9.97
CA ARG A 38 -4.62 2.96 11.41
C ARG A 38 -6.05 3.17 11.90
N SER A 39 -6.68 4.25 11.45
CA SER A 39 -8.06 4.56 11.85
C SER A 39 -8.63 5.65 10.97
N VAL A 40 -9.95 5.86 11.08
CA VAL A 40 -10.63 6.90 10.30
C VAL A 40 -11.48 7.78 11.22
N ASP A 41 -11.35 9.10 11.07
CA ASP A 41 -12.11 10.02 11.90
C ASP A 41 -13.59 9.97 11.53
N PRO A 42 -14.48 10.18 12.47
CA PRO A 42 -15.96 10.14 12.21
C PRO A 42 -16.42 11.34 11.37
N ASP A 43 -17.48 11.12 10.58
CA ASP A 43 -18.02 12.17 9.73
C ASP A 43 -16.94 12.74 8.83
N SER A 44 -16.18 11.86 8.18
CA SER A 44 -15.11 12.26 7.27
C SER A 44 -15.34 11.67 5.88
N PRO A 45 -14.88 12.32 4.83
CA PRO A 45 -15.06 11.82 3.44
C PRO A 45 -14.30 10.51 3.21
N ALA A 46 -13.25 10.29 3.99
CA ALA A 46 -12.46 9.08 3.86
C ALA A 46 -13.30 7.87 4.20
N GLU A 47 -14.17 8.02 5.19
CA GLU A 47 -15.05 6.94 5.60
C GLU A 47 -16.06 6.64 4.51
N ALA A 48 -16.56 7.68 3.87
CA ALA A 48 -17.54 7.53 2.79
C ALA A 48 -16.86 7.10 1.49
N SER A 49 -15.54 7.18 1.47
CA SER A 49 -14.77 6.80 0.28
C SER A 49 -14.59 5.29 0.21
N GLY A 50 -15.04 4.59 1.26
CA GLY A 50 -14.91 3.13 1.31
C GLY A 50 -13.65 2.73 2.04
N LEU A 51 -12.99 3.70 2.67
CA LEU A 51 -11.75 3.43 3.41
C LEU A 51 -12.07 3.12 4.86
N ARG A 52 -11.53 2.02 5.38
CA ARG A 52 -11.78 1.61 6.77
C ARG A 52 -10.53 1.81 7.61
N ALA A 53 -10.19 0.79 8.38
CA ALA A 53 -9.03 0.82 9.28
C ALA A 53 -8.16 -0.42 9.14
N GLN A 54 -8.44 -1.25 8.14
CA GLN A 54 -7.66 -2.47 7.92
C GLN A 54 -7.34 -2.63 6.44
N ASP A 55 -7.51 -1.55 5.68
CA ASP A 55 -7.24 -1.57 4.25
C ASP A 55 -5.74 -1.38 3.98
N ARG A 56 -5.33 -1.67 2.75
CA ARG A 56 -3.92 -1.53 2.35
C ARG A 56 -3.82 -0.66 1.11
N ILE A 57 -2.86 0.27 1.12
CA ILE A 57 -2.66 1.17 -0.02
C ILE A 57 -1.80 0.50 -1.09
N VAL A 58 -2.36 0.33 -2.28
CA VAL A 58 -1.62 -0.29 -3.38
C VAL A 58 -1.20 0.77 -4.39
N GLU A 59 -2.12 1.68 -4.70
CA GLU A 59 -1.84 2.76 -5.66
C GLU A 59 -2.50 4.05 -5.21
N VAL A 60 -1.79 5.17 -5.38
CA VAL A 60 -2.32 6.48 -4.99
C VAL A 60 -2.16 7.47 -6.14
N ASN A 61 -3.24 8.17 -6.47
CA ASN A 61 -3.20 9.13 -7.56
C ASN A 61 -2.51 8.52 -8.78
N GLY A 62 -2.65 7.20 -8.90
CA GLY A 62 -2.06 6.49 -10.01
C GLY A 62 -0.58 6.17 -9.78
N VAL A 63 -0.13 6.15 -8.51
CA VAL A 63 1.27 5.84 -8.21
C VAL A 63 1.35 4.66 -7.25
N CYS A 64 2.17 3.67 -7.61
CA CYS A 64 2.31 2.48 -6.79
C CYS A 64 3.15 2.75 -5.55
N MET A 65 2.73 2.18 -4.42
CA MET A 65 3.43 2.36 -3.15
C MET A 65 3.95 1.01 -2.65
N GLU A 66 3.94 0.02 -3.53
CA GLU A 66 4.41 -1.31 -3.17
C GLU A 66 5.91 -1.30 -2.92
N GLY A 67 6.63 -0.48 -3.68
CA GLY A 67 8.09 -0.38 -3.55
C GLY A 67 8.52 1.07 -3.30
N LYS A 68 7.79 1.76 -2.42
CA LYS A 68 8.11 3.15 -2.09
C LYS A 68 8.29 3.31 -0.58
N GLN A 69 8.67 4.51 -0.17
CA GLN A 69 8.89 4.80 1.25
C GLN A 69 7.57 5.19 1.92
N HIS A 70 7.59 5.26 3.24
CA HIS A 70 6.40 5.63 3.99
C HIS A 70 6.02 7.09 3.71
N GLY A 71 7.03 7.95 3.59
CA GLY A 71 6.80 9.37 3.32
C GLY A 71 6.33 9.60 1.89
N ASP A 72 6.49 8.60 1.05
CA ASP A 72 6.08 8.73 -0.35
C ASP A 72 4.56 8.73 -0.49
N VAL A 73 3.86 8.04 0.41
CA VAL A 73 2.40 7.97 0.33
C VAL A 73 1.76 9.35 0.51
N VAL A 74 2.23 10.10 1.51
CA VAL A 74 1.69 11.43 1.75
C VAL A 74 2.10 12.38 0.63
N SER A 75 3.31 12.16 0.13
CA SER A 75 3.83 12.98 -0.95
C SER A 75 2.94 12.90 -2.18
N ALA A 76 2.47 11.68 -2.50
CA ALA A 76 1.60 11.50 -3.65
C ALA A 76 0.29 12.25 -3.47
N ILE A 77 -0.23 12.25 -2.25
CA ILE A 77 -1.49 12.94 -1.95
C ILE A 77 -1.33 14.45 -2.15
N ARG A 78 -0.21 14.99 -1.70
CA ARG A 78 0.03 16.43 -1.83
C ARG A 78 0.01 16.83 -3.31
N ALA A 79 0.57 15.97 -4.16
CA ALA A 79 0.59 16.25 -5.59
C ALA A 79 -0.77 15.96 -6.22
N GLY A 80 -1.64 15.31 -5.47
CA GLY A 80 -2.97 14.97 -5.97
C GLY A 80 -3.77 16.22 -6.31
N GLY A 81 -3.74 17.21 -5.43
CA GLY A 81 -4.47 18.46 -5.65
C GLY A 81 -5.70 18.56 -4.75
N ASP A 82 -5.47 18.80 -3.46
CA ASP A 82 -6.56 18.92 -2.50
C ASP A 82 -7.45 17.68 -2.51
N GLU A 83 -7.09 16.71 -3.34
CA GLU A 83 -7.86 15.47 -3.43
C GLU A 83 -6.93 14.29 -3.66
N THR A 84 -7.41 13.08 -3.35
CA THR A 84 -6.59 11.88 -3.53
C THR A 84 -7.45 10.68 -3.83
N LYS A 85 -6.82 9.64 -4.37
CA LYS A 85 -7.51 8.39 -4.70
C LYS A 85 -6.70 7.20 -4.21
N LEU A 86 -7.22 6.52 -3.19
CA LEU A 86 -6.54 5.37 -2.61
C LEU A 86 -7.17 4.07 -3.11
N LEU A 87 -6.33 3.18 -3.62
CA LEU A 87 -6.79 1.88 -4.13
C LEU A 87 -6.61 0.83 -3.04
N VAL A 88 -7.67 0.11 -2.70
CA VAL A 88 -7.62 -0.91 -1.64
C VAL A 88 -8.35 -2.17 -2.08
N VAL A 89 -8.14 -3.26 -1.34
CA VAL A 89 -8.77 -4.55 -1.65
C VAL A 89 -9.43 -5.15 -0.41
N ASP A 90 -10.38 -6.05 -0.67
CA ASP A 90 -11.08 -6.72 0.41
C ASP A 90 -10.19 -7.83 0.97
N ARG A 91 -10.57 -8.36 2.12
CA ARG A 91 -9.77 -9.43 2.72
C ARG A 91 -9.75 -10.65 1.80
N GLU A 92 -10.89 -10.98 1.18
CA GLU A 92 -10.94 -12.12 0.28
C GLU A 92 -10.14 -11.84 -0.98
N THR A 93 -10.33 -10.64 -1.52
CA THR A 93 -9.62 -10.22 -2.73
C THR A 93 -8.12 -10.12 -2.50
N ASP A 94 -7.74 -9.55 -1.35
CA ASP A 94 -6.33 -9.38 -1.03
C ASP A 94 -5.59 -10.72 -1.05
N GLU A 95 -6.11 -11.70 -0.34
CA GLU A 95 -5.47 -13.01 -0.32
C GLU A 95 -5.58 -13.71 -1.67
N PHE A 96 -6.69 -13.48 -2.36
CA PHE A 96 -6.89 -14.10 -3.67
C PHE A 96 -5.81 -13.67 -4.66
N PHE A 97 -5.53 -12.37 -4.70
CA PHE A 97 -4.52 -11.83 -5.61
C PHE A 97 -3.10 -12.27 -5.20
N LYS A 98 -2.83 -12.30 -3.89
CA LYS A 98 -1.50 -12.67 -3.43
C LYS A 98 -1.13 -14.10 -3.83
N LYS A 99 -2.07 -15.03 -3.73
CA LYS A 99 -1.79 -16.42 -4.11
C LYS A 99 -1.68 -16.55 -5.62
N CYS A 100 -2.28 -15.59 -6.32
CA CYS A 100 -2.24 -15.58 -7.79
C CYS A 100 -0.94 -14.94 -8.28
N ARG A 101 -0.15 -14.45 -7.34
CA ARG A 101 1.13 -13.81 -7.68
C ARG A 101 0.89 -12.63 -8.60
N VAL A 102 -0.26 -11.97 -8.45
CA VAL A 102 -0.61 -10.80 -9.27
C VAL A 102 -0.92 -9.60 -8.38
N ILE A 103 -0.34 -8.46 -8.70
CA ILE A 103 -0.54 -7.24 -7.93
C ILE A 103 -1.77 -6.48 -8.46
N PRO A 104 -2.69 -6.08 -7.60
CA PRO A 104 -3.91 -5.34 -8.05
C PRO A 104 -3.58 -3.91 -8.51
N SER A 105 -4.40 -3.40 -9.44
CA SER A 105 -4.20 -2.05 -9.97
C SER A 105 -5.54 -1.49 -10.46
N GLN A 106 -5.52 -0.22 -10.88
CA GLN A 106 -6.74 0.43 -11.36
C GLN A 106 -7.28 -0.23 -12.62
N GLU A 107 -6.40 -0.78 -13.44
CA GLU A 107 -6.83 -1.44 -14.67
C GLU A 107 -7.90 -2.49 -14.36
N HIS A 108 -7.82 -3.08 -13.18
CA HIS A 108 -8.78 -4.09 -12.77
C HIS A 108 -10.17 -3.49 -12.67
N LEU A 109 -10.23 -2.24 -12.23
CA LEU A 109 -11.52 -1.55 -12.10
C LEU A 109 -12.21 -1.45 -13.44
N ASN A 110 -11.44 -1.12 -14.48
CA ASN A 110 -11.99 -1.00 -15.83
C ASN A 110 -12.05 -2.36 -16.52
N GLY A 111 -10.91 -3.03 -16.61
CA GLY A 111 -10.84 -4.34 -17.26
C GLY A 111 -11.22 -5.45 -16.28
N PRO A 112 -11.69 -6.58 -16.78
CA PRO A 112 -12.10 -7.74 -15.93
C PRO A 112 -10.92 -8.44 -15.25
N LEU A 113 -11.22 -9.10 -14.13
CA LEU A 113 -10.21 -9.83 -13.36
C LEU A 113 -9.27 -10.62 -14.27
N PRO A 114 -8.12 -11.03 -13.75
CA PRO A 114 -7.11 -11.81 -14.53
C PRO A 114 -7.51 -13.26 -14.75
N VAL A 115 -6.53 -14.05 -15.13
CA VAL A 115 -6.73 -15.49 -15.38
C VAL A 115 -5.44 -16.27 -15.13
N PRO A 116 -5.15 -16.59 -13.90
CA PRO A 116 -3.91 -17.35 -13.53
C PRO A 116 -3.80 -18.66 -14.31
N PHE A 117 -4.93 -19.34 -14.48
CA PHE A 117 -4.98 -20.61 -15.20
C PHE A 117 -3.72 -21.44 -14.92
N THR A 118 -3.65 -22.02 -13.73
CA THR A 118 -2.51 -22.83 -13.34
C THR A 118 -1.21 -22.10 -13.68
N ASN A 119 -0.58 -22.51 -14.79
CA ASN A 119 0.66 -21.89 -15.21
C ASN A 119 1.69 -21.90 -14.08
N GLY A 120 1.75 -23.00 -13.36
CA GLY A 120 2.70 -23.12 -12.26
C GLY A 120 4.13 -23.22 -12.78
N GLU A 121 4.83 -22.10 -12.74
CA GLU A 121 6.21 -22.05 -13.22
C GLU A 121 7.14 -22.81 -12.28
N ILE A 122 8.20 -23.39 -12.83
CA ILE A 122 9.16 -24.14 -12.03
C ILE A 122 10.11 -23.20 -11.30
N GLN A 123 10.42 -23.54 -10.05
CA GLN A 123 11.33 -22.72 -9.24
C GLN A 123 12.29 -23.59 -8.45
N LYS A 124 13.58 -23.41 -8.68
CA LYS A 124 14.59 -24.20 -7.98
C LYS A 124 14.89 -23.59 -6.62
N GLU A 125 15.04 -24.45 -5.61
CA GLU A 125 15.33 -23.98 -4.26
C GLU A 125 16.72 -23.34 -4.21
N ASN A 126 17.65 -23.90 -4.96
CA ASN A 126 19.02 -23.38 -4.98
C ASN A 126 19.12 -22.18 -5.92
N SER A 127 19.62 -21.07 -5.40
CA SER A 127 19.77 -19.86 -6.19
C SER A 127 20.70 -20.10 -7.37
N ARG A 128 20.34 -19.55 -8.53
CA ARG A 128 21.16 -19.70 -9.74
C ARG A 128 21.58 -18.33 -10.29
N GLU A 129 21.51 -17.32 -9.45
CA GLU A 129 21.88 -15.97 -9.87
C GLU A 129 23.30 -15.95 -10.41
N ALA A 130 23.47 -15.44 -11.63
CA ALA A 130 24.78 -15.37 -12.26
C ALA A 130 24.80 -14.28 -13.33
N LEU A 131 26.01 -13.80 -13.64
CA LEU A 131 26.15 -12.75 -14.65
C LEU A 131 25.67 -13.24 -16.00
N ALA A 132 25.99 -14.49 -16.31
CA ALA A 132 25.59 -15.09 -17.60
C ALA A 132 25.05 -16.49 -17.39
N GLU A 133 24.12 -16.90 -18.25
CA GLU A 133 23.52 -18.23 -18.15
C GLU A 133 24.46 -19.28 -18.74
N ALA A 134 24.95 -20.16 -17.90
CA ALA A 134 25.86 -21.21 -18.34
C ALA A 134 25.94 -22.33 -17.32
N ALA A 135 26.31 -23.52 -17.77
CA ALA A 135 26.44 -24.68 -16.89
C ALA A 135 27.74 -25.42 -17.16
N LEU A 136 28.61 -25.44 -16.15
CA LEU A 136 29.91 -26.11 -16.27
C LEU A 136 29.97 -27.32 -15.34
N GLU A 137 30.46 -28.44 -15.86
CA GLU A 137 30.55 -29.66 -15.07
C GLU A 137 31.36 -29.39 -13.79
N SER A 138 30.90 -29.95 -12.68
CA SER A 138 31.58 -29.76 -11.40
C SER A 138 31.58 -28.29 -11.01
N PRO A 139 30.42 -27.69 -10.94
CA PRO A 139 30.28 -26.26 -10.55
C PRO A 139 30.63 -26.02 -9.08
N ARG A 140 31.11 -24.81 -8.79
CA ARG A 140 31.50 -24.46 -7.43
C ARG A 140 30.26 -24.23 -6.54
N PRO A 141 30.36 -24.49 -5.26
CA PRO A 141 29.21 -24.30 -4.31
C PRO A 141 28.92 -22.81 -4.07
N ALA A 142 27.66 -22.51 -3.78
CA ALA A 142 27.25 -21.13 -3.51
C ALA A 142 25.90 -21.10 -2.83
N LEU A 143 25.91 -21.12 -1.50
CA LEU A 143 24.67 -21.08 -0.72
C LEU A 143 24.94 -20.57 0.68
N VAL A 144 25.29 -19.29 0.79
CA VAL A 144 25.57 -18.69 2.09
C VAL A 144 24.32 -18.70 2.97
N ARG A 145 23.18 -18.30 2.38
CA ARG A 145 21.92 -18.27 3.11
C ARG A 145 20.78 -18.76 2.23
N SER A 146 19.94 -19.63 2.78
CA SER A 146 18.81 -20.17 2.03
C SER A 146 17.69 -19.13 1.93
N ALA A 147 16.80 -19.32 0.96
CA ALA A 147 15.68 -18.39 0.77
C ALA A 147 14.52 -18.75 1.70
N SER A 148 14.56 -18.23 2.92
CA SER A 148 13.51 -18.50 3.89
C SER A 148 13.43 -17.38 4.91
N SER A 149 12.28 -17.26 5.58
CA SER A 149 12.09 -16.22 6.58
C SER A 149 10.98 -16.62 7.55
N ASP A 150 10.81 -17.92 7.76
CA ASP A 150 9.76 -18.41 8.65
C ASP A 150 8.46 -17.64 8.46
N THR A 151 7.51 -17.86 9.36
CA THR A 151 6.22 -17.18 9.29
C THR A 151 5.86 -16.56 10.64
N SER A 152 5.55 -15.27 10.63
CA SER A 152 5.19 -14.57 11.86
C SER A 152 6.10 -15.01 13.01
N GLU A 153 7.16 -14.25 13.25
CA GLU A 153 8.10 -14.56 14.32
C GLU A 153 7.41 -14.46 15.68
N GLU A 154 7.73 -15.39 16.57
CA GLU A 154 7.14 -15.39 17.91
C GLU A 154 7.86 -14.40 18.81
N LEU A 155 8.99 -14.82 19.37
CA LEU A 155 9.78 -13.96 20.25
C LEU A 155 10.50 -12.89 19.44
N ASN A 156 10.59 -11.68 19.99
CA ASN A 156 11.26 -10.58 19.31
C ASN A 156 11.66 -9.49 20.30
N SER A 157 10.79 -9.24 21.27
CA SER A 157 11.07 -8.21 22.28
C SER A 157 11.73 -6.99 21.67
N GLN A 158 10.92 -6.13 21.07
CA GLN A 158 11.43 -4.92 20.44
C GLN A 158 10.32 -3.89 20.27
N ASP A 159 9.08 -4.38 20.22
CA ASP A 159 7.92 -3.51 20.06
C ASP A 159 7.48 -2.94 21.41
N SER A 160 8.05 -1.81 21.79
CA SER A 160 7.69 -1.18 23.06
C SER A 160 7.56 -2.22 24.17
N PRO A 161 8.66 -2.61 24.79
CA PRO A 161 8.65 -3.62 25.88
C PRO A 161 7.74 -3.26 27.09
N PRO A 162 7.73 -2.03 27.57
CA PRO A 162 6.89 -1.65 28.75
C PRO A 162 5.39 -1.53 28.45
N LYS A 163 5.04 -1.44 27.16
CA LYS A 163 3.63 -1.31 26.77
C LYS A 163 3.07 0.02 27.29
N GLN A 164 3.79 1.10 27.03
CA GLN A 164 3.35 2.43 27.46
C GLN A 164 2.84 2.39 28.90
N ASP A 165 3.77 2.42 29.86
CA ASP A 165 3.42 2.39 31.28
C ASP A 165 3.65 3.76 31.92
N SER A 166 3.71 4.78 31.07
CA SER A 166 3.94 6.15 31.55
C SER A 166 5.20 6.23 32.38
N THR A 167 6.34 6.33 31.71
CA THR A 167 7.63 6.44 32.40
C THR A 167 7.87 7.88 32.79
N ALA A 168 8.81 8.12 33.71
CA ALA A 168 9.09 9.48 34.13
C ALA A 168 10.37 9.56 34.98
N PRO A 169 11.09 10.67 34.93
CA PRO A 169 12.35 10.84 35.73
C PRO A 169 12.07 11.10 37.22
N SER A 170 12.99 10.67 38.07
CA SER A 170 12.85 10.86 39.51
C SER A 170 14.22 10.79 40.18
N SER A 171 14.35 11.48 41.32
CA SER A 171 15.61 11.49 42.05
C SER A 171 15.78 10.18 42.82
N THR A 172 17.03 9.88 43.20
CA THR A 172 17.33 8.66 43.94
C THR A 172 18.35 8.91 45.05
N SER A 173 18.43 10.17 45.50
CA SER A 173 19.38 10.53 46.54
C SER A 173 18.92 9.99 47.90
N SER A 174 19.89 9.75 48.79
CA SER A 174 19.59 9.23 50.12
C SER A 174 20.80 9.48 51.04
N SER A 175 20.57 9.36 52.36
CA SER A 175 21.63 9.59 53.36
C SER A 175 21.81 8.37 54.26
N ASP A 176 22.86 7.57 54.04
CA ASP A 176 23.08 6.38 54.89
C ASP A 176 24.41 5.65 54.61
N PRO A 177 25.54 6.33 54.72
CA PRO A 177 26.91 5.71 54.53
C PRO A 177 27.18 4.46 55.38
N ILE A 178 28.18 3.67 54.92
CA ILE A 178 28.66 2.49 55.62
C ILE A 178 30.17 2.42 55.44
N LEU A 179 30.90 2.52 56.54
CA LEU A 179 32.36 2.52 56.50
C LEU A 179 32.86 1.39 55.62
N ASP A 180 33.86 1.70 54.78
CA ASP A 180 34.45 0.73 53.88
C ASP A 180 34.94 -0.49 54.67
N PHE A 181 36.25 -0.67 54.74
CA PHE A 181 36.83 -1.80 55.46
C PHE A 181 36.24 -3.12 54.97
N ASN A 182 37.10 -3.97 54.43
CA ASN A 182 36.68 -5.27 53.91
C ASN A 182 35.82 -5.09 52.66
N ILE A 183 35.30 -3.89 52.45
CA ILE A 183 34.47 -3.60 51.28
C ILE A 183 35.33 -3.19 50.09
N SER A 184 36.61 -2.91 50.37
CA SER A 184 37.53 -2.50 49.31
C SER A 184 37.62 -3.57 48.23
N LEU A 185 37.54 -4.83 48.65
CA LEU A 185 37.61 -5.95 47.72
C LEU A 185 36.24 -6.19 47.10
N ALA A 186 35.20 -6.04 47.90
CA ALA A 186 33.83 -6.25 47.43
C ALA A 186 33.44 -5.21 46.38
N MET A 187 33.86 -3.96 46.62
CA MET A 187 33.54 -2.89 45.69
C MET A 187 34.40 -2.99 44.43
N ALA A 188 35.46 -3.80 44.51
CA ALA A 188 36.36 -3.99 43.38
C ALA A 188 35.61 -4.59 42.20
N LYS A 189 34.72 -5.53 42.48
CA LYS A 189 33.95 -6.18 41.43
C LYS A 189 33.05 -5.19 40.71
N GLU A 190 32.44 -4.28 41.47
CA GLU A 190 31.55 -3.28 40.89
C GLU A 190 32.32 -2.38 39.92
N ARG A 191 33.56 -2.06 40.28
CA ARG A 191 34.39 -1.21 39.43
C ARG A 191 34.63 -1.87 38.08
N ALA A 192 34.90 -3.17 38.09
CA ALA A 192 35.14 -3.91 36.85
C ALA A 192 33.85 -4.11 36.07
N HIS A 193 32.74 -3.63 36.63
CA HIS A 193 31.44 -3.78 35.97
C HIS A 193 31.45 -3.10 34.60
N GLN A 194 32.05 -1.92 34.52
CA GLN A 194 32.11 -1.17 33.26
C GLN A 194 30.70 -0.94 32.72
N LYS A 195 30.62 -0.22 31.60
CA LYS A 195 29.34 0.07 30.98
C LYS A 195 28.84 -1.13 30.17
N ARG A 196 27.52 -1.29 30.11
CA ARG A 196 26.91 -2.41 29.37
C ARG A 196 25.73 -1.91 28.53
N SER A 197 25.69 -2.33 27.27
CA SER A 197 24.61 -1.92 26.38
C SER A 197 23.27 -2.42 26.91
N SER A 198 23.24 -3.67 27.35
CA SER A 198 22.01 -4.26 27.88
C SER A 198 20.90 -4.21 26.83
N LYS A 199 19.65 -4.27 27.30
CA LYS A 199 18.51 -4.23 26.39
C LYS A 199 18.28 -2.81 25.87
N ARG A 200 17.76 -2.71 24.65
CA ARG A 200 17.51 -1.40 24.04
C ARG A 200 16.18 -1.42 23.28
N ALA A 201 15.55 -0.26 23.17
CA ALA A 201 14.28 -0.15 22.47
C ALA A 201 13.88 1.33 22.31
N PRO A 202 13.62 2.02 23.39
CA PRO A 202 13.22 3.47 23.34
C PRO A 202 14.30 4.35 22.71
N GLN A 203 13.86 5.38 21.98
CA GLN A 203 14.78 6.30 21.33
C GLN A 203 14.10 7.63 21.05
N MET A 204 12.86 7.56 20.53
CA MET A 204 12.11 8.77 20.20
C MET A 204 11.40 9.32 21.45
N ASP A 205 11.26 10.64 21.50
CA ASP A 205 10.60 11.28 22.63
C ASP A 205 9.11 10.95 22.66
N TRP A 206 8.67 10.32 23.73
CA TRP A 206 7.26 9.94 23.87
C TRP A 206 6.40 11.18 24.08
N SER A 207 7.00 12.25 24.58
CA SER A 207 6.28 13.50 24.83
C SER A 207 5.65 14.01 23.54
N LYS A 208 6.41 13.95 22.45
CA LYS A 208 5.91 14.41 21.16
C LYS A 208 5.36 15.83 21.27
N LYS A 209 4.80 16.32 20.17
CA LYS A 209 4.23 17.67 20.14
C LYS A 209 2.85 17.69 20.79
N ASN A 210 2.58 18.72 21.57
CA ASN A 210 1.28 18.87 22.25
C ASN A 210 0.33 19.70 21.40
N GLU A 211 -0.85 19.14 21.11
CA GLU A 211 -1.86 19.83 20.31
C GLU A 211 -3.24 19.61 20.91
N LEU A 212 -4.18 20.49 20.57
CA LEU A 212 -5.54 20.39 21.09
C LEU A 212 -6.19 19.09 20.62
N PHE A 213 -5.99 18.75 19.35
CA PHE A 213 -6.56 17.53 18.77
C PHE A 213 -5.52 16.42 18.77
N SER A 214 -5.98 15.19 18.57
CA SER A 214 -5.07 14.04 18.55
C SER A 214 -3.95 14.26 17.55
N ASN A 215 -4.24 14.02 16.27
CA ASN A 215 -3.24 14.20 15.22
C ASN A 215 -3.92 14.50 13.90
N LEU A 216 -3.33 15.41 13.12
CA LEU A 216 -3.87 15.79 11.82
C LEU A 216 -5.28 16.35 11.97
N GLY A 1 -25.23 -17.01 -15.19
CA GLY A 1 -25.01 -16.79 -13.74
C GLY A 1 -23.70 -16.04 -13.53
N ILE A 2 -23.43 -15.66 -12.27
CA ILE A 2 -22.20 -14.94 -11.93
C ILE A 2 -21.28 -15.83 -11.11
N ASP A 3 -20.01 -15.92 -11.53
CA ASP A 3 -19.04 -16.73 -10.82
C ASP A 3 -18.69 -16.08 -9.46
N PRO A 4 -18.32 -16.87 -8.48
CA PRO A 4 -17.96 -16.33 -7.13
C PRO A 4 -16.58 -15.66 -7.12
N PHE A 5 -15.71 -16.12 -8.01
CA PHE A 5 -14.35 -15.58 -8.09
C PHE A 5 -14.34 -14.18 -8.71
N THR A 6 -15.07 -14.02 -9.80
CA THR A 6 -15.10 -12.73 -10.50
C THR A 6 -15.60 -11.61 -9.58
N MET A 7 -16.26 -11.97 -8.49
CA MET A 7 -16.79 -10.97 -7.56
C MET A 7 -15.66 -10.20 -6.87
N LEU A 8 -14.61 -10.93 -6.52
CA LEU A 8 -13.47 -10.34 -5.84
C LEU A 8 -12.81 -9.30 -6.74
N ARG A 9 -12.75 -8.05 -6.30
CA ARG A 9 -12.15 -7.01 -7.13
C ARG A 9 -11.83 -5.74 -6.33
N PRO A 10 -10.74 -5.05 -6.63
CA PRO A 10 -10.37 -3.78 -5.92
C PRO A 10 -11.44 -2.70 -6.05
N ARG A 11 -11.22 -1.60 -5.31
CA ARG A 11 -12.11 -0.43 -5.33
C ARG A 11 -11.27 0.83 -5.08
N LEU A 12 -11.50 1.88 -5.86
CA LEU A 12 -10.72 3.10 -5.72
C LEU A 12 -11.48 4.13 -4.89
N CYS A 13 -10.95 4.42 -3.70
CA CYS A 13 -11.57 5.38 -2.81
C CYS A 13 -11.17 6.79 -3.20
N THR A 14 -12.13 7.70 -3.22
CA THR A 14 -11.88 9.09 -3.58
C THR A 14 -12.34 10.02 -2.47
N MET A 15 -11.43 10.83 -1.95
CA MET A 15 -11.76 11.77 -0.87
C MET A 15 -11.26 13.17 -1.23
N LYS A 16 -11.86 14.17 -0.58
CA LYS A 16 -11.50 15.56 -0.82
C LYS A 16 -11.29 16.27 0.51
N LYS A 17 -10.15 16.94 0.67
CA LYS A 17 -9.85 17.65 1.91
C LYS A 17 -10.56 19.01 1.94
N GLY A 18 -10.99 19.44 3.12
CA GLY A 18 -11.65 20.73 3.25
C GLY A 18 -11.76 21.15 4.73
N PRO A 19 -12.71 20.63 5.47
CA PRO A 19 -12.87 21.01 6.92
C PRO A 19 -11.55 20.87 7.71
N SER A 20 -10.81 19.79 7.48
CA SER A 20 -9.55 19.56 8.19
C SER A 20 -8.87 18.26 7.74
N GLY A 21 -8.21 18.29 6.59
CA GLY A 21 -7.53 17.10 6.09
C GLY A 21 -8.53 16.10 5.51
N TYR A 22 -8.10 14.84 5.39
CA TYR A 22 -8.98 13.81 4.84
C TYR A 22 -9.68 13.04 5.96
N GLY A 23 -9.39 13.42 7.20
CA GLY A 23 -10.02 12.78 8.35
C GLY A 23 -9.64 11.31 8.43
N PHE A 24 -8.36 11.01 8.21
CA PHE A 24 -7.87 9.62 8.27
C PHE A 24 -6.45 9.60 8.85
N ASN A 25 -6.09 8.48 9.49
CA ASN A 25 -4.76 8.35 10.11
C ASN A 25 -3.89 7.36 9.34
N LEU A 26 -2.77 7.84 8.82
CA LEU A 26 -1.82 6.99 8.09
C LEU A 26 -0.43 7.10 8.71
N HIS A 27 0.12 5.96 9.11
CA HIS A 27 1.45 5.94 9.72
C HIS A 27 2.03 4.54 9.69
N SER A 28 3.34 4.44 9.45
CA SER A 28 4.02 3.14 9.40
C SER A 28 5.38 3.23 10.08
N ASP A 29 5.69 2.23 10.89
CA ASP A 29 6.96 2.21 11.59
C ASP A 29 8.07 1.81 10.63
N LYS A 30 9.20 2.52 10.71
CA LYS A 30 10.33 2.22 9.84
C LYS A 30 10.83 0.82 10.13
N SER A 31 10.77 0.44 11.41
CA SER A 31 11.20 -0.88 11.81
C SER A 31 10.18 -1.93 11.43
N LYS A 32 9.40 -1.69 10.37
CA LYS A 32 8.41 -2.67 9.97
C LYS A 32 7.79 -2.36 8.59
N PRO A 33 8.06 -3.14 7.55
CA PRO A 33 7.44 -2.89 6.19
C PRO A 33 5.91 -2.83 6.23
N GLY A 34 5.33 -2.37 5.11
CA GLY A 34 3.88 -2.29 4.94
C GLY A 34 3.24 -1.06 5.60
N GLN A 35 2.07 -0.67 5.07
CA GLN A 35 1.30 0.47 5.58
C GLN A 35 -0.20 0.12 5.53
N PHE A 36 -0.93 0.51 6.57
CA PHE A 36 -2.36 0.23 6.64
C PHE A 36 -3.07 1.33 7.42
N ILE A 37 -4.39 1.42 7.26
CA ILE A 37 -5.16 2.44 7.96
C ILE A 37 -5.35 2.06 9.42
N ARG A 38 -4.89 2.93 10.32
CA ARG A 38 -5.02 2.67 11.74
C ARG A 38 -6.48 2.79 12.15
N SER A 39 -7.13 3.86 11.69
CA SER A 39 -8.53 4.10 12.00
C SER A 39 -9.10 5.18 11.09
N VAL A 40 -10.43 5.24 11.01
CA VAL A 40 -11.11 6.25 10.20
C VAL A 40 -12.12 7.00 11.06
N ASP A 41 -12.04 8.33 11.04
CA ASP A 41 -12.96 9.14 11.82
C ASP A 41 -14.41 8.96 11.29
N PRO A 42 -15.36 8.57 12.11
CA PRO A 42 -16.77 8.38 11.64
C PRO A 42 -17.27 9.57 10.81
N ASP A 43 -16.83 10.77 11.17
CA ASP A 43 -17.25 11.97 10.44
C ASP A 43 -16.16 12.46 9.51
N SER A 44 -15.86 11.67 8.47
CA SER A 44 -14.82 12.06 7.50
C SER A 44 -15.18 11.57 6.10
N PRO A 45 -14.78 12.29 5.07
CA PRO A 45 -15.09 11.89 3.65
C PRO A 45 -14.37 10.61 3.26
N ALA A 46 -13.28 10.30 3.98
CA ALA A 46 -12.53 9.09 3.70
C ALA A 46 -13.41 7.87 3.95
N GLU A 47 -14.26 7.98 4.96
CA GLU A 47 -15.16 6.89 5.30
C GLU A 47 -16.18 6.68 4.18
N ALA A 48 -16.71 7.77 3.66
CA ALA A 48 -17.69 7.70 2.57
C ALA A 48 -17.06 7.17 1.29
N SER A 49 -15.81 7.55 1.05
CA SER A 49 -15.11 7.11 -0.15
C SER A 49 -15.06 5.58 -0.23
N GLY A 50 -14.98 4.94 0.93
CA GLY A 50 -14.93 3.47 0.99
C GLY A 50 -13.72 3.01 1.80
N LEU A 51 -12.93 3.97 2.29
CA LEU A 51 -11.76 3.63 3.08
C LEU A 51 -12.19 3.01 4.39
N ARG A 52 -11.49 1.97 4.82
CA ARG A 52 -11.82 1.28 6.07
C ARG A 52 -10.61 1.22 7.00
N ALA A 53 -10.88 0.98 8.29
CA ALA A 53 -9.82 0.92 9.29
C ALA A 53 -8.90 -0.28 9.03
N GLN A 54 -9.35 -1.24 8.23
CA GLN A 54 -8.55 -2.43 7.94
C GLN A 54 -8.25 -2.52 6.44
N ASP A 55 -7.86 -1.39 5.84
CA ASP A 55 -7.54 -1.35 4.41
C ASP A 55 -6.06 -1.09 4.20
N ARG A 56 -5.53 -1.54 3.05
CA ARG A 56 -4.11 -1.37 2.72
C ARG A 56 -3.97 -0.49 1.48
N ILE A 57 -2.99 0.43 1.51
CA ILE A 57 -2.77 1.32 0.38
C ILE A 57 -1.91 0.64 -0.68
N VAL A 58 -2.47 0.47 -1.88
CA VAL A 58 -1.74 -0.16 -2.98
C VAL A 58 -1.25 0.89 -3.96
N GLU A 59 -2.15 1.80 -4.35
CA GLU A 59 -1.82 2.86 -5.29
C GLU A 59 -2.47 4.18 -4.88
N VAL A 60 -1.79 5.28 -5.18
CA VAL A 60 -2.31 6.62 -4.86
C VAL A 60 -2.39 7.46 -6.11
N ASN A 61 -3.57 8.01 -6.38
CA ASN A 61 -3.75 8.85 -7.56
C ASN A 61 -3.23 8.15 -8.81
N GLY A 62 -3.19 6.82 -8.77
CA GLY A 62 -2.72 6.03 -9.91
C GLY A 62 -1.19 5.89 -9.93
N VAL A 63 -0.56 6.03 -8.77
CA VAL A 63 0.92 5.92 -8.69
C VAL A 63 1.30 4.72 -7.82
N CYS A 64 2.24 3.91 -8.32
CA CYS A 64 2.68 2.71 -7.60
C CYS A 64 3.42 3.06 -6.30
N MET A 65 2.96 2.48 -5.20
CA MET A 65 3.58 2.71 -3.89
C MET A 65 4.62 1.64 -3.59
N GLU A 66 4.40 0.44 -4.11
CA GLU A 66 5.33 -0.66 -3.89
C GLU A 66 6.68 -0.37 -4.54
N GLY A 67 6.64 0.29 -5.69
CA GLY A 67 7.86 0.63 -6.41
C GLY A 67 8.59 1.79 -5.74
N LYS A 68 7.99 2.33 -4.68
CA LYS A 68 8.58 3.45 -3.94
C LYS A 68 8.85 3.05 -2.49
N GLN A 69 8.58 3.98 -1.58
CA GLN A 69 8.78 3.74 -0.14
C GLN A 69 7.55 4.14 0.66
N HIS A 70 7.54 3.80 1.94
CA HIS A 70 6.41 4.13 2.80
C HIS A 70 6.22 5.63 2.89
N GLY A 71 7.32 6.37 2.84
CA GLY A 71 7.26 7.82 2.90
C GLY A 71 6.74 8.40 1.60
N ASP A 72 6.71 7.57 0.56
CA ASP A 72 6.24 8.01 -0.74
C ASP A 72 4.71 8.19 -0.74
N VAL A 73 4.02 7.48 0.14
CA VAL A 73 2.56 7.57 0.20
C VAL A 73 2.11 8.99 0.53
N VAL A 74 2.77 9.62 1.51
CA VAL A 74 2.39 10.98 1.88
C VAL A 74 2.73 11.94 0.72
N SER A 75 3.85 11.67 0.06
CA SER A 75 4.28 12.49 -1.06
C SER A 75 3.27 12.45 -2.20
N ALA A 76 2.74 11.26 -2.48
CA ALA A 76 1.77 11.11 -3.56
C ALA A 76 0.52 11.92 -3.26
N ILE A 77 0.08 11.92 -2.00
CA ILE A 77 -1.10 12.65 -1.60
C ILE A 77 -0.88 14.16 -1.79
N ARG A 78 0.29 14.63 -1.38
CA ARG A 78 0.62 16.04 -1.51
C ARG A 78 0.65 16.45 -2.98
N ALA A 79 1.21 15.58 -3.81
CA ALA A 79 1.30 15.86 -5.24
C ALA A 79 -0.09 15.92 -5.87
N GLY A 80 -1.00 15.09 -5.38
CA GLY A 80 -2.36 15.06 -5.91
C GLY A 80 -3.03 16.43 -5.81
N GLY A 81 -2.83 17.10 -4.68
CA GLY A 81 -3.41 18.43 -4.46
C GLY A 81 -4.36 18.44 -3.27
N ASP A 82 -5.45 19.18 -3.40
CA ASP A 82 -6.44 19.28 -2.33
C ASP A 82 -7.31 18.03 -2.28
N GLU A 83 -7.12 17.14 -3.24
CA GLU A 83 -7.90 15.90 -3.30
C GLU A 83 -6.96 14.71 -3.50
N THR A 84 -7.40 13.52 -3.07
CA THR A 84 -6.57 12.33 -3.22
C THR A 84 -7.45 11.09 -3.41
N LYS A 85 -6.87 10.05 -4.01
CA LYS A 85 -7.60 8.80 -4.23
C LYS A 85 -6.72 7.62 -3.85
N LEU A 86 -7.24 6.75 -2.98
CA LEU A 86 -6.49 5.59 -2.50
C LEU A 86 -7.09 4.28 -3.00
N LEU A 87 -6.24 3.38 -3.49
CA LEU A 87 -6.70 2.08 -3.97
C LEU A 87 -6.54 1.04 -2.86
N VAL A 88 -7.62 0.33 -2.55
CA VAL A 88 -7.60 -0.69 -1.49
C VAL A 88 -8.28 -1.97 -1.97
N VAL A 89 -8.07 -3.06 -1.25
CA VAL A 89 -8.67 -4.35 -1.60
C VAL A 89 -9.47 -4.91 -0.43
N ASP A 90 -10.44 -5.76 -0.75
CA ASP A 90 -11.27 -6.37 0.28
C ASP A 90 -10.51 -7.52 0.93
N ARG A 91 -11.01 -8.01 2.07
CA ARG A 91 -10.35 -9.10 2.76
C ARG A 91 -10.30 -10.34 1.88
N GLU A 92 -11.40 -10.62 1.17
CA GLU A 92 -11.44 -11.77 0.27
C GLU A 92 -10.51 -11.54 -0.92
N THR A 93 -10.56 -10.33 -1.45
CA THR A 93 -9.73 -9.97 -2.59
C THR A 93 -8.25 -10.00 -2.22
N ASP A 94 -7.93 -9.44 -1.06
CA ASP A 94 -6.54 -9.39 -0.61
C ASP A 94 -5.90 -10.77 -0.62
N GLU A 95 -6.57 -11.74 -0.01
CA GLU A 95 -6.05 -13.10 0.04
C GLU A 95 -6.10 -13.74 -1.35
N PHE A 96 -7.08 -13.35 -2.14
CA PHE A 96 -7.22 -13.91 -3.48
C PHE A 96 -6.01 -13.55 -4.34
N PHE A 97 -5.60 -12.28 -4.30
CA PHE A 97 -4.47 -11.82 -5.10
C PHE A 97 -3.12 -12.30 -4.55
N LYS A 98 -2.96 -12.35 -3.23
CA LYS A 98 -1.68 -12.77 -2.65
C LYS A 98 -1.28 -14.17 -3.12
N LYS A 99 -2.23 -15.10 -3.12
CA LYS A 99 -1.92 -16.46 -3.56
C LYS A 99 -1.69 -16.49 -5.07
N CYS A 100 -2.27 -15.50 -5.77
CA CYS A 100 -2.11 -15.42 -7.22
C CYS A 100 -0.80 -14.72 -7.58
N ARG A 101 -0.15 -14.14 -6.57
CA ARG A 101 1.11 -13.44 -6.77
C ARG A 101 0.96 -12.31 -7.79
N VAL A 102 -0.14 -11.57 -7.67
CA VAL A 102 -0.41 -10.44 -8.58
C VAL A 102 -0.60 -9.16 -7.78
N ILE A 103 0.04 -8.08 -8.22
CA ILE A 103 -0.04 -6.79 -7.55
C ILE A 103 -1.29 -6.02 -8.04
N PRO A 104 -2.31 -5.85 -7.22
CA PRO A 104 -3.54 -5.12 -7.65
C PRO A 104 -3.23 -3.73 -8.21
N SER A 105 -4.06 -3.27 -9.14
CA SER A 105 -3.89 -1.94 -9.73
C SER A 105 -5.23 -1.44 -10.24
N GLN A 106 -5.29 -0.17 -10.65
CA GLN A 106 -6.54 0.41 -11.14
C GLN A 106 -6.99 -0.25 -12.44
N GLU A 107 -6.04 -0.63 -13.29
CA GLU A 107 -6.39 -1.27 -14.56
C GLU A 107 -7.39 -2.40 -14.33
N HIS A 108 -7.29 -3.03 -13.17
CA HIS A 108 -8.19 -4.13 -12.83
C HIS A 108 -9.63 -3.62 -12.67
N LEU A 109 -9.77 -2.37 -12.24
CA LEU A 109 -11.11 -1.80 -12.05
C LEU A 109 -11.87 -1.79 -13.36
N ASN A 110 -11.17 -1.42 -14.44
CA ASN A 110 -11.80 -1.37 -15.75
C ASN A 110 -11.83 -2.75 -16.41
N GLY A 111 -10.66 -3.37 -16.55
CA GLY A 111 -10.60 -4.69 -17.19
C GLY A 111 -10.93 -5.81 -16.20
N PRO A 112 -11.13 -7.03 -16.66
CA PRO A 112 -11.45 -8.20 -15.78
C PRO A 112 -10.27 -8.70 -14.95
N LEU A 113 -10.59 -9.46 -13.90
CA LEU A 113 -9.59 -10.04 -13.01
C LEU A 113 -8.47 -10.72 -13.82
N PRO A 114 -7.33 -10.96 -13.20
CA PRO A 114 -6.17 -11.61 -13.87
C PRO A 114 -6.37 -13.12 -14.04
N VAL A 115 -5.26 -13.82 -14.23
CA VAL A 115 -5.28 -15.28 -14.42
C VAL A 115 -4.12 -15.92 -13.64
N PRO A 116 -4.38 -16.67 -12.57
CA PRO A 116 -3.30 -17.32 -11.79
C PRO A 116 -2.84 -18.62 -12.43
N PHE A 117 -1.60 -18.63 -12.92
CA PHE A 117 -1.04 -19.81 -13.56
C PHE A 117 0.47 -19.68 -13.69
N THR A 118 0.93 -18.46 -14.00
CA THR A 118 2.36 -18.20 -14.15
C THR A 118 2.98 -17.81 -12.80
N ASN A 119 4.30 -17.89 -12.72
CA ASN A 119 5.00 -17.53 -11.49
C ASN A 119 6.48 -17.26 -11.77
N GLY A 120 7.16 -16.65 -10.81
CA GLY A 120 8.58 -16.34 -10.97
C GLY A 120 8.79 -15.32 -12.08
N GLU A 121 9.16 -14.10 -11.71
CA GLU A 121 9.39 -13.04 -12.70
C GLU A 121 10.56 -12.16 -12.27
N ILE A 122 11.62 -12.18 -13.07
CA ILE A 122 12.82 -11.37 -12.78
C ILE A 122 13.25 -10.58 -14.01
N GLN A 123 13.99 -9.49 -13.79
CA GLN A 123 14.46 -8.66 -14.89
C GLN A 123 15.54 -7.70 -14.40
N LYS A 124 16.77 -8.21 -14.28
CA LYS A 124 17.89 -7.39 -13.81
C LYS A 124 18.60 -6.72 -15.00
N GLU A 125 18.96 -5.45 -14.81
CA GLU A 125 19.65 -4.69 -15.86
C GLU A 125 20.40 -3.52 -15.26
N ASN A 126 21.60 -3.26 -15.79
CA ASN A 126 22.43 -2.17 -15.31
C ASN A 126 22.15 -0.89 -16.10
N SER A 127 21.05 -0.23 -15.77
CA SER A 127 20.68 1.00 -16.45
C SER A 127 21.72 2.09 -16.21
N ARG A 128 22.20 2.18 -14.98
CA ARG A 128 23.19 3.20 -14.63
C ARG A 128 23.88 2.85 -13.32
N GLU A 129 24.94 3.59 -12.98
CA GLU A 129 25.69 3.35 -11.76
C GLU A 129 24.99 4.04 -10.58
N ALA A 130 24.99 3.36 -9.43
CA ALA A 130 24.36 3.89 -8.24
C ALA A 130 24.81 3.13 -7.00
N LEU A 131 23.91 2.95 -6.04
CA LEU A 131 24.23 2.23 -4.82
C LEU A 131 24.33 0.74 -5.10
N ALA A 132 25.31 0.09 -4.45
CA ALA A 132 25.50 -1.35 -4.64
C ALA A 132 24.35 -2.14 -4.04
N GLU A 133 23.94 -3.19 -4.74
CA GLU A 133 22.86 -4.04 -4.27
C GLU A 133 22.90 -5.39 -4.98
N ALA A 134 22.76 -6.47 -4.19
CA ALA A 134 22.79 -7.82 -4.77
C ALA A 134 22.01 -8.78 -3.88
N ALA A 135 21.43 -9.80 -4.50
CA ALA A 135 20.65 -10.80 -3.76
C ALA A 135 20.55 -12.10 -4.56
N LEU A 136 21.69 -12.76 -4.72
CA LEU A 136 21.71 -14.02 -5.47
C LEU A 136 20.85 -15.06 -4.78
N GLU A 137 20.96 -15.10 -3.45
CA GLU A 137 20.18 -16.05 -2.67
C GLU A 137 18.70 -15.65 -2.68
N SER A 138 17.85 -16.58 -3.08
CA SER A 138 16.42 -16.31 -3.14
C SER A 138 15.66 -17.55 -3.64
N PRO A 139 16.17 -18.19 -4.68
CA PRO A 139 15.52 -19.41 -5.26
C PRO A 139 15.43 -20.54 -4.24
N ARG A 140 14.33 -21.30 -4.29
CA ARG A 140 14.13 -22.41 -3.36
C ARG A 140 15.06 -23.58 -3.69
N PRO A 141 15.23 -23.91 -4.96
CA PRO A 141 16.11 -25.04 -5.39
C PRO A 141 17.59 -24.78 -5.12
N ALA A 142 18.35 -25.86 -4.97
CA ALA A 142 19.78 -25.79 -4.72
C ALA A 142 20.46 -24.74 -5.60
N LEU A 143 21.75 -24.49 -5.33
CA LEU A 143 22.53 -23.51 -6.07
C LEU A 143 22.88 -24.04 -7.46
N VAL A 144 22.66 -23.21 -8.48
CA VAL A 144 22.95 -23.59 -9.86
C VAL A 144 22.51 -25.03 -10.13
N ARG A 145 21.21 -25.22 -10.28
CA ARG A 145 20.66 -26.54 -10.55
C ARG A 145 21.09 -27.01 -11.94
N SER A 146 21.11 -26.09 -12.90
CA SER A 146 21.51 -26.43 -14.26
C SER A 146 21.99 -25.17 -14.99
N ALA A 147 22.92 -25.36 -15.93
CA ALA A 147 23.46 -24.23 -16.70
C ALA A 147 22.98 -24.29 -18.14
N SER A 148 22.35 -23.20 -18.60
CA SER A 148 21.85 -23.14 -19.97
C SER A 148 22.98 -22.80 -20.94
N SER A 149 22.82 -23.24 -22.19
CA SER A 149 23.84 -22.98 -23.20
C SER A 149 23.89 -21.49 -23.54
N ASP A 150 24.30 -20.68 -22.57
CA ASP A 150 24.38 -19.24 -22.78
C ASP A 150 23.05 -18.69 -23.28
N THR A 151 22.92 -17.37 -23.32
CA THR A 151 21.69 -16.73 -23.79
C THR A 151 22.01 -15.43 -24.53
N SER A 152 21.11 -15.03 -25.42
CA SER A 152 21.31 -13.81 -26.19
C SER A 152 21.15 -12.58 -25.29
N GLU A 153 21.96 -11.56 -25.55
CA GLU A 153 21.89 -10.33 -24.77
C GLU A 153 22.40 -9.14 -25.59
N GLU A 154 21.59 -8.09 -25.66
CA GLU A 154 21.95 -6.88 -26.41
C GLU A 154 22.02 -5.69 -25.48
N LEU A 155 23.01 -4.83 -25.71
CA LEU A 155 23.19 -3.63 -24.88
C LEU A 155 22.71 -2.40 -25.66
N ASN A 156 21.71 -1.72 -25.11
CA ASN A 156 21.15 -0.52 -25.76
C ASN A 156 20.91 0.59 -24.74
N SER A 157 21.92 1.44 -24.55
CA SER A 157 21.81 2.54 -23.60
C SER A 157 21.23 3.78 -24.29
N GLN A 158 21.05 3.69 -25.60
CA GLN A 158 20.51 4.80 -26.37
C GLN A 158 19.09 5.11 -25.91
N ASP A 159 18.32 4.06 -25.65
CA ASP A 159 16.94 4.22 -25.20
C ASP A 159 16.89 4.56 -23.71
N SER A 160 15.76 5.13 -23.28
CA SER A 160 15.57 5.50 -21.87
C SER A 160 14.48 4.64 -21.24
N PRO A 161 14.80 3.43 -20.81
CA PRO A 161 13.80 2.50 -20.20
C PRO A 161 13.48 2.85 -18.73
N PRO A 162 12.49 2.21 -18.12
CA PRO A 162 12.11 2.48 -16.70
C PRO A 162 13.24 2.20 -15.72
N LYS A 163 13.26 2.94 -14.61
CA LYS A 163 14.30 2.79 -13.60
C LYS A 163 14.12 1.49 -12.82
N GLN A 164 14.05 1.60 -11.49
CA GLN A 164 13.89 0.43 -10.63
C GLN A 164 14.87 -0.66 -11.05
N ASP A 165 14.44 -1.92 -11.02
CA ASP A 165 15.30 -3.03 -11.40
C ASP A 165 16.66 -2.93 -10.72
N SER A 166 17.54 -3.85 -11.05
CA SER A 166 18.87 -3.87 -10.45
C SER A 166 19.75 -2.76 -11.05
N THR A 167 20.87 -2.50 -10.38
CA THR A 167 21.80 -1.48 -10.86
C THR A 167 23.22 -2.02 -10.74
N ALA A 168 24.15 -1.41 -11.46
CA ALA A 168 25.52 -1.94 -11.47
C ALA A 168 26.15 -1.96 -10.07
N PRO A 169 26.87 -3.01 -9.72
CA PRO A 169 27.52 -3.13 -8.37
C PRO A 169 28.53 -2.02 -8.09
N SER A 170 28.92 -1.92 -6.82
CA SER A 170 29.89 -0.93 -6.34
C SER A 170 29.73 0.41 -7.05
N SER A 171 30.74 1.27 -6.87
CA SER A 171 30.75 2.59 -7.47
C SER A 171 32.19 3.09 -7.60
N THR A 172 32.38 4.13 -8.42
CA THR A 172 33.71 4.69 -8.61
C THR A 172 34.24 5.31 -7.32
N SER A 173 35.46 4.94 -6.94
CA SER A 173 36.07 5.47 -5.72
C SER A 173 36.54 6.91 -5.94
N SER A 174 36.38 7.75 -4.92
CA SER A 174 36.79 9.15 -5.00
C SER A 174 38.09 9.38 -4.25
N SER A 175 39.10 9.84 -4.98
CA SER A 175 40.41 10.10 -4.38
C SER A 175 40.37 11.41 -3.60
N ASP A 176 41.12 11.44 -2.49
CA ASP A 176 41.17 12.63 -1.64
C ASP A 176 42.23 12.46 -0.55
N PRO A 177 43.50 12.26 -0.89
CA PRO A 177 44.58 12.09 0.12
C PRO A 177 44.78 13.34 1.00
N ILE A 178 45.26 13.12 2.22
CA ILE A 178 45.52 14.20 3.17
C ILE A 178 46.98 14.12 3.64
N LEU A 179 47.81 15.07 3.22
CA LEU A 179 49.23 15.08 3.61
C LEU A 179 49.52 16.25 4.55
N ASP A 180 50.09 15.96 5.72
CA ASP A 180 50.41 17.00 6.69
C ASP A 180 51.65 16.63 7.50
N PHE A 181 52.44 15.69 6.98
CA PHE A 181 53.65 15.25 7.67
C PHE A 181 54.62 16.42 7.84
N ASN A 182 54.83 17.17 6.77
CA ASN A 182 55.73 18.31 6.83
C ASN A 182 55.21 19.38 7.76
N ILE A 183 53.89 19.61 7.73
CA ILE A 183 53.26 20.62 8.58
C ILE A 183 53.35 20.21 10.05
N SER A 184 53.48 18.91 10.31
CA SER A 184 53.58 18.43 11.67
C SER A 184 54.80 19.02 12.36
N LEU A 185 55.92 19.04 11.65
CA LEU A 185 57.15 19.59 12.20
C LEU A 185 56.98 21.09 12.46
N ALA A 186 56.39 21.79 11.50
CA ALA A 186 56.18 23.24 11.61
C ALA A 186 55.26 23.58 12.77
N MET A 187 54.11 22.93 12.81
CA MET A 187 53.13 23.18 13.87
C MET A 187 53.64 22.63 15.20
N ALA A 188 54.72 21.86 15.14
CA ALA A 188 55.28 21.27 16.35
C ALA A 188 55.52 22.33 17.42
N LYS A 189 55.83 23.56 16.99
CA LYS A 189 56.07 24.64 17.93
C LYS A 189 54.81 24.93 18.74
N GLU A 190 53.66 24.90 18.10
CA GLU A 190 52.39 25.17 18.78
C GLU A 190 52.31 24.35 20.08
N ARG A 191 53.21 23.38 20.21
CA ARG A 191 53.23 22.54 21.41
C ARG A 191 53.45 23.38 22.66
N ALA A 192 54.34 24.36 22.56
CA ALA A 192 54.64 25.23 23.69
C ALA A 192 53.37 25.90 24.21
N HIS A 193 52.39 26.07 23.34
CA HIS A 193 51.13 26.71 23.72
C HIS A 193 50.22 25.72 24.44
N GLN A 194 50.76 24.56 24.78
CA GLN A 194 49.99 23.53 25.47
C GLN A 194 48.76 23.13 24.65
N LYS A 195 48.30 21.90 24.83
CA LYS A 195 47.14 21.41 24.11
C LYS A 195 47.42 21.38 22.60
N ARG A 196 47.10 20.26 21.97
CA ARG A 196 47.32 20.10 20.53
C ARG A 196 46.32 20.92 19.74
N SER A 197 46.75 21.42 18.57
CA SER A 197 45.88 22.23 17.73
C SER A 197 44.65 21.45 17.30
N SER A 198 44.85 20.22 16.82
CA SER A 198 43.74 19.37 16.38
C SER A 198 42.59 20.18 15.78
N LYS A 199 42.92 21.28 15.11
CA LYS A 199 41.91 22.13 14.50
C LYS A 199 41.21 21.42 13.34
N ARG A 200 39.88 21.53 13.30
CA ARG A 200 39.10 20.90 12.25
C ARG A 200 37.70 21.53 12.17
N ALA A 201 37.05 21.37 11.01
CA ALA A 201 35.71 21.93 10.80
C ALA A 201 34.81 20.93 10.07
N PRO A 202 34.35 19.91 10.76
CA PRO A 202 33.47 18.86 10.17
C PRO A 202 32.13 19.41 9.69
N GLN A 203 31.58 18.81 8.63
CA GLN A 203 30.31 19.25 8.08
C GLN A 203 29.18 19.01 9.08
N MET A 204 28.65 20.09 9.64
CA MET A 204 27.57 19.99 10.62
C MET A 204 26.29 19.47 9.96
N ASP A 205 25.98 20.01 8.77
CA ASP A 205 24.77 19.61 8.05
C ASP A 205 23.60 19.38 9.00
N TRP A 206 22.87 20.44 9.30
CA TRP A 206 21.73 20.35 10.21
C TRP A 206 20.66 19.40 9.65
N SER A 207 20.36 19.55 8.37
CA SER A 207 19.35 18.70 7.72
C SER A 207 18.16 18.47 8.64
N LYS A 208 17.50 19.55 9.03
CA LYS A 208 16.33 19.46 9.92
C LYS A 208 15.20 18.70 9.24
N LYS A 209 14.97 18.98 7.97
CA LYS A 209 13.91 18.32 7.22
C LYS A 209 12.64 18.20 8.06
N ASN A 210 12.52 17.09 8.79
CA ASN A 210 11.35 16.86 9.63
C ASN A 210 11.45 17.67 10.92
N GLU A 211 10.46 18.52 11.17
CA GLU A 211 10.44 19.35 12.38
C GLU A 211 9.47 18.77 13.39
N LEU A 212 9.32 19.45 14.52
CA LEU A 212 8.43 19.00 15.57
C LEU A 212 6.97 19.15 15.14
N PHE A 213 6.14 18.21 15.53
CA PHE A 213 4.71 18.23 15.17
C PHE A 213 4.54 18.70 13.73
N SER A 214 4.46 17.75 12.81
CA SER A 214 4.29 18.07 11.40
C SER A 214 3.01 18.87 11.18
N ASN A 215 1.97 18.53 11.94
CA ASN A 215 0.70 19.23 11.83
C ASN A 215 0.16 19.17 10.41
N LEU A 216 0.09 17.96 9.86
CA LEU A 216 -0.41 17.78 8.49
C LEU A 216 -1.62 18.68 8.24
N GLY A 1 -26.55 -18.44 -11.71
CA GLY A 1 -25.28 -18.97 -11.13
C GLY A 1 -24.24 -17.86 -11.09
N ILE A 2 -23.92 -17.40 -9.87
CA ILE A 2 -22.92 -16.33 -9.69
C ILE A 2 -21.73 -16.85 -8.91
N ASP A 3 -20.53 -16.65 -9.46
CA ASP A 3 -19.30 -17.10 -8.81
C ASP A 3 -18.80 -16.05 -7.82
N PRO A 4 -18.25 -16.45 -6.68
CA PRO A 4 -17.71 -15.47 -5.69
C PRO A 4 -16.37 -14.90 -6.12
N PHE A 5 -15.83 -15.44 -7.21
CA PHE A 5 -14.53 -14.98 -7.72
C PHE A 5 -14.65 -13.68 -8.52
N THR A 6 -15.79 -13.49 -9.18
CA THR A 6 -15.97 -12.29 -9.99
C THR A 6 -16.25 -11.04 -9.14
N MET A 7 -16.35 -11.20 -7.82
CA MET A 7 -16.62 -10.06 -6.92
C MET A 7 -15.35 -9.65 -6.17
N LEU A 8 -14.27 -10.39 -6.39
CA LEU A 8 -13.00 -10.08 -5.71
C LEU A 8 -12.18 -9.08 -6.52
N ARG A 9 -12.62 -7.82 -6.55
CA ARG A 9 -11.92 -6.79 -7.31
C ARG A 9 -11.70 -5.52 -6.46
N PRO A 10 -10.63 -4.79 -6.71
CA PRO A 10 -10.32 -3.52 -5.97
C PRO A 10 -11.46 -2.49 -6.03
N ARG A 11 -11.29 -1.41 -5.25
CA ARG A 11 -12.26 -0.32 -5.19
C ARG A 11 -11.50 1.01 -5.08
N LEU A 12 -11.78 1.97 -5.94
CA LEU A 12 -11.08 3.25 -5.89
C LEU A 12 -11.85 4.26 -5.04
N CYS A 13 -11.30 4.56 -3.87
CA CYS A 13 -11.92 5.51 -2.95
C CYS A 13 -11.45 6.93 -3.25
N THR A 14 -12.39 7.86 -3.33
CA THR A 14 -12.06 9.26 -3.61
C THR A 14 -12.52 10.14 -2.44
N MET A 15 -11.58 10.88 -1.86
CA MET A 15 -11.90 11.76 -0.73
C MET A 15 -11.33 13.16 -0.96
N LYS A 16 -11.81 14.12 -0.18
CA LYS A 16 -11.36 15.51 -0.28
C LYS A 16 -10.88 15.99 1.09
N LYS A 17 -9.73 16.65 1.10
CA LYS A 17 -9.16 17.16 2.35
C LYS A 17 -9.77 18.50 2.72
N GLY A 18 -10.07 18.69 3.99
CA GLY A 18 -10.64 19.92 4.48
C GLY A 18 -9.64 20.62 5.40
N PRO A 19 -10.10 21.54 6.20
CA PRO A 19 -9.22 22.30 7.16
C PRO A 19 -8.49 21.37 8.13
N SER A 20 -9.03 20.16 8.31
CA SER A 20 -8.43 19.17 9.21
C SER A 20 -7.79 18.03 8.42
N GLY A 21 -7.71 18.17 7.10
CA GLY A 21 -7.11 17.12 6.28
C GLY A 21 -8.15 16.08 5.89
N TYR A 22 -7.69 15.00 5.27
CA TYR A 22 -8.59 13.93 4.84
C TYR A 22 -9.29 13.32 6.05
N GLY A 23 -8.54 13.07 7.12
CA GLY A 23 -9.10 12.48 8.34
C GLY A 23 -8.79 10.99 8.41
N PHE A 24 -7.53 10.63 8.15
CA PHE A 24 -7.11 9.23 8.20
C PHE A 24 -5.65 9.15 8.66
N ASN A 25 -5.29 8.03 9.29
CA ASN A 25 -3.93 7.83 9.79
C ASN A 25 -3.21 6.69 9.06
N LEU A 26 -1.89 6.83 8.93
CA LEU A 26 -1.05 5.82 8.27
C LEU A 26 0.11 5.44 9.18
N HIS A 27 0.69 4.26 8.94
CA HIS A 27 1.81 3.79 9.75
C HIS A 27 1.44 3.77 11.23
N SER A 28 2.29 3.14 12.03
CA SER A 28 2.05 3.04 13.47
C SER A 28 3.36 2.87 14.22
N ASP A 29 3.31 3.10 15.53
CA ASP A 29 4.49 2.97 16.37
C ASP A 29 5.57 3.93 15.90
N LYS A 30 6.75 3.83 16.50
CA LYS A 30 7.87 4.69 16.14
C LYS A 30 8.27 4.43 14.68
N SER A 31 8.25 3.16 14.30
CA SER A 31 8.61 2.75 12.94
C SER A 31 8.21 1.29 12.71
N LYS A 32 7.00 1.03 12.22
CA LYS A 32 6.52 -0.35 12.02
C LYS A 32 6.36 -0.72 10.52
N PRO A 33 6.96 -1.80 10.02
CA PRO A 33 6.81 -2.20 8.58
C PRO A 33 5.34 -2.28 8.10
N GLY A 34 5.21 -2.31 6.77
CA GLY A 34 3.91 -2.43 6.10
C GLY A 34 3.16 -1.10 6.06
N GLN A 35 2.52 -0.83 4.91
CA GLN A 35 1.73 0.39 4.73
C GLN A 35 0.25 0.01 4.76
N PHE A 36 -0.44 0.40 5.81
CA PHE A 36 -1.86 0.08 5.97
C PHE A 36 -2.55 1.16 6.78
N ILE A 37 -3.89 1.12 6.79
CA ILE A 37 -4.65 2.12 7.54
C ILE A 37 -4.75 1.73 9.01
N ARG A 38 -4.26 2.60 9.89
CA ARG A 38 -4.30 2.34 11.32
C ARG A 38 -5.72 2.52 11.85
N SER A 39 -6.33 3.65 11.49
CA SER A 39 -7.69 3.94 11.93
C SER A 39 -8.29 5.07 11.08
N VAL A 40 -9.62 5.20 11.13
CA VAL A 40 -10.31 6.25 10.38
C VAL A 40 -11.20 7.06 11.32
N ASP A 41 -11.10 8.38 11.24
CA ASP A 41 -11.90 9.25 12.09
C ASP A 41 -13.38 9.17 11.67
N PRO A 42 -14.28 8.71 12.51
CA PRO A 42 -15.73 8.63 12.14
C PRO A 42 -16.26 9.95 11.60
N ASP A 43 -17.22 9.85 10.67
CA ASP A 43 -17.80 11.03 10.04
C ASP A 43 -16.76 11.78 9.22
N SER A 44 -15.92 11.00 8.52
CA SER A 44 -14.86 11.57 7.68
C SER A 44 -15.09 11.17 6.22
N PRO A 45 -14.68 11.97 5.27
CA PRO A 45 -14.86 11.65 3.82
C PRO A 45 -14.14 10.36 3.42
N ALA A 46 -13.05 10.05 4.12
CA ALA A 46 -12.31 8.83 3.83
C ALA A 46 -13.18 7.60 4.08
N GLU A 47 -13.92 7.65 5.18
CA GLU A 47 -14.81 6.54 5.54
C GLU A 47 -15.88 6.36 4.47
N ALA A 48 -16.47 7.47 4.05
CA ALA A 48 -17.51 7.43 3.03
C ALA A 48 -16.94 7.02 1.67
N SER A 49 -15.71 7.46 1.41
CA SER A 49 -15.05 7.15 0.15
C SER A 49 -14.79 5.65 0.03
N GLY A 50 -14.88 4.94 1.15
CA GLY A 50 -14.65 3.49 1.17
C GLY A 50 -13.33 3.16 1.84
N LEU A 51 -12.71 4.16 2.46
CA LEU A 51 -11.44 3.96 3.16
C LEU A 51 -11.72 3.51 4.58
N ARG A 52 -11.28 2.30 4.93
CA ARG A 52 -11.49 1.74 6.26
C ARG A 52 -10.16 1.34 6.90
N ALA A 53 -10.17 1.17 8.22
CA ALA A 53 -8.98 0.81 8.96
C ALA A 53 -8.38 -0.50 8.46
N GLN A 54 -9.24 -1.39 7.96
CA GLN A 54 -8.79 -2.69 7.46
C GLN A 54 -8.59 -2.63 5.95
N ASP A 55 -7.58 -1.88 5.52
CA ASP A 55 -7.29 -1.75 4.09
C ASP A 55 -5.82 -1.36 3.88
N ARG A 56 -5.36 -1.48 2.63
CA ARG A 56 -3.98 -1.14 2.28
C ARG A 56 -3.95 -0.32 0.99
N ILE A 57 -2.95 0.55 0.87
CA ILE A 57 -2.81 1.39 -0.31
C ILE A 57 -2.01 0.67 -1.40
N VAL A 58 -2.62 0.51 -2.57
CA VAL A 58 -1.95 -0.14 -3.70
C VAL A 58 -1.53 0.89 -4.73
N GLU A 59 -2.41 1.85 -5.01
CA GLU A 59 -2.12 2.89 -5.99
C GLU A 59 -2.72 4.23 -5.56
N VAL A 60 -2.06 5.32 -5.94
CA VAL A 60 -2.53 6.67 -5.60
C VAL A 60 -2.71 7.50 -6.88
N ASN A 61 -3.85 8.15 -7.01
CA ASN A 61 -4.11 8.96 -8.19
C ASN A 61 -3.82 8.18 -9.47
N GLY A 62 -3.62 6.87 -9.33
CA GLY A 62 -3.34 6.02 -10.50
C GLY A 62 -1.84 5.76 -10.68
N VAL A 63 -1.07 5.86 -9.60
CA VAL A 63 0.39 5.61 -9.68
C VAL A 63 0.76 4.38 -8.85
N CYS A 64 1.85 3.73 -9.23
CA CYS A 64 2.30 2.52 -8.52
C CYS A 64 2.97 2.88 -7.20
N MET A 65 2.51 2.24 -6.12
CA MET A 65 3.07 2.47 -4.79
C MET A 65 3.88 1.25 -4.32
N GLU A 66 3.87 0.19 -5.13
CA GLU A 66 4.59 -1.04 -4.79
C GLU A 66 6.09 -0.82 -4.83
N GLY A 67 6.68 -0.97 -6.01
CA GLY A 67 8.12 -0.81 -6.17
C GLY A 67 8.62 0.46 -5.48
N LYS A 68 7.68 1.33 -5.11
CA LYS A 68 8.02 2.58 -4.44
C LYS A 68 8.22 2.35 -2.94
N GLN A 69 8.52 3.43 -2.23
CA GLN A 69 8.72 3.36 -0.77
C GLN A 69 7.44 3.75 -0.04
N HIS A 70 7.43 3.56 1.28
CA HIS A 70 6.25 3.90 2.07
C HIS A 70 6.11 5.42 2.20
N GLY A 71 7.22 6.12 2.06
CA GLY A 71 7.22 7.58 2.15
C GLY A 71 6.74 8.20 0.85
N ASP A 72 6.72 7.39 -0.21
CA ASP A 72 6.28 7.88 -1.51
C ASP A 72 4.77 8.10 -1.52
N VAL A 73 4.05 7.42 -0.63
CA VAL A 73 2.60 7.56 -0.58
C VAL A 73 2.19 9.00 -0.29
N VAL A 74 2.86 9.64 0.66
CA VAL A 74 2.54 11.02 0.99
C VAL A 74 2.92 11.93 -0.18
N SER A 75 4.02 11.57 -0.85
CA SER A 75 4.50 12.34 -1.99
C SER A 75 3.47 12.38 -3.10
N ALA A 76 2.73 11.28 -3.26
CA ALA A 76 1.71 11.19 -4.30
C ALA A 76 0.41 11.87 -3.85
N ILE A 77 0.05 11.69 -2.58
CA ILE A 77 -1.17 12.29 -2.05
C ILE A 77 -1.09 13.82 -2.09
N ARG A 78 0.05 14.36 -1.66
CA ARG A 78 0.24 15.81 -1.65
C ARG A 78 0.30 16.35 -3.08
N ALA A 79 0.97 15.61 -3.94
CA ALA A 79 1.11 16.02 -5.34
C ALA A 79 -0.25 16.04 -6.03
N GLY A 80 -1.17 15.23 -5.52
CA GLY A 80 -2.51 15.17 -6.11
C GLY A 80 -3.24 16.51 -6.02
N GLY A 81 -3.15 17.14 -4.84
CA GLY A 81 -3.80 18.45 -4.63
C GLY A 81 -4.69 18.43 -3.40
N ASP A 82 -5.81 19.14 -3.48
CA ASP A 82 -6.75 19.22 -2.36
C ASP A 82 -7.56 17.94 -2.22
N GLU A 83 -7.42 17.05 -3.20
CA GLU A 83 -8.15 15.78 -3.20
C GLU A 83 -7.19 14.64 -3.51
N THR A 84 -7.62 13.41 -3.21
CA THR A 84 -6.78 12.24 -3.49
C THR A 84 -7.65 11.00 -3.74
N LYS A 85 -7.09 10.02 -4.43
CA LYS A 85 -7.81 8.78 -4.73
C LYS A 85 -6.96 7.58 -4.31
N LEU A 86 -7.46 6.80 -3.36
CA LEU A 86 -6.75 5.63 -2.85
C LEU A 86 -7.39 4.33 -3.32
N LEU A 87 -6.55 3.39 -3.78
CA LEU A 87 -7.03 2.10 -4.25
C LEU A 87 -6.82 1.04 -3.15
N VAL A 88 -7.89 0.34 -2.77
CA VAL A 88 -7.80 -0.67 -1.73
C VAL A 88 -8.48 -1.96 -2.19
N VAL A 89 -8.24 -3.05 -1.46
CA VAL A 89 -8.82 -4.36 -1.80
C VAL A 89 -9.53 -4.97 -0.59
N ASP A 90 -10.41 -5.94 -0.86
CA ASP A 90 -11.14 -6.61 0.21
C ASP A 90 -10.24 -7.64 0.88
N ARG A 91 -10.68 -8.15 2.03
CA ARG A 91 -9.89 -9.14 2.73
C ARG A 91 -9.72 -10.40 1.88
N GLU A 92 -10.79 -10.85 1.22
CA GLU A 92 -10.69 -12.02 0.36
C GLU A 92 -9.85 -11.70 -0.88
N THR A 93 -10.11 -10.52 -1.45
CA THR A 93 -9.39 -10.09 -2.65
C THR A 93 -7.90 -9.92 -2.36
N ASP A 94 -7.58 -9.32 -1.21
CA ASP A 94 -6.18 -9.10 -0.86
C ASP A 94 -5.40 -10.40 -0.86
N GLU A 95 -5.92 -11.40 -0.15
CA GLU A 95 -5.25 -12.70 -0.09
C GLU A 95 -5.34 -13.42 -1.43
N PHE A 96 -6.44 -13.19 -2.15
CA PHE A 96 -6.63 -13.84 -3.44
C PHE A 96 -5.55 -13.40 -4.43
N PHE A 97 -5.29 -12.11 -4.49
CA PHE A 97 -4.28 -11.55 -5.41
C PHE A 97 -2.84 -11.85 -4.95
N LYS A 98 -2.59 -11.77 -3.65
CA LYS A 98 -1.24 -11.98 -3.14
C LYS A 98 -0.69 -13.36 -3.51
N LYS A 99 -1.51 -14.40 -3.37
CA LYS A 99 -1.04 -15.74 -3.70
C LYS A 99 -0.86 -15.86 -5.22
N CYS A 100 -1.54 -14.99 -5.96
CA CYS A 100 -1.45 -14.98 -7.42
C CYS A 100 -0.34 -14.04 -7.89
N ARG A 101 0.14 -13.20 -6.98
CA ARG A 101 1.21 -12.25 -7.32
C ARG A 101 0.86 -11.50 -8.59
N VAL A 102 -0.44 -11.37 -8.87
CA VAL A 102 -0.89 -10.67 -10.07
C VAL A 102 -0.79 -9.16 -9.88
N ILE A 103 -0.68 -8.75 -8.62
CA ILE A 103 -0.58 -7.33 -8.29
C ILE A 103 -1.83 -6.57 -8.76
N PRO A 104 -2.70 -6.13 -7.86
CA PRO A 104 -3.95 -5.40 -8.25
C PRO A 104 -3.66 -3.97 -8.71
N SER A 105 -4.51 -3.48 -9.61
CA SER A 105 -4.36 -2.12 -10.14
C SER A 105 -5.69 -1.62 -10.71
N GLN A 106 -5.75 -0.33 -11.02
CA GLN A 106 -6.97 0.26 -11.56
C GLN A 106 -7.46 -0.47 -12.82
N GLU A 107 -6.53 -0.94 -13.64
CA GLU A 107 -6.90 -1.64 -14.86
C GLU A 107 -7.96 -2.71 -14.56
N HIS A 108 -7.92 -3.22 -13.34
CA HIS A 108 -8.87 -4.25 -12.92
C HIS A 108 -10.27 -3.66 -12.75
N LEU A 109 -10.33 -2.38 -12.41
CA LEU A 109 -11.62 -1.72 -12.21
C LEU A 109 -12.43 -1.77 -13.49
N ASN A 110 -11.75 -1.56 -14.61
CA ASN A 110 -12.41 -1.59 -15.92
C ASN A 110 -12.80 -3.01 -16.30
N GLY A 111 -11.79 -3.85 -16.59
CA GLY A 111 -12.06 -5.24 -17.00
C GLY A 111 -12.27 -6.15 -15.79
N PRO A 112 -12.96 -7.27 -15.95
CA PRO A 112 -13.21 -8.23 -14.83
C PRO A 112 -11.93 -8.68 -14.11
N LEU A 113 -11.95 -9.95 -13.68
CA LEU A 113 -10.83 -10.56 -12.96
C LEU A 113 -9.69 -10.94 -13.92
N PRO A 114 -8.46 -10.99 -13.45
CA PRO A 114 -7.28 -11.37 -14.30
C PRO A 114 -7.40 -12.81 -14.81
N VAL A 115 -7.68 -13.73 -13.89
CA VAL A 115 -7.83 -15.14 -14.22
C VAL A 115 -6.85 -15.57 -15.32
N PRO A 116 -5.61 -15.77 -14.99
CA PRO A 116 -4.56 -16.20 -15.96
C PRO A 116 -4.97 -17.48 -16.69
N PHE A 117 -4.73 -17.51 -18.00
CA PHE A 117 -5.08 -18.68 -18.79
C PHE A 117 -4.56 -18.52 -20.22
N THR A 118 -4.15 -17.30 -20.56
CA THR A 118 -3.62 -17.01 -21.90
C THR A 118 -2.33 -16.22 -21.80
N ASN A 119 -1.54 -16.25 -22.86
CA ASN A 119 -0.27 -15.52 -22.89
C ASN A 119 0.11 -15.17 -24.33
N GLY A 120 1.10 -14.29 -24.47
CA GLY A 120 1.55 -13.88 -25.80
C GLY A 120 2.27 -12.53 -25.72
N GLU A 121 2.40 -11.87 -26.87
CA GLU A 121 3.07 -10.58 -26.91
C GLU A 121 2.26 -9.54 -26.14
N ILE A 122 2.86 -9.00 -25.09
CA ILE A 122 2.20 -7.98 -24.26
C ILE A 122 3.16 -6.84 -23.97
N GLN A 123 4.31 -6.84 -24.62
CA GLN A 123 5.31 -5.80 -24.43
C GLN A 123 4.80 -4.46 -24.93
N LYS A 124 4.99 -3.42 -24.11
CA LYS A 124 4.54 -2.07 -24.48
C LYS A 124 5.63 -1.35 -25.26
N GLU A 125 5.21 -0.42 -26.13
CA GLU A 125 6.15 0.36 -26.94
C GLU A 125 5.79 1.84 -26.91
N ASN A 126 6.73 2.68 -27.33
CA ASN A 126 6.51 4.12 -27.35
C ASN A 126 6.19 4.62 -25.94
N SER A 127 6.84 4.04 -24.94
CA SER A 127 6.62 4.43 -23.56
C SER A 127 7.26 5.79 -23.27
N ARG A 128 8.01 6.30 -24.25
CA ARG A 128 8.68 7.59 -24.09
C ARG A 128 7.66 8.73 -24.10
N GLU A 129 7.91 9.73 -23.26
CA GLU A 129 7.00 10.89 -23.17
C GLU A 129 7.76 12.18 -23.50
N ALA A 130 7.16 13.00 -24.34
CA ALA A 130 7.79 14.27 -24.72
C ALA A 130 7.82 15.23 -23.54
N LEU A 131 8.89 16.01 -23.45
CA LEU A 131 9.06 16.97 -22.36
C LEU A 131 8.62 18.36 -22.83
N ALA A 132 7.75 18.99 -22.03
CA ALA A 132 7.25 20.34 -22.35
C ALA A 132 7.51 21.29 -21.19
N GLU A 133 7.87 22.53 -21.54
CA GLU A 133 8.14 23.56 -20.53
C GLU A 133 6.85 24.29 -20.14
N ALA A 134 6.65 24.49 -18.85
CA ALA A 134 5.46 25.18 -18.36
C ALA A 134 5.48 26.65 -18.80
N ALA A 135 4.30 27.17 -19.16
CA ALA A 135 4.19 28.55 -19.60
C ALA A 135 4.44 29.50 -18.44
N LEU A 136 5.09 30.61 -18.73
CA LEU A 136 5.40 31.60 -17.70
C LEU A 136 4.22 32.55 -17.53
N GLU A 137 3.85 32.81 -16.27
CA GLU A 137 2.73 33.71 -16.00
C GLU A 137 3.17 35.15 -16.20
N SER A 138 2.21 36.05 -16.39
CA SER A 138 2.55 37.48 -16.57
C SER A 138 1.54 38.38 -15.86
N PRO A 139 1.93 39.60 -15.53
CA PRO A 139 1.05 40.58 -14.83
C PRO A 139 -0.43 40.37 -15.12
N ARG A 140 -1.24 40.43 -14.07
CA ARG A 140 -2.68 40.27 -14.16
C ARG A 140 -3.04 38.97 -14.89
N PRO A 141 -2.60 37.86 -14.37
CA PRO A 141 -2.87 36.53 -15.00
C PRO A 141 -4.34 36.12 -14.87
N ALA A 142 -4.83 35.36 -15.84
CA ALA A 142 -6.22 34.90 -15.83
C ALA A 142 -6.37 33.64 -16.65
N LEU A 143 -6.04 33.73 -17.94
CA LEU A 143 -6.15 32.58 -18.85
C LEU A 143 -4.80 31.87 -18.95
N VAL A 144 -4.56 30.96 -18.03
CA VAL A 144 -3.31 30.19 -18.02
C VAL A 144 -3.60 28.70 -17.97
N ARG A 145 -3.03 27.96 -18.91
CA ARG A 145 -3.24 26.52 -18.97
C ARG A 145 -2.71 25.85 -17.70
N SER A 146 -1.54 26.28 -17.25
CA SER A 146 -0.92 25.72 -16.03
C SER A 146 -0.88 26.77 -14.93
N ALA A 147 -1.12 26.32 -13.69
CA ALA A 147 -1.11 27.22 -12.55
C ALA A 147 0.28 27.80 -12.32
N SER A 148 1.30 26.97 -12.51
CA SER A 148 2.68 27.40 -12.32
C SER A 148 2.81 28.35 -11.13
N SER A 149 2.66 27.80 -9.93
CA SER A 149 2.76 28.60 -8.72
C SER A 149 4.21 29.00 -8.44
N ASP A 150 4.40 30.20 -7.89
CA ASP A 150 5.75 30.69 -7.58
C ASP A 150 6.06 30.48 -6.10
N THR A 151 7.19 29.82 -5.83
CA THR A 151 7.59 29.56 -4.45
C THR A 151 7.91 30.86 -3.72
N SER A 152 8.48 31.82 -4.44
CA SER A 152 8.83 33.11 -3.85
C SER A 152 9.56 32.91 -2.52
N GLU A 153 10.88 33.04 -2.55
CA GLU A 153 11.70 32.88 -1.35
C GLU A 153 12.90 33.83 -1.37
N GLU A 154 12.61 35.12 -1.28
CA GLU A 154 13.66 36.13 -1.29
C GLU A 154 14.44 36.11 0.03
N LEU A 155 15.76 36.18 -0.05
CA LEU A 155 16.60 36.18 1.16
C LEU A 155 16.99 37.60 1.52
N ASN A 156 16.62 38.02 2.72
CA ASN A 156 16.94 39.38 3.19
C ASN A 156 16.54 39.54 4.65
N SER A 157 17.18 38.78 5.53
CA SER A 157 16.88 38.87 6.96
C SER A 157 17.15 40.27 7.49
N GLN A 158 18.28 40.84 7.10
CA GLN A 158 18.66 42.17 7.55
C GLN A 158 18.05 43.24 6.64
N ASP A 159 17.50 44.28 7.25
CA ASP A 159 16.88 45.37 6.49
C ASP A 159 17.89 46.49 6.25
N SER A 160 18.22 46.73 4.98
CA SER A 160 19.18 47.77 4.63
C SER A 160 18.51 49.15 4.70
N PRO A 161 19.25 50.23 4.49
CA PRO A 161 18.69 51.62 4.54
C PRO A 161 17.66 51.87 3.43
N PRO A 162 17.20 53.11 3.31
CA PRO A 162 16.21 53.49 2.26
C PRO A 162 16.76 53.29 0.84
N LYS A 163 15.86 53.05 -0.11
CA LYS A 163 16.28 52.83 -1.50
C LYS A 163 17.02 54.05 -2.03
N GLN A 164 18.15 53.79 -2.68
CA GLN A 164 18.97 54.86 -3.26
C GLN A 164 19.75 54.31 -4.45
N ASP A 165 19.24 54.57 -5.66
CA ASP A 165 19.90 54.09 -6.86
C ASP A 165 21.29 54.71 -7.01
N SER A 166 21.38 55.99 -6.67
CA SER A 166 22.65 56.70 -6.76
C SER A 166 22.69 57.84 -5.76
N THR A 167 23.89 58.33 -5.49
CA THR A 167 24.04 59.43 -4.55
C THR A 167 23.72 60.76 -5.20
N ALA A 168 23.41 61.74 -4.36
CA ALA A 168 23.10 63.10 -4.79
C ALA A 168 21.85 63.13 -5.67
N PRO A 169 21.01 64.16 -5.56
CA PRO A 169 19.74 64.26 -6.37
C PRO A 169 19.97 64.34 -7.90
N SER A 170 21.16 64.75 -8.32
CA SER A 170 21.45 64.89 -9.76
C SER A 170 21.05 63.62 -10.54
N SER A 171 20.56 63.83 -11.77
CA SER A 171 20.14 62.73 -12.64
C SER A 171 18.81 62.14 -12.18
N THR A 172 18.73 61.78 -10.92
CA THR A 172 17.51 61.18 -10.35
C THR A 172 16.72 62.23 -9.58
N SER A 173 16.75 63.47 -10.04
CA SER A 173 16.04 64.55 -9.37
C SER A 173 14.54 64.28 -9.39
N SER A 174 14.05 63.61 -8.35
CA SER A 174 12.63 63.29 -8.25
C SER A 174 12.06 62.89 -9.61
N SER A 175 12.02 61.58 -9.87
CA SER A 175 11.50 61.08 -11.14
C SER A 175 10.04 60.63 -11.00
N ASP A 176 9.14 61.40 -11.64
CA ASP A 176 7.70 61.11 -11.61
C ASP A 176 7.28 60.34 -10.36
N PRO A 177 7.30 60.99 -9.22
CA PRO A 177 6.91 60.35 -7.94
C PRO A 177 5.43 59.96 -7.89
N ILE A 178 5.13 58.86 -7.19
CA ILE A 178 3.76 58.40 -7.03
C ILE A 178 3.26 58.78 -5.64
N LEU A 179 4.17 59.37 -4.87
CA LEU A 179 3.87 59.80 -3.51
C LEU A 179 3.26 58.66 -2.70
N ASP A 180 3.99 58.23 -1.69
CA ASP A 180 3.53 57.14 -0.82
C ASP A 180 3.15 57.69 0.55
N PHE A 181 2.12 58.54 0.57
CA PHE A 181 1.66 59.13 1.81
C PHE A 181 1.21 58.06 2.79
N ASN A 182 0.43 57.10 2.30
CA ASN A 182 -0.08 56.00 3.14
C ASN A 182 0.36 54.65 2.60
N ILE A 183 0.81 54.62 1.35
CA ILE A 183 1.25 53.37 0.74
C ILE A 183 2.47 52.83 1.47
N SER A 184 3.40 53.71 1.79
CA SER A 184 4.61 53.31 2.49
C SER A 184 4.24 52.69 3.85
N LEU A 185 3.28 53.31 4.52
CA LEU A 185 2.83 52.81 5.81
C LEU A 185 2.09 51.48 5.65
N ALA A 186 1.22 51.41 4.65
CA ALA A 186 0.44 50.21 4.41
C ALA A 186 1.33 49.03 4.03
N MET A 187 2.20 49.24 3.04
CA MET A 187 3.10 48.19 2.60
C MET A 187 4.08 47.80 3.70
N ALA A 188 4.54 48.80 4.45
CA ALA A 188 5.49 48.57 5.54
C ALA A 188 4.92 47.59 6.56
N LYS A 189 3.65 47.79 6.92
CA LYS A 189 3.00 46.92 7.89
C LYS A 189 2.90 45.50 7.35
N GLU A 190 2.61 45.36 6.06
CA GLU A 190 2.48 44.05 5.45
C GLU A 190 3.77 43.25 5.62
N ARG A 191 4.90 43.91 5.39
CA ARG A 191 6.20 43.26 5.53
C ARG A 191 6.45 42.87 6.97
N ALA A 192 6.02 43.72 7.90
CA ALA A 192 6.21 43.47 9.33
C ALA A 192 5.31 42.33 9.80
N HIS A 193 4.35 41.93 8.96
CA HIS A 193 3.42 40.87 9.32
C HIS A 193 4.16 39.56 9.57
N GLN A 194 5.00 39.15 8.63
CA GLN A 194 5.75 37.91 8.76
C GLN A 194 6.86 38.06 9.79
N LYS A 195 7.55 39.20 9.77
CA LYS A 195 8.64 39.45 10.70
C LYS A 195 8.12 39.60 12.11
N ARG A 196 6.80 39.62 12.25
CA ARG A 196 6.16 39.76 13.56
C ARG A 196 6.59 38.62 14.48
N SER A 197 6.57 37.40 13.95
CA SER A 197 6.95 36.22 14.72
C SER A 197 8.39 35.82 14.44
N SER A 198 9.10 36.68 13.72
CA SER A 198 10.50 36.42 13.36
C SER A 198 10.58 35.28 12.36
N LYS A 199 11.44 35.45 11.36
CA LYS A 199 11.61 34.42 10.33
C LYS A 199 12.16 33.15 10.94
N ARG A 200 13.11 33.29 11.85
CA ARG A 200 13.72 32.15 12.52
C ARG A 200 12.70 31.45 13.41
N ALA A 201 13.20 30.63 14.34
CA ALA A 201 12.33 29.90 15.26
C ALA A 201 13.04 29.69 16.59
N PRO A 202 13.20 30.73 17.36
CA PRO A 202 13.88 30.68 18.69
C PRO A 202 13.29 29.60 19.61
N GLN A 203 11.96 29.48 19.60
CA GLN A 203 11.27 28.50 20.44
C GLN A 203 10.33 27.63 19.60
N MET A 204 9.10 28.10 19.42
CA MET A 204 8.13 27.34 18.63
C MET A 204 6.87 28.16 18.40
N ASP A 205 6.81 28.86 17.26
CA ASP A 205 5.65 29.68 16.93
C ASP A 205 5.28 29.50 15.45
N TRP A 206 6.28 29.49 14.59
CA TRP A 206 6.05 29.33 13.16
C TRP A 206 5.43 27.97 12.86
N SER A 207 5.88 26.94 13.57
CA SER A 207 5.37 25.58 13.37
C SER A 207 3.87 25.54 13.59
N LYS A 208 3.40 26.31 14.57
CA LYS A 208 1.97 26.36 14.88
C LYS A 208 1.18 26.88 13.68
N LYS A 209 1.73 27.91 13.03
CA LYS A 209 1.07 28.51 11.88
C LYS A 209 0.93 27.50 10.75
N ASN A 210 1.98 26.71 10.53
CA ASN A 210 1.97 25.72 9.46
C ASN A 210 1.17 24.48 9.88
N GLU A 211 0.33 23.99 8.98
CA GLU A 211 -0.48 22.81 9.26
C GLU A 211 -1.24 22.97 10.57
N LEU A 212 -2.54 23.19 10.47
CA LEU A 212 -3.37 23.38 11.66
C LEU A 212 -3.61 22.03 12.35
N PHE A 213 -3.45 22.00 13.67
CA PHE A 213 -3.66 20.78 14.44
C PHE A 213 -3.04 19.58 13.71
N SER A 214 -1.72 19.54 13.66
CA SER A 214 -1.02 18.43 13.00
C SER A 214 -1.11 17.16 13.83
N ASN A 215 -1.26 16.02 13.17
CA ASN A 215 -1.35 14.74 13.87
C ASN A 215 -1.00 13.59 12.93
N LEU A 216 -1.99 13.12 12.18
CA LEU A 216 -1.79 12.03 11.25
C LEU A 216 -0.98 10.91 11.92
N GLY A 1 -26.83 -16.89 -8.65
CA GLY A 1 -25.72 -17.89 -8.70
C GLY A 1 -24.39 -17.18 -8.92
N ILE A 2 -24.14 -16.14 -8.13
CA ILE A 2 -22.90 -15.38 -8.24
C ILE A 2 -21.91 -15.82 -7.17
N ASP A 3 -20.72 -16.24 -7.60
CA ASP A 3 -19.70 -16.67 -6.66
C ASP A 3 -18.94 -15.47 -6.09
N PRO A 4 -18.46 -15.55 -4.87
CA PRO A 4 -17.71 -14.44 -4.23
C PRO A 4 -16.34 -14.22 -4.88
N PHE A 5 -15.88 -15.23 -5.62
CA PHE A 5 -14.60 -15.15 -6.29
C PHE A 5 -14.63 -14.21 -7.48
N THR A 6 -15.74 -14.21 -8.21
CA THR A 6 -15.86 -13.36 -9.41
C THR A 6 -16.18 -11.91 -9.06
N MET A 7 -15.92 -11.51 -7.81
CA MET A 7 -16.20 -10.13 -7.39
C MET A 7 -15.05 -9.58 -6.55
N LEU A 8 -13.97 -10.36 -6.46
CA LEU A 8 -12.81 -9.93 -5.69
C LEU A 8 -12.03 -8.88 -6.48
N ARG A 9 -12.57 -7.66 -6.52
CA ARG A 9 -11.94 -6.56 -7.24
C ARG A 9 -11.71 -5.37 -6.31
N PRO A 10 -10.68 -4.58 -6.53
CA PRO A 10 -10.39 -3.39 -5.68
C PRO A 10 -11.39 -2.26 -5.91
N ARG A 11 -11.20 -1.15 -5.19
CA ARG A 11 -12.07 0.01 -5.32
C ARG A 11 -11.28 1.28 -5.04
N LEU A 12 -11.58 2.34 -5.80
CA LEU A 12 -10.89 3.61 -5.62
C LEU A 12 -11.64 4.50 -4.64
N CYS A 13 -10.94 4.89 -3.58
CA CYS A 13 -11.53 5.76 -2.56
C CYS A 13 -11.10 7.20 -2.80
N THR A 14 -12.02 8.02 -3.29
CA THR A 14 -11.73 9.42 -3.57
C THR A 14 -12.28 10.32 -2.46
N MET A 15 -11.39 11.05 -1.80
CA MET A 15 -11.78 11.94 -0.71
C MET A 15 -11.14 13.32 -0.88
N LYS A 16 -11.97 14.36 -0.80
CA LYS A 16 -11.49 15.73 -0.93
C LYS A 16 -11.18 16.30 0.44
N LYS A 17 -9.98 16.89 0.59
CA LYS A 17 -9.60 17.46 1.88
C LYS A 17 -10.35 18.76 2.14
N GLY A 18 -10.77 18.96 3.39
CA GLY A 18 -11.52 20.16 3.77
C GLY A 18 -10.64 21.11 4.59
N PRO A 19 -10.54 20.89 5.88
CA PRO A 19 -9.72 21.76 6.77
C PRO A 19 -8.22 21.56 6.54
N SER A 20 -7.60 20.73 7.38
CA SER A 20 -6.15 20.46 7.26
C SER A 20 -5.91 19.00 6.89
N GLY A 21 -6.94 18.32 6.40
CA GLY A 21 -6.78 16.92 6.02
C GLY A 21 -8.14 16.27 5.74
N TYR A 22 -8.09 15.11 5.08
CA TYR A 22 -9.31 14.39 4.73
C TYR A 22 -10.01 13.86 5.98
N GLY A 23 -9.23 13.25 6.87
CA GLY A 23 -9.78 12.69 8.12
C GLY A 23 -9.43 11.21 8.24
N PHE A 24 -8.14 10.90 8.13
CA PHE A 24 -7.67 9.52 8.25
C PHE A 24 -6.25 9.50 8.83
N ASN A 25 -5.92 8.43 9.55
CA ASN A 25 -4.60 8.31 10.18
C ASN A 25 -3.80 7.16 9.59
N LEU A 26 -2.53 7.42 9.29
CA LEU A 26 -1.63 6.40 8.73
C LEU A 26 -0.52 6.10 9.73
N HIS A 27 -0.33 4.81 10.02
CA HIS A 27 0.70 4.39 10.97
C HIS A 27 1.73 3.50 10.28
N SER A 28 2.95 4.02 10.12
CA SER A 28 4.02 3.26 9.47
C SER A 28 4.84 2.51 10.50
N ASP A 29 4.68 1.19 10.53
CA ASP A 29 5.39 0.34 11.48
C ASP A 29 6.62 -0.27 10.82
N LYS A 30 7.80 0.19 11.24
CA LYS A 30 9.04 -0.32 10.69
C LYS A 30 9.17 -1.81 10.99
N SER A 31 8.77 -2.19 12.20
CA SER A 31 8.84 -3.58 12.64
C SER A 31 8.01 -4.51 11.75
N LYS A 32 6.91 -3.99 11.17
CA LYS A 32 6.03 -4.80 10.33
C LYS A 32 5.82 -4.16 8.94
N PRO A 33 6.56 -4.59 7.94
CA PRO A 33 6.44 -4.07 6.53
C PRO A 33 5.02 -3.89 6.02
N GLY A 34 4.88 -2.89 5.16
CA GLY A 34 3.58 -2.56 4.57
C GLY A 34 2.91 -1.45 5.37
N GLN A 35 1.99 -0.72 4.74
CA GLN A 35 1.26 0.37 5.41
C GLN A 35 -0.23 0.06 5.39
N PHE A 36 -0.93 0.47 6.43
CA PHE A 36 -2.37 0.21 6.53
C PHE A 36 -3.07 1.32 7.32
N ILE A 37 -4.39 1.39 7.19
CA ILE A 37 -5.16 2.41 7.87
C ILE A 37 -5.37 2.02 9.33
N ARG A 38 -4.83 2.82 10.24
CA ARG A 38 -4.97 2.54 11.66
C ARG A 38 -6.41 2.80 12.10
N SER A 39 -6.95 3.93 11.64
CA SER A 39 -8.33 4.30 11.98
C SER A 39 -8.85 5.34 11.00
N VAL A 40 -10.17 5.51 10.97
CA VAL A 40 -10.81 6.50 10.08
C VAL A 40 -11.63 7.48 10.90
N ASP A 41 -11.44 8.77 10.65
CA ASP A 41 -12.18 9.80 11.37
C ASP A 41 -13.70 9.55 11.24
N PRO A 42 -14.40 9.21 12.31
CA PRO A 42 -15.86 8.97 12.22
C PRO A 42 -16.60 10.15 11.57
N ASP A 43 -17.52 9.83 10.67
CA ASP A 43 -18.28 10.87 9.98
C ASP A 43 -17.34 11.81 9.23
N SER A 44 -16.64 11.28 8.23
CA SER A 44 -15.67 12.06 7.45
C SER A 44 -15.60 11.54 5.99
N PRO A 45 -15.17 12.35 5.04
CA PRO A 45 -15.07 11.94 3.60
C PRO A 45 -14.33 10.62 3.38
N ALA A 46 -13.22 10.43 4.10
CA ALA A 46 -12.44 9.20 3.95
C ALA A 46 -13.33 7.98 4.15
N GLU A 47 -14.18 8.02 5.17
CA GLU A 47 -15.08 6.91 5.45
C GLU A 47 -16.13 6.78 4.34
N ALA A 48 -16.60 7.92 3.86
CA ALA A 48 -17.61 7.94 2.80
C ALA A 48 -17.04 7.36 1.50
N SER A 49 -15.77 7.65 1.24
CA SER A 49 -15.13 7.17 0.02
C SER A 49 -15.13 5.64 -0.02
N GLY A 50 -15.02 5.02 1.15
CA GLY A 50 -15.01 3.56 1.26
C GLY A 50 -13.73 3.07 1.93
N LEU A 51 -13.07 3.97 2.65
CA LEU A 51 -11.83 3.64 3.35
C LEU A 51 -12.17 2.93 4.66
N ARG A 52 -11.40 1.88 4.98
CA ARG A 52 -11.64 1.11 6.22
C ARG A 52 -10.35 1.03 7.04
N ALA A 53 -10.51 0.77 8.34
CA ALA A 53 -9.37 0.67 9.25
C ALA A 53 -8.60 -0.62 9.04
N GLN A 54 -8.88 -1.32 7.93
CA GLN A 54 -8.20 -2.58 7.63
C GLN A 54 -7.76 -2.61 6.16
N ASP A 55 -7.91 -1.47 5.49
CA ASP A 55 -7.53 -1.37 4.09
C ASP A 55 -6.05 -1.06 3.94
N ARG A 56 -5.49 -1.32 2.75
CA ARG A 56 -4.07 -1.08 2.49
C ARG A 56 -3.91 -0.22 1.23
N ILE A 57 -2.95 0.70 1.25
CA ILE A 57 -2.72 1.56 0.10
C ILE A 57 -1.85 0.86 -0.93
N VAL A 58 -2.39 0.70 -2.13
CA VAL A 58 -1.65 0.05 -3.22
C VAL A 58 -1.19 1.07 -4.25
N GLU A 59 -2.11 1.96 -4.65
CA GLU A 59 -1.79 3.00 -5.63
C GLU A 59 -2.53 4.30 -5.30
N VAL A 60 -1.81 5.41 -5.40
CA VAL A 60 -2.40 6.74 -5.13
C VAL A 60 -2.41 7.58 -6.39
N ASN A 61 -3.58 8.09 -6.76
CA ASN A 61 -3.69 8.92 -7.95
C ASN A 61 -3.13 8.21 -9.18
N GLY A 62 -3.24 6.88 -9.19
CA GLY A 62 -2.75 6.09 -10.31
C GLY A 62 -1.23 5.97 -10.30
N VAL A 63 -0.62 6.14 -9.13
CA VAL A 63 0.84 6.06 -8.99
C VAL A 63 1.22 4.82 -8.17
N CYS A 64 2.31 4.18 -8.55
CA CYS A 64 2.76 2.97 -7.85
C CYS A 64 3.38 3.32 -6.50
N MET A 65 2.93 2.61 -5.45
CA MET A 65 3.44 2.83 -4.10
C MET A 65 4.29 1.64 -3.66
N GLU A 66 4.22 0.56 -4.43
CA GLU A 66 4.98 -0.65 -4.10
C GLU A 66 6.47 -0.43 -4.36
N GLY A 67 7.27 -0.62 -3.32
CA GLY A 67 8.72 -0.44 -3.41
C GLY A 67 9.10 1.02 -3.24
N LYS A 68 8.11 1.88 -3.04
CA LYS A 68 8.35 3.31 -2.85
C LYS A 68 8.48 3.64 -1.36
N GLN A 69 9.20 4.71 -1.08
CA GLN A 69 9.39 5.14 0.31
C GLN A 69 8.06 5.58 0.92
N HIS A 70 7.97 5.54 2.24
CA HIS A 70 6.73 5.93 2.91
C HIS A 70 6.36 7.37 2.57
N GLY A 71 7.36 8.25 2.55
CA GLY A 71 7.10 9.65 2.23
C GLY A 71 6.42 9.79 0.87
N ASP A 72 6.45 8.71 0.10
CA ASP A 72 5.84 8.72 -1.22
C ASP A 72 4.31 8.86 -1.14
N VAL A 73 3.71 8.24 -0.12
CA VAL A 73 2.25 8.29 0.03
C VAL A 73 1.77 9.73 0.21
N VAL A 74 2.42 10.49 1.08
CA VAL A 74 2.04 11.87 1.30
C VAL A 74 2.31 12.69 0.05
N SER A 75 3.38 12.35 -0.63
CA SER A 75 3.76 13.04 -1.86
C SER A 75 2.66 12.92 -2.90
N ALA A 76 2.11 11.71 -3.04
CA ALA A 76 1.05 11.47 -4.00
C ALA A 76 -0.26 12.14 -3.55
N ILE A 77 -0.54 12.07 -2.26
CA ILE A 77 -1.76 12.66 -1.70
C ILE A 77 -1.78 14.18 -1.86
N ARG A 78 -0.66 14.83 -1.55
CA ARG A 78 -0.56 16.27 -1.65
C ARG A 78 -0.48 16.70 -3.12
N ALA A 79 0.25 15.92 -3.90
CA ALA A 79 0.43 16.22 -5.31
C ALA A 79 -0.87 15.98 -6.08
N GLY A 80 -1.84 15.35 -5.40
CA GLY A 80 -3.12 15.07 -6.03
C GLY A 80 -3.84 16.36 -6.42
N GLY A 81 -3.80 17.35 -5.53
CA GLY A 81 -4.45 18.64 -5.78
C GLY A 81 -5.72 18.80 -4.97
N ASP A 82 -5.57 19.16 -3.69
CA ASP A 82 -6.70 19.35 -2.80
C ASP A 82 -7.58 18.11 -2.73
N GLU A 83 -7.23 17.09 -3.50
CA GLU A 83 -8.00 15.84 -3.53
C GLU A 83 -7.05 14.65 -3.67
N THR A 84 -7.55 13.45 -3.40
CA THR A 84 -6.72 12.26 -3.51
C THR A 84 -7.57 11.02 -3.79
N LYS A 85 -6.93 9.99 -4.33
CA LYS A 85 -7.62 8.73 -4.65
C LYS A 85 -6.75 7.54 -4.26
N LEU A 86 -7.18 6.81 -3.24
CA LEU A 86 -6.44 5.65 -2.73
C LEU A 86 -7.02 4.35 -3.28
N LEU A 87 -6.14 3.44 -3.70
CA LEU A 87 -6.56 2.14 -4.22
C LEU A 87 -6.40 1.09 -3.13
N VAL A 88 -7.50 0.46 -2.74
CA VAL A 88 -7.48 -0.57 -1.70
C VAL A 88 -8.15 -1.85 -2.19
N VAL A 89 -7.94 -2.94 -1.44
CA VAL A 89 -8.52 -4.24 -1.81
C VAL A 89 -9.31 -4.81 -0.64
N ASP A 90 -10.20 -5.75 -0.96
CA ASP A 90 -11.02 -6.39 0.06
C ASP A 90 -10.17 -7.38 0.86
N ARG A 91 -10.66 -7.80 2.02
CA ARG A 91 -9.90 -8.73 2.84
C ARG A 91 -9.67 -10.04 2.08
N GLU A 92 -10.70 -10.54 1.41
CA GLU A 92 -10.57 -11.77 0.65
C GLU A 92 -9.68 -11.54 -0.57
N THR A 93 -9.94 -10.43 -1.26
CA THR A 93 -9.17 -10.07 -2.45
C THR A 93 -7.71 -9.82 -2.11
N ASP A 94 -7.47 -9.16 -1.00
CA ASP A 94 -6.11 -8.82 -0.59
C ASP A 94 -5.24 -10.08 -0.58
N GLU A 95 -5.72 -11.14 0.04
CA GLU A 95 -4.96 -12.39 0.11
C GLU A 95 -5.08 -13.18 -1.19
N PHE A 96 -6.19 -13.00 -1.90
CA PHE A 96 -6.40 -13.72 -3.15
C PHE A 96 -5.32 -13.36 -4.19
N PHE A 97 -5.06 -12.07 -4.34
CA PHE A 97 -4.05 -11.61 -5.30
C PHE A 97 -2.63 -11.91 -4.80
N LYS A 98 -2.44 -11.96 -3.49
CA LYS A 98 -1.11 -12.21 -2.93
C LYS A 98 -0.57 -13.59 -3.32
N LYS A 99 -1.42 -14.62 -3.29
CA LYS A 99 -0.95 -15.96 -3.65
C LYS A 99 -0.83 -16.07 -5.16
N CYS A 100 -1.50 -15.17 -5.87
CA CYS A 100 -1.47 -15.15 -7.32
C CYS A 100 -0.23 -14.43 -7.83
N ARG A 101 0.48 -13.78 -6.91
CA ARG A 101 1.69 -13.03 -7.26
C ARG A 101 1.38 -11.97 -8.30
N VAL A 102 0.13 -11.52 -8.34
CA VAL A 102 -0.30 -10.48 -9.28
C VAL A 102 -0.54 -9.16 -8.53
N ILE A 103 0.42 -8.24 -8.62
CA ILE A 103 0.30 -6.96 -7.95
C ILE A 103 -1.00 -6.25 -8.39
N PRO A 104 -1.98 -6.08 -7.53
CA PRO A 104 -3.26 -5.40 -7.91
C PRO A 104 -3.01 -4.02 -8.52
N SER A 105 -3.92 -3.62 -9.41
CA SER A 105 -3.81 -2.32 -10.08
C SER A 105 -5.20 -1.78 -10.42
N GLN A 106 -5.25 -0.55 -10.92
CA GLN A 106 -6.52 0.07 -11.24
C GLN A 106 -7.27 -0.71 -12.32
N GLU A 107 -6.54 -1.24 -13.29
CA GLU A 107 -7.17 -2.00 -14.37
C GLU A 107 -7.98 -3.17 -13.79
N HIS A 108 -7.65 -3.58 -12.57
CA HIS A 108 -8.36 -4.69 -11.93
C HIS A 108 -9.69 -4.20 -11.33
N LEU A 109 -9.90 -2.89 -11.32
CA LEU A 109 -11.13 -2.32 -10.77
C LEU A 109 -12.35 -2.81 -11.54
N ASN A 110 -12.22 -2.86 -12.86
CA ASN A 110 -13.32 -3.31 -13.70
C ASN A 110 -13.70 -4.75 -13.34
N GLY A 111 -12.88 -5.35 -12.49
CA GLY A 111 -13.09 -6.73 -12.04
C GLY A 111 -12.87 -7.74 -13.17
N PRO A 112 -11.66 -7.85 -13.67
CA PRO A 112 -11.30 -8.81 -14.74
C PRO A 112 -10.90 -10.17 -14.19
N LEU A 113 -10.49 -10.20 -12.92
CA LEU A 113 -10.08 -11.44 -12.28
C LEU A 113 -9.08 -12.22 -13.15
N PRO A 114 -7.80 -11.93 -13.02
CA PRO A 114 -6.71 -12.59 -13.83
C PRO A 114 -6.65 -14.11 -13.64
N VAL A 115 -7.00 -14.58 -12.45
CA VAL A 115 -6.97 -16.04 -12.17
C VAL A 115 -8.15 -16.43 -11.27
N PRO A 116 -9.30 -16.66 -11.86
CA PRO A 116 -10.54 -17.05 -11.10
C PRO A 116 -10.36 -18.35 -10.31
N PHE A 117 -11.00 -18.43 -9.14
CA PHE A 117 -10.92 -19.60 -8.27
C PHE A 117 -10.93 -20.90 -9.07
N THR A 118 -9.74 -21.38 -9.42
CA THR A 118 -9.61 -22.64 -10.16
C THR A 118 -8.47 -23.46 -9.56
N ASN A 119 -8.79 -24.66 -9.08
CA ASN A 119 -7.77 -25.54 -8.48
C ASN A 119 -7.03 -24.82 -7.34
N GLY A 120 -7.22 -25.30 -6.12
CA GLY A 120 -6.56 -24.69 -4.96
C GLY A 120 -6.50 -25.69 -3.81
N GLU A 121 -5.72 -25.35 -2.78
CA GLU A 121 -5.57 -26.22 -1.60
C GLU A 121 -5.63 -25.40 -0.31
N ILE A 122 -6.14 -26.02 0.75
CA ILE A 122 -6.26 -25.35 2.05
C ILE A 122 -5.37 -26.04 3.09
N GLN A 123 -4.22 -26.53 2.65
CA GLN A 123 -3.29 -27.20 3.55
C GLN A 123 -3.15 -26.43 4.87
N LYS A 124 -2.46 -27.04 5.82
CA LYS A 124 -2.25 -26.40 7.13
C LYS A 124 -1.14 -25.37 7.04
N GLU A 125 -1.26 -24.31 7.85
CA GLU A 125 -0.26 -23.24 7.87
C GLU A 125 0.00 -22.77 9.30
N ASN A 126 1.24 -22.38 9.58
CA ASN A 126 1.61 -21.91 10.90
C ASN A 126 1.31 -20.42 11.05
N SER A 127 0.28 -20.10 11.84
CA SER A 127 -0.11 -18.71 12.05
C SER A 127 -0.60 -18.51 13.49
N ARG A 128 -1.73 -19.14 13.82
CA ARG A 128 -2.29 -19.03 15.17
C ARG A 128 -2.93 -20.34 15.61
N GLU A 129 -2.86 -20.62 16.91
CA GLU A 129 -3.44 -21.84 17.45
C GLU A 129 -4.96 -21.78 17.41
N ALA A 130 -5.49 -20.58 17.53
CA ALA A 130 -6.94 -20.37 17.52
C ALA A 130 -7.54 -20.91 16.22
N LEU A 131 -6.68 -21.20 15.25
CA LEU A 131 -7.15 -21.72 13.96
C LEU A 131 -7.87 -23.04 14.15
N ALA A 132 -7.30 -23.88 14.99
CA ALA A 132 -7.89 -25.19 15.27
C ALA A 132 -7.37 -25.75 16.59
N GLU A 133 -8.28 -25.97 17.53
CA GLU A 133 -7.93 -26.51 18.84
C GLU A 133 -9.04 -27.42 19.36
N ALA A 134 -8.66 -28.41 20.17
CA ALA A 134 -9.63 -29.35 20.73
C ALA A 134 -10.15 -28.86 22.07
N ALA A 135 -11.44 -29.02 22.31
CA ALA A 135 -12.05 -28.59 23.56
C ALA A 135 -11.55 -29.45 24.73
N LEU A 136 -11.34 -28.82 25.88
CA LEU A 136 -10.87 -29.53 27.08
C LEU A 136 -12.05 -30.02 27.91
N GLU A 137 -11.95 -31.26 28.37
CA GLU A 137 -13.02 -31.86 29.18
C GLU A 137 -12.48 -33.04 30.00
N SER A 138 -12.26 -32.83 31.30
CA SER A 138 -11.76 -33.92 32.14
C SER A 138 -11.62 -33.49 33.62
N PRO A 139 -11.90 -34.38 34.58
CA PRO A 139 -11.76 -34.05 36.04
C PRO A 139 -10.37 -33.50 36.41
N ARG A 140 -9.33 -34.20 35.97
CA ARG A 140 -7.97 -33.82 36.31
C ARG A 140 -7.64 -32.37 35.90
N PRO A 141 -7.08 -31.56 36.79
CA PRO A 141 -6.71 -30.14 36.47
C PRO A 141 -5.43 -30.07 35.62
N ALA A 142 -5.29 -28.98 34.88
CA ALA A 142 -4.11 -28.79 34.03
C ALA A 142 -3.82 -27.31 33.86
N LEU A 143 -2.56 -26.97 33.61
CA LEU A 143 -2.16 -25.58 33.44
C LEU A 143 -2.55 -25.09 32.04
N VAL A 144 -3.04 -23.85 31.97
CA VAL A 144 -3.44 -23.26 30.69
C VAL A 144 -2.38 -22.28 30.20
N ARG A 145 -1.35 -22.08 31.00
CA ARG A 145 -0.28 -21.16 30.64
C ARG A 145 0.48 -21.67 29.43
N SER A 146 0.27 -21.04 28.29
CA SER A 146 0.95 -21.44 27.06
C SER A 146 2.45 -21.24 27.18
N ALA A 147 2.84 -20.19 27.92
CA ALA A 147 4.25 -19.89 28.09
C ALA A 147 4.97 -19.81 26.76
N SER A 148 4.29 -19.24 25.75
CA SER A 148 4.87 -19.12 24.42
C SER A 148 4.34 -17.86 23.73
N SER A 149 5.25 -17.01 23.27
CA SER A 149 4.86 -15.79 22.59
C SER A 149 4.49 -16.07 21.13
N ASP A 150 3.79 -15.13 20.51
CA ASP A 150 3.39 -15.28 19.11
C ASP A 150 4.47 -14.74 18.18
N THR A 151 5.11 -15.65 17.44
CA THR A 151 6.17 -15.25 16.53
C THR A 151 5.64 -14.33 15.45
N SER A 152 4.48 -14.68 14.88
CA SER A 152 3.86 -13.88 13.84
C SER A 152 4.87 -13.55 12.75
N GLU A 153 5.80 -14.47 12.50
CA GLU A 153 6.82 -14.26 11.47
C GLU A 153 6.18 -14.18 10.09
N GLU A 154 6.72 -13.32 9.24
CA GLU A 154 6.21 -13.13 7.87
C GLU A 154 7.28 -13.52 6.85
N LEU A 155 6.94 -14.45 5.98
CA LEU A 155 7.88 -14.89 4.95
C LEU A 155 8.22 -13.74 4.01
N ASN A 156 7.21 -12.96 3.64
CA ASN A 156 7.40 -11.83 2.74
C ASN A 156 7.80 -10.58 3.53
N SER A 157 9.06 -10.17 3.40
CA SER A 157 9.56 -8.99 4.10
C SER A 157 10.51 -8.20 3.20
N GLN A 158 10.39 -6.88 3.26
CA GLN A 158 11.25 -6.01 2.45
C GLN A 158 12.70 -6.10 2.93
N ASP A 159 12.88 -6.17 4.25
CA ASP A 159 14.22 -6.25 4.83
C ASP A 159 14.17 -6.99 6.18
N SER A 160 15.32 -7.45 6.65
CA SER A 160 15.39 -8.18 7.92
C SER A 160 16.85 -8.43 8.31
N PRO A 161 17.52 -7.46 8.90
CA PRO A 161 18.95 -7.59 9.31
C PRO A 161 19.16 -8.67 10.40
N PRO A 162 20.39 -9.08 10.67
CA PRO A 162 20.71 -10.14 11.69
C PRO A 162 20.39 -9.74 13.15
N LYS A 163 20.26 -8.44 13.43
CA LYS A 163 19.97 -8.00 14.81
C LYS A 163 20.78 -8.79 15.83
N GLN A 164 20.21 -9.89 16.32
CA GLN A 164 20.88 -10.73 17.32
C GLN A 164 20.74 -12.20 16.95
N ASP A 165 21.87 -12.84 16.64
CA ASP A 165 21.86 -14.26 16.25
C ASP A 165 23.12 -14.95 16.77
N SER A 166 24.21 -14.82 16.02
CA SER A 166 25.46 -15.43 16.42
C SER A 166 26.04 -14.74 17.65
N THR A 167 26.43 -15.55 18.64
CA THR A 167 27.01 -15.02 19.88
C THR A 167 27.96 -16.05 20.47
N ALA A 168 28.92 -15.61 21.27
CA ALA A 168 29.87 -16.53 21.88
C ALA A 168 29.10 -17.61 22.68
N PRO A 169 29.57 -18.84 22.73
CA PRO A 169 28.86 -19.93 23.46
C PRO A 169 28.34 -19.50 24.84
N SER A 170 27.08 -19.84 25.11
CA SER A 170 26.44 -19.53 26.38
C SER A 170 25.32 -20.53 26.65
N SER A 171 24.96 -20.70 27.91
CA SER A 171 23.89 -21.63 28.27
C SER A 171 23.36 -21.31 29.68
N THR A 172 22.15 -21.78 29.97
CA THR A 172 21.54 -21.54 31.30
C THR A 172 21.67 -22.77 32.18
N SER A 173 22.29 -23.82 31.65
CA SER A 173 22.48 -25.05 32.40
C SER A 173 23.66 -24.92 33.36
N SER A 174 24.35 -23.80 33.28
CA SER A 174 25.52 -23.57 34.14
C SER A 174 25.14 -23.64 35.62
N SER A 175 23.99 -23.03 35.96
CA SER A 175 23.53 -23.03 37.36
C SER A 175 22.03 -23.34 37.43
N ASP A 176 21.60 -23.93 38.56
CA ASP A 176 20.19 -24.26 38.74
C ASP A 176 19.91 -24.63 40.20
N PRO A 177 20.46 -25.72 40.69
CA PRO A 177 20.24 -26.17 42.11
C PRO A 177 20.74 -25.17 43.15
N ILE A 178 20.01 -25.08 44.27
CA ILE A 178 20.39 -24.19 45.37
C ILE A 178 20.50 -25.03 46.64
N LEU A 179 21.72 -25.10 47.16
CA LEU A 179 21.99 -25.87 48.38
C LEU A 179 22.16 -24.95 49.59
N ASP A 180 21.42 -25.24 50.65
CA ASP A 180 21.48 -24.43 51.87
C ASP A 180 21.27 -25.31 53.11
N PHE A 181 22.38 -25.68 53.76
CA PHE A 181 22.31 -26.52 54.96
C PHE A 181 22.62 -25.68 56.20
N ASN A 182 21.75 -25.77 57.20
CA ASN A 182 21.93 -25.02 58.44
C ASN A 182 21.78 -23.51 58.20
N ILE A 183 22.10 -23.07 56.99
CA ILE A 183 21.98 -21.66 56.64
C ILE A 183 20.52 -21.21 56.70
N SER A 184 19.63 -22.04 56.16
CA SER A 184 18.21 -21.71 56.14
C SER A 184 17.76 -21.22 57.50
N LEU A 185 18.47 -21.62 58.55
CA LEU A 185 18.13 -21.21 59.91
C LEU A 185 18.24 -19.68 60.04
N ALA A 186 19.31 -19.13 59.47
CA ALA A 186 19.53 -17.70 59.53
C ALA A 186 18.44 -16.94 58.76
N MET A 187 18.02 -17.53 57.64
CA MET A 187 17.00 -16.91 56.81
C MET A 187 15.68 -16.82 57.58
N ALA A 188 15.38 -17.86 58.35
CA ALA A 188 14.13 -17.89 59.12
C ALA A 188 14.07 -16.71 60.09
N LYS A 189 15.19 -16.41 60.74
CA LYS A 189 15.23 -15.30 61.69
C LYS A 189 14.98 -13.97 60.98
N GLU A 190 15.65 -13.78 59.84
CA GLU A 190 15.49 -12.54 59.08
C GLU A 190 14.09 -12.44 58.49
N ARG A 191 13.53 -13.59 58.12
CA ARG A 191 12.19 -13.64 57.53
C ARG A 191 11.17 -13.10 58.53
N ALA A 192 11.31 -13.48 59.78
CA ALA A 192 10.38 -13.04 60.82
C ALA A 192 10.41 -11.51 60.96
N HIS A 193 11.59 -10.93 60.82
CA HIS A 193 11.73 -9.47 60.94
C HIS A 193 10.88 -8.75 59.90
N GLN A 194 10.30 -9.50 58.97
CA GLN A 194 9.47 -8.92 57.92
C GLN A 194 10.27 -7.91 57.11
N LYS A 195 10.19 -8.03 55.78
CA LYS A 195 10.91 -7.12 54.89
C LYS A 195 10.18 -5.79 54.77
N ARG A 196 10.93 -4.72 54.56
CA ARG A 196 10.34 -3.39 54.44
C ARG A 196 9.58 -3.26 53.13
N SER A 197 8.38 -2.69 53.19
CA SER A 197 7.56 -2.52 52.00
C SER A 197 8.05 -1.33 51.18
N SER A 198 7.70 -1.32 49.89
CA SER A 198 8.11 -0.23 48.99
C SER A 198 6.94 0.22 48.12
N LYS A 199 6.97 1.49 47.72
CA LYS A 199 5.90 2.06 46.88
C LYS A 199 6.42 2.30 45.46
N ARG A 200 5.53 2.17 44.48
CA ARG A 200 5.88 2.37 43.08
C ARG A 200 5.67 3.83 42.66
N ALA A 201 6.65 4.37 41.94
CA ALA A 201 6.56 5.76 41.48
C ALA A 201 7.67 6.06 40.47
N PRO A 202 7.91 5.19 39.53
CA PRO A 202 8.97 5.38 38.49
C PRO A 202 8.69 6.58 37.58
N GLN A 203 9.76 7.23 37.15
CA GLN A 203 9.64 8.40 36.27
C GLN A 203 9.44 7.97 34.82
N MET A 204 8.53 8.63 34.12
CA MET A 204 8.25 8.30 32.71
C MET A 204 8.23 9.58 31.86
N ASP A 205 8.90 9.53 30.71
CA ASP A 205 8.94 10.67 29.82
C ASP A 205 7.64 10.79 29.02
N TRP A 206 7.35 12.00 28.54
CA TRP A 206 6.13 12.24 27.77
C TRP A 206 6.38 11.97 26.28
N SER A 207 5.41 11.33 25.64
CA SER A 207 5.53 11.01 24.21
C SER A 207 4.17 10.66 23.63
N LYS A 208 3.27 11.65 23.63
CA LYS A 208 1.92 11.44 23.10
C LYS A 208 1.41 12.70 22.41
N LYS A 209 0.47 12.53 21.49
CA LYS A 209 -0.09 13.66 20.75
C LYS A 209 -1.47 13.32 20.21
N ASN A 210 -2.41 13.05 21.12
CA ASN A 210 -3.78 12.71 20.73
C ASN A 210 -4.64 13.97 20.64
N GLU A 211 -4.03 15.12 20.89
CA GLU A 211 -4.74 16.39 20.85
C GLU A 211 -5.13 16.72 19.41
N LEU A 212 -4.26 16.41 18.47
CA LEU A 212 -4.53 16.67 17.05
C LEU A 212 -5.16 15.45 16.39
N PHE A 213 -6.29 15.68 15.73
CA PHE A 213 -7.00 14.58 15.06
C PHE A 213 -6.11 13.96 13.98
N SER A 214 -5.45 14.81 13.21
CA SER A 214 -4.57 14.35 12.13
C SER A 214 -3.11 14.57 12.51
N ASN A 215 -2.47 13.53 13.04
CA ASN A 215 -1.07 13.61 13.45
C ASN A 215 -0.17 12.88 12.45
N LEU A 216 -0.76 12.50 11.31
CA LEU A 216 -0.01 11.80 10.27
C LEU A 216 0.85 10.70 10.89
#